data_4UWQ
#
_entry.id   4UWQ
#
_cell.length_a   70.220
_cell.length_b   115.950
_cell.length_c   120.940
_cell.angle_alpha   86.51
_cell.angle_beta   83.21
_cell.angle_gamma   89.77
#
_symmetry.space_group_name_H-M   'P 1'
#
loop_
_entity.id
_entity.type
_entity.pdbx_description
1 polymer 'SULFUR OXIDATION PROTEIN SOXB'
2 polymer 'SOXY PROTEIN'
3 polymer SOXZ
4 non-polymer 'MANGANESE (II) ION'
5 water water
#
loop_
_entity_poly.entity_id
_entity_poly.type
_entity_poly.pdbx_seq_one_letter_code
_entity_poly.pdbx_strand_id
1 'polypeptide(L)'
;MASWSHPQFEKGALEDPRSLYDLPPYGDATLLYFSDLHGQAFPHYFMEPPNLIAPKPLMGRPGYLTGEAILRYYGVERGT
PLAYLLSYVDFVELARTFGPIGGMGALTALIRDQKARVEAEGGKALVLDGGDTWTNSGLSLLTRGEAVVRWQNLVGVDHM
VSHCEWTLGRERVEELLGLFRGEFLSYNIVDDLFGDPLFPAYRIHRVGPYALAVVGASYPYVKVSHPESFTEGLSFALDE
RRLQEAVDKARAEGANAVVLLSHNGMQLDAALAERIRGIDLILSGHTHDLTPRPWRVGKTWIVAGSAAGKALMRVDLKLW
KGGIANLRVRVLPVLAEHLPKAEDVEAFLKAQLAPHQDHLFTPLAVSETLLYKRDTLYSTWDQLVGEAVKAIYPEVEVVF
SPAVRWGTTILPGQAITWDHLYAYTGFTYPELYLFYLRGAQIKAVLEDIASNVFTSDPFYQQGGDVSRVFGLRYVLDPDA
PTGERVREVEVGGRPLDPNRRYLAAAYGGRLQRVGEAKPGYEPRPIYEVLAEYLRSVGRVRVRPEPNVKVIGRNYRLPEV
TG
;
A,D,G,J
2 'polypeptide(L)'
;MRGSHHHHHHGSQGLEGEDLEHLEQALKEVFGKGFKDLTPSDAVKLNMPAIAESGANVPAEVEVALPKEQVRAIHLFADK
NPTPHILAFMPMKAEPYYATRVRLAETTAIRAVVETQDGKLLLASASTRVTVGGCG
;
B,E,H,K
3 'polypeptide(L)'
;MPFRTIARLNPAKPKAGEEFRLQVVAQHPNEPGTRRDAEGKLIPAKYINLVEVYFEGEKVAEARPGPSTSANPLYAFKFK
AEKAGTFTIKLKDTDGDTGEASVKLELA
;
C,F,I,L
#
# COMPACT_ATOMS: atom_id res chain seq x y z
N GLU A 15 -7.91 -3.36 9.89
CA GLU A 15 -8.14 -2.00 10.39
C GLU A 15 -8.35 -0.97 9.27
N ASP A 16 -7.80 -1.23 8.06
CA ASP A 16 -7.90 -0.33 6.92
C ASP A 16 -8.91 -0.82 5.85
N PRO A 17 -10.14 -0.25 5.80
CA PRO A 17 -11.10 -0.70 4.77
C PRO A 17 -10.95 0.05 3.44
N ARG A 18 -11.05 1.40 3.48
CA ARG A 18 -10.91 2.31 2.35
C ARG A 18 -9.70 3.23 2.56
N SER A 19 -9.08 3.14 3.76
CA SER A 19 -7.91 3.91 4.19
C SER A 19 -6.64 3.51 3.43
N LEU A 20 -6.65 2.32 2.79
CA LEU A 20 -5.54 1.76 1.99
C LEU A 20 -5.15 2.65 0.83
N TYR A 21 -6.15 3.31 0.18
CA TYR A 21 -5.94 4.21 -0.94
C TYR A 21 -5.32 5.54 -0.50
N ASP A 22 -5.74 6.06 0.67
CA ASP A 22 -5.25 7.31 1.25
C ASP A 22 -3.82 7.10 1.77
N LEU A 23 -2.83 7.44 0.93
CA LEU A 23 -1.40 7.26 1.23
C LEU A 23 -0.60 8.57 1.29
N PRO A 24 0.35 8.70 2.24
CA PRO A 24 1.15 9.94 2.33
C PRO A 24 2.18 10.10 1.19
N PRO A 25 2.77 11.31 0.95
CA PRO A 25 3.74 11.44 -0.14
C PRO A 25 5.04 10.66 0.08
N TYR A 26 5.57 10.05 -1.00
CA TYR A 26 6.81 9.28 -0.97
C TYR A 26 7.52 9.26 -2.32
N GLY A 27 8.84 9.42 -2.28
CA GLY A 27 9.72 9.40 -3.44
C GLY A 27 9.56 10.52 -4.45
N ASP A 28 10.22 10.35 -5.60
CA ASP A 28 10.19 11.30 -6.71
C ASP A 28 9.26 10.80 -7.81
N ALA A 29 9.32 9.49 -8.11
CA ALA A 29 8.51 8.81 -9.13
C ALA A 29 7.47 7.88 -8.51
N THR A 30 6.40 7.58 -9.28
CA THR A 30 5.33 6.67 -8.88
C THR A 30 4.91 5.85 -10.10
N LEU A 31 4.84 4.51 -9.95
CA LEU A 31 4.44 3.63 -11.04
C LEU A 31 3.13 2.91 -10.72
N LEU A 32 2.04 3.32 -11.38
CA LEU A 32 0.72 2.71 -11.22
C LEU A 32 0.68 1.50 -12.15
N TYR A 33 1.18 0.38 -11.63
CA TYR A 33 1.33 -0.87 -12.37
C TYR A 33 0.24 -1.90 -12.10
N PHE A 34 -0.25 -2.51 -13.19
CA PHE A 34 -1.27 -3.57 -13.23
C PHE A 34 -0.91 -4.53 -14.37
N SER A 35 -1.13 -5.84 -14.17
CA SER A 35 -0.81 -6.85 -15.18
C SER A 35 -1.84 -7.97 -15.27
N ASP A 36 -1.88 -8.62 -16.46
CA ASP A 36 -2.76 -9.76 -16.80
C ASP A 36 -4.25 -9.50 -16.52
N LEU A 37 -4.78 -8.38 -17.05
CA LEU A 37 -6.20 -8.00 -16.90
C LEU A 37 -7.11 -9.00 -17.63
N HIS A 38 -6.64 -9.51 -18.80
CA HIS A 38 -7.33 -10.48 -19.65
C HIS A 38 -8.73 -10.02 -20.10
N GLY A 39 -8.86 -8.71 -20.35
CA GLY A 39 -10.08 -8.07 -20.81
C GLY A 39 -11.26 -8.09 -19.86
N GLN A 40 -11.02 -8.36 -18.54
CA GLN A 40 -12.08 -8.39 -17.53
C GLN A 40 -12.62 -6.98 -17.32
N ALA A 41 -13.70 -6.66 -18.05
CA ALA A 41 -14.36 -5.35 -18.08
C ALA A 41 -15.32 -5.11 -16.91
N PHE A 42 -15.95 -6.17 -16.39
CA PHE A 42 -16.95 -6.08 -15.32
C PHE A 42 -16.46 -6.63 -13.98
N PRO A 43 -16.91 -6.06 -12.82
CA PRO A 43 -16.45 -6.59 -11.52
C PRO A 43 -16.93 -8.01 -11.25
N HIS A 44 -15.96 -8.93 -11.10
CA HIS A 44 -16.21 -10.36 -10.87
C HIS A 44 -15.42 -10.84 -9.64
N TYR A 45 -15.20 -12.17 -9.53
CA TYR A 45 -14.45 -12.77 -8.42
C TYR A 45 -13.27 -13.58 -8.96
N PHE A 46 -12.13 -13.54 -8.26
CA PHE A 46 -10.92 -14.26 -8.65
C PHE A 46 -10.17 -14.75 -7.41
N MET A 47 -10.25 -16.06 -7.15
CA MET A 47 -9.60 -16.70 -6.01
C MET A 47 -8.17 -17.11 -6.38
N GLU A 48 -7.22 -16.88 -5.46
CA GLU A 48 -5.82 -17.27 -5.63
C GLU A 48 -5.69 -18.80 -5.57
N PRO A 49 -4.69 -19.42 -6.23
CA PRO A 49 -4.59 -20.89 -6.20
C PRO A 49 -4.42 -21.47 -4.80
N PRO A 50 -5.15 -22.55 -4.44
CA PRO A 50 -4.99 -23.14 -3.10
C PRO A 50 -3.64 -23.85 -2.93
N ASN A 51 -3.04 -24.28 -4.06
CA ASN A 51 -1.74 -24.97 -4.08
C ASN A 51 -0.83 -24.46 -5.18
N LEU A 52 0.44 -24.20 -4.82
CA LEU A 52 1.49 -23.78 -5.73
C LEU A 52 2.71 -24.65 -5.45
N ILE A 53 2.60 -25.95 -5.84
CA ILE A 53 3.64 -26.97 -5.64
C ILE A 53 4.89 -26.64 -6.44
N ALA A 54 6.02 -26.57 -5.75
CA ALA A 54 7.33 -26.25 -6.30
C ALA A 54 8.37 -27.31 -5.89
N PRO A 55 9.46 -27.54 -6.67
CA PRO A 55 10.47 -28.50 -6.23
C PRO A 55 11.21 -27.99 -4.99
N LYS A 56 11.77 -28.91 -4.17
CA LYS A 56 12.49 -28.62 -2.92
C LYS A 56 13.46 -27.41 -2.98
N PRO A 57 14.31 -27.18 -4.03
CA PRO A 57 15.18 -25.99 -4.01
C PRO A 57 14.46 -24.65 -4.23
N LEU A 58 13.18 -24.67 -4.64
CA LEU A 58 12.39 -23.45 -4.90
C LEU A 58 11.20 -23.26 -3.94
N MET A 59 11.14 -24.04 -2.84
CA MET A 59 10.06 -23.96 -1.85
C MET A 59 10.24 -22.79 -0.88
N GLY A 60 9.15 -22.09 -0.59
CA GLY A 60 9.12 -20.97 0.35
C GLY A 60 9.38 -19.58 -0.20
N ARG A 61 9.76 -19.47 -1.49
CA ARG A 61 10.06 -18.19 -2.13
C ARG A 61 8.82 -17.57 -2.85
N PRO A 62 8.71 -16.22 -2.98
CA PRO A 62 7.53 -15.62 -3.64
C PRO A 62 7.24 -16.20 -5.03
N GLY A 63 5.96 -16.51 -5.25
CA GLY A 63 5.47 -17.12 -6.49
C GLY A 63 5.01 -18.55 -6.29
N TYR A 64 5.34 -19.12 -5.11
CA TYR A 64 4.97 -20.49 -4.73
C TYR A 64 4.33 -20.58 -3.32
N LEU A 65 4.03 -19.41 -2.71
CA LEU A 65 3.41 -19.33 -1.38
C LEU A 65 1.88 -19.36 -1.50
N THR A 66 1.22 -20.20 -0.67
CA THR A 66 -0.24 -20.37 -0.66
C THR A 66 -0.87 -20.45 0.72
N GLY A 67 -2.11 -20.00 0.83
CA GLY A 67 -2.92 -20.04 2.05
C GLY A 67 -2.44 -19.19 3.20
N GLU A 68 -2.23 -19.84 4.36
CA GLU A 68 -1.76 -19.19 5.59
C GLU A 68 -0.28 -18.83 5.50
N ALA A 69 0.49 -19.56 4.65
CA ALA A 69 1.92 -19.36 4.43
C ALA A 69 2.22 -18.01 3.77
N ILE A 70 1.39 -17.58 2.79
CA ILE A 70 1.55 -16.30 2.11
C ILE A 70 1.17 -15.13 3.03
N LEU A 71 0.23 -15.36 3.98
CA LEU A 71 -0.23 -14.36 4.94
C LEU A 71 0.83 -14.10 6.02
N ARG A 72 1.53 -15.16 6.47
CA ARG A 72 2.60 -15.08 7.48
C ARG A 72 3.87 -14.44 6.91
N TYR A 73 4.19 -14.74 5.64
CA TYR A 73 5.38 -14.26 4.92
C TYR A 73 5.41 -12.73 4.79
N TYR A 74 4.27 -12.11 4.42
CA TYR A 74 4.15 -10.67 4.25
C TYR A 74 3.56 -9.94 5.47
N GLY A 75 3.10 -10.71 6.46
CA GLY A 75 2.52 -10.19 7.69
C GLY A 75 1.16 -9.57 7.50
N VAL A 76 0.28 -10.26 6.75
CA VAL A 76 -1.09 -9.82 6.46
C VAL A 76 -2.05 -10.53 7.43
N GLU A 77 -2.86 -9.74 8.16
CA GLU A 77 -3.83 -10.25 9.13
C GLU A 77 -5.03 -10.91 8.44
N ARG A 78 -5.57 -11.98 9.06
CA ARG A 78 -6.71 -12.74 8.56
C ARG A 78 -8.01 -11.92 8.67
N GLY A 79 -8.74 -11.82 7.55
CA GLY A 79 -10.00 -11.10 7.46
C GLY A 79 -9.91 -9.67 6.95
N THR A 80 -8.70 -9.24 6.52
CA THR A 80 -8.45 -7.90 6.00
C THR A 80 -8.72 -7.84 4.46
N PRO A 81 -8.89 -6.64 3.83
CA PRO A 81 -9.14 -6.61 2.37
C PRO A 81 -7.99 -7.20 1.54
N LEU A 82 -6.74 -7.04 2.03
CA LEU A 82 -5.53 -7.56 1.38
C LEU A 82 -5.47 -9.09 1.47
N ALA A 83 -5.94 -9.67 2.60
CA ALA A 83 -5.99 -11.12 2.84
C ALA A 83 -6.92 -11.83 1.86
N TYR A 84 -8.04 -11.17 1.49
CA TYR A 84 -9.04 -11.65 0.55
C TYR A 84 -8.45 -11.73 -0.87
N LEU A 85 -7.55 -10.80 -1.20
CA LEU A 85 -6.88 -10.72 -2.50
C LEU A 85 -5.64 -11.62 -2.59
N LEU A 86 -4.90 -11.77 -1.48
CA LEU A 86 -3.66 -12.55 -1.41
C LEU A 86 -3.85 -14.05 -1.18
N SER A 87 -4.80 -14.44 -0.33
CA SER A 87 -5.04 -15.84 0.02
C SER A 87 -6.44 -16.37 -0.32
N TYR A 88 -6.55 -17.71 -0.45
CA TYR A 88 -7.80 -18.43 -0.72
C TYR A 88 -8.59 -18.67 0.57
N VAL A 89 -7.92 -18.51 1.74
CA VAL A 89 -8.48 -18.72 3.08
C VAL A 89 -9.63 -17.73 3.32
N ASP A 90 -10.83 -18.29 3.64
CA ASP A 90 -12.10 -17.58 3.90
C ASP A 90 -12.59 -16.77 2.69
N PHE A 91 -12.23 -17.18 1.46
CA PHE A 91 -12.62 -16.49 0.21
C PHE A 91 -14.11 -16.28 0.06
N VAL A 92 -14.94 -17.32 0.26
CA VAL A 92 -16.40 -17.26 0.15
C VAL A 92 -16.98 -16.26 1.16
N GLU A 93 -16.46 -16.29 2.41
CA GLU A 93 -16.84 -15.42 3.51
C GLU A 93 -16.48 -13.95 3.23
N LEU A 94 -15.27 -13.70 2.67
CA LEU A 94 -14.77 -12.35 2.38
C LEU A 94 -15.25 -11.79 1.03
N ALA A 95 -15.69 -12.66 0.09
CA ALA A 95 -16.19 -12.24 -1.23
C ALA A 95 -17.54 -11.53 -1.13
N ARG A 96 -18.36 -11.92 -0.14
CA ARG A 96 -19.66 -11.32 0.11
C ARG A 96 -19.48 -10.06 0.96
N THR A 97 -18.40 -10.04 1.77
CA THR A 97 -18.03 -8.94 2.67
C THR A 97 -17.45 -7.75 1.89
N PHE A 98 -16.37 -7.96 1.11
CA PHE A 98 -15.70 -6.92 0.34
C PHE A 98 -16.28 -6.69 -1.06
N GLY A 99 -17.17 -7.59 -1.50
CA GLY A 99 -17.82 -7.51 -2.81
C GLY A 99 -16.96 -7.99 -3.96
N PRO A 100 -17.29 -7.59 -5.22
CA PRO A 100 -16.49 -8.06 -6.36
C PRO A 100 -15.24 -7.24 -6.64
N ILE A 101 -14.22 -7.91 -7.20
CA ILE A 101 -12.93 -7.34 -7.59
C ILE A 101 -12.86 -7.06 -9.10
N GLY A 102 -11.85 -6.29 -9.51
CA GLY A 102 -11.63 -5.96 -10.91
C GLY A 102 -12.61 -4.97 -11.49
N GLY A 103 -12.86 -5.12 -12.79
CA GLY A 103 -13.75 -4.25 -13.56
C GLY A 103 -13.02 -3.05 -14.09
N MET A 104 -13.20 -2.76 -15.39
CA MET A 104 -12.57 -1.63 -16.09
C MET A 104 -12.95 -0.26 -15.52
N GLY A 105 -14.18 -0.13 -15.05
CA GLY A 105 -14.70 1.09 -14.43
C GLY A 105 -14.07 1.39 -13.09
N ALA A 106 -13.98 0.36 -12.23
CA ALA A 106 -13.38 0.46 -10.89
C ALA A 106 -11.86 0.65 -10.95
N LEU A 107 -11.19 0.06 -11.96
CA LEU A 107 -9.74 0.16 -12.17
C LEU A 107 -9.34 1.56 -12.65
N THR A 108 -10.11 2.15 -13.59
CA THR A 108 -9.88 3.49 -14.13
C THR A 108 -10.04 4.53 -13.02
N ALA A 109 -11.09 4.37 -12.17
CA ALA A 109 -11.41 5.24 -11.04
C ALA A 109 -10.29 5.28 -10.01
N LEU A 110 -9.62 4.12 -9.76
CA LEU A 110 -8.51 3.99 -8.83
C LEU A 110 -7.24 4.62 -9.39
N ILE A 111 -6.91 4.36 -10.68
CA ILE A 111 -5.74 4.90 -11.37
C ILE A 111 -5.81 6.44 -11.38
N ARG A 112 -6.99 7.00 -11.74
CA ARG A 112 -7.25 8.44 -11.79
C ARG A 112 -7.13 9.11 -10.41
N ASP A 113 -7.65 8.45 -9.35
CA ASP A 113 -7.60 8.92 -7.96
C ASP A 113 -6.16 8.98 -7.44
N GLN A 114 -5.37 7.92 -7.69
CA GLN A 114 -3.98 7.84 -7.26
C GLN A 114 -3.07 8.79 -8.05
N LYS A 115 -3.35 8.98 -9.36
CA LYS A 115 -2.58 9.88 -10.24
C LYS A 115 -2.82 11.34 -9.81
N ALA A 116 -4.03 11.64 -9.29
CA ALA A 116 -4.42 12.95 -8.79
C ALA A 116 -3.69 13.29 -7.49
N ARG A 117 -3.44 12.26 -6.65
CA ARG A 117 -2.74 12.38 -5.37
C ARG A 117 -1.26 12.73 -5.60
N VAL A 118 -0.58 11.93 -6.45
CA VAL A 118 0.84 12.06 -6.81
C VAL A 118 1.15 13.42 -7.44
N GLU A 119 0.29 13.87 -8.38
CA GLU A 119 0.47 15.15 -9.06
C GLU A 119 0.23 16.34 -8.13
N ALA A 120 -0.66 16.18 -7.11
CA ALA A 120 -0.94 17.21 -6.10
C ALA A 120 0.27 17.37 -5.16
N GLU A 121 0.99 16.26 -4.93
CA GLU A 121 2.19 16.19 -4.08
C GLU A 121 3.37 16.89 -4.76
N GLY A 122 3.46 16.75 -6.09
CA GLY A 122 4.52 17.35 -6.89
C GLY A 122 5.44 16.34 -7.57
N GLY A 123 4.98 15.10 -7.68
CA GLY A 123 5.73 14.01 -8.29
C GLY A 123 5.20 13.53 -9.63
N LYS A 124 5.99 12.65 -10.29
CA LYS A 124 5.67 12.06 -11.59
C LYS A 124 4.96 10.71 -11.40
N ALA A 125 3.84 10.51 -12.12
CA ALA A 125 3.07 9.27 -12.08
C ALA A 125 2.98 8.62 -13.47
N LEU A 126 3.37 7.34 -13.56
CA LEU A 126 3.36 6.59 -14.82
C LEU A 126 2.45 5.36 -14.74
N VAL A 127 1.50 5.25 -15.68
CA VAL A 127 0.55 4.14 -15.78
C VAL A 127 1.18 3.07 -16.68
N LEU A 128 1.54 1.92 -16.10
CA LEU A 128 2.20 0.84 -16.84
C LEU A 128 1.39 -0.46 -16.81
N ASP A 129 1.16 -1.03 -18.01
CA ASP A 129 0.43 -2.29 -18.19
C ASP A 129 1.44 -3.41 -18.41
N GLY A 130 1.24 -4.53 -17.73
CA GLY A 130 2.14 -5.67 -17.81
C GLY A 130 1.72 -6.82 -18.71
N GLY A 131 1.14 -6.50 -19.85
CA GLY A 131 0.70 -7.48 -20.84
C GLY A 131 -0.55 -8.27 -20.47
N ASP A 132 -0.98 -9.17 -21.40
CA ASP A 132 -2.16 -10.05 -21.30
C ASP A 132 -3.42 -9.24 -20.93
N THR A 133 -3.76 -8.26 -21.79
CA THR A 133 -4.88 -7.36 -21.57
C THR A 133 -5.95 -7.47 -22.67
N TRP A 134 -5.51 -7.37 -23.95
CA TRP A 134 -6.37 -7.38 -25.14
C TRP A 134 -7.23 -8.64 -25.38
N THR A 135 -6.83 -9.81 -24.83
CA THR A 135 -7.55 -11.07 -25.08
C THR A 135 -8.09 -11.81 -23.84
N ASN A 136 -8.93 -12.85 -24.10
CA ASN A 136 -9.53 -13.82 -23.17
C ASN A 136 -10.72 -13.28 -22.33
N SER A 137 -11.74 -12.71 -23.02
CA SER A 137 -12.98 -12.18 -22.40
C SER A 137 -14.11 -11.99 -23.43
N GLY A 138 -15.32 -11.72 -22.93
CA GLY A 138 -16.52 -11.47 -23.74
C GLY A 138 -16.43 -10.21 -24.57
N LEU A 139 -15.96 -9.11 -23.95
CA LEU A 139 -15.76 -7.80 -24.58
C LEU A 139 -14.68 -7.88 -25.67
N SER A 140 -13.63 -8.69 -25.43
CA SER A 140 -12.50 -8.89 -26.34
C SER A 140 -12.88 -9.62 -27.63
N LEU A 141 -13.48 -10.82 -27.51
CA LEU A 141 -13.85 -11.67 -28.65
C LEU A 141 -14.85 -11.05 -29.62
N LEU A 142 -15.81 -10.24 -29.12
CA LEU A 142 -16.83 -9.59 -29.94
C LEU A 142 -16.30 -8.39 -30.74
N THR A 143 -15.21 -7.75 -30.26
CA THR A 143 -14.59 -6.59 -30.92
C THR A 143 -13.20 -6.88 -31.48
N ARG A 144 -12.71 -8.14 -31.32
CA ARG A 144 -11.39 -8.63 -31.73
C ARG A 144 -10.25 -7.86 -31.02
N GLY A 145 -10.48 -7.58 -29.74
CA GLY A 145 -9.56 -6.88 -28.86
C GLY A 145 -9.53 -5.37 -28.97
N GLU A 146 -10.39 -4.78 -29.82
CA GLU A 146 -10.46 -3.33 -30.07
C GLU A 146 -10.95 -2.52 -28.87
N ALA A 147 -12.02 -2.97 -28.20
CA ALA A 147 -12.62 -2.30 -27.04
C ALA A 147 -11.67 -2.18 -25.84
N VAL A 148 -10.72 -3.13 -25.71
CA VAL A 148 -9.72 -3.16 -24.64
C VAL A 148 -8.66 -2.07 -24.89
N VAL A 149 -8.22 -1.92 -26.16
CA VAL A 149 -7.22 -0.93 -26.61
C VAL A 149 -7.78 0.49 -26.39
N ARG A 150 -9.07 0.68 -26.72
CA ARG A 150 -9.78 1.95 -26.58
C ARG A 150 -10.00 2.35 -25.12
N TRP A 151 -10.08 1.36 -24.20
CA TRP A 151 -10.22 1.60 -22.77
C TRP A 151 -8.88 2.12 -22.20
N GLN A 152 -7.75 1.60 -22.72
CA GLN A 152 -6.39 1.97 -22.32
C GLN A 152 -6.12 3.45 -22.62
N ASN A 153 -6.69 3.98 -23.73
CA ASN A 153 -6.57 5.37 -24.14
C ASN A 153 -7.38 6.29 -23.22
N LEU A 154 -8.52 5.78 -22.69
CA LEU A 154 -9.39 6.50 -21.77
C LEU A 154 -8.74 6.71 -20.40
N VAL A 155 -8.16 5.63 -19.84
CA VAL A 155 -7.47 5.65 -18.54
C VAL A 155 -6.10 6.37 -18.66
N GLY A 156 -5.43 6.18 -19.80
CA GLY A 156 -4.14 6.80 -20.08
C GLY A 156 -2.94 5.93 -19.78
N VAL A 157 -2.85 4.76 -20.44
CA VAL A 157 -1.74 3.82 -20.28
C VAL A 157 -0.52 4.35 -21.04
N ASP A 158 0.61 4.52 -20.34
CA ASP A 158 1.86 5.03 -20.92
C ASP A 158 2.63 3.96 -21.70
N HIS A 159 2.81 2.76 -21.11
CA HIS A 159 3.53 1.64 -21.74
C HIS A 159 2.90 0.28 -21.47
N MET A 160 3.11 -0.69 -22.39
CA MET A 160 2.60 -2.07 -22.27
C MET A 160 3.49 -3.11 -22.99
N VAL A 161 3.39 -4.38 -22.55
CA VAL A 161 4.10 -5.53 -23.13
C VAL A 161 3.07 -6.52 -23.73
N SER A 162 3.52 -7.68 -24.27
CA SER A 162 2.60 -8.63 -24.90
C SER A 162 2.96 -10.12 -24.73
N HIS A 163 1.95 -10.99 -24.96
CA HIS A 163 2.02 -12.46 -24.91
C HIS A 163 0.78 -13.04 -25.60
N CYS A 164 -0.40 -12.93 -24.97
CA CYS A 164 -1.66 -13.44 -25.51
C CYS A 164 -2.34 -12.43 -26.45
N GLU A 165 -1.74 -11.23 -26.61
CA GLU A 165 -2.20 -10.18 -27.51
C GLU A 165 -1.99 -10.64 -28.96
N TRP A 166 -0.92 -11.42 -29.20
CA TRP A 166 -0.53 -11.97 -30.50
C TRP A 166 -1.44 -13.10 -31.02
N THR A 167 -2.35 -13.63 -30.16
CA THR A 167 -3.28 -14.70 -30.54
C THR A 167 -4.33 -14.23 -31.56
N LEU A 168 -4.52 -12.89 -31.69
CA LEU A 168 -5.45 -12.27 -32.62
C LEU A 168 -4.91 -12.33 -34.06
N GLY A 169 -3.58 -12.34 -34.19
CA GLY A 169 -2.88 -12.38 -35.47
C GLY A 169 -2.00 -11.17 -35.68
N ARG A 170 -0.91 -11.34 -36.45
CA ARG A 170 0.09 -10.32 -36.78
C ARG A 170 -0.52 -9.03 -37.36
N GLU A 171 -1.51 -9.19 -38.25
CA GLU A 171 -2.21 -8.07 -38.91
C GLU A 171 -3.08 -7.29 -37.94
N ARG A 172 -3.75 -7.99 -36.98
CA ARG A 172 -4.62 -7.38 -35.98
C ARG A 172 -3.84 -6.59 -34.93
N VAL A 173 -2.70 -7.14 -34.44
CA VAL A 173 -1.83 -6.49 -33.44
C VAL A 173 -1.31 -5.16 -33.99
N GLU A 174 -0.78 -5.16 -35.24
CA GLU A 174 -0.27 -3.98 -35.93
C GLU A 174 -1.36 -2.92 -36.14
N GLU A 175 -2.62 -3.38 -36.35
CA GLU A 175 -3.79 -2.53 -36.53
C GLU A 175 -4.21 -1.90 -35.20
N LEU A 176 -4.16 -2.68 -34.10
CA LEU A 176 -4.52 -2.22 -32.75
C LEU A 176 -3.49 -1.29 -32.13
N LEU A 177 -2.19 -1.48 -32.48
CA LEU A 177 -1.09 -0.65 -31.97
C LEU A 177 -1.16 0.80 -32.49
N GLY A 178 -1.76 0.98 -33.67
CA GLY A 178 -1.97 2.29 -34.28
C GLY A 178 -3.02 3.09 -33.53
N LEU A 179 -4.01 2.40 -32.95
CA LEU A 179 -5.09 2.98 -32.15
C LEU A 179 -4.62 3.25 -30.71
N PHE A 180 -3.64 2.47 -30.23
CA PHE A 180 -3.07 2.57 -28.88
C PHE A 180 -2.25 3.86 -28.75
N ARG A 181 -2.73 4.79 -27.92
CA ARG A 181 -2.11 6.11 -27.67
C ARG A 181 -0.75 6.03 -26.98
N GLY A 182 -0.57 5.02 -26.13
CA GLY A 182 0.67 4.78 -25.41
C GLY A 182 1.77 4.22 -26.28
N GLU A 183 2.97 4.04 -25.70
CA GLU A 183 4.13 3.52 -26.42
C GLU A 183 4.40 2.06 -26.05
N PHE A 184 4.35 1.16 -27.04
CA PHE A 184 4.62 -0.26 -26.86
C PHE A 184 6.13 -0.49 -26.83
N LEU A 185 6.61 -1.19 -25.77
CA LEU A 185 8.03 -1.48 -25.60
C LEU A 185 8.33 -2.96 -25.54
N SER A 186 9.32 -3.41 -26.34
CA SER A 186 9.78 -4.80 -26.44
C SER A 186 11.19 -4.86 -27.03
N TYR A 187 12.09 -5.60 -26.37
CA TYR A 187 13.48 -5.78 -26.79
C TYR A 187 13.64 -7.10 -27.56
N ASN A 188 12.92 -8.16 -27.13
CA ASN A 188 12.98 -9.52 -27.67
C ASN A 188 12.26 -9.70 -29.00
N ILE A 189 11.18 -8.93 -29.26
CA ILE A 189 10.42 -9.03 -30.51
C ILE A 189 11.27 -8.51 -31.68
N VAL A 190 11.91 -9.45 -32.40
CA VAL A 190 12.78 -9.21 -33.56
C VAL A 190 12.28 -10.01 -34.77
N ASP A 191 12.71 -9.64 -36.00
CA ASP A 191 12.32 -10.33 -37.24
C ASP A 191 13.01 -11.70 -37.37
N ASP A 192 12.40 -12.60 -38.17
CA ASP A 192 12.86 -13.97 -38.38
C ASP A 192 14.08 -14.13 -39.28
N LEU A 193 14.20 -13.30 -40.33
CA LEU A 193 15.32 -13.40 -41.28
C LEU A 193 16.65 -12.83 -40.76
N PHE A 194 16.67 -11.68 -40.06
CA PHE A 194 17.92 -11.11 -39.57
C PHE A 194 17.96 -10.91 -38.04
N GLY A 195 16.92 -10.29 -37.46
CA GLY A 195 16.83 -10.06 -36.03
C GLY A 195 16.86 -8.59 -35.62
N ASP A 196 16.17 -7.74 -36.41
CA ASP A 196 16.07 -6.31 -36.14
C ASP A 196 14.82 -6.04 -35.30
N PRO A 197 14.94 -5.24 -34.21
CA PRO A 197 13.76 -4.98 -33.36
C PRO A 197 12.78 -4.02 -34.02
N LEU A 198 11.50 -4.43 -34.10
CA LEU A 198 10.42 -3.64 -34.71
C LEU A 198 9.90 -2.56 -33.75
N PHE A 199 9.97 -2.82 -32.43
CA PHE A 199 9.50 -1.92 -31.38
C PHE A 199 10.68 -1.43 -30.52
N PRO A 200 10.62 -0.20 -29.94
CA PRO A 200 11.75 0.28 -29.11
C PRO A 200 11.93 -0.56 -27.85
N ALA A 201 13.20 -0.81 -27.47
CA ALA A 201 13.56 -1.61 -26.30
C ALA A 201 13.26 -0.89 -24.98
N TYR A 202 13.44 0.46 -24.95
CA TYR A 202 13.22 1.27 -23.75
C TYR A 202 12.75 2.71 -24.05
N ARG A 203 12.37 3.44 -22.98
CA ARG A 203 11.95 4.85 -23.02
C ARG A 203 12.35 5.54 -21.71
N ILE A 204 13.09 6.66 -21.83
CA ILE A 204 13.58 7.45 -20.70
C ILE A 204 12.63 8.61 -20.38
N HIS A 205 12.17 8.67 -19.12
CA HIS A 205 11.27 9.71 -18.60
C HIS A 205 12.00 10.60 -17.61
N ARG A 206 11.78 11.93 -17.72
CA ARG A 206 12.39 12.91 -16.83
C ARG A 206 11.60 13.04 -15.53
N VAL A 207 12.19 12.60 -14.41
CA VAL A 207 11.58 12.67 -13.08
C VAL A 207 12.39 13.69 -12.26
N GLY A 208 12.06 14.97 -12.45
CA GLY A 208 12.72 16.09 -11.80
C GLY A 208 14.18 16.19 -12.20
N PRO A 209 15.13 16.06 -11.24
CA PRO A 209 16.55 16.12 -11.63
C PRO A 209 17.10 14.77 -12.14
N TYR A 210 16.35 13.67 -11.94
CA TYR A 210 16.74 12.32 -12.34
C TYR A 210 16.01 11.84 -13.61
N ALA A 211 16.51 10.75 -14.21
CA ALA A 211 15.94 10.13 -15.42
C ALA A 211 15.67 8.65 -15.19
N LEU A 212 14.42 8.22 -15.42
CA LEU A 212 13.98 6.84 -15.23
C LEU A 212 13.71 6.15 -16.57
N ALA A 213 14.34 4.98 -16.80
CA ALA A 213 14.18 4.21 -18.03
C ALA A 213 13.27 3.00 -17.81
N VAL A 214 12.29 2.82 -18.72
CA VAL A 214 11.34 1.70 -18.68
C VAL A 214 11.67 0.75 -19.83
N VAL A 215 12.23 -0.43 -19.52
CA VAL A 215 12.62 -1.45 -20.50
C VAL A 215 11.48 -2.47 -20.66
N GLY A 216 10.99 -2.63 -21.89
CA GLY A 216 9.92 -3.55 -22.21
C GLY A 216 10.42 -4.95 -22.55
N ALA A 217 9.81 -5.96 -21.91
CA ALA A 217 10.15 -7.36 -22.10
C ALA A 217 8.90 -8.22 -22.30
N SER A 218 8.79 -8.85 -23.48
CA SER A 218 7.67 -9.72 -23.83
C SER A 218 8.01 -11.18 -23.59
N TYR A 219 6.99 -12.07 -23.53
CA TYR A 219 7.14 -13.50 -23.29
C TYR A 219 7.98 -14.16 -24.41
N PRO A 220 9.03 -14.94 -24.05
CA PRO A 220 9.90 -15.53 -25.09
C PRO A 220 9.39 -16.81 -25.72
N TYR A 221 8.51 -17.56 -25.04
CA TYR A 221 7.97 -18.83 -25.53
C TYR A 221 6.54 -18.66 -26.11
N VAL A 222 6.35 -17.57 -26.88
CA VAL A 222 5.09 -17.18 -27.52
C VAL A 222 4.72 -18.14 -28.68
N LYS A 223 5.71 -18.55 -29.49
CA LYS A 223 5.51 -19.44 -30.64
C LYS A 223 5.08 -20.86 -30.25
N VAL A 224 5.53 -21.38 -29.09
CA VAL A 224 5.16 -22.72 -28.61
C VAL A 224 3.85 -22.73 -27.80
N SER A 225 3.42 -21.56 -27.29
CA SER A 225 2.18 -21.43 -26.51
C SER A 225 0.93 -21.45 -27.41
N HIS A 226 0.89 -20.61 -28.45
CA HIS A 226 -0.24 -20.52 -29.39
C HIS A 226 0.20 -20.87 -30.84
N PRO A 227 -0.72 -21.24 -31.78
CA PRO A 227 -0.30 -21.60 -33.15
C PRO A 227 0.71 -20.66 -33.82
N GLU A 228 1.69 -21.27 -34.53
CA GLU A 228 2.80 -20.61 -35.24
C GLU A 228 2.35 -19.65 -36.35
N SER A 229 1.14 -19.85 -36.91
CA SER A 229 0.56 -19.03 -37.97
C SER A 229 0.29 -17.57 -37.54
N PHE A 230 -0.03 -17.35 -36.25
CA PHE A 230 -0.30 -16.03 -35.69
C PHE A 230 0.94 -15.13 -35.61
N THR A 231 2.11 -15.73 -35.28
CA THR A 231 3.39 -15.00 -35.17
C THR A 231 4.39 -15.45 -36.24
N GLU A 232 3.90 -15.66 -37.48
CA GLU A 232 4.73 -16.08 -38.62
C GLU A 232 5.60 -14.94 -39.10
N GLY A 233 6.91 -15.13 -39.03
CA GLY A 233 7.92 -14.14 -39.41
C GLY A 233 8.41 -13.31 -38.25
N LEU A 234 8.31 -13.85 -37.02
CA LEU A 234 8.73 -13.18 -35.78
C LEU A 234 9.56 -14.11 -34.88
N SER A 235 10.45 -13.51 -34.07
CA SER A 235 11.30 -14.21 -33.10
C SER A 235 11.09 -13.55 -31.74
N PHE A 236 10.70 -14.35 -30.73
CA PHE A 236 10.42 -13.88 -29.38
C PHE A 236 11.49 -14.30 -28.36
N ALA A 237 12.33 -15.30 -28.72
CA ALA A 237 13.41 -15.91 -27.93
C ALA A 237 14.16 -14.96 -26.99
N LEU A 238 14.39 -15.40 -25.73
CA LEU A 238 15.08 -14.66 -24.68
C LEU A 238 16.57 -14.47 -25.02
N ASP A 239 16.97 -13.21 -25.21
CA ASP A 239 18.34 -12.84 -25.56
C ASP A 239 18.97 -12.05 -24.41
N GLU A 240 19.89 -12.69 -23.67
CA GLU A 240 20.59 -12.08 -22.53
C GLU A 240 21.58 -11.00 -22.97
N ARG A 241 22.19 -11.18 -24.17
CA ARG A 241 23.14 -10.24 -24.77
C ARG A 241 22.41 -8.95 -25.18
N ARG A 242 21.22 -9.06 -25.80
CA ARG A 242 20.40 -7.94 -26.25
C ARG A 242 19.77 -7.18 -25.08
N LEU A 243 19.42 -7.90 -23.99
CA LEU A 243 18.82 -7.32 -22.78
C LEU A 243 19.85 -6.46 -22.03
N GLN A 244 21.08 -6.97 -21.88
CA GLN A 244 22.20 -6.27 -21.22
C GLN A 244 22.58 -5.02 -22.00
N GLU A 245 22.58 -5.12 -23.35
CA GLU A 245 22.89 -4.02 -24.27
C GLU A 245 21.86 -2.90 -24.17
N ALA A 246 20.57 -3.25 -24.02
CA ALA A 246 19.46 -2.29 -23.89
C ALA A 246 19.52 -1.51 -22.57
N VAL A 247 19.94 -2.18 -21.48
CA VAL A 247 20.10 -1.59 -20.15
C VAL A 247 21.33 -0.65 -20.13
N ASP A 248 22.46 -1.12 -20.70
CA ASP A 248 23.71 -0.35 -20.80
C ASP A 248 23.58 0.89 -21.68
N LYS A 249 22.82 0.79 -22.79
CA LYS A 249 22.57 1.90 -23.72
C LYS A 249 21.71 2.98 -23.06
N ALA A 250 20.74 2.56 -22.22
CA ALA A 250 19.83 3.45 -21.50
C ALA A 250 20.57 4.31 -20.48
N ARG A 251 21.47 3.69 -19.67
CA ARG A 251 22.28 4.36 -18.66
C ARG A 251 23.33 5.29 -19.29
N ALA A 252 23.79 4.95 -20.51
CA ALA A 252 24.76 5.74 -21.28
C ALA A 252 24.12 7.03 -21.82
N GLU A 253 22.80 6.97 -22.15
CA GLU A 253 22.05 8.11 -22.68
C GLU A 253 21.76 9.17 -21.62
N GLY A 254 21.70 8.77 -20.34
CA GLY A 254 21.45 9.68 -19.22
C GLY A 254 20.54 9.16 -18.13
N ALA A 255 20.07 7.90 -18.24
CA ALA A 255 19.17 7.29 -17.25
C ALA A 255 19.91 6.87 -15.98
N ASN A 256 19.35 7.24 -14.82
CA ASN A 256 19.92 6.91 -13.51
C ASN A 256 19.45 5.54 -13.02
N ALA A 257 18.12 5.28 -13.09
CA ALA A 257 17.49 4.03 -12.66
C ALA A 257 16.83 3.30 -13.84
N VAL A 258 16.91 1.95 -13.83
CA VAL A 258 16.34 1.09 -14.87
C VAL A 258 15.22 0.21 -14.28
N VAL A 259 14.01 0.33 -14.86
CA VAL A 259 12.82 -0.42 -14.47
C VAL A 259 12.42 -1.34 -15.64
N LEU A 260 12.31 -2.66 -15.38
CA LEU A 260 11.96 -3.65 -16.39
C LEU A 260 10.50 -4.08 -16.33
N LEU A 261 9.69 -3.63 -17.31
CA LEU A 261 8.29 -4.01 -17.48
C LEU A 261 8.34 -5.34 -18.22
N SER A 262 8.21 -6.45 -17.47
CA SER A 262 8.35 -7.79 -18.03
C SER A 262 7.11 -8.69 -17.94
N HIS A 263 7.05 -9.67 -18.86
CA HIS A 263 6.03 -10.70 -18.96
C HIS A 263 6.71 -12.07 -19.19
N ASN A 264 8.02 -12.14 -18.88
CA ASN A 264 8.84 -13.36 -19.00
C ASN A 264 8.45 -14.39 -17.94
N GLY A 265 7.91 -13.91 -16.81
CA GLY A 265 7.51 -14.73 -15.67
C GLY A 265 8.39 -14.42 -14.49
N MET A 266 7.78 -14.26 -13.29
CA MET A 266 8.45 -13.92 -12.03
C MET A 266 9.67 -14.78 -11.70
N GLN A 267 9.59 -16.10 -12.00
CA GLN A 267 10.69 -17.04 -11.76
C GLN A 267 11.85 -16.82 -12.72
N LEU A 268 11.54 -16.61 -14.03
CA LEU A 268 12.54 -16.34 -15.07
C LEU A 268 13.17 -14.96 -14.86
N ASP A 269 12.38 -13.98 -14.38
CA ASP A 269 12.83 -12.62 -14.07
C ASP A 269 13.80 -12.61 -12.89
N ALA A 270 13.59 -13.53 -11.92
CA ALA A 270 14.46 -13.69 -10.74
C ALA A 270 15.81 -14.27 -11.16
N ALA A 271 15.81 -15.16 -12.18
CA ALA A 271 17.02 -15.78 -12.74
C ALA A 271 17.80 -14.73 -13.54
N LEU A 272 17.09 -13.79 -14.19
CA LEU A 272 17.68 -12.70 -14.97
C LEU A 272 18.24 -11.60 -14.06
N ALA A 273 17.71 -11.47 -12.82
CA ALA A 273 18.14 -10.49 -11.82
C ALA A 273 19.57 -10.75 -11.33
N GLU A 274 19.98 -12.04 -11.30
CA GLU A 274 21.32 -12.49 -10.89
C GLU A 274 22.29 -12.60 -12.06
N ARG A 275 21.78 -12.56 -13.31
CA ARG A 275 22.58 -12.68 -14.53
C ARG A 275 22.79 -11.37 -15.29
N ILE A 276 21.81 -10.44 -15.22
CA ILE A 276 21.88 -9.14 -15.91
C ILE A 276 22.14 -8.00 -14.92
N ARG A 277 23.10 -7.12 -15.27
CA ARG A 277 23.50 -5.97 -14.45
C ARG A 277 22.75 -4.70 -14.89
N GLY A 278 22.54 -3.78 -13.93
CA GLY A 278 21.90 -2.51 -14.19
C GLY A 278 20.45 -2.38 -13.76
N ILE A 279 19.66 -3.46 -13.88
CA ILE A 279 18.23 -3.47 -13.52
C ILE A 279 18.04 -3.29 -12.00
N ASP A 280 17.28 -2.26 -11.60
CA ASP A 280 17.01 -1.93 -10.21
C ASP A 280 15.62 -2.40 -9.76
N LEU A 281 14.65 -2.48 -10.70
CA LEU A 281 13.27 -2.91 -10.43
C LEU A 281 12.69 -3.71 -11.60
N ILE A 282 11.99 -4.83 -11.29
CA ILE A 282 11.33 -5.68 -12.28
C ILE A 282 9.84 -5.77 -11.95
N LEU A 283 8.99 -5.35 -12.90
CA LEU A 283 7.54 -5.39 -12.75
C LEU A 283 7.03 -6.65 -13.46
N SER A 284 7.19 -7.80 -12.79
CA SER A 284 6.84 -9.14 -13.29
C SER A 284 5.35 -9.38 -13.50
N GLY A 285 5.06 -10.15 -14.56
CA GLY A 285 3.72 -10.57 -14.93
C GLY A 285 3.72 -12.04 -15.35
N HIS A 286 2.69 -12.46 -16.12
CA HIS A 286 2.49 -13.82 -16.65
C HIS A 286 2.19 -14.89 -15.58
N THR A 287 2.91 -14.88 -14.44
CA THR A 287 2.75 -15.85 -13.34
C THR A 287 1.52 -15.58 -12.45
N HIS A 288 0.83 -14.44 -12.66
CA HIS A 288 -0.39 -14.00 -11.95
C HIS A 288 -0.23 -13.90 -10.40
N ASP A 289 1.03 -13.76 -9.91
CA ASP A 289 1.36 -13.67 -8.49
C ASP A 289 1.02 -12.30 -7.87
N LEU A 290 1.10 -12.20 -6.52
CA LEU A 290 0.82 -10.97 -5.77
C LEU A 290 1.90 -10.74 -4.71
N THR A 291 2.45 -9.51 -4.65
CA THR A 291 3.50 -9.15 -3.68
C THR A 291 3.23 -7.83 -2.93
N PRO A 292 2.74 -7.88 -1.67
CA PRO A 292 2.55 -6.64 -0.89
C PRO A 292 3.88 -5.99 -0.51
N ARG A 293 4.94 -6.80 -0.39
CA ARG A 293 6.32 -6.39 -0.09
C ARG A 293 7.22 -6.78 -1.28
N PRO A 294 8.17 -5.91 -1.72
CA PRO A 294 9.01 -6.28 -2.87
C PRO A 294 10.03 -7.37 -2.58
N TRP A 295 10.19 -8.31 -3.52
CA TRP A 295 11.11 -9.46 -3.43
C TRP A 295 12.51 -9.04 -3.87
N ARG A 296 13.50 -9.20 -2.96
CA ARG A 296 14.89 -8.83 -3.22
C ARG A 296 15.72 -10.01 -3.72
N VAL A 297 16.14 -9.94 -5.00
CA VAL A 297 16.98 -10.96 -5.66
C VAL A 297 18.24 -10.24 -6.17
N GLY A 298 19.34 -10.45 -5.46
CA GLY A 298 20.64 -9.84 -5.77
C GLY A 298 20.62 -8.35 -5.47
N LYS A 299 20.58 -7.53 -6.53
CA LYS A 299 20.55 -6.07 -6.43
C LYS A 299 19.33 -5.49 -7.18
N THR A 300 18.22 -6.26 -7.22
CA THR A 300 16.98 -5.88 -7.90
C THR A 300 15.73 -6.24 -7.08
N TRP A 301 14.74 -5.32 -7.06
CA TRP A 301 13.45 -5.50 -6.38
C TRP A 301 12.43 -6.00 -7.40
N ILE A 302 11.65 -7.04 -7.05
CA ILE A 302 10.65 -7.61 -7.97
C ILE A 302 9.23 -7.41 -7.41
N VAL A 303 8.36 -6.75 -8.21
CA VAL A 303 6.97 -6.48 -7.87
C VAL A 303 6.05 -7.21 -8.86
N ALA A 304 5.15 -8.06 -8.34
CA ALA A 304 4.19 -8.84 -9.13
C ALA A 304 3.02 -7.97 -9.59
N GLY A 305 2.42 -8.33 -10.74
CA GLY A 305 1.33 -7.58 -11.35
C GLY A 305 -0.08 -8.09 -11.21
N SER A 306 -0.31 -9.13 -10.38
CA SER A 306 -1.62 -9.76 -10.12
C SER A 306 -2.33 -10.28 -11.39
N ALA A 307 -3.66 -10.49 -11.31
CA ALA A 307 -4.49 -11.01 -12.41
C ALA A 307 -5.89 -10.41 -12.40
N ALA A 308 -6.55 -10.37 -13.59
CA ALA A 308 -7.91 -9.88 -13.86
C ALA A 308 -8.18 -8.44 -13.38
N GLY A 309 -7.10 -7.70 -13.08
CA GLY A 309 -7.16 -6.31 -12.61
C GLY A 309 -7.76 -6.16 -11.22
N LYS A 310 -7.59 -7.18 -10.36
CA LYS A 310 -8.10 -7.18 -8.99
C LYS A 310 -7.29 -6.26 -8.07
N ALA A 311 -6.02 -5.98 -8.44
CA ALA A 311 -5.11 -5.15 -7.66
C ALA A 311 -4.27 -4.20 -8.52
N LEU A 312 -4.03 -2.99 -8.00
CA LEU A 312 -3.17 -1.98 -8.63
C LEU A 312 -1.99 -1.75 -7.71
N MET A 313 -0.78 -2.07 -8.20
CA MET A 313 0.45 -1.94 -7.43
C MET A 313 1.06 -0.55 -7.58
N ARG A 314 1.00 0.24 -6.50
CA ARG A 314 1.57 1.59 -6.47
C ARG A 314 3.01 1.48 -5.97
N VAL A 315 3.97 1.72 -6.88
CA VAL A 315 5.39 1.62 -6.56
C VAL A 315 6.02 3.02 -6.54
N ASP A 316 6.06 3.65 -5.34
CA ASP A 316 6.65 4.97 -5.14
C ASP A 316 8.16 4.80 -5.03
N LEU A 317 8.91 5.43 -5.95
CA LEU A 317 10.36 5.30 -6.01
C LEU A 317 11.12 6.56 -5.63
N LYS A 318 12.12 6.39 -4.75
CA LYS A 318 13.04 7.45 -4.34
C LYS A 318 14.32 7.17 -5.15
N LEU A 319 14.66 8.09 -6.06
CA LEU A 319 15.79 7.91 -6.98
C LEU A 319 17.07 8.62 -6.56
N TRP A 320 18.22 8.02 -6.94
CA TRP A 320 19.56 8.57 -6.73
C TRP A 320 20.37 8.51 -8.03
N LYS A 321 21.64 8.96 -8.01
CA LYS A 321 22.51 9.01 -9.20
C LYS A 321 22.79 7.65 -9.85
N GLY A 322 22.81 6.57 -9.06
CA GLY A 322 23.09 5.23 -9.55
C GLY A 322 22.00 4.19 -9.37
N GLY A 323 20.74 4.60 -9.58
CA GLY A 323 19.60 3.70 -9.47
C GLY A 323 18.51 4.14 -8.52
N ILE A 324 17.85 3.16 -7.88
CA ILE A 324 16.77 3.39 -6.91
C ILE A 324 17.32 3.31 -5.49
N ALA A 325 17.13 4.39 -4.72
CA ALA A 325 17.58 4.52 -3.34
C ALA A 325 16.72 3.68 -2.39
N ASN A 326 15.39 3.90 -2.40
CA ASN A 326 14.41 3.19 -1.59
C ASN A 326 13.05 3.20 -2.30
N LEU A 327 12.15 2.26 -1.94
CA LEU A 327 10.84 2.14 -2.56
C LEU A 327 9.72 1.76 -1.59
N ARG A 328 8.48 2.16 -1.93
CA ARG A 328 7.27 1.85 -1.16
C ARG A 328 6.29 1.13 -2.09
N VAL A 329 6.00 -0.15 -1.77
CA VAL A 329 5.09 -0.98 -2.56
C VAL A 329 3.79 -1.16 -1.78
N ARG A 330 2.67 -0.70 -2.37
CA ARG A 330 1.35 -0.80 -1.77
C ARG A 330 0.37 -1.43 -2.75
N VAL A 331 -0.16 -2.61 -2.39
CA VAL A 331 -1.14 -3.34 -3.20
C VAL A 331 -2.53 -2.77 -2.89
N LEU A 332 -3.07 -1.98 -3.83
CA LEU A 332 -4.37 -1.33 -3.69
C LEU A 332 -5.48 -2.25 -4.22
N PRO A 333 -6.43 -2.68 -3.36
CA PRO A 333 -7.49 -3.58 -3.84
C PRO A 333 -8.53 -2.86 -4.70
N VAL A 334 -8.74 -3.37 -5.92
CA VAL A 334 -9.71 -2.81 -6.87
C VAL A 334 -11.10 -3.36 -6.51
N LEU A 335 -11.78 -2.69 -5.56
CA LEU A 335 -13.11 -3.08 -5.09
C LEU A 335 -14.13 -2.05 -5.55
N ALA A 336 -15.02 -2.44 -6.48
CA ALA A 336 -16.07 -1.59 -7.06
C ALA A 336 -17.05 -1.04 -6.04
N GLU A 337 -17.31 -1.80 -4.96
CA GLU A 337 -18.21 -1.43 -3.87
C GLU A 337 -17.66 -0.31 -2.97
N HIS A 338 -16.33 -0.09 -2.99
CA HIS A 338 -15.68 0.92 -2.14
C HIS A 338 -14.91 2.00 -2.93
N LEU A 339 -14.97 1.94 -4.27
CA LEU A 339 -14.30 2.90 -5.17
C LEU A 339 -15.33 3.78 -5.90
N PRO A 340 -14.98 5.04 -6.28
CA PRO A 340 -15.95 5.88 -7.00
C PRO A 340 -16.30 5.37 -8.40
N LYS A 341 -17.36 5.94 -9.01
CA LYS A 341 -17.83 5.52 -10.33
C LYS A 341 -17.20 6.33 -11.46
N ALA A 342 -16.58 5.63 -12.42
CA ALA A 342 -15.98 6.23 -13.62
C ALA A 342 -17.02 6.10 -14.73
N GLU A 343 -18.00 7.03 -14.71
CA GLU A 343 -19.16 7.09 -15.60
C GLU A 343 -18.83 7.06 -17.10
N ASP A 344 -17.66 7.62 -17.51
CA ASP A 344 -17.24 7.63 -18.92
C ASP A 344 -16.93 6.22 -19.43
N VAL A 345 -16.23 5.40 -18.62
CA VAL A 345 -15.88 4.01 -18.95
C VAL A 345 -17.16 3.15 -18.93
N GLU A 346 -18.05 3.41 -17.95
CA GLU A 346 -19.35 2.73 -17.80
C GLU A 346 -20.27 2.98 -19.00
N ALA A 347 -20.25 4.23 -19.53
CA ALA A 347 -21.04 4.61 -20.71
C ALA A 347 -20.44 4.00 -21.98
N PHE A 348 -19.10 3.82 -22.00
CA PHE A 348 -18.35 3.23 -23.10
C PHE A 348 -18.65 1.72 -23.20
N LEU A 349 -18.61 1.01 -22.05
CA LEU A 349 -18.88 -0.43 -21.97
C LEU A 349 -20.34 -0.77 -22.28
N LYS A 350 -21.28 0.12 -21.89
CA LYS A 350 -22.72 -0.05 -22.13
C LYS A 350 -23.02 0.09 -23.64
N ALA A 351 -22.37 1.05 -24.31
CA ALA A 351 -22.51 1.31 -25.75
C ALA A 351 -21.86 0.21 -26.60
N GLN A 352 -20.71 -0.33 -26.14
CA GLN A 352 -19.97 -1.39 -26.83
C GLN A 352 -20.67 -2.75 -26.77
N LEU A 353 -21.38 -3.05 -25.66
CA LEU A 353 -22.09 -4.32 -25.50
C LEU A 353 -23.61 -4.18 -25.39
N ALA A 354 -24.19 -3.16 -26.06
CA ALA A 354 -25.63 -2.92 -26.10
C ALA A 354 -26.40 -4.03 -26.85
N PRO A 355 -25.99 -4.50 -28.07
CA PRO A 355 -26.74 -5.59 -28.71
C PRO A 355 -26.39 -6.98 -28.17
N HIS A 356 -25.29 -7.09 -27.40
CA HIS A 356 -24.82 -8.36 -26.82
C HIS A 356 -25.13 -8.49 -25.31
N GLN A 357 -26.00 -7.59 -24.78
CA GLN A 357 -26.40 -7.59 -23.36
C GLN A 357 -27.24 -8.82 -23.01
N ASP A 358 -28.20 -9.19 -23.90
CA ASP A 358 -29.08 -10.34 -23.73
C ASP A 358 -28.37 -11.68 -23.95
N HIS A 359 -27.15 -11.66 -24.51
CA HIS A 359 -26.35 -12.85 -24.75
C HIS A 359 -25.37 -13.11 -23.60
N LEU A 360 -24.53 -12.10 -23.28
CA LEU A 360 -23.48 -12.16 -22.26
C LEU A 360 -23.94 -12.24 -20.79
N PHE A 361 -25.11 -11.67 -20.44
CA PHE A 361 -25.54 -11.61 -19.04
C PHE A 361 -26.76 -12.48 -18.68
N THR A 362 -27.35 -13.20 -19.65
CA THR A 362 -28.50 -14.08 -19.37
C THR A 362 -28.02 -15.38 -18.70
N PRO A 363 -28.57 -15.75 -17.51
CA PRO A 363 -28.09 -16.97 -16.83
C PRO A 363 -28.40 -18.26 -17.58
N LEU A 364 -27.41 -19.17 -17.62
CA LEU A 364 -27.51 -20.47 -18.28
C LEU A 364 -27.76 -21.57 -17.24
N ALA A 365 -27.03 -21.52 -16.11
CA ALA A 365 -27.14 -22.47 -15.00
C ALA A 365 -26.68 -21.85 -13.68
N VAL A 366 -27.31 -22.27 -12.56
CA VAL A 366 -26.98 -21.78 -11.21
C VAL A 366 -26.05 -22.78 -10.53
N SER A 367 -24.86 -22.32 -10.10
CA SER A 367 -23.88 -23.15 -9.41
C SER A 367 -24.15 -23.20 -7.92
N GLU A 368 -24.15 -24.41 -7.34
CA GLU A 368 -24.41 -24.65 -5.92
C GLU A 368 -23.12 -24.65 -5.09
N THR A 369 -21.96 -24.87 -5.73
CA THR A 369 -20.64 -24.90 -5.09
C THR A 369 -19.67 -23.89 -5.75
N LEU A 370 -18.53 -23.63 -5.08
CA LEU A 370 -17.49 -22.71 -5.56
C LEU A 370 -16.75 -23.29 -6.78
N LEU A 371 -16.62 -22.48 -7.84
CA LEU A 371 -15.94 -22.87 -9.08
C LEU A 371 -14.69 -22.01 -9.31
N TYR A 372 -13.52 -22.54 -8.94
CA TYR A 372 -12.23 -21.86 -9.11
C TYR A 372 -11.41 -22.46 -10.26
N LYS A 373 -10.56 -21.64 -10.90
CA LYS A 373 -9.73 -22.06 -12.02
C LYS A 373 -8.25 -22.23 -11.62
N ARG A 374 -7.70 -21.28 -10.84
CA ARG A 374 -6.31 -21.28 -10.40
C ARG A 374 -5.96 -22.40 -9.43
N ASP A 375 -4.91 -23.17 -9.78
CA ASP A 375 -4.30 -24.31 -9.06
C ASP A 375 -3.14 -24.86 -9.91
N THR A 376 -2.30 -25.73 -9.34
CA THR A 376 -1.17 -26.35 -10.03
C THR A 376 -1.60 -27.68 -10.68
N LEU A 377 -2.49 -28.46 -10.02
CA LEU A 377 -2.91 -29.76 -10.53
C LEU A 377 -4.42 -29.94 -10.76
N TYR A 378 -5.28 -29.60 -9.77
CA TYR A 378 -6.72 -29.79 -9.90
C TYR A 378 -7.57 -28.60 -9.42
N SER A 379 -8.59 -28.23 -10.22
CA SER A 379 -9.54 -27.16 -9.93
C SER A 379 -10.98 -27.65 -10.18
N THR A 380 -11.96 -27.07 -9.45
CA THR A 380 -13.38 -27.44 -9.55
C THR A 380 -14.01 -27.10 -10.91
N TRP A 381 -13.62 -25.95 -11.52
CA TRP A 381 -14.14 -25.53 -12.83
C TRP A 381 -13.76 -26.52 -13.93
N ASP A 382 -12.50 -27.00 -13.93
CA ASP A 382 -12.01 -27.95 -14.92
C ASP A 382 -12.67 -29.33 -14.80
N GLN A 383 -13.23 -29.67 -13.62
CA GLN A 383 -13.97 -30.92 -13.41
C GLN A 383 -15.34 -30.79 -14.09
N LEU A 384 -15.94 -29.57 -14.04
CA LEU A 384 -17.23 -29.24 -14.67
C LEU A 384 -17.09 -29.35 -16.20
N VAL A 385 -15.95 -28.88 -16.75
CA VAL A 385 -15.65 -28.94 -18.19
C VAL A 385 -15.54 -30.40 -18.62
N GLY A 386 -14.85 -31.21 -17.80
CA GLY A 386 -14.68 -32.64 -18.01
C GLY A 386 -16.00 -33.40 -17.94
N GLU A 387 -16.89 -32.97 -17.03
CA GLU A 387 -18.23 -33.53 -16.85
C GLU A 387 -19.15 -33.13 -18.01
N ALA A 388 -18.99 -31.91 -18.55
CA ALA A 388 -19.76 -31.38 -19.67
C ALA A 388 -19.46 -32.12 -20.97
N VAL A 389 -18.16 -32.40 -21.24
CA VAL A 389 -17.69 -33.12 -22.43
C VAL A 389 -18.15 -34.59 -22.38
N LYS A 390 -18.02 -35.24 -21.21
CA LYS A 390 -18.42 -36.63 -20.99
C LYS A 390 -19.93 -36.86 -21.02
N ALA A 391 -20.74 -35.81 -20.76
CA ALA A 391 -22.21 -35.90 -20.78
C ALA A 391 -22.73 -35.90 -22.22
N ILE A 392 -22.23 -34.97 -23.07
CA ILE A 392 -22.61 -34.83 -24.47
C ILE A 392 -21.94 -35.95 -25.30
N TYR A 393 -20.63 -36.18 -25.07
CA TYR A 393 -19.86 -37.22 -25.75
C TYR A 393 -19.48 -38.33 -24.73
N PRO A 394 -20.31 -39.40 -24.60
CA PRO A 394 -19.99 -40.46 -23.62
C PRO A 394 -18.85 -41.38 -24.03
N GLU A 395 -18.48 -41.37 -25.33
CA GLU A 395 -17.41 -42.19 -25.91
C GLU A 395 -16.02 -41.77 -25.40
N VAL A 396 -15.88 -40.49 -24.99
CA VAL A 396 -14.65 -39.90 -24.47
C VAL A 396 -14.27 -40.53 -23.11
N GLU A 397 -13.02 -41.01 -23.01
CA GLU A 397 -12.47 -41.65 -21.80
C GLU A 397 -11.69 -40.67 -20.94
N VAL A 398 -10.99 -39.70 -21.56
CA VAL A 398 -10.17 -38.69 -20.88
C VAL A 398 -10.39 -37.28 -21.45
N VAL A 399 -10.63 -36.29 -20.56
CA VAL A 399 -10.86 -34.90 -20.96
C VAL A 399 -9.70 -34.01 -20.48
N PHE A 400 -8.76 -33.69 -21.40
CA PHE A 400 -7.60 -32.84 -21.13
C PHE A 400 -8.00 -31.37 -21.17
N SER A 401 -7.83 -30.67 -20.03
CA SER A 401 -8.15 -29.25 -19.90
C SER A 401 -6.88 -28.41 -19.71
N PRO A 402 -6.73 -27.28 -20.43
CA PRO A 402 -5.50 -26.46 -20.26
C PRO A 402 -5.46 -25.77 -18.91
N ALA A 403 -4.30 -25.85 -18.23
CA ALA A 403 -4.10 -25.24 -16.92
C ALA A 403 -3.66 -23.78 -17.05
N VAL A 404 -4.51 -22.96 -17.68
CA VAL A 404 -4.26 -21.54 -17.88
C VAL A 404 -4.52 -20.76 -16.59
N ARG A 405 -3.67 -19.79 -16.29
CA ARG A 405 -3.80 -18.99 -15.06
C ARG A 405 -5.00 -18.07 -15.09
N TRP A 406 -5.37 -17.58 -16.28
CA TRP A 406 -6.48 -16.66 -16.44
C TRP A 406 -7.85 -17.33 -16.32
N GLY A 407 -8.80 -16.58 -15.76
CA GLY A 407 -10.17 -17.03 -15.56
C GLY A 407 -10.95 -16.17 -14.60
N THR A 408 -11.97 -16.76 -13.95
CA THR A 408 -12.83 -16.11 -12.96
C THR A 408 -13.22 -17.12 -11.85
N THR A 409 -14.11 -16.73 -10.93
CA THR A 409 -14.57 -17.57 -9.83
C THR A 409 -16.07 -17.42 -9.61
N ILE A 410 -16.81 -18.55 -9.63
CA ILE A 410 -18.25 -18.59 -9.43
C ILE A 410 -18.54 -18.95 -7.97
N LEU A 411 -19.24 -18.07 -7.25
CA LEU A 411 -19.60 -18.24 -5.84
C LEU A 411 -20.80 -19.21 -5.67
N PRO A 412 -21.03 -19.82 -4.48
CA PRO A 412 -22.20 -20.70 -4.33
C PRO A 412 -23.49 -19.89 -4.35
N GLY A 413 -24.36 -20.20 -5.30
CA GLY A 413 -25.63 -19.52 -5.51
C GLY A 413 -25.61 -18.61 -6.73
N GLN A 414 -24.39 -18.21 -7.17
CA GLN A 414 -24.17 -17.34 -8.33
C GLN A 414 -24.40 -18.12 -9.63
N ALA A 415 -25.05 -17.47 -10.61
CA ALA A 415 -25.36 -18.06 -11.90
C ALA A 415 -24.25 -17.84 -12.93
N ILE A 416 -23.97 -18.88 -13.73
CA ILE A 416 -22.95 -18.86 -14.78
C ILE A 416 -23.57 -18.28 -16.06
N THR A 417 -22.96 -17.22 -16.60
CA THR A 417 -23.42 -16.54 -17.81
C THR A 417 -22.43 -16.76 -18.97
N TRP A 418 -22.76 -16.28 -20.18
CA TRP A 418 -21.91 -16.40 -21.38
C TRP A 418 -20.58 -15.66 -21.21
N ASP A 419 -20.60 -14.51 -20.51
CA ASP A 419 -19.41 -13.70 -20.22
C ASP A 419 -18.43 -14.46 -19.33
N HIS A 420 -18.94 -15.32 -18.43
CA HIS A 420 -18.12 -16.18 -17.55
C HIS A 420 -17.45 -17.27 -18.37
N LEU A 421 -18.16 -17.81 -19.39
CA LEU A 421 -17.65 -18.84 -20.30
C LEU A 421 -16.53 -18.28 -21.18
N TYR A 422 -16.64 -17.01 -21.57
CA TYR A 422 -15.62 -16.31 -22.36
C TYR A 422 -14.45 -15.88 -21.46
N ALA A 423 -14.71 -15.76 -20.14
CA ALA A 423 -13.68 -15.40 -19.16
C ALA A 423 -12.87 -16.64 -18.80
N TYR A 424 -13.49 -17.83 -18.88
CA TYR A 424 -12.87 -19.12 -18.58
C TYR A 424 -12.22 -19.76 -19.82
N THR A 425 -12.92 -19.73 -20.97
CA THR A 425 -12.47 -20.34 -22.22
C THR A 425 -12.55 -19.35 -23.41
N GLY A 426 -11.87 -18.21 -23.26
CA GLY A 426 -11.86 -17.16 -24.28
C GLY A 426 -10.70 -17.21 -25.25
N PHE A 427 -10.38 -18.41 -25.76
CA PHE A 427 -9.31 -18.61 -26.72
C PHE A 427 -9.74 -18.17 -28.12
N THR A 428 -8.78 -17.68 -28.92
CA THR A 428 -9.02 -17.30 -30.33
C THR A 428 -9.18 -18.59 -31.15
N TYR A 429 -8.65 -19.70 -30.61
CA TYR A 429 -8.69 -21.07 -31.12
C TYR A 429 -9.44 -21.94 -30.06
N PRO A 430 -10.79 -21.82 -29.93
CA PRO A 430 -11.49 -22.57 -28.88
C PRO A 430 -12.01 -23.96 -29.28
N GLU A 431 -11.63 -24.43 -30.49
CA GLU A 431 -12.05 -25.72 -31.05
C GLU A 431 -11.70 -26.92 -30.16
N LEU A 432 -12.72 -27.72 -29.83
CA LEU A 432 -12.57 -28.95 -29.03
C LEU A 432 -12.30 -30.10 -30.00
N TYR A 433 -11.18 -30.79 -29.83
CA TYR A 433 -10.77 -31.89 -30.70
C TYR A 433 -10.93 -33.25 -30.03
N LEU A 434 -11.60 -34.18 -30.72
CA LEU A 434 -11.81 -35.56 -30.26
C LEU A 434 -10.83 -36.43 -31.06
N PHE A 435 -9.87 -37.05 -30.35
CA PHE A 435 -8.82 -37.87 -30.96
C PHE A 435 -8.33 -39.00 -30.07
N TYR A 436 -7.94 -40.13 -30.68
CA TYR A 436 -7.44 -41.30 -29.98
C TYR A 436 -5.95 -41.15 -29.64
N LEU A 437 -5.59 -41.49 -28.40
CA LEU A 437 -4.22 -41.45 -27.89
C LEU A 437 -3.86 -42.78 -27.24
N ARG A 438 -2.63 -43.26 -27.48
CA ARG A 438 -2.12 -44.49 -26.88
C ARG A 438 -1.79 -44.23 -25.41
N GLY A 439 -1.82 -45.29 -24.60
CA GLY A 439 -1.52 -45.23 -23.17
C GLY A 439 -0.13 -44.69 -22.86
N ALA A 440 0.85 -45.01 -23.72
CA ALA A 440 2.24 -44.55 -23.62
C ALA A 440 2.35 -43.05 -23.88
N GLN A 441 1.50 -42.52 -24.78
CA GLN A 441 1.46 -41.09 -25.15
C GLN A 441 0.94 -40.24 -23.99
N ILE A 442 -0.17 -40.67 -23.34
CA ILE A 442 -0.81 -40.00 -22.20
C ILE A 442 0.18 -39.84 -21.03
N LYS A 443 0.95 -40.90 -20.74
CA LYS A 443 1.97 -40.92 -19.68
C LYS A 443 3.13 -39.98 -20.04
N ALA A 444 3.58 -40.01 -21.32
CA ALA A 444 4.67 -39.18 -21.83
C ALA A 444 4.33 -37.69 -21.83
N VAL A 445 3.05 -37.34 -22.10
CA VAL A 445 2.54 -35.96 -22.12
C VAL A 445 2.51 -35.40 -20.68
N LEU A 446 1.94 -36.16 -19.73
CA LEU A 446 1.86 -35.79 -18.30
C LEU A 446 3.26 -35.58 -17.70
N GLU A 447 4.24 -36.39 -18.13
CA GLU A 447 5.64 -36.31 -17.70
C GLU A 447 6.33 -35.09 -18.31
N ASP A 448 5.96 -34.73 -19.56
CA ASP A 448 6.51 -33.59 -20.31
C ASP A 448 6.14 -32.26 -19.66
N ILE A 449 4.90 -32.14 -19.16
CA ILE A 449 4.41 -30.93 -18.48
C ILE A 449 5.04 -30.83 -17.08
N ALA A 450 5.11 -31.97 -16.35
CA ALA A 450 5.68 -32.07 -15.01
C ALA A 450 7.17 -31.69 -14.98
N SER A 451 7.93 -32.05 -16.05
CA SER A 451 9.34 -31.73 -16.21
C SER A 451 9.56 -30.26 -16.56
N ASN A 452 8.50 -29.57 -17.02
CA ASN A 452 8.50 -28.16 -17.38
C ASN A 452 8.04 -27.29 -16.20
N VAL A 453 7.02 -27.75 -15.44
CA VAL A 453 6.45 -27.05 -14.28
C VAL A 453 7.37 -27.17 -13.06
N PHE A 454 7.72 -28.41 -12.67
CA PHE A 454 8.56 -28.68 -11.50
C PHE A 454 10.05 -28.77 -11.82
N THR A 455 10.60 -27.75 -12.50
CA THR A 455 12.01 -27.68 -12.85
C THR A 455 12.78 -26.90 -11.79
N SER A 456 13.94 -27.41 -11.37
CA SER A 456 14.81 -26.80 -10.36
C SER A 456 15.36 -25.44 -10.81
N ASP A 457 15.69 -25.32 -12.12
CA ASP A 457 16.20 -24.10 -12.74
C ASP A 457 15.04 -23.34 -13.39
N PRO A 458 14.83 -22.04 -13.05
CA PRO A 458 13.70 -21.28 -13.64
C PRO A 458 13.80 -20.98 -15.14
N PHE A 459 15.01 -21.12 -15.73
CA PHE A 459 15.27 -20.89 -17.15
C PHE A 459 14.55 -21.90 -18.05
N TYR A 460 14.39 -23.15 -17.56
CA TYR A 460 13.71 -24.23 -18.28
C TYR A 460 12.19 -24.28 -17.99
N GLN A 461 11.70 -23.36 -17.16
CA GLN A 461 10.28 -23.25 -16.81
C GLN A 461 9.59 -22.34 -17.83
N GLN A 462 8.53 -22.84 -18.47
CA GLN A 462 7.78 -22.07 -19.47
C GLN A 462 6.90 -21.03 -18.78
N GLY A 463 5.87 -21.50 -18.08
CA GLY A 463 4.92 -20.66 -17.37
C GLY A 463 3.49 -21.05 -17.64
N GLY A 464 3.12 -22.20 -17.10
CA GLY A 464 1.78 -22.78 -17.23
C GLY A 464 1.74 -24.09 -16.47
N ASP A 465 0.81 -24.18 -15.49
CA ASP A 465 0.61 -25.33 -14.60
C ASP A 465 0.32 -26.66 -15.31
N VAL A 466 0.31 -27.77 -14.54
CA VAL A 466 0.06 -29.12 -15.04
C VAL A 466 -1.39 -29.26 -15.52
N SER A 467 -1.57 -29.65 -16.80
CA SER A 467 -2.86 -29.85 -17.46
C SER A 467 -3.73 -30.83 -16.69
N ARG A 468 -4.97 -30.41 -16.37
CA ARG A 468 -5.93 -31.21 -15.62
C ARG A 468 -6.71 -32.13 -16.55
N VAL A 469 -6.52 -33.44 -16.38
CA VAL A 469 -7.17 -34.46 -17.19
C VAL A 469 -8.23 -35.21 -16.36
N PHE A 470 -9.51 -35.05 -16.76
CA PHE A 470 -10.65 -35.69 -16.11
C PHE A 470 -10.89 -37.07 -16.71
N GLY A 471 -10.95 -38.08 -15.85
CA GLY A 471 -11.15 -39.47 -16.25
C GLY A 471 -10.12 -40.41 -15.67
N LEU A 472 -8.89 -39.91 -15.42
CA LEU A 472 -7.81 -40.71 -14.85
C LEU A 472 -7.32 -40.20 -13.48
N ARG A 473 -6.67 -41.10 -12.72
CA ARG A 473 -6.08 -40.82 -11.41
C ARG A 473 -4.60 -41.18 -11.45
N TYR A 474 -3.73 -40.29 -10.93
CA TYR A 474 -2.28 -40.51 -10.93
C TYR A 474 -1.58 -39.96 -9.69
N VAL A 475 -0.43 -40.56 -9.32
CA VAL A 475 0.41 -40.18 -8.19
C VAL A 475 1.58 -39.34 -8.75
N LEU A 476 1.78 -38.14 -8.20
CA LEU A 476 2.82 -37.21 -8.65
C LEU A 476 3.90 -36.98 -7.59
N ASP A 477 5.17 -36.97 -8.03
CA ASP A 477 6.35 -36.69 -7.21
C ASP A 477 7.16 -35.58 -7.89
N PRO A 478 7.10 -34.31 -7.40
CA PRO A 478 7.83 -33.23 -8.08
C PRO A 478 9.34 -33.28 -7.99
N ASP A 479 9.88 -33.88 -6.92
CA ASP A 479 11.33 -34.00 -6.68
C ASP A 479 11.99 -35.14 -7.46
N ALA A 480 11.16 -36.06 -8.02
CA ALA A 480 11.60 -37.21 -8.83
C ALA A 480 12.24 -36.77 -10.16
N PRO A 481 13.16 -37.57 -10.77
CA PRO A 481 13.75 -37.14 -12.06
C PRO A 481 12.79 -37.25 -13.24
N THR A 482 13.19 -36.72 -14.42
CA THR A 482 12.40 -36.74 -15.65
C THR A 482 12.12 -38.18 -16.11
N GLY A 483 10.84 -38.50 -16.26
CA GLY A 483 10.37 -39.83 -16.64
C GLY A 483 10.01 -40.70 -15.47
N GLU A 484 10.01 -40.12 -14.24
CA GLU A 484 9.70 -40.80 -12.99
C GLU A 484 8.72 -40.00 -12.11
N ARG A 485 8.44 -38.74 -12.49
CA ARG A 485 7.52 -37.82 -11.77
C ARG A 485 6.08 -38.33 -11.71
N VAL A 486 5.54 -38.79 -12.87
CA VAL A 486 4.18 -39.31 -12.99
C VAL A 486 4.22 -40.84 -12.82
N ARG A 487 3.49 -41.35 -11.81
CA ARG A 487 3.43 -42.78 -11.49
C ARG A 487 2.01 -43.22 -11.07
N GLU A 488 1.73 -44.55 -11.12
CA GLU A 488 0.47 -45.19 -10.75
C GLU A 488 -0.75 -44.59 -11.49
N VAL A 489 -0.65 -44.48 -12.82
CA VAL A 489 -1.71 -43.94 -13.68
C VAL A 489 -2.82 -44.97 -13.86
N GLU A 490 -4.08 -44.56 -13.61
CA GLU A 490 -5.25 -45.43 -13.74
C GLU A 490 -6.42 -44.71 -14.42
N VAL A 491 -6.79 -45.18 -15.62
CA VAL A 491 -7.87 -44.62 -16.44
C VAL A 491 -9.18 -45.39 -16.19
N GLY A 492 -10.18 -44.70 -15.64
CA GLY A 492 -11.50 -45.24 -15.34
C GLY A 492 -11.52 -46.37 -14.32
N GLY A 493 -10.74 -46.22 -13.26
CA GLY A 493 -10.63 -47.20 -12.18
C GLY A 493 -9.84 -48.45 -12.52
N ARG A 494 -9.12 -48.43 -13.67
CA ARG A 494 -8.30 -49.55 -14.16
C ARG A 494 -6.89 -49.04 -14.53
N PRO A 495 -5.80 -49.79 -14.22
CA PRO A 495 -4.45 -49.30 -14.55
C PRO A 495 -4.20 -49.00 -16.03
N LEU A 496 -3.34 -48.01 -16.30
CA LEU A 496 -2.97 -47.54 -17.64
C LEU A 496 -2.22 -48.60 -18.45
N ASP A 497 -2.79 -48.96 -19.62
CA ASP A 497 -2.20 -49.91 -20.55
C ASP A 497 -1.49 -49.10 -21.65
N PRO A 498 -0.14 -49.20 -21.78
CA PRO A 498 0.57 -48.38 -22.77
C PRO A 498 0.26 -48.66 -24.25
N ASN A 499 -0.37 -49.81 -24.55
CA ASN A 499 -0.72 -50.20 -25.92
C ASN A 499 -2.17 -49.91 -26.31
N ARG A 500 -3.06 -49.74 -25.30
CA ARG A 500 -4.50 -49.46 -25.50
C ARG A 500 -4.74 -48.05 -26.04
N ARG A 501 -5.69 -47.92 -26.99
CA ARG A 501 -6.08 -46.65 -27.60
C ARG A 501 -7.25 -46.03 -26.84
N TYR A 502 -7.01 -44.89 -26.16
CA TYR A 502 -7.99 -44.17 -25.37
C TYR A 502 -8.47 -42.92 -26.10
N LEU A 503 -9.79 -42.67 -26.14
CA LEU A 503 -10.34 -41.48 -26.79
C LEU A 503 -10.19 -40.27 -25.88
N ALA A 504 -9.42 -39.26 -26.34
CA ALA A 504 -9.12 -38.04 -25.61
C ALA A 504 -9.76 -36.80 -26.23
N ALA A 505 -10.13 -35.82 -25.37
CA ALA A 505 -10.73 -34.56 -25.78
C ALA A 505 -9.94 -33.40 -25.18
N ALA A 506 -9.35 -32.55 -26.04
CA ALA A 506 -8.54 -31.40 -25.62
C ALA A 506 -8.82 -30.14 -26.42
N TYR A 507 -8.73 -28.97 -25.77
CA TYR A 507 -8.95 -27.66 -26.37
C TYR A 507 -7.88 -26.65 -25.93
N GLY A 508 -7.56 -25.72 -26.83
CA GLY A 508 -6.57 -24.66 -26.59
C GLY A 508 -5.16 -25.16 -26.36
N GLY A 509 -4.76 -26.18 -27.12
CA GLY A 509 -3.43 -26.77 -27.05
C GLY A 509 -2.91 -27.26 -28.38
N ARG A 510 -2.05 -28.29 -28.33
CA ARG A 510 -1.41 -28.90 -29.50
C ARG A 510 -1.44 -30.44 -29.43
N LEU A 511 -2.22 -30.99 -28.48
CA LEU A 511 -2.37 -32.44 -28.24
C LEU A 511 -3.01 -33.20 -29.42
N GLN A 512 -3.83 -32.50 -30.23
CA GLN A 512 -4.51 -33.05 -31.40
C GLN A 512 -3.57 -33.45 -32.54
N ARG A 513 -2.37 -32.84 -32.59
CA ARG A 513 -1.34 -33.09 -33.60
C ARG A 513 -0.72 -34.48 -33.50
N VAL A 514 -0.51 -34.99 -32.28
CA VAL A 514 0.07 -36.32 -32.02
C VAL A 514 -0.99 -37.44 -31.98
N GLY A 515 -2.25 -37.06 -31.81
CA GLY A 515 -3.39 -37.99 -31.75
C GLY A 515 -4.10 -38.21 -33.06
N GLU A 516 -4.74 -39.39 -33.21
CA GLU A 516 -5.50 -39.79 -34.40
C GLU A 516 -6.95 -39.34 -34.25
N ALA A 517 -7.36 -38.31 -35.03
CA ALA A 517 -8.69 -37.70 -35.01
C ALA A 517 -9.84 -38.70 -35.19
N LYS A 518 -10.93 -38.50 -34.40
CA LYS A 518 -12.14 -39.32 -34.41
C LYS A 518 -12.92 -39.15 -35.72
N PRO A 519 -13.30 -40.25 -36.42
CA PRO A 519 -14.05 -40.08 -37.68
C PRO A 519 -15.52 -39.70 -37.45
N GLY A 520 -16.00 -38.75 -38.26
CA GLY A 520 -17.36 -38.25 -38.20
C GLY A 520 -17.53 -36.98 -37.40
N TYR A 521 -16.63 -36.76 -36.42
CA TYR A 521 -16.64 -35.59 -35.54
C TYR A 521 -16.02 -34.35 -36.21
N GLU A 522 -16.65 -33.19 -36.01
CA GLU A 522 -16.19 -31.90 -36.50
C GLU A 522 -15.80 -31.00 -35.30
N PRO A 523 -14.59 -30.39 -35.30
CA PRO A 523 -14.18 -29.56 -34.15
C PRO A 523 -14.97 -28.27 -34.03
N ARG A 524 -15.69 -28.12 -32.90
CA ARG A 524 -16.52 -26.95 -32.57
C ARG A 524 -16.04 -26.25 -31.28
N PRO A 525 -16.30 -24.93 -31.08
CA PRO A 525 -15.82 -24.25 -29.86
C PRO A 525 -16.31 -24.86 -28.54
N ILE A 526 -15.43 -24.84 -27.52
CA ILE A 526 -15.66 -25.39 -26.18
C ILE A 526 -16.80 -24.68 -25.42
N TYR A 527 -16.93 -23.34 -25.57
CA TYR A 527 -18.01 -22.58 -24.91
C TYR A 527 -19.40 -22.92 -25.45
N GLU A 528 -19.47 -23.42 -26.70
CA GLU A 528 -20.70 -23.87 -27.35
C GLU A 528 -21.11 -25.22 -26.74
N VAL A 529 -20.12 -26.08 -26.42
CA VAL A 529 -20.30 -27.39 -25.79
C VAL A 529 -20.73 -27.20 -24.33
N LEU A 530 -20.05 -26.30 -23.60
CA LEU A 530 -20.33 -25.97 -22.20
C LEU A 530 -21.74 -25.42 -21.99
N ALA A 531 -22.18 -24.48 -22.84
CA ALA A 531 -23.51 -23.87 -22.79
C ALA A 531 -24.62 -24.87 -23.09
N GLU A 532 -24.35 -25.87 -23.96
CA GLU A 532 -25.29 -26.94 -24.32
C GLU A 532 -25.57 -27.83 -23.10
N TYR A 533 -24.55 -28.06 -22.26
CA TYR A 533 -24.63 -28.85 -21.03
C TYR A 533 -25.36 -28.07 -19.93
N LEU A 534 -24.91 -26.83 -19.66
CA LEU A 534 -25.45 -25.94 -18.61
C LEU A 534 -26.94 -25.61 -18.78
N ARG A 535 -27.40 -25.40 -20.03
CA ARG A 535 -28.81 -25.10 -20.33
C ARG A 535 -29.73 -26.30 -20.05
N SER A 536 -29.23 -27.52 -20.32
CA SER A 536 -29.98 -28.77 -20.13
C SER A 536 -30.08 -29.24 -18.68
N VAL A 537 -28.98 -29.11 -17.90
CA VAL A 537 -28.96 -29.54 -16.49
C VAL A 537 -29.69 -28.55 -15.56
N GLY A 538 -29.51 -27.26 -15.79
CA GLY A 538 -30.13 -26.20 -14.99
C GLY A 538 -29.34 -25.81 -13.76
N ARG A 539 -28.85 -26.81 -12.99
CA ARG A 539 -28.06 -26.62 -11.77
C ARG A 539 -26.86 -27.57 -11.75
N VAL A 540 -25.71 -27.07 -11.25
CA VAL A 540 -24.46 -27.84 -11.15
C VAL A 540 -23.97 -27.96 -9.71
N ARG A 541 -23.62 -29.19 -9.29
CA ARG A 541 -23.14 -29.52 -7.95
C ARG A 541 -21.77 -30.19 -8.03
N VAL A 542 -20.74 -29.44 -8.45
CA VAL A 542 -19.37 -29.94 -8.59
C VAL A 542 -18.61 -29.85 -7.26
N ARG A 543 -18.38 -31.00 -6.63
CA ARG A 543 -17.66 -31.12 -5.35
C ARG A 543 -16.15 -31.33 -5.57
N PRO A 544 -15.26 -30.74 -4.73
CA PRO A 544 -13.81 -30.92 -4.95
C PRO A 544 -13.30 -32.33 -4.65
N GLU A 545 -13.02 -33.09 -5.72
CA GLU A 545 -12.51 -34.46 -5.65
C GLU A 545 -11.18 -34.53 -6.43
N PRO A 546 -10.02 -34.36 -5.75
CA PRO A 546 -8.75 -34.39 -6.48
C PRO A 546 -8.33 -35.78 -6.97
N ASN A 547 -7.99 -35.87 -8.26
CA ASN A 547 -7.56 -37.11 -8.92
C ASN A 547 -6.02 -37.22 -8.93
N VAL A 548 -5.35 -36.46 -8.05
CA VAL A 548 -3.89 -36.44 -7.94
C VAL A 548 -3.43 -36.54 -6.47
N LYS A 549 -2.37 -37.36 -6.24
CA LYS A 549 -1.77 -37.56 -4.93
C LYS A 549 -0.31 -37.11 -4.98
N VAL A 550 0.01 -36.03 -4.25
CA VAL A 550 1.35 -35.44 -4.22
C VAL A 550 2.23 -36.08 -3.15
N ILE A 551 3.46 -36.45 -3.53
CA ILE A 551 4.45 -37.08 -2.64
C ILE A 551 5.32 -36.00 -1.97
N GLY A 552 5.30 -35.99 -0.64
CA GLY A 552 6.06 -35.06 0.18
C GLY A 552 5.44 -33.69 0.37
N ARG A 553 4.28 -33.44 -0.27
CA ARG A 553 3.56 -32.17 -0.20
C ARG A 553 2.13 -32.37 0.30
N ASN A 554 1.61 -31.40 1.07
CA ASN A 554 0.23 -31.44 1.58
C ASN A 554 -0.69 -30.68 0.63
N TYR A 555 -1.56 -31.42 -0.09
CA TYR A 555 -2.51 -30.82 -1.04
C TYR A 555 -3.67 -30.19 -0.29
N ARG A 556 -3.77 -28.85 -0.36
CA ARG A 556 -4.80 -28.06 0.31
C ARG A 556 -6.12 -28.02 -0.46
N LEU A 557 -7.24 -27.93 0.27
CA LEU A 557 -8.58 -27.89 -0.31
C LEU A 557 -9.38 -26.69 0.23
N PRO A 558 -9.98 -25.85 -0.64
CA PRO A 558 -10.76 -24.70 -0.14
C PRO A 558 -12.20 -25.03 0.22
N GLU A 559 -12.84 -24.13 0.99
CA GLU A 559 -14.24 -24.27 1.40
C GLU A 559 -15.14 -23.89 0.22
N VAL A 560 -15.97 -24.84 -0.25
CA VAL A 560 -16.87 -24.66 -1.41
C VAL A 560 -18.29 -24.23 -1.00
N THR A 561 -18.57 -24.16 0.31
CA THR A 561 -19.90 -23.77 0.85
C THR A 561 -19.87 -22.43 1.58
N GLY A 562 -20.98 -21.70 1.49
CA GLY A 562 -21.16 -20.39 2.12
C GLY A 562 -21.93 -19.41 1.24
N GLU B 16 16.32 -32.87 -20.74
CA GLU B 16 17.38 -33.75 -21.22
C GLU B 16 16.84 -34.77 -22.24
N GLY B 17 17.28 -34.65 -23.48
CA GLY B 17 16.88 -35.51 -24.58
C GLY B 17 18.02 -36.37 -25.08
N GLU B 18 18.55 -37.25 -24.21
CA GLU B 18 19.68 -38.14 -24.52
C GLU B 18 19.25 -39.42 -25.24
N ASP B 19 20.02 -39.80 -26.28
CA ASP B 19 19.83 -41.00 -27.09
C ASP B 19 21.18 -41.42 -27.68
N LEU B 20 21.92 -42.27 -26.93
CA LEU B 20 23.24 -42.77 -27.28
C LEU B 20 23.26 -43.72 -28.48
N GLU B 21 22.13 -44.39 -28.76
CA GLU B 21 21.96 -45.34 -29.87
C GLU B 21 22.08 -44.68 -31.24
N HIS B 22 21.57 -43.45 -31.38
CA HIS B 22 21.59 -42.67 -32.62
C HIS B 22 22.87 -41.84 -32.78
N LEU B 23 23.44 -41.35 -31.66
CA LEU B 23 24.65 -40.52 -31.65
C LEU B 23 25.92 -41.31 -32.00
N GLU B 24 26.10 -42.51 -31.40
CA GLU B 24 27.27 -43.36 -31.60
C GLU B 24 27.35 -43.96 -33.02
N GLN B 25 26.20 -44.29 -33.63
CA GLN B 25 26.15 -44.85 -34.99
C GLN B 25 26.51 -43.82 -36.08
N ALA B 26 26.26 -42.52 -35.81
CA ALA B 26 26.56 -41.42 -36.73
C ALA B 26 28.02 -41.00 -36.67
N LEU B 27 28.62 -41.03 -35.47
CA LEU B 27 30.03 -40.67 -35.23
C LEU B 27 30.99 -41.70 -35.83
N LYS B 28 30.57 -42.97 -35.91
CA LYS B 28 31.35 -44.09 -36.45
C LYS B 28 31.39 -44.09 -37.99
N GLU B 29 30.24 -43.81 -38.63
CA GLU B 29 30.12 -43.80 -40.09
C GLU B 29 30.78 -42.57 -40.76
N VAL B 30 30.93 -41.46 -40.00
CA VAL B 30 31.53 -40.22 -40.50
C VAL B 30 33.01 -40.11 -40.08
N PHE B 31 33.29 -40.24 -38.76
CA PHE B 31 34.65 -40.12 -38.22
C PHE B 31 35.29 -41.48 -37.90
N GLY B 32 34.63 -42.25 -37.03
CA GLY B 32 35.11 -43.56 -36.59
C GLY B 32 35.05 -43.76 -35.09
N LYS B 33 35.48 -42.74 -34.34
CA LYS B 33 35.50 -42.75 -32.86
C LYS B 33 34.10 -42.64 -32.27
N GLY B 34 33.88 -43.35 -31.17
CA GLY B 34 32.61 -43.38 -30.45
C GLY B 34 32.45 -42.29 -29.42
N PHE B 35 31.44 -42.42 -28.53
CA PHE B 35 31.14 -41.46 -27.46
C PHE B 35 32.19 -41.47 -26.35
N LYS B 36 32.72 -42.66 -26.01
CA LYS B 36 33.74 -42.86 -24.98
C LYS B 36 35.07 -42.21 -25.32
N ASP B 37 35.41 -42.14 -26.63
CA ASP B 37 36.63 -41.54 -27.15
C ASP B 37 36.65 -40.01 -27.03
N LEU B 38 35.45 -39.37 -27.01
CA LEU B 38 35.28 -37.92 -26.90
C LEU B 38 35.70 -37.41 -25.53
N THR B 39 36.44 -36.29 -25.50
CA THR B 39 36.93 -35.66 -24.28
C THR B 39 36.09 -34.43 -23.90
N PRO B 40 35.53 -34.36 -22.66
CA PRO B 40 34.72 -33.17 -22.30
C PRO B 40 35.58 -31.93 -22.07
N SER B 41 35.15 -30.79 -22.64
CA SER B 41 35.89 -29.52 -22.54
C SER B 41 35.03 -28.36 -22.06
N ASP B 42 35.66 -27.41 -21.34
CA ASP B 42 35.03 -26.21 -20.81
C ASP B 42 35.27 -25.00 -21.72
N ALA B 43 36.35 -25.03 -22.53
CA ALA B 43 36.75 -23.98 -23.47
C ALA B 43 35.72 -23.77 -24.58
N VAL B 44 35.20 -24.86 -25.16
CA VAL B 44 34.18 -24.82 -26.22
C VAL B 44 32.81 -24.61 -25.56
N LYS B 45 32.14 -23.50 -25.89
CA LYS B 45 30.82 -23.15 -25.34
C LYS B 45 29.74 -23.21 -26.40
N LEU B 46 28.63 -23.91 -26.08
CA LEU B 46 27.48 -24.07 -26.96
C LEU B 46 26.30 -23.24 -26.45
N ASN B 47 25.94 -22.18 -27.20
CA ASN B 47 24.85 -21.28 -26.88
C ASN B 47 23.56 -21.69 -27.61
N MET B 48 22.64 -22.32 -26.89
CA MET B 48 21.35 -22.79 -27.40
C MET B 48 20.24 -22.50 -26.38
N PRO B 49 18.99 -22.18 -26.82
CA PRO B 49 17.92 -21.87 -25.84
C PRO B 49 17.46 -23.10 -25.05
N ALA B 50 16.91 -22.85 -23.83
CA ALA B 50 16.40 -23.88 -22.94
C ALA B 50 15.17 -24.55 -23.53
N ILE B 51 14.22 -23.72 -24.04
CA ILE B 51 12.99 -24.17 -24.69
C ILE B 51 12.95 -23.60 -26.11
N ALA B 52 12.82 -24.47 -27.13
CA ALA B 52 12.75 -24.09 -28.54
C ALA B 52 11.43 -23.37 -28.83
N GLU B 53 11.46 -22.35 -29.70
CA GLU B 53 10.27 -21.58 -30.06
C GLU B 53 9.46 -22.23 -31.19
N SER B 54 10.14 -22.86 -32.16
CA SER B 54 9.48 -23.53 -33.29
C SER B 54 10.07 -24.92 -33.55
N GLY B 55 9.30 -25.77 -34.22
CA GLY B 55 9.71 -27.12 -34.58
C GLY B 55 10.80 -27.12 -35.65
N ALA B 56 10.75 -26.12 -36.55
CA ALA B 56 11.71 -25.95 -37.63
C ALA B 56 12.78 -24.89 -37.29
N ASN B 57 12.37 -23.74 -36.73
CA ASN B 57 13.26 -22.63 -36.38
C ASN B 57 13.80 -22.70 -34.94
N VAL B 58 15.07 -23.12 -34.79
CA VAL B 58 15.78 -23.20 -33.50
C VAL B 58 17.19 -22.60 -33.71
N PRO B 59 17.50 -21.38 -33.17
CA PRO B 59 18.83 -20.80 -33.38
C PRO B 59 19.90 -21.44 -32.50
N ALA B 60 20.98 -21.93 -33.13
CA ALA B 60 22.11 -22.58 -32.45
C ALA B 60 23.40 -21.80 -32.68
N GLU B 61 24.17 -21.57 -31.60
CA GLU B 61 25.44 -20.84 -31.65
C GLU B 61 26.57 -21.67 -31.05
N VAL B 62 27.73 -21.71 -31.74
CA VAL B 62 28.92 -22.47 -31.30
C VAL B 62 30.21 -21.72 -31.67
N GLU B 63 31.13 -21.59 -30.69
CA GLU B 63 32.43 -20.92 -30.84
C GLU B 63 33.50 -21.47 -29.91
N ILE B 74 34.35 -27.50 -36.80
CA ILE B 74 33.29 -27.61 -35.80
C ILE B 74 32.13 -28.44 -36.36
N HIS B 75 31.69 -29.46 -35.61
CA HIS B 75 30.60 -30.36 -35.98
C HIS B 75 29.50 -30.39 -34.92
N LEU B 76 28.23 -30.36 -35.36
CA LEU B 76 27.05 -30.39 -34.49
C LEU B 76 26.21 -31.64 -34.75
N PHE B 77 25.70 -32.27 -33.67
CA PHE B 77 24.88 -33.48 -33.75
C PHE B 77 23.70 -33.48 -32.78
N ALA B 78 22.58 -34.09 -33.20
CA ALA B 78 21.35 -34.23 -32.40
C ALA B 78 21.04 -35.71 -32.15
N ASP B 79 20.69 -36.05 -30.90
CA ASP B 79 20.41 -37.42 -30.47
C ASP B 79 19.04 -37.96 -30.90
N LYS B 80 17.93 -37.34 -30.42
CA LYS B 80 16.56 -37.78 -30.70
C LYS B 80 16.06 -37.56 -32.14
N ASN B 81 16.78 -36.74 -32.95
CA ASN B 81 16.45 -36.45 -34.34
C ASN B 81 16.61 -37.69 -35.24
N PRO B 82 15.78 -37.87 -36.32
CA PRO B 82 15.95 -39.05 -37.19
C PRO B 82 17.30 -39.08 -37.89
N THR B 83 17.76 -37.90 -38.37
CA THR B 83 19.07 -37.74 -39.01
C THR B 83 20.02 -37.05 -38.00
N PRO B 84 20.98 -37.80 -37.39
CA PRO B 84 21.84 -37.19 -36.37
C PRO B 84 22.83 -36.15 -36.90
N HIS B 85 23.28 -36.28 -38.17
CA HIS B 85 24.22 -35.33 -38.78
C HIS B 85 23.49 -34.00 -39.06
N ILE B 86 23.98 -32.91 -38.44
CA ILE B 86 23.38 -31.59 -38.55
C ILE B 86 24.20 -30.68 -39.48
N LEU B 87 25.53 -30.55 -39.23
CA LEU B 87 26.44 -29.71 -40.03
C LEU B 87 27.92 -30.05 -39.85
N ALA B 88 28.76 -29.55 -40.79
CA ALA B 88 30.21 -29.70 -40.82
C ALA B 88 30.85 -28.39 -41.25
N PHE B 89 31.78 -27.86 -40.44
CA PHE B 89 32.46 -26.59 -40.72
C PHE B 89 33.98 -26.70 -40.62
N MET B 90 34.69 -26.27 -41.68
CA MET B 90 36.16 -26.31 -41.75
C MET B 90 36.74 -24.89 -41.94
N PRO B 91 37.15 -24.19 -40.85
CA PRO B 91 37.72 -22.84 -41.02
C PRO B 91 39.21 -22.86 -41.33
N MET B 92 39.58 -22.50 -42.58
CA MET B 92 40.98 -22.47 -43.03
C MET B 92 41.71 -21.21 -42.55
N LYS B 93 41.06 -20.04 -42.66
CA LYS B 93 41.61 -18.74 -42.26
C LYS B 93 40.69 -17.99 -41.29
N ALA B 94 39.37 -18.29 -41.34
CA ALA B 94 38.34 -17.67 -40.49
C ALA B 94 38.41 -18.14 -39.04
N GLU B 95 37.90 -17.32 -38.10
CA GLU B 95 37.84 -17.60 -36.67
C GLU B 95 36.79 -18.69 -36.37
N PRO B 96 37.03 -19.60 -35.38
CA PRO B 96 36.03 -20.65 -35.11
C PRO B 96 34.72 -20.12 -34.49
N TYR B 97 33.70 -19.93 -35.35
CA TYR B 97 32.37 -19.44 -35.00
C TYR B 97 31.36 -19.85 -36.07
N TYR B 98 30.19 -20.36 -35.64
CA TYR B 98 29.12 -20.80 -36.53
C TYR B 98 27.75 -20.68 -35.85
N ALA B 99 26.86 -19.85 -36.42
CA ALA B 99 25.51 -19.61 -35.91
C ALA B 99 24.48 -19.81 -37.02
N THR B 100 23.53 -20.75 -36.80
CA THR B 100 22.48 -21.09 -37.78
C THR B 100 21.18 -21.58 -37.13
N ARG B 101 20.07 -21.51 -37.89
CA ARG B 101 18.74 -21.99 -37.48
C ARG B 101 18.61 -23.44 -37.92
N VAL B 102 18.41 -24.36 -36.96
CA VAL B 102 18.33 -25.81 -37.21
C VAL B 102 16.98 -26.42 -36.82
N ARG B 103 16.61 -27.53 -37.49
CA ARG B 103 15.37 -28.27 -37.26
C ARG B 103 15.52 -29.30 -36.13
N LEU B 104 14.43 -29.51 -35.34
CA LEU B 104 14.39 -30.46 -34.24
C LEU B 104 13.05 -31.21 -34.20
N ALA B 105 13.10 -32.55 -34.13
CA ALA B 105 11.91 -33.41 -34.10
C ALA B 105 11.14 -33.34 -32.78
N GLU B 106 11.86 -33.47 -31.64
CA GLU B 106 11.30 -33.44 -30.28
C GLU B 106 12.34 -32.93 -29.27
N THR B 107 12.13 -33.20 -27.95
CA THR B 107 13.04 -32.82 -26.86
C THR B 107 14.39 -33.52 -27.09
N THR B 108 15.40 -32.75 -27.55
CA THR B 108 16.71 -33.26 -27.91
C THR B 108 17.86 -32.51 -27.22
N ALA B 109 18.87 -33.26 -26.76
CA ALA B 109 20.09 -32.73 -26.14
C ALA B 109 21.16 -32.70 -27.24
N ILE B 110 21.42 -31.51 -27.79
CA ILE B 110 22.36 -31.29 -28.89
C ILE B 110 23.81 -31.35 -28.41
N ARG B 111 24.62 -32.19 -29.09
CA ARG B 111 26.04 -32.40 -28.80
C ARG B 111 26.92 -31.71 -29.87
N ALA B 112 28.03 -31.09 -29.43
CA ALA B 112 28.96 -30.39 -30.31
C ALA B 112 30.38 -30.96 -30.18
N VAL B 113 30.99 -31.31 -31.32
CA VAL B 113 32.34 -31.88 -31.38
C VAL B 113 33.26 -31.06 -32.29
N VAL B 114 34.45 -30.70 -31.76
CA VAL B 114 35.46 -29.89 -32.47
C VAL B 114 36.70 -30.74 -32.78
N GLU B 115 37.11 -30.78 -34.07
CA GLU B 115 38.28 -31.54 -34.52
C GLU B 115 39.53 -30.66 -34.56
N THR B 116 40.66 -31.22 -34.12
CA THR B 116 41.96 -30.53 -34.10
C THR B 116 43.09 -31.47 -34.59
N GLN B 117 44.27 -30.88 -34.90
CA GLN B 117 45.47 -31.59 -35.37
C GLN B 117 46.07 -32.54 -34.34
N ASP B 118 45.82 -32.27 -33.04
CA ASP B 118 46.29 -33.07 -31.90
C ASP B 118 45.70 -34.48 -31.87
N GLY B 119 44.42 -34.59 -32.21
CA GLY B 119 43.68 -35.85 -32.23
C GLY B 119 42.49 -35.89 -31.31
N LYS B 120 42.55 -35.15 -30.18
CA LYS B 120 41.49 -35.08 -29.17
C LYS B 120 40.26 -34.33 -29.67
N LEU B 121 39.06 -34.83 -29.31
CA LEU B 121 37.78 -34.23 -29.70
C LEU B 121 37.16 -33.50 -28.51
N LEU B 122 36.99 -32.17 -28.65
CA LEU B 122 36.41 -31.30 -27.61
C LEU B 122 34.89 -31.44 -27.58
N LEU B 123 34.32 -31.73 -26.40
CA LEU B 123 32.89 -31.94 -26.22
C LEU B 123 32.20 -30.80 -25.46
N ALA B 124 31.03 -30.37 -25.98
CA ALA B 124 30.17 -29.33 -25.42
C ALA B 124 28.72 -29.71 -25.71
N SER B 125 27.86 -29.69 -24.68
CA SER B 125 26.45 -30.07 -24.83
C SER B 125 25.47 -29.14 -24.13
N ALA B 126 24.35 -28.83 -24.81
CA ALA B 126 23.26 -27.99 -24.32
C ALA B 126 21.92 -28.56 -24.77
N SER B 127 21.03 -28.87 -23.81
CA SER B 127 19.73 -29.45 -24.08
C SER B 127 18.69 -28.40 -24.47
N THR B 128 17.90 -28.70 -25.52
CA THR B 128 16.85 -27.83 -26.04
C THR B 128 15.51 -28.59 -25.95
N ARG B 129 14.58 -28.06 -25.15
CA ARG B 129 13.27 -28.67 -24.89
C ARG B 129 12.22 -28.22 -25.90
N VAL B 130 11.45 -29.19 -26.43
CA VAL B 130 10.36 -28.94 -27.39
C VAL B 130 9.05 -29.36 -26.68
N THR B 131 8.36 -28.37 -26.08
CA THR B 131 7.12 -28.59 -25.33
C THR B 131 5.89 -27.97 -25.98
N VAL B 132 4.71 -28.53 -25.65
CA VAL B 132 3.41 -28.05 -26.15
C VAL B 132 2.56 -27.52 -24.98
N GLY B 133 1.82 -26.45 -25.24
CA GLY B 133 0.98 -25.83 -24.23
C GLY B 133 -0.05 -24.85 -24.77
N GLY B 134 -0.45 -23.92 -23.90
CA GLY B 134 -1.44 -22.88 -24.21
C GLY B 134 -1.06 -21.52 -23.66
N CYS B 135 -1.68 -20.46 -24.22
CA CYS B 135 -1.45 -19.07 -23.82
C CYS B 135 -2.13 -18.78 -22.47
N GLY B 136 -1.31 -18.57 -21.44
CA GLY B 136 -1.77 -18.28 -20.08
C GLY B 136 -1.32 -16.92 -19.59
N ILE C 6 21.17 -12.70 -49.54
CA ILE C 6 21.40 -11.41 -48.88
C ILE C 6 22.52 -11.56 -47.85
N ALA C 7 23.64 -10.85 -48.08
CA ALA C 7 24.80 -10.89 -47.19
C ALA C 7 25.10 -9.52 -46.56
N ARG C 8 25.41 -9.52 -45.25
CA ARG C 8 25.76 -8.32 -44.48
C ARG C 8 26.80 -8.62 -43.38
N LEU C 9 27.22 -7.56 -42.67
CA LEU C 9 28.15 -7.62 -41.53
C LEU C 9 27.46 -6.93 -40.35
N ASN C 10 27.48 -7.57 -39.16
CA ASN C 10 26.85 -7.07 -37.92
C ASN C 10 27.21 -5.59 -37.59
N PRO C 11 28.50 -5.15 -37.53
CA PRO C 11 28.76 -3.72 -37.27
C PRO C 11 28.61 -2.87 -38.54
N ALA C 12 28.39 -1.55 -38.39
CA ALA C 12 28.25 -0.61 -39.51
C ALA C 12 29.58 -0.45 -40.26
N LYS C 13 30.69 -0.26 -39.52
CA LYS C 13 32.04 -0.12 -40.06
C LYS C 13 33.02 -0.92 -39.18
N PRO C 14 33.73 -1.92 -39.73
CA PRO C 14 34.65 -2.71 -38.89
C PRO C 14 36.00 -2.05 -38.65
N LYS C 15 36.40 -1.96 -37.36
CA LYS C 15 37.67 -1.38 -36.93
C LYS C 15 38.82 -2.37 -37.11
N ALA C 16 40.01 -1.86 -37.49
CA ALA C 16 41.22 -2.66 -37.73
C ALA C 16 41.71 -3.34 -36.45
N GLY C 17 41.92 -4.65 -36.52
CA GLY C 17 42.38 -5.46 -35.40
C GLY C 17 41.25 -6.20 -34.71
N GLU C 18 40.13 -5.49 -34.45
CA GLU C 18 38.94 -6.03 -33.79
C GLU C 18 38.17 -7.01 -34.67
N GLU C 19 37.55 -8.02 -34.04
CA GLU C 19 36.77 -9.06 -34.73
C GLU C 19 35.35 -8.59 -35.09
N PHE C 20 34.87 -8.98 -36.28
CA PHE C 20 33.54 -8.63 -36.78
C PHE C 20 32.76 -9.85 -37.28
N ARG C 21 31.44 -9.86 -37.06
CA ARG C 21 30.54 -10.95 -37.48
C ARG C 21 30.00 -10.67 -38.89
N LEU C 22 29.95 -11.72 -39.73
CA LEU C 22 29.44 -11.65 -41.11
C LEU C 22 28.21 -12.54 -41.25
N GLN C 23 27.02 -11.93 -41.42
CA GLN C 23 25.75 -12.64 -41.55
C GLN C 23 25.35 -12.85 -43.01
N VAL C 24 25.14 -14.12 -43.39
CA VAL C 24 24.75 -14.53 -44.76
C VAL C 24 23.38 -15.24 -44.68
N VAL C 25 22.33 -14.60 -45.22
CA VAL C 25 20.97 -15.16 -45.24
C VAL C 25 20.52 -15.50 -46.68
N ALA C 26 19.60 -16.47 -46.82
CA ALA C 26 19.05 -16.89 -48.11
C ALA C 26 17.59 -17.28 -47.98
N GLN C 27 16.74 -16.79 -48.91
CA GLN C 27 15.32 -17.10 -48.94
C GLN C 27 15.12 -18.39 -49.74
N HIS C 28 15.31 -19.54 -49.06
CA HIS C 28 15.21 -20.88 -49.65
C HIS C 28 14.42 -21.83 -48.74
N PRO C 29 13.44 -22.60 -49.29
CA PRO C 29 12.70 -23.54 -48.44
C PRO C 29 13.43 -24.88 -48.29
N ASN C 30 14.15 -25.04 -47.16
CA ASN C 30 14.91 -26.26 -46.85
C ASN C 30 14.00 -27.40 -46.40
N GLU C 31 14.15 -28.57 -47.02
CA GLU C 31 13.35 -29.76 -46.71
C GLU C 31 14.26 -30.94 -46.32
N PRO C 32 14.09 -31.53 -45.11
CA PRO C 32 14.95 -32.65 -44.71
C PRO C 32 14.58 -33.99 -45.36
N GLY C 33 13.33 -34.12 -45.80
CA GLY C 33 12.81 -35.34 -46.42
C GLY C 33 11.98 -36.18 -45.47
N THR C 34 12.33 -36.16 -44.17
CA THR C 34 11.65 -36.90 -43.11
C THR C 34 10.27 -36.31 -42.77
N ARG C 35 10.08 -34.99 -43.02
CA ARG C 35 8.86 -34.24 -42.74
C ARG C 35 7.64 -34.76 -43.51
N ARG C 36 6.48 -34.85 -42.82
CA ARG C 36 5.21 -35.32 -43.37
C ARG C 36 4.12 -34.25 -43.19
N ASP C 37 3.39 -33.94 -44.27
CA ASP C 37 2.32 -32.93 -44.27
C ASP C 37 0.95 -33.52 -43.83
N ALA C 38 -0.11 -32.68 -43.85
CA ALA C 38 -1.48 -33.03 -43.46
C ALA C 38 -2.12 -34.13 -44.32
N GLU C 39 -1.72 -34.24 -45.60
CA GLU C 39 -2.23 -35.23 -46.55
C GLU C 39 -1.82 -36.66 -46.19
N GLY C 40 -0.61 -36.81 -45.65
CA GLY C 40 -0.05 -38.10 -45.25
C GLY C 40 0.87 -38.70 -46.28
N LYS C 41 1.82 -37.89 -46.80
CA LYS C 41 2.80 -38.29 -47.80
C LYS C 41 4.19 -37.68 -47.54
N LEU C 42 5.25 -38.40 -47.97
CA LEU C 42 6.63 -37.97 -47.80
C LEU C 42 7.01 -36.87 -48.79
N ILE C 43 7.44 -35.71 -48.27
CA ILE C 43 7.85 -34.54 -49.06
C ILE C 43 9.31 -34.74 -49.50
N PRO C 44 9.66 -34.58 -50.81
CA PRO C 44 11.05 -34.78 -51.25
C PRO C 44 12.04 -33.79 -50.65
N ALA C 45 13.25 -34.27 -50.32
CA ALA C 45 14.32 -33.48 -49.71
C ALA C 45 14.95 -32.47 -50.67
N LYS C 46 14.98 -31.18 -50.24
CA LYS C 46 15.53 -30.06 -50.99
C LYS C 46 16.26 -29.11 -50.02
N TYR C 47 17.47 -29.51 -49.58
CA TYR C 47 18.29 -28.75 -48.63
C TYR C 47 19.64 -28.31 -49.22
N ILE C 48 20.28 -27.30 -48.59
CA ILE C 48 21.58 -26.78 -48.98
C ILE C 48 22.66 -27.69 -48.37
N ASN C 49 23.43 -28.39 -49.23
CA ASN C 49 24.48 -29.31 -48.81
C ASN C 49 25.88 -28.69 -48.84
N LEU C 50 26.05 -27.56 -49.56
CA LEU C 50 27.33 -26.87 -49.69
C LEU C 50 27.15 -25.35 -49.68
N VAL C 51 27.95 -24.66 -48.86
CA VAL C 51 27.97 -23.19 -48.72
C VAL C 51 29.42 -22.74 -48.44
N GLU C 52 30.01 -21.98 -49.37
CA GLU C 52 31.39 -21.52 -49.28
C GLU C 52 31.53 -20.02 -49.10
N VAL C 53 32.33 -19.61 -48.11
CA VAL C 53 32.62 -18.20 -47.80
C VAL C 53 34.02 -17.85 -48.31
N TYR C 54 34.13 -16.78 -49.11
CA TYR C 54 35.39 -16.34 -49.70
C TYR C 54 35.48 -14.82 -49.86
N PHE C 55 36.71 -14.31 -50.03
CA PHE C 55 36.99 -12.88 -50.25
C PHE C 55 37.49 -12.68 -51.70
N GLU C 56 38.02 -11.48 -52.03
CA GLU C 56 38.55 -11.19 -53.37
C GLU C 56 39.83 -12.00 -53.62
N GLY C 57 39.66 -13.22 -54.10
CA GLY C 57 40.73 -14.15 -54.40
C GLY C 57 40.35 -15.60 -54.17
N GLU C 58 40.90 -16.21 -53.10
CA GLU C 58 40.64 -17.62 -52.73
C GLU C 58 39.73 -17.76 -51.50
N LYS C 59 39.32 -19.02 -51.21
CA LYS C 59 38.45 -19.41 -50.10
C LYS C 59 39.08 -19.20 -48.73
N VAL C 60 38.23 -19.01 -47.69
CA VAL C 60 38.65 -18.80 -46.30
C VAL C 60 37.99 -19.79 -45.34
N ALA C 61 36.70 -20.11 -45.57
CA ALA C 61 35.93 -21.05 -44.75
C ALA C 61 34.88 -21.79 -45.58
N GLU C 62 34.84 -23.13 -45.46
CA GLU C 62 33.90 -24.00 -46.17
C GLU C 62 32.94 -24.67 -45.18
N ALA C 63 31.63 -24.61 -45.47
CA ALA C 63 30.59 -25.19 -44.61
C ALA C 63 29.67 -26.14 -45.40
N ARG C 64 29.35 -27.31 -44.80
CA ARG C 64 28.49 -28.32 -45.40
C ARG C 64 27.34 -28.75 -44.46
N PRO C 65 26.13 -28.15 -44.59
CA PRO C 65 25.03 -28.53 -43.70
C PRO C 65 24.35 -29.82 -44.12
N GLY C 66 23.77 -30.52 -43.13
CA GLY C 66 23.06 -31.78 -43.34
C GLY C 66 21.60 -31.62 -43.68
N PRO C 67 20.75 -32.67 -43.48
CA PRO C 67 19.32 -32.54 -43.83
C PRO C 67 18.53 -31.65 -42.89
N SER C 68 18.81 -31.70 -41.57
CA SER C 68 18.13 -30.90 -40.55
C SER C 68 18.54 -29.42 -40.62
N THR C 69 17.90 -28.67 -41.53
CA THR C 69 18.13 -27.24 -41.76
C THR C 69 16.78 -26.53 -41.89
N SER C 70 16.62 -25.40 -41.18
CA SER C 70 15.40 -24.60 -41.17
C SER C 70 15.13 -23.89 -42.50
N ALA C 71 13.84 -23.61 -42.77
CA ALA C 71 13.38 -22.89 -43.97
C ALA C 71 13.83 -21.43 -43.84
N ASN C 72 14.52 -20.92 -44.89
CA ASN C 72 15.12 -19.58 -44.97
C ASN C 72 16.18 -19.45 -43.86
N PRO C 73 17.38 -20.07 -44.04
CA PRO C 73 18.38 -20.07 -42.95
C PRO C 73 19.41 -18.93 -42.96
N LEU C 74 19.95 -18.65 -41.77
CA LEU C 74 20.99 -17.64 -41.50
C LEU C 74 22.32 -18.37 -41.28
N TYR C 75 23.43 -17.77 -41.75
CA TYR C 75 24.78 -18.33 -41.61
C TYR C 75 25.77 -17.24 -41.17
N ALA C 76 26.23 -17.31 -39.91
CA ALA C 76 27.14 -16.34 -39.32
C ALA C 76 28.56 -16.88 -39.12
N PHE C 77 29.57 -16.04 -39.41
CA PHE C 77 30.99 -16.36 -39.28
C PHE C 77 31.76 -15.16 -38.69
N LYS C 78 32.86 -15.43 -37.97
CA LYS C 78 33.72 -14.40 -37.37
C LYS C 78 35.01 -14.18 -38.16
N PHE C 79 35.37 -12.91 -38.37
CA PHE C 79 36.58 -12.51 -39.11
C PHE C 79 37.30 -11.35 -38.42
N LYS C 80 38.65 -11.33 -38.53
CA LYS C 80 39.48 -10.26 -37.98
C LYS C 80 39.90 -9.31 -39.09
N ALA C 81 39.69 -8.00 -38.89
CA ALA C 81 40.02 -6.96 -39.87
C ALA C 81 41.52 -6.75 -40.01
N GLU C 82 42.03 -6.92 -41.24
CA GLU C 82 43.46 -6.77 -41.58
C GLU C 82 43.63 -5.98 -42.87
N THR C 86 36.41 -7.43 -50.43
CA THR C 86 35.02 -7.69 -50.77
C THR C 86 34.70 -9.18 -50.61
N PHE C 87 33.71 -9.51 -49.76
CA PHE C 87 33.28 -10.88 -49.49
C PHE C 87 32.26 -11.36 -50.52
N THR C 88 32.49 -12.57 -51.08
CA THR C 88 31.62 -13.21 -52.07
C THR C 88 31.28 -14.63 -51.59
N ILE C 89 29.97 -14.93 -51.47
CA ILE C 89 29.47 -16.22 -51.01
C ILE C 89 28.82 -17.04 -52.14
N LYS C 90 28.99 -18.37 -52.09
CA LYS C 90 28.43 -19.32 -53.06
C LYS C 90 27.63 -20.40 -52.35
N LEU C 91 26.38 -20.60 -52.77
CA LEU C 91 25.46 -21.60 -52.20
C LEU C 91 25.08 -22.66 -53.22
N LYS C 92 25.15 -23.95 -52.83
CA LYS C 92 24.81 -25.08 -53.69
C LYS C 92 23.76 -25.98 -53.04
N ASP C 93 22.70 -26.29 -53.81
CA ASP C 93 21.59 -27.15 -53.40
C ASP C 93 21.79 -28.59 -53.90
N THR C 94 21.10 -29.56 -53.28
CA THR C 94 21.16 -30.99 -53.63
C THR C 94 20.63 -31.28 -55.05
N ASP C 95 19.64 -30.50 -55.51
CA ASP C 95 19.03 -30.64 -56.83
C ASP C 95 19.51 -29.58 -57.84
N GLY C 96 19.43 -28.31 -57.44
CA GLY C 96 19.83 -27.18 -58.27
C GLY C 96 20.90 -26.30 -57.65
N ASP C 97 20.86 -24.99 -57.95
CA ASP C 97 21.80 -23.98 -57.44
C ASP C 97 21.17 -22.59 -57.45
N THR C 98 21.16 -21.92 -56.28
CA THR C 98 20.62 -20.57 -56.07
C THR C 98 21.30 -19.86 -54.89
N GLY C 99 21.41 -18.53 -54.99
CA GLY C 99 22.02 -17.69 -53.97
C GLY C 99 23.40 -17.18 -54.31
N GLU C 100 23.50 -15.85 -54.56
CA GLU C 100 24.75 -15.16 -54.88
C GLU C 100 24.64 -13.68 -54.45
N ALA C 101 25.46 -13.28 -53.46
CA ALA C 101 25.48 -11.92 -52.91
C ALA C 101 26.90 -11.48 -52.54
N SER C 102 27.18 -10.18 -52.71
CA SER C 102 28.49 -9.58 -52.40
C SER C 102 28.36 -8.38 -51.46
N VAL C 103 29.23 -8.32 -50.43
CA VAL C 103 29.25 -7.25 -49.43
C VAL C 103 30.63 -6.56 -49.41
N LYS C 104 30.64 -5.21 -49.44
CA LYS C 104 31.86 -4.40 -49.43
C LYS C 104 32.45 -4.28 -48.02
N LEU C 105 33.79 -4.38 -47.92
CA LEU C 105 34.54 -4.28 -46.66
C LEU C 105 34.57 -2.84 -46.14
N ARG D 18 2.57 -20.35 21.60
CA ARG D 18 3.83 -19.82 21.07
C ARG D 18 4.24 -18.49 21.74
N SER D 19 3.35 -17.92 22.59
CA SER D 19 3.59 -16.66 23.32
C SER D 19 4.27 -16.90 24.68
N LEU D 20 5.04 -17.99 24.78
CA LEU D 20 5.80 -18.40 25.98
C LEU D 20 7.00 -17.48 26.23
N TYR D 21 7.51 -16.82 25.18
CA TYR D 21 8.67 -15.93 25.21
C TYR D 21 8.45 -14.67 26.04
N ASP D 22 7.24 -14.09 25.97
CA ASP D 22 6.86 -12.89 26.72
C ASP D 22 6.66 -13.26 28.19
N LEU D 23 7.64 -12.92 29.04
CA LEU D 23 7.63 -13.24 30.48
C LEU D 23 7.80 -12.01 31.38
N PRO D 24 7.08 -11.94 32.53
CA PRO D 24 7.22 -10.77 33.42
C PRO D 24 8.55 -10.73 34.20
N PRO D 25 8.96 -9.59 34.80
CA PRO D 25 10.24 -9.57 35.54
C PRO D 25 10.24 -10.44 36.81
N TYR D 26 11.37 -11.13 37.06
CA TYR D 26 11.56 -12.00 38.22
C TYR D 26 13.03 -12.12 38.63
N GLY D 27 13.24 -12.07 39.94
CA GLY D 27 14.56 -12.21 40.57
C GLY D 27 15.56 -11.10 40.29
N ASP D 28 16.82 -11.35 40.69
CA ASP D 28 17.95 -10.44 40.51
C ASP D 28 18.81 -10.90 39.33
N ALA D 29 19.06 -12.22 39.23
CA ALA D 29 19.85 -12.85 38.18
C ALA D 29 19.00 -13.68 37.23
N THR D 30 19.52 -13.92 36.01
CA THR D 30 18.88 -14.72 34.96
C THR D 30 19.96 -15.54 34.24
N LEU D 31 19.73 -16.85 34.11
CA LEU D 31 20.68 -17.73 33.42
C LEU D 31 20.08 -18.33 32.16
N LEU D 32 20.52 -17.85 30.99
CA LEU D 32 20.07 -18.34 29.69
C LEU D 32 20.92 -19.58 29.37
N TYR D 33 20.46 -20.72 29.88
CA TYR D 33 21.16 -22.00 29.78
C TYR D 33 20.64 -22.92 28.69
N PHE D 34 21.58 -23.52 27.94
CA PHE D 34 21.36 -24.49 26.86
C PHE D 34 22.51 -25.51 26.91
N SER D 35 22.21 -26.79 26.63
CA SER D 35 23.21 -27.86 26.67
C SER D 35 23.05 -28.89 25.56
N ASP D 36 24.17 -29.58 25.23
CA ASP D 36 24.28 -30.64 24.22
C ASP D 36 23.71 -30.25 22.84
N LEU D 37 24.18 -29.11 22.29
CA LEU D 37 23.78 -28.61 20.97
C LEU D 37 24.26 -29.56 19.86
N HIS D 38 25.46 -30.13 20.04
CA HIS D 38 26.13 -31.07 19.13
C HIS D 38 26.30 -30.51 17.70
N GLY D 39 26.60 -29.21 17.62
CA GLY D 39 26.81 -28.47 16.38
C GLY D 39 25.65 -28.36 15.43
N GLN D 40 24.40 -28.62 15.90
CA GLN D 40 23.20 -28.53 15.07
C GLN D 40 22.93 -27.07 14.68
N ALA D 41 23.47 -26.68 13.51
CA ALA D 41 23.41 -25.33 12.96
C ALA D 41 22.09 -24.98 12.28
N PHE D 42 21.41 -25.96 11.69
CA PHE D 42 20.16 -25.75 10.94
C PHE D 42 18.93 -26.32 11.65
N PRO D 43 17.73 -25.68 11.49
CA PRO D 43 16.52 -26.20 12.17
C PRO D 43 16.10 -27.57 11.64
N HIS D 44 16.11 -28.57 12.54
CA HIS D 44 15.76 -29.96 12.24
C HIS D 44 14.69 -30.47 13.23
N TYR D 45 14.57 -31.81 13.37
CA TYR D 45 13.61 -32.44 14.27
C TYR D 45 14.33 -33.36 15.25
N PHE D 46 13.88 -33.39 16.53
CA PHE D 46 14.47 -34.23 17.57
C PHE D 46 13.39 -34.73 18.51
N MET D 47 13.05 -36.02 18.39
CA MET D 47 12.04 -36.68 19.21
C MET D 47 12.68 -37.22 20.49
N GLU D 48 11.97 -37.04 21.62
CA GLU D 48 12.40 -37.55 22.94
C GLU D 48 12.30 -39.08 22.96
N PRO D 49 13.12 -39.81 23.76
CA PRO D 49 13.05 -41.28 23.74
C PRO D 49 11.67 -41.83 24.15
N PRO D 50 11.13 -42.83 23.43
CA PRO D 50 9.83 -43.39 23.82
C PRO D 50 9.89 -44.22 25.11
N ASN D 51 11.10 -44.72 25.44
CA ASN D 51 11.35 -45.53 26.64
C ASN D 51 12.63 -45.12 27.35
N LEU D 52 12.54 -44.97 28.69
CA LEU D 52 13.67 -44.65 29.57
C LEU D 52 13.60 -45.62 30.75
N ILE D 53 13.88 -46.90 30.47
CA ILE D 53 13.85 -48.01 31.43
C ILE D 53 14.90 -47.81 32.52
N ALA D 54 14.45 -47.82 33.78
CA ALA D 54 15.28 -47.62 34.97
C ALA D 54 15.02 -48.74 35.98
N PRO D 55 16.00 -49.09 36.86
CA PRO D 55 15.72 -50.12 37.87
C PRO D 55 14.67 -49.63 38.89
N LYS D 56 13.95 -50.58 39.53
CA LYS D 56 12.88 -50.30 40.51
C LYS D 56 13.19 -49.18 41.54
N PRO D 57 14.40 -49.06 42.16
CA PRO D 57 14.61 -47.94 43.11
C PRO D 57 14.74 -46.55 42.46
N LEU D 58 14.89 -46.48 41.12
CA LEU D 58 15.04 -45.21 40.39
C LEU D 58 13.86 -44.88 39.44
N MET D 59 12.75 -45.62 39.54
CA MET D 59 11.57 -45.42 38.70
C MET D 59 10.71 -44.24 39.16
N GLY D 60 10.23 -43.44 38.21
CA GLY D 60 9.36 -42.30 38.45
C GLY D 60 10.02 -40.95 38.70
N ARG D 61 11.36 -40.92 38.82
CA ARG D 61 12.11 -39.67 39.07
C ARG D 61 12.59 -38.99 37.77
N PRO D 62 12.75 -37.63 37.73
CA PRO D 62 13.19 -36.97 36.49
C PRO D 62 14.47 -37.55 35.88
N GLY D 63 14.42 -37.77 34.57
CA GLY D 63 15.51 -38.36 33.80
C GLY D 63 15.15 -39.74 33.28
N TYR D 64 14.04 -40.31 33.79
CA TYR D 64 13.53 -41.63 33.41
C TYR D 64 12.02 -41.63 33.06
N LEU D 65 11.41 -40.42 32.98
CA LEU D 65 9.99 -40.25 32.65
C LEU D 65 9.80 -40.16 31.13
N THR D 66 8.82 -40.90 30.59
CA THR D 66 8.51 -40.97 29.14
C THR D 66 7.02 -40.95 28.83
N GLY D 67 6.70 -40.39 27.66
CA GLY D 67 5.34 -40.33 27.11
C GLY D 67 4.34 -39.49 27.88
N GLU D 68 3.22 -40.12 28.27
CA GLU D 68 2.15 -39.48 29.02
C GLU D 68 2.54 -39.25 30.48
N ALA D 69 3.49 -40.06 31.00
CA ALA D 69 4.00 -39.99 32.37
C ALA D 69 4.76 -38.68 32.64
N ILE D 70 5.58 -38.21 31.65
CA ILE D 70 6.35 -36.97 31.77
C ILE D 70 5.41 -35.74 31.67
N LEU D 71 4.29 -35.87 30.93
CA LEU D 71 3.31 -34.82 30.76
C LEU D 71 2.48 -34.60 32.02
N ARG D 72 2.13 -35.71 32.72
CA ARG D 72 1.35 -35.69 33.97
C ARG D 72 2.18 -35.17 35.15
N TYR D 73 3.49 -35.54 35.18
CA TYR D 73 4.45 -35.16 36.23
C TYR D 73 4.64 -33.65 36.35
N TYR D 74 4.81 -32.95 35.21
CA TYR D 74 5.01 -31.50 35.17
C TYR D 74 3.73 -30.70 34.89
N GLY D 75 2.64 -31.41 34.60
CA GLY D 75 1.34 -30.80 34.31
C GLY D 75 1.28 -30.08 32.98
N VAL D 76 1.82 -30.72 31.92
CA VAL D 76 1.84 -30.17 30.56
C VAL D 76 0.67 -30.77 29.77
N GLU D 77 -0.17 -29.90 29.18
CA GLU D 77 -1.34 -30.31 28.39
C GLU D 77 -0.93 -30.88 27.03
N ARG D 78 -1.69 -31.88 26.54
CA ARG D 78 -1.47 -32.56 25.27
C ARG D 78 -1.79 -31.63 24.08
N GLY D 79 -0.85 -31.51 23.16
CA GLY D 79 -0.97 -30.68 21.97
C GLY D 79 -0.38 -29.29 22.05
N THR D 80 0.29 -28.96 23.18
CA THR D 80 0.92 -27.66 23.43
C THR D 80 2.37 -27.63 22.86
N PRO D 81 3.00 -26.44 22.65
CA PRO D 81 4.38 -26.42 22.12
C PRO D 81 5.40 -27.13 23.03
N LEU D 82 5.18 -27.07 24.35
CA LEU D 82 6.02 -27.70 25.36
C LEU D 82 5.89 -29.23 25.32
N ALA D 83 4.66 -29.73 25.05
CA ALA D 83 4.35 -31.17 24.94
C ALA D 83 5.08 -31.83 23.78
N TYR D 84 5.26 -31.09 22.67
CA TYR D 84 5.96 -31.52 21.46
C TYR D 84 7.46 -31.68 21.74
N LEU D 85 8.01 -30.84 22.62
CA LEU D 85 9.41 -30.85 23.03
C LEU D 85 9.71 -31.85 24.14
N LEU D 86 8.77 -32.02 25.09
CA LEU D 86 8.91 -32.90 26.25
C LEU D 86 8.59 -34.38 26.00
N SER D 87 7.53 -34.66 25.21
CA SER D 87 7.08 -36.03 24.94
C SER D 87 7.12 -36.45 23.47
N TYR D 88 7.15 -37.78 23.23
CA TYR D 88 7.15 -38.40 21.91
C TYR D 88 5.71 -38.54 21.38
N VAL D 89 4.71 -38.40 22.28
CA VAL D 89 3.28 -38.52 21.99
C VAL D 89 2.85 -37.44 20.99
N ASP D 90 2.28 -37.89 19.84
CA ASP D 90 1.81 -37.07 18.71
C ASP D 90 2.92 -36.24 18.03
N PHE D 91 4.19 -36.73 18.11
CA PHE D 91 5.36 -36.04 17.54
C PHE D 91 5.22 -35.71 16.06
N VAL D 92 4.81 -36.68 15.22
CA VAL D 92 4.63 -36.50 13.76
C VAL D 92 3.56 -35.43 13.49
N GLU D 93 2.45 -35.46 14.24
CA GLU D 93 1.33 -34.53 14.16
C GLU D 93 1.75 -33.10 14.57
N LEU D 94 2.54 -32.98 15.65
CA LEU D 94 2.99 -31.68 16.19
C LEU D 94 4.24 -31.12 15.48
N ALA D 95 5.04 -31.97 14.79
CA ALA D 95 6.25 -31.56 14.06
C ALA D 95 5.90 -30.73 12.83
N ARG D 96 4.76 -31.02 12.20
CA ARG D 96 4.27 -30.31 11.02
C ARG D 96 3.53 -29.05 11.47
N THR D 97 2.96 -29.09 12.70
CA THR D 97 2.21 -27.99 13.32
C THR D 97 3.14 -26.88 13.81
N PHE D 98 4.11 -27.22 14.69
CA PHE D 98 5.04 -26.25 15.28
C PHE D 98 6.32 -26.01 14.44
N GLY D 99 6.52 -26.85 13.41
CA GLY D 99 7.67 -26.75 12.53
C GLY D 99 8.96 -27.33 13.08
N PRO D 100 10.14 -26.95 12.54
CA PRO D 100 11.39 -27.52 13.05
C PRO D 100 11.96 -26.81 14.28
N ILE D 101 12.68 -27.58 15.12
CA ILE D 101 13.34 -27.12 16.34
C ILE D 101 14.85 -26.90 16.12
N GLY D 102 15.49 -26.22 17.07
CA GLY D 102 16.92 -25.95 17.05
C GLY D 102 17.34 -24.91 16.03
N GLY D 103 18.55 -25.06 15.52
CA GLY D 103 19.16 -24.15 14.55
C GLY D 103 19.89 -23.02 15.25
N MET D 104 21.14 -22.76 14.83
CA MET D 104 22.01 -21.70 15.39
C MET D 104 21.43 -20.30 15.24
N GLY D 105 20.72 -20.05 14.13
CA GLY D 105 20.08 -18.77 13.84
C GLY D 105 18.90 -18.49 14.76
N ALA D 106 18.03 -19.49 14.96
CA ALA D 106 16.84 -19.40 15.81
C ALA D 106 17.21 -19.33 17.31
N LEU D 107 18.31 -20.02 17.71
CA LEU D 107 18.81 -20.04 19.08
C LEU D 107 19.42 -18.69 19.49
N THR D 108 20.21 -18.07 18.58
CA THR D 108 20.85 -16.77 18.81
C THR D 108 19.78 -15.68 18.94
N ALA D 109 18.74 -15.73 18.08
CA ALA D 109 17.61 -14.80 18.08
C ALA D 109 16.82 -14.84 19.39
N LEU D 110 16.66 -16.04 19.98
CA LEU D 110 15.95 -16.21 21.25
C LEU D 110 16.79 -15.72 22.44
N ILE D 111 18.10 -16.05 22.46
CA ILE D 111 19.04 -15.62 23.52
C ILE D 111 19.11 -14.09 23.56
N ARG D 112 19.26 -13.44 22.38
CA ARG D 112 19.32 -11.99 22.23
C ARG D 112 18.03 -11.29 22.67
N ASP D 113 16.86 -11.87 22.33
CA ASP D 113 15.53 -11.35 22.69
C ASP D 113 15.31 -11.39 24.20
N GLN D 114 15.66 -12.53 24.84
CA GLN D 114 15.51 -12.72 26.29
C GLN D 114 16.50 -11.89 27.10
N LYS D 115 17.74 -11.70 26.58
CA LYS D 115 18.80 -10.90 27.21
C LYS D 115 18.40 -9.41 27.18
N ALA D 116 17.67 -9.00 26.12
CA ALA D 116 17.18 -7.64 25.93
C ALA D 116 16.07 -7.32 26.93
N ARG D 117 15.24 -8.32 27.27
CA ARG D 117 14.13 -8.19 28.22
C ARG D 117 14.65 -8.03 29.65
N VAL D 118 15.58 -8.91 30.07
CA VAL D 118 16.21 -8.91 31.41
C VAL D 118 16.96 -7.61 31.69
N GLU D 119 17.74 -7.12 30.70
CA GLU D 119 18.50 -5.87 30.84
C GLU D 119 17.59 -4.64 30.87
N ALA D 120 16.42 -4.69 30.20
CA ALA D 120 15.44 -3.60 30.21
C ALA D 120 14.75 -3.53 31.59
N GLU D 121 14.61 -4.68 32.25
CA GLU D 121 14.01 -4.82 33.58
C GLU D 121 14.94 -4.25 34.66
N GLY D 122 16.25 -4.43 34.48
CA GLY D 122 17.28 -3.96 35.39
C GLY D 122 18.07 -5.06 36.08
N GLY D 123 18.03 -6.26 35.51
CA GLY D 123 18.72 -7.43 36.04
C GLY D 123 19.90 -7.90 35.22
N LYS D 124 20.67 -8.86 35.77
CA LYS D 124 21.85 -9.45 35.15
C LYS D 124 21.47 -10.74 34.40
N ALA D 125 21.94 -10.87 33.15
CA ALA D 125 21.68 -12.04 32.30
C ALA D 125 22.99 -12.71 31.89
N LEU D 126 23.11 -14.03 32.15
CA LEU D 126 24.30 -14.81 31.82
C LEU D 126 23.99 -15.96 30.86
N VAL D 127 24.72 -16.00 29.73
CA VAL D 127 24.56 -17.04 28.70
C VAL D 127 25.53 -18.18 29.05
N LEU D 128 24.98 -19.34 29.45
CA LEU D 128 25.79 -20.50 29.85
C LEU D 128 25.55 -21.72 28.96
N ASP D 129 26.64 -22.30 28.45
CA ASP D 129 26.62 -23.50 27.60
C ASP D 129 26.99 -24.71 28.46
N GLY D 130 26.22 -25.79 28.32
CA GLY D 130 26.43 -27.00 29.11
C GLY D 130 27.17 -28.14 28.43
N GLY D 131 28.19 -27.81 27.64
CA GLY D 131 29.02 -28.78 26.94
C GLY D 131 28.39 -29.46 25.74
N ASP D 132 29.17 -30.34 25.07
CA ASP D 132 28.79 -31.10 23.87
C ASP D 132 28.22 -30.20 22.77
N THR D 133 29.03 -29.22 22.34
CA THR D 133 28.64 -28.21 21.37
C THR D 133 29.50 -28.27 20.09
N TRP D 134 30.83 -28.25 20.25
CA TRP D 134 31.84 -28.22 19.17
C TRP D 134 31.84 -29.41 18.20
N THR D 135 31.31 -30.59 18.61
CA THR D 135 31.36 -31.79 17.76
C THR D 135 30.02 -32.45 17.43
N ASN D 136 30.05 -33.43 16.49
CA ASN D 136 28.98 -34.32 16.01
C ASN D 136 27.95 -33.65 15.06
N SER D 137 28.43 -33.02 13.96
CA SER D 137 27.62 -32.39 12.92
C SER D 137 28.41 -32.12 11.62
N GLY D 138 27.68 -31.74 10.57
CA GLY D 138 28.25 -31.42 9.26
C GLY D 138 29.14 -30.19 9.26
N LEU D 139 28.67 -29.12 9.93
CA LEU D 139 29.38 -27.85 10.09
C LEU D 139 30.67 -28.05 10.92
N SER D 140 30.60 -28.93 11.93
CA SER D 140 31.71 -29.25 12.83
C SER D 140 32.87 -29.98 12.15
N LEU D 141 32.58 -31.13 11.49
CA LEU D 141 33.58 -31.98 10.84
C LEU D 141 34.36 -31.30 9.72
N LEU D 142 33.71 -30.41 8.95
CA LEU D 142 34.34 -29.69 7.83
C LEU D 142 35.28 -28.57 8.27
N THR D 143 35.07 -28.01 9.48
CA THR D 143 35.89 -26.92 10.03
C THR D 143 36.70 -27.34 11.27
N ARG D 144 36.59 -28.63 11.68
CA ARG D 144 37.23 -29.24 12.85
C ARG D 144 36.79 -28.55 14.17
N GLY D 145 35.50 -28.20 14.21
CA GLY D 145 34.86 -27.56 15.35
C GLY D 145 35.05 -26.06 15.47
N GLU D 146 35.73 -25.43 14.49
CA GLU D 146 36.02 -23.99 14.49
C GLU D 146 34.79 -23.10 14.31
N ALA D 147 33.89 -23.45 13.37
CA ALA D 147 32.67 -22.70 13.07
C ALA D 147 31.69 -22.62 14.25
N VAL D 148 31.71 -23.64 15.12
CA VAL D 148 30.86 -23.72 16.32
C VAL D 148 31.37 -22.74 17.39
N VAL D 149 32.70 -22.66 17.59
CA VAL D 149 33.39 -21.77 18.53
C VAL D 149 33.13 -20.30 18.14
N ARG D 150 33.21 -20.01 16.83
CA ARG D 150 32.98 -18.69 16.25
C ARG D 150 31.54 -18.22 16.37
N TRP D 151 30.58 -19.17 16.40
CA TRP D 151 29.15 -18.89 16.57
C TRP D 151 28.88 -18.47 18.03
N GLN D 152 29.59 -19.09 19.00
CA GLN D 152 29.50 -18.81 20.43
C GLN D 152 29.91 -17.37 20.75
N ASN D 153 30.90 -16.84 20.01
CA ASN D 153 31.40 -15.47 20.15
C ASN D 153 30.38 -14.46 19.62
N LEU D 154 29.60 -14.86 18.58
CA LEU D 154 28.56 -14.04 17.95
C LEU D 154 27.36 -13.85 18.88
N VAL D 155 26.88 -14.96 19.49
CA VAL D 155 25.75 -14.95 20.42
C VAL D 155 26.18 -14.34 21.78
N GLY D 156 27.40 -14.64 22.20
CA GLY D 156 27.97 -14.13 23.45
C GLY D 156 27.87 -15.09 24.62
N VAL D 157 28.49 -16.28 24.49
CA VAL D 157 28.50 -17.31 25.53
C VAL D 157 29.52 -16.90 26.61
N ASP D 158 29.06 -16.80 27.87
CA ASP D 158 29.90 -16.42 29.00
C ASP D 158 30.78 -17.57 29.51
N HIS D 159 30.17 -18.77 29.71
CA HIS D 159 30.89 -19.95 30.22
C HIS D 159 30.43 -21.25 29.55
N MET D 160 31.33 -22.26 29.50
CA MET D 160 31.06 -23.58 28.92
C MET D 160 31.89 -24.72 29.55
N VAL D 161 31.37 -25.96 29.46
CA VAL D 161 32.04 -27.18 29.95
C VAL D 161 32.38 -28.10 28.75
N SER D 162 32.93 -29.31 28.98
CA SER D 162 33.33 -30.20 27.89
C SER D 162 33.16 -31.70 28.17
N HIS D 163 33.15 -32.50 27.07
CA HIS D 163 33.05 -33.97 27.04
C HIS D 163 33.46 -34.46 25.65
N CYS D 164 32.60 -34.25 24.63
CA CYS D 164 32.86 -34.65 23.25
C CYS D 164 33.69 -33.63 22.47
N GLU D 165 34.01 -32.49 23.12
CA GLU D 165 34.85 -31.42 22.56
C GLU D 165 36.29 -31.94 22.43
N TRP D 166 36.71 -32.81 23.37
CA TRP D 166 38.03 -33.43 23.45
C TRP D 166 38.30 -34.50 22.38
N THR D 167 37.26 -34.93 21.62
CA THR D 167 37.40 -35.93 20.55
C THR D 167 38.20 -35.40 19.35
N LEU D 168 38.35 -34.06 19.24
CA LEU D 168 39.12 -33.39 18.19
C LEU D 168 40.62 -33.53 18.42
N GLY D 169 41.02 -33.66 19.69
CA GLY D 169 42.40 -33.79 20.11
C GLY D 169 42.84 -32.67 21.02
N ARG D 170 43.81 -32.96 21.93
CA ARG D 170 44.37 -32.03 22.91
C ARG D 170 44.88 -30.71 22.28
N GLU D 171 45.56 -30.81 21.13
CA GLU D 171 46.11 -29.67 20.39
C GLU D 171 45.01 -28.78 19.80
N ARG D 172 43.92 -29.40 19.29
CA ARG D 172 42.79 -28.69 18.69
C ARG D 172 41.95 -27.93 19.72
N VAL D 173 41.69 -28.55 20.88
CA VAL D 173 40.90 -27.96 21.99
C VAL D 173 41.61 -26.69 22.48
N GLU D 174 42.93 -26.77 22.76
CA GLU D 174 43.77 -25.65 23.20
C GLU D 174 43.81 -24.52 22.17
N GLU D 175 43.74 -24.88 20.87
CA GLU D 175 43.72 -23.94 19.75
C GLU D 175 42.36 -23.24 19.65
N LEU D 176 41.25 -23.99 19.87
CA LEU D 176 39.89 -23.46 19.82
C LEU D 176 39.53 -22.60 21.03
N LEU D 177 40.13 -22.90 22.20
CA LEU D 177 39.89 -22.14 23.45
C LEU D 177 40.44 -20.72 23.38
N GLY D 178 41.48 -20.53 22.56
CA GLY D 178 42.10 -19.23 22.33
C GLY D 178 41.19 -18.31 21.54
N LEU D 179 40.39 -18.90 20.63
CA LEU D 179 39.42 -18.21 19.78
C LEU D 179 38.12 -17.94 20.55
N PHE D 180 37.80 -18.79 21.55
CA PHE D 180 36.60 -18.68 22.39
C PHE D 180 36.70 -17.47 23.31
N ARG D 181 35.83 -16.47 23.08
CA ARG D 181 35.78 -15.22 23.83
C ARG D 181 35.36 -15.38 25.30
N GLY D 182 34.51 -16.38 25.57
CA GLY D 182 34.05 -16.69 26.91
C GLY D 182 35.10 -17.38 27.76
N GLU D 183 34.76 -17.62 29.04
CA GLU D 183 35.67 -18.26 29.99
C GLU D 183 35.30 -19.73 30.22
N PHE D 184 36.22 -20.65 29.90
CA PHE D 184 36.03 -22.08 30.08
C PHE D 184 36.28 -22.44 31.55
N LEU D 185 35.32 -23.14 32.18
CA LEU D 185 35.42 -23.53 33.58
C LEU D 185 35.35 -25.04 33.77
N SER D 186 36.32 -25.59 34.54
CA SER D 186 36.44 -27.02 34.87
C SER D 186 37.30 -27.21 36.12
N TYR D 187 36.79 -28.00 37.08
CA TYR D 187 37.49 -28.32 38.33
C TYR D 187 38.21 -29.67 38.24
N ASN D 188 37.59 -30.64 37.55
CA ASN D 188 38.07 -32.01 37.40
C ASN D 188 39.22 -32.17 36.41
N ILE D 189 39.30 -31.33 35.36
CA ILE D 189 40.37 -31.41 34.35
C ILE D 189 41.72 -31.00 34.98
N VAL D 190 42.50 -32.02 35.40
CA VAL D 190 43.81 -31.89 36.04
C VAL D 190 44.90 -32.66 35.27
N ASP D 191 46.18 -32.35 35.55
CA ASP D 191 47.37 -32.97 34.95
C ASP D 191 47.51 -34.43 35.39
N ASP D 192 48.08 -35.27 34.52
CA ASP D 192 48.24 -36.71 34.76
C ASP D 192 49.28 -37.09 35.81
N LEU D 193 50.47 -36.47 35.75
CA LEU D 193 51.57 -36.79 36.68
C LEU D 193 51.44 -36.13 38.06
N PHE D 194 50.93 -34.89 38.17
CA PHE D 194 50.82 -34.19 39.47
C PHE D 194 49.38 -33.99 39.95
N GLY D 195 48.55 -33.37 39.12
CA GLY D 195 47.14 -33.11 39.43
C GLY D 195 46.77 -31.65 39.62
N ASP D 196 47.42 -30.76 38.85
CA ASP D 196 47.16 -29.32 38.88
C ASP D 196 46.08 -28.92 37.88
N PRO D 197 45.07 -28.11 38.29
CA PRO D 197 44.01 -27.72 37.34
C PRO D 197 44.50 -26.70 36.32
N LEU D 198 44.31 -27.01 35.02
CA LEU D 198 44.71 -26.16 33.90
C LEU D 198 43.72 -25.01 33.67
N PHE D 199 42.44 -25.24 33.98
CA PHE D 199 41.35 -24.28 33.82
C PHE D 199 40.77 -23.85 35.17
N PRO D 200 40.25 -22.60 35.33
CA PRO D 200 39.68 -22.20 36.63
C PRO D 200 38.44 -23.02 37.01
N ALA D 201 38.31 -23.36 38.30
CA ALA D 201 37.20 -24.14 38.84
C ALA D 201 35.89 -23.37 38.87
N TYR D 202 35.95 -22.04 39.13
CA TYR D 202 34.78 -21.17 39.23
C TYR D 202 35.04 -19.71 38.82
N ARG D 203 33.95 -18.91 38.72
CA ARG D 203 33.97 -17.49 38.42
C ARG D 203 32.80 -16.79 39.12
N ILE D 204 33.11 -15.74 39.90
CA ILE D 204 32.14 -14.97 40.67
C ILE D 204 31.69 -13.71 39.89
N HIS D 205 30.36 -13.57 39.70
CA HIS D 205 29.73 -12.46 39.01
C HIS D 205 28.94 -11.59 39.99
N ARG D 206 29.06 -10.26 39.86
CA ARG D 206 28.35 -9.30 40.70
C ARG D 206 26.94 -9.07 40.20
N VAL D 207 25.94 -9.54 40.98
CA VAL D 207 24.52 -9.37 40.66
C VAL D 207 23.91 -8.40 41.69
N GLY D 208 24.09 -7.11 41.42
CA GLY D 208 23.63 -6.03 42.28
C GLY D 208 24.33 -6.05 43.63
N PRO D 209 23.58 -6.23 44.74
CA PRO D 209 24.24 -6.31 46.05
C PRO D 209 24.79 -7.70 46.40
N TYR D 210 24.40 -8.73 45.61
CA TYR D 210 24.81 -10.13 45.81
C TYR D 210 25.88 -10.58 44.81
N ALA D 211 26.53 -11.72 45.10
CA ALA D 211 27.57 -12.32 44.25
C ALA D 211 27.21 -13.77 43.93
N LEU D 212 27.18 -14.11 42.62
CA LEU D 212 26.83 -15.44 42.12
C LEU D 212 28.07 -16.15 41.53
N ALA D 213 28.36 -17.36 42.02
CA ALA D 213 29.49 -18.16 41.55
C ALA D 213 29.05 -19.28 40.62
N VAL D 214 29.73 -19.41 39.47
CA VAL D 214 29.45 -20.45 38.47
C VAL D 214 30.60 -21.45 38.48
N VAL D 215 30.36 -22.67 39.00
CA VAL D 215 31.36 -23.73 39.10
C VAL D 215 31.23 -24.68 37.90
N GLY D 216 32.33 -24.81 37.15
CA GLY D 216 32.39 -25.67 35.96
C GLY D 216 32.75 -27.10 36.28
N ALA D 217 31.96 -28.04 35.74
CA ALA D 217 32.16 -29.48 35.93
C ALA D 217 32.06 -30.23 34.60
N SER D 218 33.16 -30.88 34.20
CA SER D 218 33.25 -31.67 32.98
C SER D 218 33.02 -33.15 33.25
N TYR D 219 32.71 -33.94 32.20
CA TYR D 219 32.45 -35.38 32.28
C TYR D 219 33.66 -36.14 32.84
N PRO D 220 33.49 -36.99 33.88
CA PRO D 220 34.65 -37.67 34.47
C PRO D 220 35.13 -38.93 33.75
N TYR D 221 34.25 -39.58 32.97
CA TYR D 221 34.56 -40.82 32.25
C TYR D 221 34.84 -40.55 30.76
N VAL D 222 35.61 -39.48 30.49
CA VAL D 222 36.01 -39.01 29.16
C VAL D 222 37.02 -39.97 28.49
N LYS D 223 38.00 -40.47 29.26
CA LYS D 223 39.04 -41.38 28.76
C LYS D 223 38.51 -42.75 28.32
N VAL D 224 37.44 -43.26 28.96
CA VAL D 224 36.84 -44.55 28.60
C VAL D 224 35.79 -44.44 27.49
N SER D 225 35.25 -43.22 27.25
CA SER D 225 34.24 -42.97 26.21
C SER D 225 34.86 -42.92 24.81
N HIS D 226 35.92 -42.10 24.61
CA HIS D 226 36.62 -41.95 23.33
C HIS D 226 38.10 -42.38 23.44
N PRO D 227 38.82 -42.69 22.32
CA PRO D 227 40.23 -43.13 22.42
C PRO D 227 41.13 -42.30 23.35
N GLU D 228 41.99 -43.01 24.11
CA GLU D 228 42.94 -42.47 25.09
C GLU D 228 43.98 -41.49 24.51
N SER D 229 44.28 -41.61 23.19
CA SER D 229 45.23 -40.77 22.47
C SER D 229 44.83 -39.29 22.40
N PHE D 230 43.51 -39.00 22.38
CA PHE D 230 42.97 -37.65 22.32
C PHE D 230 43.18 -36.86 23.62
N THR D 231 43.07 -37.53 24.79
CA THR D 231 43.24 -36.92 26.11
C THR D 231 44.48 -37.47 26.83
N GLU D 232 45.58 -37.69 26.09
CA GLU D 232 46.83 -38.21 26.63
C GLU D 232 47.55 -37.15 27.47
N GLY D 233 47.72 -37.46 28.75
CA GLY D 233 48.35 -36.55 29.73
C GLY D 233 47.34 -35.73 30.50
N LEU D 234 46.09 -36.23 30.62
CA LEU D 234 44.99 -35.56 31.33
C LEU D 234 44.23 -36.53 32.25
N SER D 235 43.66 -35.98 33.33
CA SER D 235 42.84 -36.71 34.31
C SER D 235 41.49 -36.00 34.44
N PHE D 236 40.41 -36.74 34.19
CA PHE D 236 39.03 -36.21 34.23
C PHE D 236 38.23 -36.68 35.45
N ALA D 237 38.71 -37.76 36.13
CA ALA D 237 38.12 -38.43 37.29
C ALA D 237 37.39 -37.51 38.29
N LEU D 238 36.20 -37.94 38.73
CA LEU D 238 35.34 -37.22 39.67
C LEU D 238 35.98 -37.16 41.07
N ASP D 239 36.31 -35.95 41.52
CA ASP D 239 36.93 -35.70 42.81
C ASP D 239 35.97 -34.92 43.72
N GLU D 240 35.40 -35.63 44.72
CA GLU D 240 34.45 -35.05 45.69
C GLU D 240 35.13 -34.07 46.64
N ARG D 241 36.42 -34.32 46.97
CA ARG D 241 37.24 -33.49 47.84
C ARG D 241 37.56 -32.14 47.15
N ARG D 242 37.92 -32.19 45.86
CA ARG D 242 38.25 -31.01 45.05
C ARG D 242 37.00 -30.17 44.73
N LEU D 243 35.84 -30.83 44.55
CA LEU D 243 34.55 -30.16 44.26
C LEU D 243 34.06 -29.37 45.47
N GLN D 244 34.14 -29.98 46.68
CA GLN D 244 33.75 -29.35 47.95
C GLN D 244 34.65 -28.16 48.26
N GLU D 245 35.97 -28.30 47.98
CA GLU D 245 36.98 -27.25 48.18
C GLU D 245 36.73 -26.04 47.27
N ALA D 246 36.31 -26.28 46.02
CA ALA D 246 35.99 -25.24 45.03
C ALA D 246 34.75 -24.43 45.43
N VAL D 247 33.73 -25.10 46.01
CA VAL D 247 32.49 -24.48 46.47
C VAL D 247 32.77 -23.65 47.73
N ASP D 248 33.53 -24.23 48.70
CA ASP D 248 33.90 -23.57 49.96
C ASP D 248 34.80 -22.35 49.74
N LYS D 249 35.73 -22.41 48.77
CA LYS D 249 36.65 -21.31 48.42
C LYS D 249 35.88 -20.15 47.79
N ALA D 250 34.84 -20.46 46.98
CA ALA D 250 33.98 -19.48 46.31
C ALA D 250 33.18 -18.65 47.31
N ARG D 251 32.54 -19.32 48.29
CA ARG D 251 31.74 -18.69 49.34
C ARG D 251 32.61 -17.87 50.31
N ALA D 252 33.88 -18.29 50.48
CA ALA D 252 34.86 -17.59 51.33
C ALA D 252 35.32 -16.28 50.70
N GLU D 253 35.38 -16.24 49.35
CA GLU D 253 35.80 -15.06 48.59
C GLU D 253 34.75 -13.93 48.59
N GLY D 254 33.47 -14.31 48.76
CA GLY D 254 32.36 -13.35 48.82
C GLY D 254 31.09 -13.76 48.11
N ALA D 255 31.05 -14.97 47.53
CA ALA D 255 29.87 -15.48 46.82
C ALA D 255 28.76 -15.93 47.76
N ASN D 256 27.52 -15.48 47.49
CA ASN D 256 26.34 -15.81 48.28
C ASN D 256 25.71 -17.13 47.81
N ALA D 257 25.49 -17.27 46.49
CA ALA D 257 24.90 -18.46 45.87
C ALA D 257 25.88 -19.17 44.93
N VAL D 258 25.82 -20.51 44.90
CA VAL D 258 26.69 -21.35 44.08
C VAL D 258 25.86 -22.12 43.03
N VAL D 259 26.18 -21.91 41.74
CA VAL D 259 25.53 -22.56 40.60
C VAL D 259 26.56 -23.47 39.91
N LEU D 260 26.22 -24.76 39.75
CA LEU D 260 27.10 -25.76 39.13
C LEU D 260 26.72 -26.06 37.68
N LEU D 261 27.54 -25.58 36.74
CA LEU D 261 27.41 -25.84 35.30
C LEU D 261 28.08 -27.20 35.11
N SER D 262 27.28 -28.27 35.04
CA SER D 262 27.78 -29.64 34.96
C SER D 262 27.42 -30.42 33.70
N HIS D 263 28.26 -31.42 33.39
CA HIS D 263 28.11 -32.37 32.29
C HIS D 263 28.41 -33.80 32.81
N ASN D 264 28.36 -33.98 34.15
CA ASN D 264 28.59 -35.25 34.83
C ASN D 264 27.42 -36.22 34.58
N GLY D 265 26.24 -35.67 34.32
CA GLY D 265 25.01 -36.41 34.10
C GLY D 265 24.03 -36.14 35.23
N MET D 266 22.75 -35.89 34.89
CA MET D 266 21.66 -35.58 35.82
C MET D 266 21.55 -36.53 37.01
N GLN D 267 21.76 -37.84 36.78
CA GLN D 267 21.70 -38.86 37.82
C GLN D 267 22.90 -38.76 38.79
N LEU D 268 24.11 -38.57 38.23
CA LEU D 268 25.35 -38.41 39.01
C LEU D 268 25.33 -37.08 39.78
N ASP D 269 24.74 -36.03 39.18
CA ASP D 269 24.60 -34.70 39.78
C ASP D 269 23.64 -34.73 40.98
N ALA D 270 22.60 -35.60 40.90
CA ALA D 270 21.61 -35.81 41.96
C ALA D 270 22.27 -36.51 43.15
N ALA D 271 23.22 -37.43 42.88
CA ALA D 271 23.99 -38.14 43.90
C ALA D 271 24.97 -37.19 44.59
N LEU D 272 25.51 -36.22 43.83
CA LEU D 272 26.44 -35.19 44.32
C LEU D 272 25.71 -34.12 45.14
N ALA D 273 24.40 -33.93 44.88
CA ALA D 273 23.55 -32.96 45.58
C ALA D 273 23.35 -33.32 47.05
N GLU D 274 23.35 -34.64 47.37
CA GLU D 274 23.17 -35.17 48.72
C GLU D 274 24.52 -35.40 49.43
N ARG D 275 25.64 -35.36 48.68
CA ARG D 275 26.99 -35.58 49.20
C ARG D 275 27.84 -34.30 49.35
N ILE D 276 27.62 -33.29 48.48
CA ILE D 276 28.37 -32.03 48.50
C ILE D 276 27.50 -30.89 49.04
N ARG D 277 28.06 -30.10 49.98
CA ARG D 277 27.40 -28.96 50.62
C ARG D 277 27.73 -27.65 49.90
N GLY D 278 26.80 -26.70 49.95
CA GLY D 278 26.98 -25.38 49.36
C GLY D 278 26.27 -25.11 48.05
N ILE D 279 26.18 -26.13 47.18
CA ILE D 279 25.54 -26.01 45.86
C ILE D 279 24.04 -25.78 45.99
N ASP D 280 23.53 -24.68 45.41
CA ASP D 280 22.13 -24.28 45.45
C ASP D 280 21.39 -24.62 44.14
N LEU D 281 22.12 -24.66 43.00
CA LEU D 281 21.56 -24.95 41.68
C LEU D 281 22.55 -25.75 40.82
N ILE D 282 22.06 -26.79 40.12
CA ILE D 282 22.86 -27.62 39.20
C ILE D 282 22.22 -27.56 37.80
N LEU D 283 23.00 -27.10 36.81
CA LEU D 283 22.56 -27.03 35.42
C LEU D 283 23.11 -28.25 34.68
N SER D 284 22.43 -29.39 34.89
CA SER D 284 22.79 -30.71 34.35
C SER D 284 22.69 -30.84 32.84
N GLY D 285 23.62 -31.61 32.27
CA GLY D 285 23.71 -31.93 30.86
C GLY D 285 24.04 -33.40 30.67
N HIS D 286 24.57 -33.77 29.47
CA HIS D 286 25.00 -35.13 29.07
C HIS D 286 23.85 -36.13 28.92
N THR D 287 22.87 -36.15 29.84
CA THR D 287 21.72 -37.06 29.84
C THR D 287 20.62 -36.67 28.84
N HIS D 288 20.72 -35.47 28.22
CA HIS D 288 19.80 -34.93 27.19
C HIS D 288 18.33 -34.81 27.68
N ASP D 289 18.12 -34.74 29.01
CA ASP D 289 16.79 -34.64 29.63
C ASP D 289 16.18 -33.24 29.53
N LEU D 290 14.88 -33.10 29.88
CA LEU D 290 14.14 -31.83 29.87
C LEU D 290 13.33 -31.66 31.15
N THR D 291 13.43 -30.47 31.79
CA THR D 291 12.72 -30.18 33.03
C THR D 291 12.00 -28.81 33.03
N PRO D 292 10.65 -28.78 32.80
CA PRO D 292 9.91 -27.52 32.86
C PRO D 292 9.84 -26.96 34.29
N ARG D 293 9.89 -27.86 35.30
CA ARG D 293 9.89 -27.54 36.72
C ARG D 293 11.22 -28.04 37.33
N PRO D 294 11.88 -27.27 38.24
CA PRO D 294 13.16 -27.74 38.80
C PRO D 294 13.02 -28.91 39.77
N TRP D 295 13.94 -29.89 39.66
CA TRP D 295 13.98 -31.10 40.49
C TRP D 295 14.71 -30.83 41.81
N ARG D 296 14.01 -31.03 42.94
CA ARG D 296 14.56 -30.78 44.28
C ARG D 296 15.16 -32.04 44.90
N VAL D 297 16.49 -32.05 45.06
CA VAL D 297 17.26 -33.14 45.66
C VAL D 297 18.05 -32.56 46.85
N GLY D 298 17.57 -32.83 48.05
CA GLY D 298 18.15 -32.33 49.29
C GLY D 298 17.92 -30.85 49.46
N LYS D 299 18.99 -30.05 49.26
CA LYS D 299 18.95 -28.59 49.36
C LYS D 299 19.46 -27.93 48.05
N THR D 300 19.25 -28.61 46.91
CA THR D 300 19.69 -28.15 45.59
C THR D 300 18.62 -28.38 44.51
N TRP D 301 18.44 -27.39 43.62
CA TRP D 301 17.50 -27.44 42.49
C TRP D 301 18.28 -27.88 41.24
N ILE D 302 17.75 -28.83 40.47
CA ILE D 302 18.41 -29.36 39.27
C ILE D 302 17.59 -29.02 38.00
N VAL D 303 18.23 -28.32 37.05
CA VAL D 303 17.63 -27.92 35.77
C VAL D 303 18.38 -28.61 34.62
N ALA D 304 17.65 -29.36 33.79
CA ALA D 304 18.20 -30.08 32.63
C ALA D 304 18.46 -29.13 31.45
N GLY D 305 19.44 -29.48 30.61
CA GLY D 305 19.85 -28.65 29.49
C GLY D 305 19.42 -29.03 28.09
N SER D 306 18.51 -30.04 27.96
CA SER D 306 17.97 -30.54 26.69
C SER D 306 19.05 -31.04 25.69
N ALA D 307 18.69 -31.14 24.40
CA ALA D 307 19.57 -31.61 23.33
C ALA D 307 19.32 -30.91 22.00
N ALA D 308 20.36 -30.86 21.13
CA ALA D 308 20.37 -30.26 19.78
C ALA D 308 19.92 -28.77 19.72
N GLY D 309 19.86 -28.12 20.88
CA GLY D 309 19.45 -26.73 21.03
C GLY D 309 17.99 -26.48 20.74
N LYS D 310 17.13 -27.48 20.99
CA LYS D 310 15.68 -27.40 20.78
C LYS D 310 14.98 -26.52 21.83
N ALA D 311 15.62 -26.36 23.00
CA ALA D 311 15.08 -25.58 24.12
C ALA D 311 16.13 -24.74 24.84
N LEU D 312 15.72 -23.53 25.27
CA LEU D 312 16.55 -22.61 26.05
C LEU D 312 15.89 -22.46 27.43
N MET D 313 16.59 -22.90 28.47
CA MET D 313 16.11 -22.84 29.85
C MET D 313 16.43 -21.52 30.52
N ARG D 314 15.39 -20.68 30.74
CA ARG D 314 15.53 -19.40 31.40
C ARG D 314 15.34 -19.61 32.90
N VAL D 315 16.43 -19.48 33.67
CA VAL D 315 16.40 -19.67 35.12
C VAL D 315 16.57 -18.33 35.84
N ASP D 316 15.43 -17.69 36.17
CA ASP D 316 15.40 -16.41 36.88
C ASP D 316 15.59 -16.70 38.37
N LEU D 317 16.67 -16.16 38.97
CA LEU D 317 17.01 -16.42 40.37
C LEU D 317 16.84 -15.22 41.28
N LYS D 318 16.18 -15.44 42.43
CA LYS D 318 16.01 -14.45 43.48
C LYS D 318 17.05 -14.84 44.54
N LEU D 319 18.04 -13.99 44.76
CA LEU D 319 19.16 -14.28 45.67
C LEU D 319 19.04 -13.66 47.06
N TRP D 320 19.62 -14.37 48.05
CA TRP D 320 19.70 -13.92 49.45
C TRP D 320 21.14 -14.09 49.96
N LYS D 321 21.40 -13.75 51.23
CA LYS D 321 22.74 -13.80 51.85
C LYS D 321 23.37 -15.21 51.89
N GLY D 322 22.55 -16.26 51.99
CA GLY D 322 23.03 -17.63 52.06
C GLY D 322 22.59 -18.57 50.95
N GLY D 323 22.55 -18.07 49.71
CA GLY D 323 22.18 -18.87 48.55
C GLY D 323 21.04 -18.31 47.72
N ILE D 324 20.24 -19.22 47.13
CA ILE D 324 19.08 -18.87 46.29
C ILE D 324 17.80 -18.94 47.12
N ALA D 325 17.06 -17.82 47.18
CA ALA D 325 15.79 -17.69 47.91
C ALA D 325 14.66 -18.44 47.19
N ASN D 326 14.42 -18.10 45.91
CA ASN D 326 13.39 -18.71 45.05
C ASN D 326 13.82 -18.61 43.59
N LEU D 327 13.25 -19.46 42.71
CA LEU D 327 13.58 -19.49 41.30
C LEU D 327 12.39 -19.75 40.36
N ARG D 328 12.50 -19.26 39.12
CA ARG D 328 11.50 -19.45 38.07
C ARG D 328 12.17 -20.11 36.86
N VAL D 329 11.75 -21.34 36.55
CA VAL D 329 12.30 -22.12 35.44
C VAL D 329 11.28 -22.18 34.31
N ARG D 330 11.65 -21.64 33.14
CA ARG D 330 10.80 -21.61 31.95
C ARG D 330 11.53 -22.19 30.75
N VAL D 331 11.01 -23.31 30.22
CA VAL D 331 11.58 -23.98 29.05
C VAL D 331 11.03 -23.29 27.79
N LEU D 332 11.88 -22.50 27.13
CA LEU D 332 11.51 -21.75 25.94
C LEU D 332 11.77 -22.58 24.67
N PRO D 333 10.72 -22.90 23.89
CA PRO D 333 10.93 -23.72 22.68
C PRO D 333 11.59 -22.95 21.56
N VAL D 334 12.73 -23.47 21.06
CA VAL D 334 13.48 -22.84 19.96
C VAL D 334 12.83 -23.28 18.64
N LEU D 335 11.80 -22.53 18.22
CA LEU D 335 11.06 -22.79 16.99
C LEU D 335 11.35 -21.69 15.97
N ALA D 336 12.07 -22.04 14.89
CA ALA D 336 12.47 -21.12 13.82
C ALA D 336 11.29 -20.46 13.10
N GLU D 337 10.14 -21.17 13.01
CA GLU D 337 8.91 -20.70 12.37
C GLU D 337 8.20 -19.60 13.16
N HIS D 338 8.49 -19.49 14.48
CA HIS D 338 7.84 -18.51 15.37
C HIS D 338 8.81 -17.52 16.04
N LEU D 339 10.11 -17.62 15.71
CA LEU D 339 11.16 -16.75 16.24
C LEU D 339 11.72 -15.80 15.16
N PRO D 340 12.21 -14.58 15.53
CA PRO D 340 12.77 -13.67 14.50
C PRO D 340 14.05 -14.19 13.84
N LYS D 341 14.46 -13.55 12.73
CA LYS D 341 15.64 -13.95 11.98
C LYS D 341 16.92 -13.24 12.43
N ALA D 342 17.96 -14.02 12.78
CA ALA D 342 19.26 -13.50 13.17
C ALA D 342 20.14 -13.58 11.91
N GLU D 343 19.97 -12.57 11.03
CA GLU D 343 20.62 -12.45 9.72
C GLU D 343 22.15 -12.54 9.74
N ASP D 344 22.81 -12.10 10.84
CA ASP D 344 24.27 -12.17 10.98
C ASP D 344 24.77 -13.62 11.05
N VAL D 345 24.08 -14.47 11.84
CA VAL D 345 24.40 -15.89 12.01
C VAL D 345 24.08 -16.64 10.70
N GLU D 346 22.96 -16.28 10.04
CA GLU D 346 22.52 -16.84 8.76
C GLU D 346 23.52 -16.54 7.64
N ALA D 347 24.11 -15.33 7.64
CA ALA D 347 25.12 -14.92 6.66
C ALA D 347 26.46 -15.61 6.94
N PHE D 348 26.73 -15.91 8.23
CA PHE D 348 27.93 -16.60 8.70
C PHE D 348 27.89 -18.06 8.26
N LEU D 349 26.76 -18.75 8.48
CA LEU D 349 26.55 -20.16 8.13
C LEU D 349 26.54 -20.38 6.62
N LYS D 350 26.02 -19.41 5.85
CA LYS D 350 25.96 -19.46 4.37
C LYS D 350 27.37 -19.35 3.79
N ALA D 351 28.22 -18.47 4.36
CA ALA D 351 29.60 -18.26 3.94
C ALA D 351 30.50 -19.42 4.33
N GLN D 352 30.26 -20.04 5.50
CA GLN D 352 31.03 -21.17 6.01
C GLN D 352 30.78 -22.47 5.24
N LEU D 353 29.55 -22.68 4.74
CA LEU D 353 29.18 -23.89 4.00
C LEU D 353 28.78 -23.61 2.54
N ALA D 354 29.36 -22.57 1.92
CA ALA D 354 29.12 -22.20 0.51
C ALA D 354 29.65 -23.27 -0.46
N PRO D 355 30.91 -23.81 -0.35
CA PRO D 355 31.33 -24.85 -1.30
C PRO D 355 30.82 -26.26 -0.94
N HIS D 356 30.27 -26.43 0.28
CA HIS D 356 29.75 -27.72 0.76
C HIS D 356 28.21 -27.77 0.75
N GLN D 357 27.54 -26.80 0.08
CA GLN D 357 26.08 -26.73 -0.03
C GLN D 357 25.52 -27.87 -0.88
N ASP D 358 26.19 -28.19 -2.01
CA ASP D 358 25.79 -29.26 -2.92
C ASP D 358 26.08 -30.66 -2.37
N HIS D 359 26.88 -30.76 -1.29
CA HIS D 359 27.23 -32.02 -0.66
C HIS D 359 26.28 -32.32 0.52
N LEU D 360 26.17 -31.38 1.48
CA LEU D 360 25.38 -31.49 2.70
C LEU D 360 23.85 -31.50 2.55
N PHE D 361 23.30 -30.82 1.52
CA PHE D 361 21.85 -30.69 1.38
C PHE D 361 21.22 -31.45 0.19
N THR D 362 22.02 -32.14 -0.63
CA THR D 362 21.48 -32.92 -1.77
C THR D 362 20.86 -34.23 -1.25
N PRO D 363 19.57 -34.52 -1.57
CA PRO D 363 18.95 -35.76 -1.07
C PRO D 363 19.55 -37.04 -1.62
N LEU D 364 19.76 -38.02 -0.72
CA LEU D 364 20.33 -39.33 -1.04
C LEU D 364 19.20 -40.38 -1.17
N ALA D 365 18.25 -40.36 -0.21
CA ALA D 365 17.09 -41.25 -0.17
C ALA D 365 15.91 -40.63 0.59
N VAL D 366 14.68 -40.97 0.17
CA VAL D 366 13.44 -40.46 0.80
C VAL D 366 12.91 -41.52 1.77
N SER D 367 12.75 -41.15 3.05
CA SER D 367 12.25 -42.04 4.09
C SER D 367 10.71 -42.02 4.12
N GLU D 368 10.10 -43.21 4.14
CA GLU D 368 8.64 -43.38 4.17
C GLU D 368 8.08 -43.45 5.59
N THR D 369 8.93 -43.79 6.58
CA THR D 369 8.56 -43.91 8.00
C THR D 369 9.45 -43.01 8.89
N LEU D 370 9.05 -42.82 10.16
CA LEU D 370 9.77 -42.01 11.13
C LEU D 370 11.07 -42.68 11.57
N LEU D 371 12.18 -41.92 11.54
CA LEU D 371 13.51 -42.39 11.93
C LEU D 371 14.02 -41.66 13.18
N TYR D 372 13.86 -42.27 14.36
CA TYR D 372 14.32 -41.70 15.63
C TYR D 372 15.57 -42.40 16.15
N LYS D 373 16.40 -41.67 16.91
CA LYS D 373 17.66 -42.18 17.48
C LYS D 373 17.55 -42.48 18.98
N ARG D 374 16.96 -41.55 19.76
CA ARG D 374 16.81 -41.65 21.21
C ARG D 374 15.88 -42.77 21.66
N ASP D 375 16.39 -43.64 22.56
CA ASP D 375 15.74 -44.81 23.21
C ASP D 375 16.78 -45.47 24.12
N THR D 376 16.34 -46.41 24.99
CA THR D 376 17.19 -47.14 25.91
C THR D 376 17.69 -48.45 25.27
N LEU D 377 16.85 -49.12 24.46
CA LEU D 377 17.21 -50.41 23.84
C LEU D 377 17.12 -50.46 22.31
N TYR D 378 16.00 -50.02 21.70
CA TYR D 378 15.83 -50.09 20.24
C TYR D 378 15.25 -48.82 19.62
N SER D 379 15.84 -48.40 18.48
CA SER D 379 15.42 -47.24 17.68
C SER D 379 15.35 -47.61 16.19
N THR D 380 14.47 -46.92 15.43
CA THR D 380 14.27 -47.18 14.00
C THR D 380 15.50 -46.81 13.14
N TRP D 381 16.22 -45.73 13.49
CA TRP D 381 17.42 -45.31 12.74
C TRP D 381 18.53 -46.36 12.81
N ASP D 382 18.75 -46.95 14.00
CA ASP D 382 19.77 -47.96 14.22
C ASP D 382 19.46 -49.29 13.49
N GLN D 383 18.19 -49.53 13.15
CA GLN D 383 17.77 -50.71 12.39
C GLN D 383 18.16 -50.49 10.91
N LEU D 384 18.05 -49.23 10.43
CA LEU D 384 18.42 -48.81 9.07
C LEU D 384 19.94 -48.97 8.88
N VAL D 385 20.74 -48.62 9.92
CA VAL D 385 22.20 -48.73 9.93
C VAL D 385 22.57 -50.22 9.83
N GLY D 386 21.87 -51.07 10.61
CA GLY D 386 22.05 -52.52 10.63
C GLY D 386 21.69 -53.15 9.30
N GLU D 387 20.63 -52.62 8.64
CA GLU D 387 20.17 -53.07 7.32
C GLU D 387 21.14 -52.63 6.23
N ALA D 388 21.75 -51.44 6.37
CA ALA D 388 22.72 -50.88 5.42
C ALA D 388 24.03 -51.68 5.40
N VAL D 389 24.53 -52.07 6.60
CA VAL D 389 25.75 -52.86 6.76
C VAL D 389 25.55 -54.28 6.21
N LYS D 390 24.40 -54.91 6.53
CA LYS D 390 24.04 -56.26 6.08
C LYS D 390 23.77 -56.36 4.57
N ALA D 391 23.39 -55.24 3.91
CA ALA D 391 23.13 -55.22 2.47
C ALA D 391 24.43 -55.21 1.67
N ILE D 392 25.39 -54.35 2.06
CA ILE D 392 26.71 -54.22 1.42
C ILE D 392 27.59 -55.42 1.82
N TYR D 393 27.63 -55.75 3.12
CA TYR D 393 28.39 -56.86 3.67
C TYR D 393 27.42 -57.97 4.15
N PRO D 394 27.08 -58.96 3.29
CA PRO D 394 26.13 -60.01 3.72
C PRO D 394 26.72 -61.05 4.68
N GLU D 395 28.07 -61.10 4.78
CA GLU D 395 28.81 -62.02 5.65
C GLU D 395 28.60 -61.71 7.14
N VAL D 396 28.28 -60.43 7.45
CA VAL D 396 28.04 -59.93 8.82
C VAL D 396 26.77 -60.55 9.41
N GLU D 397 26.90 -61.13 10.61
CA GLU D 397 25.79 -61.77 11.33
C GLU D 397 25.15 -60.83 12.36
N VAL D 398 25.95 -59.95 12.99
CA VAL D 398 25.48 -58.99 14.00
C VAL D 398 26.06 -57.58 13.78
N VAL D 399 25.19 -56.55 13.79
CA VAL D 399 25.59 -55.15 13.60
C VAL D 399 25.40 -54.35 14.90
N PHE D 400 26.50 -54.14 15.64
CA PHE D 400 26.51 -53.39 16.90
C PHE D 400 26.53 -51.88 16.61
N SER D 401 25.48 -51.17 17.05
CA SER D 401 25.35 -49.72 16.87
C SER D 401 25.46 -48.98 18.22
N PRO D 402 26.25 -47.89 18.31
CA PRO D 402 26.36 -47.18 19.59
C PRO D 402 25.08 -46.45 19.97
N ALA D 403 24.64 -46.60 21.22
CA ALA D 403 23.43 -45.98 21.73
C ALA D 403 23.71 -44.56 22.25
N VAL D 404 24.20 -43.69 21.36
CA VAL D 404 24.51 -42.29 21.65
C VAL D 404 23.23 -41.46 21.71
N ARG D 405 23.16 -40.56 22.71
CA ARG D 405 21.99 -39.70 22.96
C ARG D 405 21.81 -38.62 21.89
N TRP D 406 22.90 -38.23 21.20
CA TRP D 406 22.87 -37.21 20.14
C TRP D 406 22.44 -37.76 18.79
N GLY D 407 21.76 -36.93 18.01
CA GLY D 407 21.26 -37.25 16.69
C GLY D 407 20.21 -36.29 16.20
N THR D 408 19.33 -36.78 15.29
CA THR D 408 18.22 -36.03 14.69
C THR D 408 17.03 -36.98 14.46
N THR D 409 15.95 -36.49 13.81
CA THR D 409 14.74 -37.26 13.52
C THR D 409 14.24 -36.97 12.10
N ILE D 410 14.06 -38.04 11.31
CA ILE D 410 13.58 -37.95 9.93
C ILE D 410 12.07 -38.25 9.91
N LEU D 411 11.27 -37.28 9.44
CA LEU D 411 9.81 -37.40 9.36
C LEU D 411 9.36 -38.24 8.15
N PRO D 412 8.12 -38.81 8.13
CA PRO D 412 7.70 -39.58 6.94
C PRO D 412 7.50 -38.66 5.74
N GLY D 413 8.25 -38.94 4.67
CA GLY D 413 8.24 -38.16 3.44
C GLY D 413 9.47 -37.28 3.29
N GLN D 414 10.16 -37.00 4.42
CA GLN D 414 11.38 -36.20 4.47
C GLN D 414 12.57 -36.99 3.91
N ALA D 415 13.43 -36.32 3.13
CA ALA D 415 14.61 -36.92 2.52
C ALA D 415 15.84 -36.82 3.41
N ILE D 416 16.63 -37.90 3.45
CA ILE D 416 17.87 -37.99 4.23
C ILE D 416 19.02 -37.41 3.41
N THR D 417 19.72 -36.41 3.98
CA THR D 417 20.85 -35.74 3.33
C THR D 417 22.17 -36.07 4.05
N TRP D 418 23.32 -35.60 3.51
CA TRP D 418 24.65 -35.82 4.10
C TRP D 418 24.78 -35.19 5.49
N ASP D 419 24.14 -34.02 5.70
CA ASP D 419 24.13 -33.30 6.97
C ASP D 419 23.42 -34.12 8.06
N HIS D 420 22.39 -34.90 7.68
CA HIS D 420 21.67 -35.80 8.59
C HIS D 420 22.56 -36.97 9.00
N LEU D 421 23.38 -37.48 8.06
CA LEU D 421 24.33 -38.57 8.29
C LEU D 421 25.43 -38.13 9.26
N TYR D 422 25.86 -36.86 9.16
CA TYR D 422 26.87 -36.28 10.04
C TYR D 422 26.23 -35.92 11.40
N ALA D 423 24.90 -35.73 11.43
CA ALA D 423 24.16 -35.44 12.66
C ALA D 423 23.91 -36.73 13.43
N TYR D 424 23.81 -37.87 12.72
CA TYR D 424 23.58 -39.19 13.29
C TYR D 424 24.89 -39.92 13.63
N THR D 425 25.88 -39.87 12.71
CA THR D 425 27.18 -40.55 12.85
C THR D 425 28.36 -39.59 12.61
N GLY D 426 28.40 -38.51 13.38
CA GLY D 426 29.44 -37.49 13.27
C GLY D 426 30.63 -37.66 14.20
N PHE D 427 31.13 -38.90 14.32
CA PHE D 427 32.28 -39.22 15.16
C PHE D 427 33.57 -38.78 14.49
N THR D 428 34.59 -38.41 15.29
CA THR D 428 35.93 -38.04 14.80
C THR D 428 36.65 -39.35 14.39
N TYR D 429 36.16 -40.48 14.93
CA TYR D 429 36.60 -41.85 14.68
C TYR D 429 35.37 -42.62 14.11
N PRO D 430 34.98 -42.39 12.82
CA PRO D 430 33.78 -43.06 12.30
C PRO D 430 34.00 -44.39 11.60
N GLU D 431 35.24 -44.94 11.70
CA GLU D 431 35.65 -46.21 11.09
C GLU D 431 34.80 -47.40 11.52
N LEU D 432 34.24 -48.12 10.52
CA LEU D 432 33.43 -49.32 10.74
C LEU D 432 34.38 -50.51 10.71
N TYR D 433 34.40 -51.30 11.80
CA TYR D 433 35.28 -52.45 11.94
C TYR D 433 34.53 -53.77 11.82
N LEU D 434 35.03 -54.67 10.95
CA LEU D 434 34.48 -56.01 10.74
C LEU D 434 35.42 -56.99 11.46
N PHE D 435 34.89 -57.66 12.50
CA PHE D 435 35.66 -58.58 13.35
C PHE D 435 34.83 -59.72 13.91
N TYR D 436 35.46 -60.89 14.08
CA TYR D 436 34.82 -62.09 14.63
C TYR D 436 34.79 -62.04 16.16
N LEU D 437 33.62 -62.39 16.74
CA LEU D 437 33.40 -62.45 18.18
C LEU D 437 32.78 -63.78 18.56
N ARG D 438 33.23 -64.37 19.68
CA ARG D 438 32.70 -65.63 20.20
C ARG D 438 31.33 -65.35 20.85
N GLY D 439 30.48 -66.38 20.89
CA GLY D 439 29.14 -66.30 21.48
C GLY D 439 29.14 -65.88 22.94
N ALA D 440 30.16 -66.30 23.69
CA ALA D 440 30.35 -65.96 25.11
C ALA D 440 30.71 -64.48 25.29
N GLN D 441 31.45 -63.90 24.31
CA GLN D 441 31.85 -62.48 24.31
C GLN D 441 30.66 -61.56 24.10
N ILE D 442 29.79 -61.88 23.11
CA ILE D 442 28.57 -61.13 22.76
C ILE D 442 27.63 -61.02 23.98
N LYS D 443 27.44 -62.13 24.71
CA LYS D 443 26.62 -62.20 25.92
C LYS D 443 27.24 -61.38 27.06
N ALA D 444 28.57 -61.48 27.23
CA ALA D 444 29.33 -60.76 28.27
C ALA D 444 29.33 -59.24 28.04
N VAL D 445 29.36 -58.80 26.75
CA VAL D 445 29.34 -57.39 26.37
C VAL D 445 27.96 -56.78 26.66
N LEU D 446 26.87 -57.47 26.25
CA LEU D 446 25.49 -57.04 26.48
C LEU D 446 25.18 -56.92 27.98
N GLU D 447 25.76 -57.83 28.79
CA GLU D 447 25.61 -57.85 30.25
C GLU D 447 26.41 -56.72 30.90
N ASP D 448 27.58 -56.37 30.31
CA ASP D 448 28.48 -55.30 30.78
C ASP D 448 27.83 -53.93 30.66
N ILE D 449 27.09 -53.68 29.54
CA ILE D 449 26.38 -52.41 29.30
C ILE D 449 25.15 -52.33 30.20
N ALA D 450 24.38 -53.45 30.33
CA ALA D 450 23.18 -53.55 31.16
C ALA D 450 23.47 -53.31 32.65
N SER D 451 24.66 -53.76 33.13
CA SER D 451 25.10 -53.57 34.52
C SER D 451 25.56 -52.13 34.76
N ASN D 452 25.82 -51.38 33.67
CA ASN D 452 26.25 -49.99 33.69
C ASN D 452 25.09 -49.01 33.52
N VAL D 453 24.09 -49.39 32.70
CA VAL D 453 22.90 -48.58 32.42
C VAL D 453 21.84 -48.75 33.54
N PHE D 454 21.49 -50.01 33.89
CA PHE D 454 20.49 -50.31 34.91
C PHE D 454 21.10 -50.53 36.31
N THR D 455 21.92 -49.58 36.76
CA THR D 455 22.55 -49.62 38.09
C THR D 455 21.61 -48.94 39.09
N SER D 456 21.39 -49.58 40.25
CA SER D 456 20.52 -49.08 41.32
C SER D 456 21.04 -47.77 41.93
N ASP D 457 22.37 -47.62 42.02
CA ASP D 457 23.02 -46.42 42.55
C ASP D 457 23.30 -45.44 41.40
N PRO D 458 22.93 -44.14 41.52
CA PRO D 458 23.19 -43.20 40.42
C PRO D 458 24.64 -42.73 40.29
N PHE D 459 25.49 -43.11 41.26
CA PHE D 459 26.92 -42.75 41.29
C PHE D 459 27.75 -43.53 40.26
N TYR D 460 27.30 -44.77 39.92
CA TYR D 460 27.96 -45.67 38.96
C TYR D 460 27.39 -45.55 37.53
N GLN D 461 26.69 -44.44 37.23
CA GLN D 461 26.08 -44.19 35.92
C GLN D 461 27.03 -43.49 34.95
N GLN D 462 27.20 -44.07 33.74
CA GLN D 462 28.06 -43.52 32.68
C GLN D 462 27.58 -43.94 31.26
N GLY D 463 28.14 -43.29 30.24
CA GLY D 463 27.82 -43.54 28.84
C GLY D 463 26.49 -42.94 28.42
N GLY D 464 25.74 -43.71 27.64
CA GLY D 464 24.43 -43.32 27.14
C GLY D 464 23.36 -44.32 27.49
N ASP D 465 23.10 -45.27 26.57
CA ASP D 465 22.09 -46.32 26.74
C ASP D 465 22.66 -47.69 26.30
N VAL D 466 21.83 -48.74 26.28
CA VAL D 466 22.24 -50.09 25.88
C VAL D 466 22.41 -50.15 24.36
N SER D 467 23.62 -50.57 23.91
CA SER D 467 23.99 -50.68 22.49
C SER D 467 23.03 -51.58 21.71
N ARG D 468 22.49 -51.05 20.62
CA ARG D 468 21.52 -51.74 19.75
C ARG D 468 22.23 -52.61 18.74
N VAL D 469 22.04 -53.93 18.87
CA VAL D 469 22.65 -54.91 17.99
C VAL D 469 21.60 -55.56 17.07
N PHE D 470 21.74 -55.30 15.75
CA PHE D 470 20.84 -55.82 14.72
C PHE D 470 21.34 -57.20 14.27
N GLY D 471 20.43 -58.17 14.29
CA GLY D 471 20.73 -59.54 13.92
C GLY D 471 20.31 -60.55 14.97
N LEU D 472 20.34 -60.15 16.25
CA LEU D 472 19.95 -61.03 17.36
C LEU D 472 18.74 -60.52 18.16
N ARG D 473 18.07 -61.45 18.87
CA ARG D 473 16.92 -61.19 19.73
C ARG D 473 17.24 -61.67 21.15
N TYR D 474 16.94 -60.84 22.17
CA TYR D 474 17.22 -61.18 23.57
C TYR D 474 16.17 -60.65 24.55
N VAL D 475 16.01 -61.34 25.69
CA VAL D 475 15.09 -60.99 26.77
C VAL D 475 15.91 -60.27 27.86
N LEU D 476 15.46 -59.06 28.26
CA LEU D 476 16.15 -58.25 29.26
C LEU D 476 15.34 -58.07 30.55
N ASP D 477 16.03 -58.16 31.70
CA ASP D 477 15.46 -57.97 33.03
C ASP D 477 16.35 -56.96 33.78
N PRO D 478 15.91 -55.68 33.91
CA PRO D 478 16.78 -54.67 34.56
C PRO D 478 16.99 -54.84 36.06
N ASP D 479 16.01 -55.46 36.76
CA ASP D 479 16.06 -55.68 38.21
C ASP D 479 16.91 -56.91 38.60
N ALA D 480 17.25 -57.77 37.62
CA ALA D 480 18.07 -58.97 37.80
C ALA D 480 19.53 -58.64 38.18
N PRO D 481 20.27 -59.52 38.89
CA PRO D 481 21.67 -59.18 39.25
C PRO D 481 22.63 -59.25 38.05
N THR D 482 23.89 -58.80 38.26
CA THR D 482 24.94 -58.78 37.23
C THR D 482 25.26 -60.21 36.76
N GLY D 483 25.13 -60.43 35.45
CA GLY D 483 25.36 -61.73 34.81
C GLY D 483 24.09 -62.53 34.64
N GLU D 484 22.93 -61.91 34.93
CA GLU D 484 21.59 -62.53 34.83
C GLU D 484 20.58 -61.63 34.10
N ARG D 485 20.95 -60.35 33.84
CA ARG D 485 20.13 -59.34 33.18
C ARG D 485 19.75 -59.73 31.74
N VAL D 486 20.75 -60.17 30.94
CA VAL D 486 20.57 -60.59 29.55
C VAL D 486 20.35 -62.10 29.51
N ARG D 487 19.19 -62.53 28.96
CA ARG D 487 18.79 -63.93 28.85
C ARG D 487 18.08 -64.23 27.52
N GLU D 488 18.01 -65.54 27.15
CA GLU D 488 17.37 -66.06 25.93
C GLU D 488 17.88 -65.39 24.64
N VAL D 489 19.22 -65.33 24.47
CA VAL D 489 19.87 -64.73 23.31
C VAL D 489 19.77 -65.67 22.11
N GLU D 490 19.30 -65.15 20.96
CA GLU D 490 19.16 -65.94 19.73
C GLU D 490 19.61 -65.14 18.50
N VAL D 491 20.71 -65.59 17.86
CA VAL D 491 21.31 -64.96 16.68
C VAL D 491 20.78 -65.62 15.40
N GLY D 492 20.06 -64.83 14.60
CA GLY D 492 19.48 -65.24 13.33
C GLY D 492 18.43 -66.34 13.42
N GLY D 493 17.55 -66.23 14.43
CA GLY D 493 16.48 -67.19 14.67
C GLY D 493 16.92 -68.51 15.28
N ARG D 494 18.18 -68.58 15.74
CA ARG D 494 18.78 -69.77 16.35
C ARG D 494 19.45 -69.40 17.69
N PRO D 495 19.33 -70.23 18.75
CA PRO D 495 19.93 -69.87 20.05
C PRO D 495 21.45 -69.63 20.01
N LEU D 496 21.93 -68.72 20.88
CA LEU D 496 23.32 -68.32 21.00
C LEU D 496 24.23 -69.46 21.49
N ASP D 497 25.24 -69.81 20.67
CA ASP D 497 26.24 -70.83 20.98
C ASP D 497 27.48 -70.12 21.52
N PRO D 498 27.87 -70.34 22.79
CA PRO D 498 29.03 -69.61 23.36
C PRO D 498 30.40 -69.91 22.74
N ASN D 499 30.51 -71.00 21.97
CA ASN D 499 31.77 -71.41 21.32
C ASN D 499 31.87 -71.00 19.85
N ARG D 500 30.72 -70.73 19.19
CA ARG D 500 30.64 -70.34 17.78
C ARG D 500 31.19 -68.92 17.54
N ARG D 501 31.93 -68.74 16.43
CA ARG D 501 32.52 -67.45 16.03
C ARG D 501 31.56 -66.72 15.09
N TYR D 502 31.00 -65.59 15.55
CA TYR D 502 30.05 -64.76 14.80
C TYR D 502 30.74 -63.49 14.29
N LEU D 503 30.53 -63.14 13.00
CA LEU D 503 31.11 -61.92 12.42
C LEU D 503 30.30 -60.70 12.85
N ALA D 504 30.95 -59.79 13.59
CA ALA D 504 30.34 -58.57 14.12
C ALA D 504 30.89 -57.29 13.46
N ALA D 505 30.02 -56.27 13.34
CA ALA D 505 30.36 -54.97 12.77
C ALA D 505 29.97 -53.86 13.76
N ALA D 506 30.97 -53.08 14.22
CA ALA D 506 30.77 -52.00 15.18
C ALA D 506 31.56 -50.75 14.84
N TYR D 507 30.99 -49.56 15.15
CA TYR D 507 31.59 -48.26 14.90
C TYR D 507 31.43 -47.33 16.12
N GLY D 508 32.41 -46.45 16.31
CA GLY D 508 32.43 -45.48 17.41
C GLY D 508 32.46 -46.08 18.80
N GLY D 509 33.24 -47.15 18.96
CA GLY D 509 33.40 -47.85 20.22
C GLY D 509 34.79 -48.43 20.43
N ARG D 510 34.87 -49.52 21.21
CA ARG D 510 36.11 -50.22 21.56
C ARG D 510 35.96 -51.74 21.43
N LEU D 511 34.85 -52.20 20.81
CA LEU D 511 34.53 -53.63 20.60
C LEU D 511 35.52 -54.35 19.68
N GLN D 512 36.17 -53.62 18.76
CA GLN D 512 37.16 -54.15 17.82
C GLN D 512 38.45 -54.66 18.49
N ARG D 513 38.76 -54.16 19.70
CA ARG D 513 39.95 -54.51 20.48
C ARG D 513 39.90 -55.96 21.00
N VAL D 514 38.72 -56.44 21.40
CA VAL D 514 38.52 -57.80 21.93
C VAL D 514 38.22 -58.84 20.82
N GLY D 515 37.82 -58.35 19.64
CA GLY D 515 37.50 -59.18 18.49
C GLY D 515 38.63 -59.38 17.51
N GLU D 516 38.60 -60.50 16.77
CA GLU D 516 39.60 -60.87 15.75
C GLU D 516 39.18 -60.29 14.40
N ALA D 517 39.91 -59.27 13.92
CA ALA D 517 39.66 -58.55 12.66
C ALA D 517 39.55 -59.44 11.43
N LYS D 518 38.58 -59.13 10.54
CA LYS D 518 38.30 -59.86 9.29
C LYS D 518 39.44 -59.65 8.28
N PRO D 519 40.00 -60.73 7.69
CA PRO D 519 41.09 -60.55 6.71
C PRO D 519 40.60 -60.04 5.35
N GLY D 520 41.34 -59.08 4.79
CA GLY D 520 41.03 -58.46 3.51
C GLY D 520 40.26 -57.15 3.62
N TYR D 521 39.49 -56.98 4.71
CA TYR D 521 38.68 -55.78 4.95
C TYR D 521 39.52 -54.64 5.52
N GLU D 522 39.25 -53.41 5.04
CA GLU D 522 39.88 -52.18 5.48
C GLU D 522 38.84 -51.29 6.17
N PRO D 523 39.10 -50.78 7.40
CA PRO D 523 38.09 -49.95 8.09
C PRO D 523 37.87 -48.59 7.44
N ARG D 524 36.63 -48.36 6.97
CA ARG D 524 36.20 -47.12 6.32
C ARG D 524 35.07 -46.41 7.10
N PRO D 525 34.88 -45.07 6.98
CA PRO D 525 33.81 -44.40 7.74
C PRO D 525 32.40 -44.93 7.49
N ILE D 526 31.56 -44.94 8.55
CA ILE D 526 30.18 -45.45 8.56
C ILE D 526 29.25 -44.61 7.64
N TYR D 527 29.42 -43.27 7.59
CA TYR D 527 28.60 -42.40 6.73
C TYR D 527 28.83 -42.66 5.24
N GLU D 528 30.02 -43.18 4.88
CA GLU D 528 30.39 -43.54 3.51
C GLU D 528 29.65 -44.84 3.13
N VAL D 529 29.49 -45.76 4.10
CA VAL D 529 28.79 -47.04 3.96
C VAL D 529 27.28 -46.77 3.85
N LEU D 530 26.74 -45.91 4.73
CA LEU D 530 25.33 -45.52 4.77
C LEU D 530 24.87 -44.85 3.47
N ALA D 531 25.67 -43.90 2.94
CA ALA D 531 25.37 -43.18 1.70
C ALA D 531 25.39 -44.10 0.47
N GLU D 532 26.26 -45.13 0.48
CA GLU D 532 26.37 -46.13 -0.58
C GLU D 532 25.09 -46.96 -0.68
N TYR D 533 24.46 -47.26 0.48
CA TYR D 533 23.21 -48.00 0.58
C TYR D 533 22.01 -47.13 0.16
N LEU D 534 21.90 -45.91 0.74
CA LEU D 534 20.81 -44.96 0.50
C LEU D 534 20.68 -44.52 -0.97
N ARG D 535 21.82 -44.31 -1.66
CA ARG D 535 21.85 -43.90 -3.07
C ARG D 535 21.35 -45.01 -4.00
N SER D 536 21.64 -46.28 -3.66
CA SER D 536 21.26 -47.45 -4.45
C SER D 536 19.80 -47.87 -4.28
N VAL D 537 19.25 -47.80 -3.05
CA VAL D 537 17.86 -48.20 -2.78
C VAL D 537 16.85 -47.12 -3.23
N GLY D 538 17.17 -45.84 -3.00
CA GLY D 538 16.31 -44.73 -3.37
C GLY D 538 15.28 -44.36 -2.32
N ARG D 539 14.59 -45.38 -1.76
CA ARG D 539 13.56 -45.22 -0.73
C ARG D 539 13.73 -46.26 0.38
N VAL D 540 13.48 -45.84 1.64
CA VAL D 540 13.61 -46.71 2.81
C VAL D 540 12.28 -46.82 3.58
N ARG D 541 11.89 -48.07 3.91
CA ARG D 541 10.65 -48.39 4.64
C ARG D 541 10.97 -49.18 5.91
N VAL D 542 11.62 -48.52 6.88
CA VAL D 542 12.03 -49.15 8.15
C VAL D 542 10.88 -49.07 9.17
N ARG D 543 10.25 -50.23 9.44
CA ARG D 543 9.14 -50.35 10.39
C ARG D 543 9.64 -50.70 11.82
N PRO D 544 9.02 -50.16 12.90
CA PRO D 544 9.52 -50.47 14.24
C PRO D 544 9.25 -51.91 14.70
N GLU D 545 10.33 -52.72 14.70
CA GLU D 545 10.30 -54.13 15.10
C GLU D 545 11.32 -54.33 16.24
N PRO D 546 10.89 -54.24 17.52
CA PRO D 546 11.87 -54.41 18.62
C PRO D 546 12.36 -55.83 18.82
N ASN D 547 13.68 -56.00 18.88
CA ASN D 547 14.36 -57.28 19.08
C ASN D 547 14.67 -57.53 20.57
N VAL D 548 13.98 -56.80 21.46
CA VAL D 548 14.16 -56.89 22.91
C VAL D 548 12.81 -57.00 23.65
N LYS D 549 12.75 -57.89 24.66
CA LYS D 549 11.58 -58.10 25.50
C LYS D 549 11.95 -57.77 26.95
N VAL D 550 11.35 -56.69 27.49
CA VAL D 550 11.61 -56.22 28.85
C VAL D 550 10.70 -56.90 29.88
N ILE D 551 11.30 -57.37 30.98
CA ILE D 551 10.60 -58.05 32.07
C ILE D 551 10.17 -57.04 33.14
N GLY D 552 8.86 -56.98 33.39
CA GLY D 552 8.26 -56.09 34.37
C GLY D 552 8.01 -54.66 33.90
N ARG D 553 8.42 -54.34 32.67
CA ARG D 553 8.26 -53.01 32.06
C ARG D 553 7.49 -53.09 30.75
N ASN D 554 6.67 -52.05 30.47
CA ASN D 554 5.90 -51.97 29.24
C ASN D 554 6.69 -51.16 28.20
N TYR D 555 7.17 -51.85 27.15
CA TYR D 555 7.94 -51.21 26.08
C TYR D 555 7.02 -50.45 25.14
N ARG D 556 7.13 -49.11 25.13
CA ARG D 556 6.30 -48.22 24.32
C ARG D 556 6.79 -48.09 22.89
N LEU D 557 5.85 -47.87 21.95
CA LEU D 557 6.15 -47.75 20.53
C LEU D 557 5.52 -46.47 19.94
N PRO D 558 6.29 -45.61 19.24
CA PRO D 558 5.71 -44.39 18.67
C PRO D 558 5.05 -44.59 17.31
N GLU D 559 4.21 -43.61 16.89
CA GLU D 559 3.53 -43.62 15.60
C GLU D 559 4.52 -43.20 14.52
N VAL D 560 4.76 -44.09 13.55
CA VAL D 560 5.73 -43.88 12.45
C VAL D 560 5.05 -43.32 11.17
N THR D 561 3.72 -43.18 11.16
CA THR D 561 2.96 -42.68 10.02
C THR D 561 2.31 -41.32 10.29
N GLY D 562 2.20 -40.51 9.23
CA GLY D 562 1.61 -39.17 9.30
C GLY D 562 2.37 -38.15 8.42
N GLU E 16 29.97 -54.20 41.09
CA GLU E 16 30.39 -55.19 42.08
C GLU E 16 31.31 -56.23 41.44
N GLY E 17 32.46 -56.47 42.06
CA GLY E 17 33.45 -57.43 41.61
C GLY E 17 34.03 -58.25 42.76
N GLU E 18 33.18 -59.12 43.35
CA GLU E 18 33.54 -59.97 44.48
C GLU E 18 34.04 -61.35 44.03
N ASP E 19 35.21 -61.77 44.56
CA ASP E 19 35.83 -63.06 44.28
C ASP E 19 36.69 -63.51 45.48
N LEU E 20 36.12 -64.38 46.33
CA LEU E 20 36.75 -64.89 47.55
C LEU E 20 37.88 -65.90 47.30
N GLU E 21 38.01 -66.41 46.06
CA GLU E 21 39.02 -67.39 45.65
C GLU E 21 40.47 -66.86 45.74
N HIS E 22 40.74 -65.69 45.14
CA HIS E 22 42.07 -65.07 45.13
C HIS E 22 42.38 -64.29 46.40
N LEU E 23 41.37 -63.62 47.00
CA LEU E 23 41.48 -62.80 48.20
C LEU E 23 41.93 -63.59 49.44
N GLU E 24 41.34 -64.78 49.68
CA GLU E 24 41.66 -65.65 50.81
C GLU E 24 43.05 -66.27 50.70
N GLN E 25 43.54 -66.50 49.47
CA GLN E 25 44.86 -67.09 49.18
C GLN E 25 46.01 -66.15 49.59
N ALA E 26 45.84 -64.83 49.36
CA ALA E 26 46.85 -63.81 49.69
C ALA E 26 46.88 -63.46 51.18
N LEU E 27 45.70 -63.47 51.84
CA LEU E 27 45.57 -63.16 53.27
C LEU E 27 46.20 -64.23 54.18
N LYS E 28 46.22 -65.49 53.73
CA LYS E 28 46.79 -66.62 54.48
C LYS E 28 48.31 -66.70 54.38
N GLU E 29 48.89 -66.36 53.21
CA GLU E 29 50.33 -66.40 52.96
C GLU E 29 51.07 -65.18 53.56
N VAL E 30 50.37 -64.06 53.78
CA VAL E 30 50.95 -62.82 54.32
C VAL E 30 50.62 -62.67 55.82
N PHE E 31 49.31 -62.68 56.18
CA PHE E 31 48.87 -62.52 57.57
C PHE E 31 48.65 -63.86 58.29
N GLY E 32 47.84 -64.73 57.69
CA GLY E 32 47.50 -66.03 58.23
C GLY E 32 46.01 -66.31 58.25
N LYS E 33 45.22 -65.33 58.77
CA LYS E 33 43.77 -65.40 58.85
C LYS E 33 43.11 -65.21 57.48
N GLY E 34 41.98 -65.89 57.26
CA GLY E 34 41.23 -65.82 56.02
C GLY E 34 40.35 -64.59 55.88
N PHE E 35 39.06 -64.80 55.56
CA PHE E 35 38.08 -63.73 55.39
C PHE E 35 37.06 -63.68 56.53
N LYS E 36 36.71 -64.86 57.10
CA LYS E 36 35.75 -65.00 58.21
C LYS E 36 36.22 -64.34 59.50
N ASP E 37 37.55 -64.34 59.75
CA ASP E 37 38.17 -63.75 60.93
C ASP E 37 38.18 -62.22 60.90
N LEU E 38 38.14 -61.62 59.69
CA LEU E 38 38.14 -60.17 59.47
C LEU E 38 36.81 -59.54 59.94
N THR E 39 36.91 -58.44 60.73
CA THR E 39 35.76 -57.73 61.28
C THR E 39 35.51 -56.40 60.55
N PRO E 40 34.27 -56.12 60.06
CA PRO E 40 34.02 -54.85 59.35
C PRO E 40 33.89 -53.65 60.30
N SER E 41 34.32 -52.46 59.82
CA SER E 41 34.27 -51.22 60.59
C SER E 41 33.85 -50.02 59.75
N ASP E 42 33.05 -49.11 60.33
CA ASP E 42 32.54 -47.90 59.69
C ASP E 42 33.56 -46.75 59.74
N ALA E 43 34.48 -46.79 60.72
CA ALA E 43 35.53 -45.78 60.93
C ALA E 43 36.53 -45.68 59.77
N VAL E 44 36.88 -46.83 59.14
CA VAL E 44 37.81 -46.88 58.01
C VAL E 44 37.08 -46.47 56.72
N LYS E 45 37.60 -45.44 56.04
CA LYS E 45 37.01 -44.91 54.80
C LYS E 45 38.01 -45.00 53.65
N LEU E 46 37.56 -45.56 52.51
CA LEU E 46 38.37 -45.73 51.30
C LEU E 46 37.85 -44.83 50.18
N ASN E 47 38.68 -43.87 49.73
CA ASN E 47 38.35 -42.94 48.67
C ASN E 47 38.82 -43.49 47.31
N MET E 48 37.86 -44.01 46.53
CA MET E 48 38.09 -44.60 45.20
C MET E 48 36.99 -44.21 44.21
N PRO E 49 37.31 -44.00 42.90
CA PRO E 49 36.26 -43.62 41.95
C PRO E 49 35.32 -44.79 41.59
N ALA E 50 34.11 -44.47 41.11
CA ALA E 50 33.09 -45.44 40.72
C ALA E 50 33.52 -46.27 39.51
N ILE E 51 33.89 -45.60 38.39
CA ILE E 51 34.35 -46.23 37.16
C ILE E 51 35.77 -45.72 36.85
N ALA E 52 36.72 -46.65 36.61
CA ALA E 52 38.12 -46.36 36.32
C ALA E 52 38.30 -45.64 34.97
N GLU E 53 39.15 -44.60 34.97
CA GLU E 53 39.45 -43.79 33.78
C GLU E 53 40.34 -44.52 32.77
N SER E 54 41.33 -45.30 33.27
CA SER E 54 42.27 -46.06 32.44
C SER E 54 42.52 -47.45 33.03
N GLY E 55 42.99 -48.37 32.19
CA GLY E 55 43.30 -49.75 32.56
C GLY E 55 44.47 -49.88 33.51
N ALA E 56 45.43 -48.95 33.45
CA ALA E 56 46.62 -48.93 34.30
C ALA E 56 46.58 -47.84 35.36
N ASN E 57 46.21 -46.59 34.98
CA ASN E 57 46.15 -45.45 35.89
C ASN E 57 44.82 -45.37 36.65
N VAL E 58 44.81 -45.85 37.91
CA VAL E 58 43.63 -45.83 38.80
C VAL E 58 44.06 -45.22 40.16
N PRO E 59 43.56 -44.02 40.53
CA PRO E 59 43.97 -43.44 41.83
C PRO E 59 43.16 -43.98 43.01
N ALA E 60 43.87 -44.44 44.06
CA ALA E 60 43.28 -45.00 45.27
C ALA E 60 43.80 -44.30 46.52
N GLU E 61 42.90 -43.85 47.40
CA GLU E 61 43.23 -43.13 48.64
C GLU E 61 42.65 -43.85 49.86
N VAL E 62 43.45 -43.95 50.94
CA VAL E 62 43.06 -44.60 52.20
C VAL E 62 43.42 -43.71 53.41
N GLU E 63 42.42 -43.48 54.30
CA GLU E 63 42.56 -42.67 55.52
C GLU E 63 41.56 -43.06 56.61
N VAL E 64 42.00 -42.99 57.88
CA VAL E 64 41.19 -43.33 59.06
C VAL E 64 41.56 -42.38 60.25
N ALA E 65 40.53 -41.94 61.00
CA ALA E 65 40.71 -41.04 62.14
C ALA E 65 40.99 -41.75 63.47
N LEU E 66 42.28 -41.87 63.81
CA LEU E 66 42.83 -42.49 65.03
C LEU E 66 44.31 -42.07 65.25
N PRO E 67 44.86 -42.10 66.50
CA PRO E 67 46.26 -41.67 66.69
C PRO E 67 47.33 -42.44 65.90
N LYS E 68 48.44 -41.75 65.58
CA LYS E 68 49.58 -42.26 64.82
C LYS E 68 50.28 -43.47 65.46
N GLU E 69 50.32 -43.50 66.81
CA GLU E 69 50.94 -44.58 67.60
C GLU E 69 50.19 -45.90 67.47
N GLN E 70 48.85 -45.84 67.33
CA GLN E 70 47.96 -47.00 67.21
C GLN E 70 48.14 -47.75 65.87
N VAL E 71 48.54 -47.03 64.81
CA VAL E 71 48.73 -47.58 63.46
C VAL E 71 49.97 -48.49 63.42
N ARG E 72 49.81 -49.70 62.83
CA ARG E 72 50.89 -50.67 62.71
C ARG E 72 51.20 -50.97 61.23
N ALA E 73 50.17 -51.38 60.45
CA ALA E 73 50.30 -51.71 59.02
C ALA E 73 48.98 -51.54 58.27
N ILE E 74 49.05 -50.98 57.04
CA ILE E 74 47.92 -50.75 56.15
C ILE E 74 48.18 -51.51 54.84
N HIS E 75 47.24 -52.38 54.43
CA HIS E 75 47.35 -53.20 53.22
C HIS E 75 46.10 -53.11 52.35
N LEU E 76 46.31 -53.14 51.01
CA LEU E 76 45.23 -53.09 50.01
C LEU E 76 45.27 -54.35 49.13
N PHE E 77 44.08 -54.94 48.87
CA PHE E 77 43.96 -56.17 48.07
C PHE E 77 42.88 -56.11 47.00
N ALA E 78 43.04 -56.96 45.96
CA ALA E 78 42.12 -57.11 44.82
C ALA E 78 41.58 -58.54 44.75
N ASP E 79 40.30 -58.70 44.42
CA ASP E 79 39.60 -59.98 44.34
C ASP E 79 39.71 -60.69 42.98
N LYS E 80 39.58 -59.95 41.86
CA LYS E 80 39.61 -60.50 40.50
C LYS E 80 40.99 -60.55 39.85
N ASN E 81 41.94 -59.71 40.30
CA ASN E 81 43.31 -59.62 39.78
C ASN E 81 44.13 -60.92 39.99
N PRO E 82 45.06 -61.28 39.07
CA PRO E 82 45.87 -62.51 39.27
C PRO E 82 46.77 -62.42 40.50
N THR E 83 47.38 -61.24 40.73
CA THR E 83 48.22 -60.96 41.90
C THR E 83 47.40 -60.11 42.88
N PRO E 84 46.87 -60.70 43.99
CA PRO E 84 46.02 -59.92 44.90
C PRO E 84 46.75 -58.89 45.76
N HIS E 85 48.05 -59.10 46.06
CA HIS E 85 48.85 -58.17 46.85
C HIS E 85 49.15 -56.92 46.02
N ILE E 86 48.60 -55.76 46.46
CA ILE E 86 48.75 -54.49 45.75
C ILE E 86 49.87 -53.64 46.37
N LEU E 87 49.77 -53.31 47.67
CA LEU E 87 50.77 -52.49 48.38
C LEU E 87 50.76 -52.67 49.90
N ALA E 88 51.90 -52.34 50.54
CA ALA E 88 52.10 -52.41 51.99
C ALA E 88 52.60 -51.05 52.50
N PHE E 89 52.03 -50.56 53.62
CA PHE E 89 52.39 -49.27 54.21
C PHE E 89 52.43 -49.34 55.74
N MET E 90 53.56 -48.92 56.34
CA MET E 90 53.76 -48.91 57.79
C MET E 90 54.00 -47.50 58.32
N ALA E 99 47.96 -41.80 49.09
CA ALA E 99 47.32 -41.96 47.78
C ALA E 99 48.33 -42.34 46.70
N THR E 100 48.02 -43.38 45.90
CA THR E 100 48.88 -43.87 44.82
C THR E 100 48.09 -44.47 43.65
N ARG E 101 48.69 -44.43 42.44
CA ARG E 101 48.11 -44.97 41.20
C ARG E 101 48.52 -46.43 41.04
N VAL E 102 47.54 -47.35 40.93
CA VAL E 102 47.78 -48.80 40.81
C VAL E 102 47.02 -49.42 39.63
N ARG E 103 47.59 -50.51 39.06
CA ARG E 103 47.04 -51.25 37.91
C ARG E 103 45.90 -52.20 38.31
N LEU E 104 44.95 -52.41 37.38
CA LEU E 104 43.80 -53.31 37.55
C LEU E 104 43.54 -54.12 36.28
N ALA E 105 43.06 -55.38 36.44
CA ALA E 105 42.77 -56.28 35.32
C ALA E 105 41.37 -56.07 34.74
N GLU E 106 40.33 -56.08 35.60
CA GLU E 106 38.92 -55.91 35.20
C GLU E 106 38.08 -55.27 36.34
N THR E 107 36.73 -55.43 36.30
CA THR E 107 35.80 -54.91 37.32
C THR E 107 36.12 -55.63 38.64
N THR E 108 36.85 -54.93 39.53
CA THR E 108 37.31 -55.46 40.81
C THR E 108 36.93 -54.56 41.99
N ALA E 109 36.46 -55.18 43.09
CA ALA E 109 36.10 -54.50 44.33
C ALA E 109 37.34 -54.54 45.25
N ILE E 110 38.07 -53.41 45.31
CA ILE E 110 39.31 -53.27 46.07
C ILE E 110 39.03 -53.22 47.58
N ARG E 111 39.67 -54.14 48.34
CA ARG E 111 39.54 -54.26 49.80
C ARG E 111 40.72 -53.62 50.52
N ALA E 112 40.50 -53.16 51.76
CA ALA E 112 41.54 -52.53 52.59
C ALA E 112 41.50 -53.07 54.03
N VAL E 113 42.67 -53.50 54.54
CA VAL E 113 42.82 -54.05 55.89
C VAL E 113 43.78 -53.21 56.74
N VAL E 114 43.39 -52.92 57.99
CA VAL E 114 44.16 -52.11 58.94
C VAL E 114 44.60 -52.97 60.14
N GLU E 115 45.92 -52.95 60.44
CA GLU E 115 46.52 -53.67 61.57
C GLU E 115 46.81 -52.71 62.73
N THR E 116 46.49 -53.15 63.96
CA THR E 116 46.70 -52.37 65.18
C THR E 116 47.40 -53.19 66.28
N GLN E 117 47.82 -52.53 67.38
CA GLN E 117 48.49 -53.16 68.52
C GLN E 117 47.57 -54.13 69.30
N ASP E 118 46.25 -53.88 69.26
CA ASP E 118 45.21 -54.65 69.94
C ASP E 118 45.09 -56.08 69.40
N GLY E 119 45.21 -56.23 68.08
CA GLY E 119 45.12 -57.52 67.40
C GLY E 119 43.99 -57.62 66.39
N LYS E 120 42.91 -56.84 66.59
CA LYS E 120 41.72 -56.83 65.73
C LYS E 120 42.00 -56.21 64.37
N LEU E 121 41.43 -56.81 63.31
CA LEU E 121 41.57 -56.36 61.92
C LEU E 121 40.33 -55.60 61.45
N LEU E 122 40.54 -54.41 60.86
CA LEU E 122 39.47 -53.54 60.37
C LEU E 122 39.30 -53.66 58.85
N LEU E 123 38.04 -53.58 58.36
CA LEU E 123 37.73 -53.70 56.94
C LEU E 123 37.21 -52.41 56.30
N ALA E 124 37.33 -52.32 54.95
CA ALA E 124 36.87 -51.21 54.11
C ALA E 124 36.56 -51.76 52.73
N SER E 125 35.29 -51.62 52.28
CA SER E 125 34.83 -52.12 50.99
C SER E 125 34.40 -51.02 50.02
N ALA E 126 34.90 -51.09 48.77
CA ALA E 126 34.61 -50.17 47.67
C ALA E 126 34.83 -50.86 46.33
N SER E 127 33.92 -50.64 45.36
CA SER E 127 33.99 -51.27 44.04
C SER E 127 34.38 -50.28 42.94
N THR E 128 35.26 -50.73 42.02
CA THR E 128 35.74 -49.95 40.87
C THR E 128 35.43 -50.73 39.60
N ARG E 129 34.69 -50.10 38.66
CA ARG E 129 34.27 -50.71 37.40
C ARG E 129 35.18 -50.34 36.23
N VAL E 130 35.45 -51.32 35.34
CA VAL E 130 36.27 -51.15 34.13
C VAL E 130 35.34 -51.45 32.94
N THR E 131 34.81 -50.39 32.29
CA THR E 131 33.88 -50.52 31.17
C THR E 131 34.30 -49.73 29.93
N VAL E 132 33.72 -50.10 28.77
CA VAL E 132 33.95 -49.47 27.46
C VAL E 132 32.64 -48.87 26.92
N GLY E 133 32.75 -47.73 26.24
CA GLY E 133 31.58 -47.04 25.70
C GLY E 133 31.88 -46.06 24.57
N GLY E 134 30.98 -45.08 24.41
CA GLY E 134 31.07 -44.06 23.38
C GLY E 134 30.69 -42.67 23.88
N CYS E 135 31.17 -41.63 23.18
CA CYS E 135 30.91 -40.22 23.51
C CYS E 135 29.47 -39.84 23.14
N GLY E 136 28.65 -39.59 24.17
CA GLY E 136 27.24 -39.23 24.01
C GLY E 136 26.94 -37.84 24.57
N PHE F 3 66.44 -43.02 35.79
CA PHE F 3 65.61 -42.69 36.94
C PHE F 3 65.53 -41.19 37.20
N ARG F 4 64.30 -40.69 37.42
CA ARG F 4 63.97 -39.28 37.66
C ARG F 4 62.99 -39.16 38.82
N THR F 5 63.32 -38.33 39.84
CA THR F 5 62.48 -38.11 41.01
C THR F 5 62.22 -36.61 41.28
N ILE F 6 60.94 -36.25 41.45
CA ILE F 6 60.49 -34.87 41.73
C ILE F 6 59.60 -34.89 42.98
N ALA F 7 59.90 -34.02 43.97
CA ALA F 7 59.14 -33.93 45.22
C ALA F 7 58.80 -32.48 45.58
N ARG F 8 57.51 -32.21 45.83
CA ARG F 8 56.97 -30.88 46.18
C ARG F 8 55.85 -31.01 47.22
N LEU F 9 55.76 -30.02 48.13
CA LEU F 9 54.74 -29.97 49.18
C LEU F 9 53.39 -29.48 48.62
N ASN F 10 52.28 -30.02 49.15
CA ASN F 10 50.92 -29.67 48.71
C ASN F 10 50.51 -28.23 49.12
N PRO F 11 50.51 -27.80 50.41
CA PRO F 11 50.13 -26.40 50.70
C PRO F 11 51.29 -25.43 50.44
N ALA F 12 50.97 -24.14 50.25
CA ALA F 12 51.96 -23.08 50.00
C ALA F 12 52.82 -22.83 51.24
N LYS F 13 52.18 -22.73 52.42
CA LYS F 13 52.84 -22.53 53.72
C LYS F 13 52.16 -23.41 54.77
N PRO F 14 52.88 -24.37 55.41
CA PRO F 14 52.22 -25.23 56.40
C PRO F 14 52.12 -24.59 57.80
N LYS F 15 50.90 -24.56 58.36
CA LYS F 15 50.62 -24.01 59.68
C LYS F 15 50.98 -25.01 60.77
N ALA F 16 51.53 -24.52 61.90
CA ALA F 16 51.93 -25.34 63.05
C ALA F 16 50.74 -26.02 63.72
N GLY F 17 50.84 -27.34 63.89
CA GLY F 17 49.79 -28.16 64.49
C GLY F 17 48.93 -28.88 63.47
N GLU F 18 48.53 -28.16 62.41
CA GLU F 18 47.70 -28.68 61.31
C GLU F 18 48.47 -29.64 60.41
N GLU F 19 47.76 -30.65 59.87
CA GLU F 19 48.34 -31.67 58.98
C GLU F 19 48.52 -31.18 57.54
N PHE F 20 49.63 -31.60 56.90
CA PHE F 20 49.98 -31.24 55.52
C PHE F 20 50.35 -32.47 54.70
N ARG F 21 50.01 -32.47 53.40
CA ARG F 21 50.30 -33.55 52.46
C ARG F 21 51.65 -33.38 51.76
N LEU F 22 52.40 -34.48 51.61
CA LEU F 22 53.71 -34.48 50.95
C LEU F 22 53.63 -35.33 49.67
N GLN F 23 53.85 -34.68 48.51
CA GLN F 23 53.77 -35.32 47.20
C GLN F 23 55.15 -35.68 46.64
N VAL F 24 55.30 -36.95 46.20
CA VAL F 24 56.54 -37.49 45.62
C VAL F 24 56.17 -38.21 44.31
N VAL F 25 56.74 -37.74 43.17
CA VAL F 25 56.47 -38.33 41.86
C VAL F 25 57.79 -38.84 41.22
N ALA F 26 57.74 -40.02 40.59
CA ALA F 26 58.89 -40.65 39.93
C ALA F 26 58.54 -41.14 38.53
N GLN F 27 59.41 -40.83 37.55
CA GLN F 27 59.25 -41.22 36.14
C GLN F 27 59.83 -42.63 35.92
N HIS F 28 59.00 -43.67 36.10
CA HIS F 28 59.40 -45.06 35.95
C HIS F 28 58.28 -45.91 35.31
N PRO F 29 58.54 -46.59 34.16
CA PRO F 29 57.49 -47.41 33.56
C PRO F 29 57.40 -48.79 34.21
N ASN F 30 56.42 -48.97 35.10
CA ASN F 30 56.19 -50.21 35.85
C ASN F 30 55.49 -51.27 35.00
N GLU F 31 55.97 -52.52 35.08
CA GLU F 31 55.42 -53.66 34.35
C GLU F 31 55.08 -54.81 35.32
N PRO F 32 53.80 -55.26 35.38
CA PRO F 32 53.46 -56.35 36.31
C PRO F 32 53.93 -57.74 35.87
N GLY F 33 54.00 -57.97 34.56
CA GLY F 33 54.43 -59.23 33.97
C GLY F 33 53.31 -59.97 33.29
N LYS F 46 59.78 -55.88 35.76
CA LYS F 46 60.30 -54.66 36.36
C LYS F 46 59.21 -53.87 37.08
N TYR F 47 59.29 -53.79 38.42
CA TYR F 47 58.34 -53.09 39.29
C TYR F 47 58.99 -52.63 40.59
N ILE F 48 58.53 -51.49 41.14
CA ILE F 48 59.03 -50.92 42.40
C ILE F 48 58.53 -51.78 43.57
N ASN F 49 59.48 -52.46 44.26
CA ASN F 49 59.19 -53.35 45.39
C ASN F 49 59.28 -52.66 46.77
N LEU F 50 60.16 -51.66 46.90
CA LEU F 50 60.37 -50.93 48.15
C LEU F 50 59.92 -49.47 48.03
N GLU F 52 60.76 -45.85 50.83
CA GLU F 52 60.95 -45.51 52.23
C GLU F 52 61.11 -44.00 52.43
N VAL F 53 60.43 -43.45 53.46
CA VAL F 53 60.48 -42.03 53.80
C VAL F 53 61.25 -41.78 55.10
N TYR F 54 62.11 -40.75 55.10
CA TYR F 54 62.93 -40.37 56.26
C TYR F 54 63.03 -38.86 56.44
N PHE F 55 63.05 -38.41 57.70
CA PHE F 55 63.15 -36.99 58.07
C PHE F 55 64.31 -36.76 59.05
N LYS F 59 64.18 -42.87 59.88
CA LYS F 59 62.96 -43.13 59.11
C LYS F 59 61.69 -42.75 59.89
N VAL F 60 60.60 -42.45 59.15
CA VAL F 60 59.30 -42.06 59.73
C VAL F 60 58.16 -42.96 59.22
N ALA F 61 58.19 -43.35 57.92
CA ALA F 61 57.19 -44.21 57.28
C ALA F 61 57.82 -45.06 56.18
N GLU F 62 57.55 -46.37 56.20
CA GLU F 62 58.06 -47.33 55.21
C GLU F 62 56.94 -47.89 54.34
N ALA F 63 57.14 -47.88 53.02
CA ALA F 63 56.17 -48.39 52.04
C ALA F 63 56.79 -49.40 51.09
N ARG F 64 56.10 -50.53 50.87
CA ARG F 64 56.54 -51.61 49.98
C ARG F 64 55.45 -51.99 48.97
N PRO F 65 55.47 -51.42 47.73
CA PRO F 65 54.42 -51.79 46.75
C PRO F 65 54.66 -53.13 46.08
N GLY F 66 53.57 -53.77 45.66
CA GLY F 66 53.60 -55.07 45.00
C GLY F 66 53.74 -54.98 43.48
N PRO F 67 53.33 -56.04 42.74
CA PRO F 67 53.46 -56.01 41.27
C PRO F 67 52.50 -55.07 40.56
N SER F 68 51.24 -55.00 41.04
CA SER F 68 50.20 -54.14 40.46
C SER F 68 50.44 -52.66 40.79
N THR F 69 51.30 -52.01 40.00
CA THR F 69 51.67 -50.59 40.13
C THR F 69 51.62 -49.93 38.75
N SER F 70 50.99 -48.74 38.67
CA SER F 70 50.84 -47.97 37.44
C SER F 70 52.17 -47.36 36.96
N ALA F 71 52.28 -47.10 35.63
CA ALA F 71 53.45 -46.47 35.01
C ALA F 71 53.52 -45.01 35.44
N ASN F 72 54.70 -44.59 35.96
CA ASN F 72 54.99 -43.25 36.51
C ASN F 72 54.05 -42.95 37.70
N PRO F 73 54.30 -43.52 38.90
CA PRO F 73 53.37 -43.32 40.02
C PRO F 73 53.62 -42.10 40.90
N LEU F 74 52.57 -41.70 41.64
CA LEU F 74 52.56 -40.58 42.59
C LEU F 74 52.37 -41.14 44.01
N TYR F 75 53.08 -40.56 44.99
CA TYR F 75 53.01 -40.99 46.38
C TYR F 75 52.64 -39.81 47.30
N ALA F 76 51.54 -39.97 48.06
CA ALA F 76 51.04 -38.95 48.98
C ALA F 76 51.06 -39.44 50.42
N PHE F 77 51.66 -38.64 51.33
CA PHE F 77 51.79 -38.97 52.75
C PHE F 77 51.40 -37.77 53.62
N LYS F 78 50.72 -38.03 54.75
CA LYS F 78 50.27 -37.00 55.69
C LYS F 78 51.23 -36.84 56.87
N PHE F 79 51.65 -35.58 57.13
CA PHE F 79 52.55 -35.22 58.23
C PHE F 79 52.03 -34.03 59.02
N LYS F 80 52.31 -34.01 60.33
CA LYS F 80 51.90 -32.93 61.24
C LYS F 80 53.08 -31.98 61.49
N ALA F 81 52.85 -30.66 61.31
CA ALA F 81 53.87 -29.63 61.49
C ALA F 81 54.24 -29.42 62.95
N GLU F 82 55.53 -29.62 63.27
CA GLU F 82 56.11 -29.47 64.61
C GLU F 82 57.43 -28.70 64.53
N LYS F 83 58.39 -29.19 63.73
CA LYS F 83 59.71 -28.59 63.50
C LYS F 83 60.13 -28.74 62.04
N ALA F 84 60.59 -27.63 61.42
CA ALA F 84 61.04 -27.59 60.03
C ALA F 84 62.44 -28.16 59.84
N GLY F 85 62.63 -28.85 58.72
CA GLY F 85 63.91 -29.47 58.35
C GLY F 85 63.96 -29.98 56.93
N THR F 86 64.86 -30.95 56.67
CA THR F 86 65.05 -31.57 55.36
C THR F 86 64.38 -32.95 55.28
N PHE F 87 63.86 -33.30 54.09
CA PHE F 87 63.18 -34.58 53.84
C PHE F 87 63.84 -35.34 52.68
N THR F 88 64.06 -36.66 52.86
CA THR F 88 64.67 -37.53 51.86
C THR F 88 63.89 -38.85 51.69
N ILE F 89 63.86 -39.36 50.44
CA ILE F 89 63.17 -40.61 50.06
C ILE F 89 64.06 -41.54 49.25
N LYS F 90 63.89 -42.86 49.42
CA LYS F 90 64.64 -43.89 48.70
C LYS F 90 63.72 -44.99 48.17
N LEU F 91 63.75 -45.22 46.84
CA LEU F 91 62.93 -46.22 46.16
C LEU F 91 63.76 -47.07 45.20
N LYS F 92 63.51 -48.40 45.19
CA LYS F 92 64.21 -49.35 44.32
C LYS F 92 63.26 -50.34 43.62
N ASP F 93 63.63 -50.75 42.39
CA ASP F 93 62.85 -51.68 41.57
C ASP F 93 63.43 -53.11 41.58
N THR F 94 62.95 -53.99 40.68
CA THR F 94 63.37 -55.39 40.53
C THR F 94 64.86 -55.50 40.16
N ASP F 95 65.34 -54.63 39.25
CA ASP F 95 66.74 -54.60 38.80
C ASP F 95 67.67 -54.03 39.89
N GLY F 96 67.28 -52.89 40.47
CA GLY F 96 68.03 -52.23 41.52
C GLY F 96 68.56 -50.85 41.14
N ASP F 97 67.66 -49.84 41.15
CA ASP F 97 67.99 -48.46 40.83
C ASP F 97 67.41 -47.51 41.88
N THR F 98 68.27 -46.69 42.49
CA THR F 98 67.89 -45.74 43.55
C THR F 98 67.51 -44.36 42.98
N GLY F 99 66.39 -43.83 43.46
CA GLY F 99 65.86 -42.53 43.07
C GLY F 99 65.63 -41.63 44.27
N GLU F 100 66.63 -40.79 44.59
CA GLU F 100 66.59 -39.87 45.73
C GLU F 100 66.10 -38.47 45.35
N ALA F 101 65.32 -37.83 46.26
CA ALA F 101 64.77 -36.49 46.09
C ALA F 101 64.76 -35.73 47.42
N SER F 102 65.12 -34.43 47.39
CA SER F 102 65.17 -33.58 48.58
C SER F 102 64.23 -32.37 48.47
N VAL F 103 63.60 -32.00 49.60
CA VAL F 103 62.67 -30.87 49.69
C VAL F 103 62.88 -30.09 51.02
N LYS F 104 62.87 -28.75 50.95
CA LYS F 104 63.06 -27.86 52.09
C LYS F 104 61.72 -27.25 52.55
N LEU F 105 61.51 -27.19 53.87
CA LEU F 105 60.29 -26.65 54.49
C LEU F 105 60.43 -25.15 54.78
N GLU G 15 -41.44 4.81 -10.21
CA GLU G 15 -41.57 3.54 -10.95
C GLU G 15 -42.14 2.43 -10.06
N ASP G 16 -41.57 2.23 -8.84
CA ASP G 16 -42.00 1.21 -7.89
C ASP G 16 -43.36 1.56 -7.26
N PRO G 17 -44.38 0.68 -7.37
CA PRO G 17 -45.70 1.00 -6.80
C PRO G 17 -45.82 0.64 -5.32
N ARG G 18 -45.12 1.41 -4.46
CA ARG G 18 -45.06 1.30 -2.98
C ARG G 18 -44.46 0.01 -2.44
N SER G 19 -44.49 -1.08 -3.23
CA SER G 19 -43.96 -2.37 -2.82
C SER G 19 -42.43 -2.45 -2.86
N LEU G 20 -41.78 -1.39 -2.33
CA LEU G 20 -40.34 -1.30 -2.16
C LEU G 20 -39.97 -1.93 -0.81
N TYR G 21 -40.96 -2.60 -0.17
CA TYR G 21 -40.83 -3.36 1.07
C TYR G 21 -40.23 -4.71 0.67
N ASP G 22 -40.59 -5.20 -0.54
CA ASP G 22 -40.11 -6.44 -1.13
C ASP G 22 -38.67 -6.22 -1.58
N LEU G 23 -37.72 -6.42 -0.65
CA LEU G 23 -36.29 -6.21 -0.89
C LEU G 23 -35.48 -7.51 -0.92
N PRO G 24 -34.47 -7.61 -1.82
CA PRO G 24 -33.64 -8.83 -1.87
C PRO G 24 -32.72 -8.99 -0.65
N PRO G 25 -32.13 -10.20 -0.38
CA PRO G 25 -31.25 -10.34 0.80
C PRO G 25 -29.96 -9.54 0.71
N TYR G 26 -29.54 -8.94 1.84
CA TYR G 26 -28.31 -8.13 1.93
C TYR G 26 -27.73 -8.15 3.35
N GLY G 27 -26.41 -8.27 3.41
CA GLY G 27 -25.64 -8.26 4.65
C GLY G 27 -25.86 -9.41 5.60
N ASP G 28 -25.31 -9.26 6.82
CA ASP G 28 -25.41 -10.24 7.90
C ASP G 28 -26.46 -9.77 8.93
N ALA G 29 -26.44 -8.47 9.25
CA ALA G 29 -27.36 -7.84 10.21
C ALA G 29 -28.35 -6.91 9.52
N THR G 30 -29.48 -6.65 10.20
CA THR G 30 -30.55 -5.74 9.73
C THR G 30 -31.09 -4.96 10.93
N LEU G 31 -31.18 -3.63 10.80
CA LEU G 31 -31.68 -2.78 11.88
C LEU G 31 -32.97 -2.07 11.46
N LEU G 32 -34.11 -2.52 12.01
CA LEU G 32 -35.42 -1.93 11.74
C LEU G 32 -35.57 -0.75 12.68
N TYR G 33 -35.04 0.41 12.24
CA TYR G 33 -34.98 1.64 13.02
C TYR G 33 -36.07 2.65 12.69
N PHE G 34 -36.67 3.22 13.74
CA PHE G 34 -37.70 4.26 13.72
C PHE G 34 -37.47 5.20 14.90
N SER G 35 -37.70 6.51 14.72
CA SER G 35 -37.48 7.50 15.77
C SER G 35 -38.54 8.60 15.80
N ASP G 36 -38.71 9.22 16.99
CA ASP G 36 -39.63 10.33 17.28
C ASP G 36 -41.08 10.06 16.87
N LEU G 37 -41.65 8.91 17.33
CA LEU G 37 -43.03 8.51 17.05
C LEU G 37 -44.02 9.48 17.71
N HIS G 38 -43.67 9.97 18.92
CA HIS G 38 -44.44 10.90 19.75
C HIS G 38 -45.87 10.41 20.05
N GLY G 39 -45.99 9.10 20.27
CA GLY G 39 -47.24 8.42 20.58
C GLY G 39 -48.33 8.45 19.53
N GLN G 40 -47.99 8.75 18.26
CA GLN G 40 -48.96 8.79 17.16
C GLN G 40 -49.45 7.38 16.85
N ALA G 41 -50.58 7.02 17.49
CA ALA G 41 -51.21 5.70 17.42
C ALA G 41 -52.06 5.46 16.17
N PHE G 42 -52.66 6.52 15.63
CA PHE G 42 -53.56 6.44 14.47
C PHE G 42 -52.96 7.04 13.19
N PRO G 43 -53.29 6.49 11.99
CA PRO G 43 -52.72 7.05 10.74
C PRO G 43 -53.22 8.48 10.47
N HIS G 44 -52.27 9.42 10.44
CA HIS G 44 -52.51 10.85 10.20
C HIS G 44 -51.63 11.38 9.06
N TYR G 45 -51.42 12.71 8.99
CA TYR G 45 -50.59 13.35 7.98
C TYR G 45 -49.49 14.18 8.63
N PHE G 46 -48.28 14.16 8.04
CA PHE G 46 -47.12 14.90 8.55
C PHE G 46 -46.28 15.43 7.40
N MET G 47 -46.36 16.75 7.16
CA MET G 47 -45.62 17.43 6.10
C MET G 47 -44.25 17.86 6.61
N GLU G 48 -43.22 17.67 5.77
CA GLU G 48 -41.84 18.07 6.07
C GLU G 48 -41.75 19.61 6.05
N PRO G 49 -40.81 20.23 6.82
CA PRO G 49 -40.74 21.70 6.83
C PRO G 49 -40.46 22.33 5.46
N PRO G 50 -41.19 23.40 5.06
CA PRO G 50 -40.92 24.03 3.75
C PRO G 50 -39.58 24.77 3.72
N ASN G 51 -39.07 25.17 4.91
CA ASN G 51 -37.81 25.90 5.05
C ASN G 51 -36.99 25.37 6.23
N LEU G 52 -35.68 25.14 5.97
CA LEU G 52 -34.70 24.73 6.96
C LEU G 52 -33.48 25.63 6.81
N ILE G 53 -33.66 26.90 7.21
CA ILE G 53 -32.64 27.95 7.13
C ILE G 53 -31.45 27.63 8.03
N ALA G 54 -30.25 27.59 7.44
CA ALA G 54 -28.99 27.28 8.10
C ALA G 54 -27.95 28.37 7.80
N PRO G 55 -26.94 28.62 8.69
CA PRO G 55 -25.90 29.60 8.35
C PRO G 55 -25.05 29.13 7.17
N LYS G 56 -24.45 30.09 6.42
CA LYS G 56 -23.61 29.84 5.24
C LYS G 56 -22.62 28.64 5.36
N PRO G 57 -21.86 28.40 6.47
CA PRO G 57 -20.97 27.23 6.51
C PRO G 57 -21.68 25.87 6.64
N LEU G 58 -22.99 25.86 6.93
CA LEU G 58 -23.78 24.63 7.10
C LEU G 58 -24.87 24.42 6.02
N MET G 59 -24.85 25.23 4.95
CA MET G 59 -25.84 25.15 3.87
C MET G 59 -25.54 24.01 2.89
N GLY G 60 -26.59 23.29 2.49
CA GLY G 60 -26.51 22.19 1.52
C GLY G 60 -26.27 20.80 2.06
N ARG G 61 -26.00 20.66 3.38
CA ARG G 61 -25.74 19.37 4.02
C ARG G 61 -27.02 18.72 4.61
N PRO G 62 -27.12 17.36 4.69
CA PRO G 62 -28.33 16.72 5.24
C PRO G 62 -28.77 17.26 6.61
N GLY G 63 -30.06 17.55 6.72
CA GLY G 63 -30.67 18.12 7.92
C GLY G 63 -31.14 19.53 7.71
N TYR G 64 -30.73 20.15 6.59
CA TYR G 64 -31.08 21.52 6.20
C TYR G 64 -31.59 21.63 4.76
N LEU G 65 -31.82 20.47 4.09
CA LEU G 65 -32.32 20.41 2.71
C LEU G 65 -33.86 20.41 2.69
N THR G 66 -34.46 21.25 1.82
CA THR G 66 -35.91 21.41 1.70
C THR G 66 -36.41 21.51 0.25
N GLY G 67 -37.64 21.04 0.02
CA GLY G 67 -38.33 21.09 -1.26
C GLY G 67 -37.73 20.28 -2.39
N GLU G 68 -37.44 20.96 -3.50
CA GLU G 68 -36.85 20.36 -4.69
C GLU G 68 -35.37 20.02 -4.49
N ALA G 69 -34.70 20.74 -3.56
CA ALA G 69 -33.29 20.56 -3.21
C ALA G 69 -33.02 19.20 -2.57
N ILE G 70 -33.92 18.74 -1.68
CA ILE G 70 -33.79 17.43 -1.00
C ILE G 70 -34.07 16.27 -1.99
N LEU G 71 -34.92 16.52 -3.00
CA LEU G 71 -35.28 15.54 -4.03
C LEU G 71 -34.12 15.32 -5.01
N ARG G 72 -33.41 16.40 -5.37
CA ARG G 72 -32.26 16.36 -6.28
C ARG G 72 -31.02 15.73 -5.63
N TYR G 73 -30.82 16.02 -4.32
CA TYR G 73 -29.70 15.53 -3.51
C TYR G 73 -29.65 14.00 -3.41
N TYR G 74 -30.80 13.36 -3.17
CA TYR G 74 -30.91 11.90 -3.04
C TYR G 74 -31.37 11.19 -4.32
N GLY G 75 -31.75 11.98 -5.33
CA GLY G 75 -32.21 11.49 -6.62
C GLY G 75 -33.58 10.83 -6.58
N VAL G 76 -34.54 11.49 -5.88
CA VAL G 76 -35.91 11.02 -5.73
C VAL G 76 -36.79 11.73 -6.75
N GLU G 77 -37.52 10.95 -7.57
CA GLU G 77 -38.41 11.48 -8.61
C GLU G 77 -39.68 12.09 -8.02
N ARG G 78 -40.18 13.17 -8.66
CA ARG G 78 -41.38 13.90 -8.25
C ARG G 78 -42.65 13.05 -8.49
N GLY G 79 -43.47 12.92 -7.44
CA GLY G 79 -44.72 12.17 -7.48
C GLY G 79 -44.65 10.73 -6.98
N THR G 80 -43.48 10.31 -6.47
CA THR G 80 -43.24 8.96 -5.96
C THR G 80 -43.64 8.86 -4.46
N PRO G 81 -43.85 7.64 -3.87
CA PRO G 81 -44.22 7.57 -2.44
C PRO G 81 -43.15 8.15 -1.50
N LEU G 82 -41.87 8.03 -1.88
CA LEU G 82 -40.73 8.55 -1.12
C LEU G 82 -40.69 10.08 -1.16
N ALA G 83 -41.08 10.69 -2.32
CA ALA G 83 -41.13 12.14 -2.52
C ALA G 83 -42.16 12.82 -1.62
N TYR G 84 -43.29 12.13 -1.36
CA TYR G 84 -44.39 12.56 -0.50
C TYR G 84 -43.94 12.62 0.96
N LEU G 85 -43.04 11.70 1.36
CA LEU G 85 -42.48 11.59 2.70
C LEU G 85 -41.28 12.51 2.92
N LEU G 86 -40.44 12.70 1.89
CA LEU G 86 -39.21 13.50 1.95
C LEU G 86 -39.42 15.01 1.75
N SER G 87 -40.30 15.40 0.81
CA SER G 87 -40.54 16.81 0.48
C SER G 87 -41.97 17.30 0.71
N TYR G 88 -42.12 18.63 0.85
CA TYR G 88 -43.41 19.32 1.03
C TYR G 88 -44.08 19.58 -0.32
N VAL G 89 -43.30 19.47 -1.43
CA VAL G 89 -43.75 19.69 -2.81
C VAL G 89 -44.86 18.70 -3.18
N ASP G 90 -46.04 19.24 -3.58
CA ASP G 90 -47.26 18.52 -3.97
C ASP G 90 -47.85 17.66 -2.83
N PHE G 91 -47.60 18.05 -1.56
CA PHE G 91 -48.08 17.32 -0.37
C PHE G 91 -49.58 17.07 -0.36
N VAL G 92 -50.41 18.12 -0.60
CA VAL G 92 -51.88 18.02 -0.62
C VAL G 92 -52.34 17.04 -1.72
N GLU G 93 -51.70 17.11 -2.90
CA GLU G 93 -51.98 16.26 -4.06
C GLU G 93 -51.60 14.79 -3.78
N LEU G 94 -50.45 14.55 -3.13
CA LEU G 94 -49.94 13.21 -2.81
C LEU G 94 -50.53 12.60 -1.53
N ALA G 95 -51.07 13.43 -0.61
CA ALA G 95 -51.69 12.98 0.65
C ALA G 95 -53.00 12.24 0.41
N ARG G 96 -53.73 12.64 -0.63
CA ARG G 96 -55.00 12.02 -1.02
C ARG G 96 -54.72 10.79 -1.87
N THR G 97 -53.57 10.80 -2.58
CA THR G 97 -53.09 9.74 -3.47
C THR G 97 -52.57 8.53 -2.67
N PHE G 98 -51.56 8.75 -1.80
CA PHE G 98 -50.94 7.70 -0.99
C PHE G 98 -51.64 7.43 0.35
N GLY G 99 -52.58 8.29 0.73
CA GLY G 99 -53.34 8.17 1.96
C GLY G 99 -52.60 8.64 3.21
N PRO G 100 -53.03 8.21 4.41
CA PRO G 100 -52.34 8.67 5.64
C PRO G 100 -51.11 7.85 6.02
N ILE G 101 -50.15 8.53 6.67
CA ILE G 101 -48.89 7.97 7.16
C ILE G 101 -48.95 7.66 8.66
N GLY G 102 -47.97 6.89 9.14
CA GLY G 102 -47.86 6.52 10.55
C GLY G 102 -48.88 5.50 11.02
N GLY G 103 -49.24 5.62 12.30
CA GLY G 103 -50.18 4.71 12.95
C GLY G 103 -49.48 3.50 13.52
N MET G 104 -49.77 3.18 14.81
CA MET G 104 -49.17 2.05 15.53
C MET G 104 -49.47 0.68 14.89
N GLY G 105 -50.66 0.54 14.31
CA GLY G 105 -51.10 -0.66 13.62
C GLY G 105 -50.34 -0.93 12.33
N ALA G 106 -50.19 0.13 11.50
CA ALA G 106 -49.48 0.07 10.23
C ALA G 106 -47.96 -0.10 10.42
N LEU G 107 -47.40 0.48 11.49
CA LEU G 107 -45.98 0.40 11.82
C LEU G 107 -45.58 -0.99 12.30
N THR G 108 -46.43 -1.62 13.16
CA THR G 108 -46.22 -2.97 13.69
C THR G 108 -46.26 -3.99 12.54
N ALA G 109 -47.24 -3.83 11.62
CA ALA G 109 -47.43 -4.68 10.44
C ALA G 109 -46.21 -4.67 9.50
N LEU G 110 -45.57 -3.49 9.35
CA LEU G 110 -44.38 -3.32 8.51
C LEU G 110 -43.14 -3.94 9.17
N ILE G 111 -42.94 -3.70 10.49
CA ILE G 111 -41.82 -4.25 11.26
C ILE G 111 -41.87 -5.78 11.24
N ARG G 112 -43.05 -6.37 11.48
CA ARG G 112 -43.29 -7.82 11.47
C ARG G 112 -43.03 -8.44 10.10
N ASP G 113 -43.47 -7.76 9.01
CA ASP G 113 -43.30 -8.22 7.64
C ASP G 113 -41.81 -8.24 7.24
N GLN G 114 -41.07 -7.17 7.58
CA GLN G 114 -39.64 -7.04 7.29
C GLN G 114 -38.78 -7.98 8.13
N LYS G 115 -39.17 -8.23 9.40
CA LYS G 115 -38.48 -9.14 10.32
C LYS G 115 -38.64 -10.58 9.85
N ALA G 116 -39.80 -10.89 9.22
CA ALA G 116 -40.12 -12.21 8.66
C ALA G 116 -39.27 -12.50 7.43
N ARG G 117 -38.97 -11.45 6.63
CA ARG G 117 -38.17 -11.53 5.42
C ARG G 117 -36.71 -11.84 5.76
N VAL G 118 -36.11 -11.05 6.69
CA VAL G 118 -34.72 -11.16 7.16
C VAL G 118 -34.44 -12.54 7.79
N GLU G 119 -35.37 -13.02 8.65
CA GLU G 119 -35.23 -14.32 9.31
C GLU G 119 -35.37 -15.49 8.34
N ALA G 120 -36.16 -15.33 7.25
CA ALA G 120 -36.32 -16.34 6.20
C ALA G 120 -35.05 -16.44 5.36
N GLU G 121 -34.32 -15.32 5.21
CA GLU G 121 -33.06 -15.22 4.47
C GLU G 121 -31.92 -15.90 5.23
N GLY G 122 -31.95 -15.80 6.57
CA GLY G 122 -30.97 -16.39 7.46
C GLY G 122 -30.13 -15.39 8.23
N GLY G 123 -30.62 -14.15 8.32
CA GLY G 123 -29.95 -13.06 9.01
C GLY G 123 -30.60 -12.63 10.32
N LYS G 124 -29.89 -11.75 11.06
CA LYS G 124 -30.33 -11.20 12.34
C LYS G 124 -31.05 -9.85 12.12
N ALA G 125 -32.23 -9.69 12.74
CA ALA G 125 -33.03 -8.46 12.66
C ALA G 125 -33.25 -7.86 14.04
N LEU G 126 -32.90 -6.56 14.20
CA LEU G 126 -33.03 -5.84 15.47
C LEU G 126 -33.95 -4.63 15.34
N VAL G 127 -34.99 -4.57 16.20
CA VAL G 127 -35.96 -3.47 16.23
C VAL G 127 -35.44 -2.43 17.21
N LEU G 128 -35.05 -1.25 16.69
CA LEU G 128 -34.48 -0.17 17.52
C LEU G 128 -35.31 1.11 17.45
N ASP G 129 -35.66 1.65 18.63
CA ASP G 129 -36.43 2.89 18.78
C ASP G 129 -35.47 4.02 19.11
N GLY G 130 -35.63 5.16 18.44
CA GLY G 130 -34.76 6.31 18.63
C GLY G 130 -35.27 7.43 19.51
N GLY G 131 -35.96 7.07 20.59
CA GLY G 131 -36.50 8.03 21.55
C GLY G 131 -37.71 8.80 21.11
N ASP G 132 -38.25 9.67 22.01
CA ASP G 132 -39.44 10.51 21.82
C ASP G 132 -40.65 9.71 21.33
N THR G 133 -41.04 8.70 22.13
CA THR G 133 -42.11 7.78 21.79
C THR G 133 -43.27 7.84 22.80
N TRP G 134 -42.96 7.72 24.10
CA TRP G 134 -43.92 7.68 25.22
C TRP G 134 -44.81 8.92 25.41
N THR G 135 -44.40 10.10 24.91
CA THR G 135 -45.17 11.35 25.13
C THR G 135 -45.60 12.11 23.87
N ASN G 136 -46.47 13.14 24.08
CA ASN G 136 -47.02 14.12 23.12
C ASN G 136 -48.12 13.57 22.17
N SER G 137 -49.18 12.97 22.75
CA SER G 137 -50.35 12.44 22.02
C SER G 137 -51.57 12.19 22.94
N GLY G 138 -52.72 11.91 22.32
CA GLY G 138 -53.98 11.63 23.02
C GLY G 138 -53.94 10.35 23.82
N LEU G 139 -53.39 9.27 23.22
CA LEU G 139 -53.23 7.95 23.83
C LEU G 139 -52.25 8.02 25.01
N SER G 140 -51.19 8.85 24.89
CA SER G 140 -50.16 9.04 25.90
C SER G 140 -50.67 9.73 27.17
N LEU G 141 -51.27 10.93 27.03
CA LEU G 141 -51.76 11.75 28.15
C LEU G 141 -52.83 11.08 29.01
N LEU G 142 -53.72 10.28 28.41
CA LEU G 142 -54.79 9.58 29.11
C LEU G 142 -54.32 8.37 29.93
N THR G 143 -53.19 7.76 29.54
CA THR G 143 -52.61 6.60 30.23
C THR G 143 -51.27 6.90 30.92
N ARG G 144 -50.80 8.17 30.82
CA ARG G 144 -49.52 8.67 31.37
C ARG G 144 -48.31 7.95 30.74
N GLY G 145 -48.43 7.68 29.43
CA GLY G 145 -47.41 7.03 28.62
C GLY G 145 -47.36 5.51 28.71
N GLU G 146 -48.29 4.88 29.46
CA GLU G 146 -48.35 3.43 29.67
C GLU G 146 -48.71 2.64 28.41
N ALA G 147 -49.73 3.10 27.66
CA ALA G 147 -50.21 2.45 26.43
C ALA G 147 -49.15 2.37 25.33
N VAL G 148 -48.22 3.34 25.29
CA VAL G 148 -47.13 3.41 24.31
C VAL G 148 -46.07 2.34 24.64
N VAL G 149 -45.73 2.17 25.93
CA VAL G 149 -44.77 1.18 26.45
C VAL G 149 -45.27 -0.24 26.15
N ARG G 150 -46.59 -0.47 26.36
CA ARG G 150 -47.26 -1.74 26.14
C ARG G 150 -47.34 -2.12 24.65
N TRP G 151 -47.36 -1.11 23.75
CA TRP G 151 -47.36 -1.30 22.30
C TRP G 151 -45.98 -1.78 21.84
N GLN G 152 -44.90 -1.25 22.47
CA GLN G 152 -43.50 -1.60 22.19
C GLN G 152 -43.23 -3.08 22.48
N ASN G 153 -43.88 -3.64 23.51
CA ASN G 153 -43.77 -5.05 23.91
C ASN G 153 -44.48 -5.95 22.89
N LEU G 154 -45.57 -5.45 22.27
CA LEU G 154 -46.35 -6.17 21.26
C LEU G 154 -45.58 -6.32 19.96
N VAL G 155 -44.96 -5.23 19.48
CA VAL G 155 -44.16 -5.21 18.25
C VAL G 155 -42.81 -5.90 18.47
N GLY G 156 -42.23 -5.72 19.66
CA GLY G 156 -40.96 -6.32 20.05
C GLY G 156 -39.76 -5.43 19.87
N VAL G 157 -39.76 -4.27 20.56
CA VAL G 157 -38.66 -3.30 20.52
C VAL G 157 -37.50 -3.84 21.37
N ASP G 158 -36.30 -3.97 20.77
CA ASP G 158 -35.11 -4.47 21.45
C ASP G 158 -34.42 -3.41 22.32
N HIS G 159 -34.21 -2.18 21.77
CA HIS G 159 -33.58 -1.08 22.49
C HIS G 159 -34.21 0.29 22.20
N MET G 160 -34.10 1.24 23.16
CA MET G 160 -34.62 2.60 23.03
C MET G 160 -33.82 3.64 23.84
N VAL G 161 -33.91 4.92 23.42
CA VAL G 161 -33.28 6.07 24.09
C VAL G 161 -34.37 7.03 24.63
N SER G 162 -34.00 8.18 25.22
CA SER G 162 -34.99 9.11 25.80
C SER G 162 -34.65 10.60 25.69
N HIS G 163 -35.68 11.45 25.85
CA HIS G 163 -35.64 12.92 25.85
C HIS G 163 -36.95 13.46 26.44
N CYS G 164 -38.07 13.35 25.70
CA CYS G 164 -39.38 13.81 26.15
C CYS G 164 -40.12 12.77 26.99
N GLU G 165 -39.50 11.58 27.17
CA GLU G 165 -40.03 10.50 28.01
C GLU G 165 -39.96 10.92 29.48
N TRP G 166 -38.93 11.72 29.83
CA TRP G 166 -38.66 12.25 31.17
C TRP G 166 -39.63 13.34 31.63
N THR G 167 -40.48 13.88 30.72
CA THR G 167 -41.47 14.93 31.03
C THR G 167 -42.59 14.40 31.94
N LEU G 168 -42.76 13.07 32.02
CA LEU G 168 -43.76 12.40 32.86
C LEU G 168 -43.35 12.44 34.34
N GLY G 169 -42.05 12.46 34.59
CA GLY G 169 -41.46 12.49 35.92
C GLY G 169 -40.57 11.28 36.18
N ARG G 170 -39.55 11.47 37.05
CA ARG G 170 -38.56 10.44 37.44
C ARG G 170 -39.20 9.14 37.93
N GLU G 171 -40.27 9.25 38.75
CA GLU G 171 -41.00 8.12 39.31
C GLU G 171 -41.77 7.33 38.25
N ARG G 172 -42.36 8.04 37.25
CA ARG G 172 -43.13 7.45 36.17
C ARG G 172 -42.25 6.69 35.17
N VAL G 173 -41.08 7.27 34.80
CA VAL G 173 -40.12 6.67 33.86
C VAL G 173 -39.61 5.33 34.42
N GLU G 174 -39.20 5.31 35.71
CA GLU G 174 -38.72 4.12 36.42
C GLU G 174 -39.82 3.04 36.51
N GLU G 175 -41.09 3.47 36.62
CA GLU G 175 -42.26 2.60 36.68
C GLU G 175 -42.55 1.99 35.30
N LEU G 176 -42.42 2.80 34.23
CA LEU G 176 -42.65 2.37 32.84
C LEU G 176 -41.55 1.47 32.29
N LEU G 177 -40.28 1.67 32.76
CA LEU G 177 -39.13 0.87 32.33
C LEU G 177 -39.21 -0.58 32.81
N GLY G 178 -39.92 -0.81 33.92
CA GLY G 178 -40.16 -2.13 34.49
C GLY G 178 -41.11 -2.94 33.63
N LEU G 179 -42.06 -2.24 32.97
CA LEU G 179 -43.06 -2.83 32.06
C LEU G 179 -42.46 -3.05 30.67
N PHE G 180 -41.46 -2.23 30.29
CA PHE G 180 -40.76 -2.30 29.00
C PHE G 180 -39.91 -3.57 28.92
N ARG G 181 -40.29 -4.49 28.02
CA ARG G 181 -39.63 -5.78 27.80
C ARG G 181 -38.22 -5.67 27.23
N GLY G 182 -37.98 -4.63 26.42
CA GLY G 182 -36.69 -4.36 25.81
C GLY G 182 -35.68 -3.79 26.79
N GLU G 183 -34.44 -3.59 26.33
CA GLU G 183 -33.36 -3.06 27.16
C GLU G 183 -33.09 -1.59 26.84
N PHE G 184 -33.24 -0.72 27.86
CA PHE G 184 -32.99 0.71 27.72
C PHE G 184 -31.49 0.98 27.83
N LEU G 185 -30.93 1.70 26.84
CA LEU G 185 -29.50 2.02 26.81
C LEU G 185 -29.24 3.51 26.81
N SER G 186 -28.32 3.95 27.70
CA SER G 186 -27.90 5.35 27.88
C SER G 186 -26.55 5.43 28.59
N TYR G 187 -25.61 6.20 28.03
CA TYR G 187 -24.27 6.39 28.58
C TYR G 187 -24.20 7.69 29.40
N ASN G 188 -24.90 8.75 28.92
CA ASN G 188 -24.91 10.09 29.49
C ASN G 188 -25.75 10.23 30.76
N ILE G 189 -26.83 9.43 30.91
CA ILE G 189 -27.70 9.49 32.09
C ILE G 189 -26.95 8.97 33.33
N VAL G 190 -26.40 9.91 34.11
CA VAL G 190 -25.62 9.65 35.34
C VAL G 190 -26.21 10.39 36.56
N ASP G 191 -25.80 9.97 37.78
CA ASP G 191 -26.24 10.55 39.06
C ASP G 191 -25.69 11.97 39.22
N ASP G 192 -26.44 12.83 39.94
CA ASP G 192 -26.10 14.23 40.15
C ASP G 192 -24.93 14.48 41.08
N LEU G 193 -24.92 13.82 42.25
CA LEU G 193 -23.86 13.99 43.25
C LEU G 193 -22.60 13.15 42.95
N PHE G 194 -22.74 11.91 42.46
CA PHE G 194 -21.61 11.03 42.18
C PHE G 194 -21.17 11.03 40.69
N GLY G 195 -22.04 10.55 39.80
CA GLY G 195 -21.79 10.47 38.36
C GLY G 195 -21.74 9.04 37.84
N ASP G 196 -22.48 8.14 38.51
CA ASP G 196 -22.56 6.71 38.16
C ASP G 196 -23.71 6.45 37.19
N PRO G 197 -23.47 5.69 36.08
CA PRO G 197 -24.56 5.42 35.13
C PRO G 197 -25.58 4.43 35.67
N LEU G 198 -26.86 4.81 35.65
CA LEU G 198 -27.97 4.00 36.13
C LEU G 198 -28.39 2.93 35.12
N PHE G 199 -28.21 3.23 33.82
CA PHE G 199 -28.56 2.35 32.71
C PHE G 199 -27.30 1.90 31.94
N PRO G 200 -27.28 0.68 31.33
CA PRO G 200 -26.07 0.25 30.59
C PRO G 200 -25.80 1.12 29.36
N ALA G 201 -24.51 1.40 29.11
CA ALA G 201 -24.06 2.23 27.99
C ALA G 201 -24.23 1.54 26.64
N TYR G 202 -24.02 0.20 26.59
CA TYR G 202 -24.12 -0.59 25.37
C TYR G 202 -24.58 -2.04 25.58
N ARG G 203 -24.85 -2.75 24.47
CA ARG G 203 -25.24 -4.16 24.43
C ARG G 203 -24.70 -4.82 23.16
N ILE G 204 -23.97 -5.92 23.31
CA ILE G 204 -23.35 -6.67 22.21
C ILE G 204 -24.25 -7.85 21.78
N HIS G 205 -24.60 -7.89 20.48
CA HIS G 205 -25.43 -8.92 19.87
C HIS G 205 -24.60 -9.78 18.92
N ARG G 206 -24.79 -11.11 18.98
CA ARG G 206 -24.08 -12.06 18.12
C ARG G 206 -24.77 -12.17 16.76
N VAL G 207 -24.08 -11.69 15.71
CA VAL G 207 -24.57 -11.74 14.33
C VAL G 207 -23.68 -12.73 13.55
N GLY G 208 -23.99 -14.01 13.68
CA GLY G 208 -23.26 -15.10 13.06
C GLY G 208 -21.84 -15.19 13.60
N PRO G 209 -20.81 -15.02 12.73
CA PRO G 209 -19.43 -15.06 13.23
C PRO G 209 -18.95 -13.72 13.83
N TYR G 210 -19.70 -12.63 13.59
CA TYR G 210 -19.38 -11.28 14.06
C TYR G 210 -20.23 -10.85 15.26
N ALA G 211 -19.80 -9.76 15.95
CA ALA G 211 -20.48 -9.19 17.10
C ALA G 211 -20.77 -7.70 16.88
N LEU G 212 -22.04 -7.30 17.01
CA LEU G 212 -22.50 -5.92 16.81
C LEU G 212 -22.89 -5.28 18.14
N ALA G 213 -22.31 -4.10 18.45
CA ALA G 213 -22.59 -3.36 19.68
C ALA G 213 -23.49 -2.16 19.41
N VAL G 214 -24.56 -2.02 20.23
CA VAL G 214 -25.52 -0.92 20.13
C VAL G 214 -25.32 0.00 21.34
N VAL G 215 -24.76 1.21 21.10
CA VAL G 215 -24.48 2.20 22.14
C VAL G 215 -25.64 3.21 22.21
N GLY G 216 -26.25 3.31 23.40
CA GLY G 216 -27.36 4.21 23.65
C GLY G 216 -26.92 5.61 24.06
N ALA G 217 -27.49 6.63 23.39
CA ALA G 217 -27.19 8.03 23.65
C ALA G 217 -28.47 8.86 23.76
N SER G 218 -28.70 9.46 24.94
CA SER G 218 -29.87 10.30 25.21
C SER G 218 -29.53 11.78 25.03
N TYR G 219 -30.56 12.64 24.90
CA TYR G 219 -30.43 14.09 24.72
C TYR G 219 -29.69 14.74 25.91
N PRO G 220 -28.63 15.54 25.67
CA PRO G 220 -27.87 16.12 26.79
C PRO G 220 -28.45 17.38 27.42
N TYR G 221 -29.29 18.12 26.67
CA TYR G 221 -29.90 19.38 27.14
C TYR G 221 -31.35 19.17 27.58
N VAL G 222 -31.60 18.05 28.31
CA VAL G 222 -32.90 17.64 28.83
C VAL G 222 -33.40 18.56 29.96
N LYS G 223 -32.48 18.96 30.88
CA LYS G 223 -32.80 19.81 32.03
C LYS G 223 -33.23 21.25 31.64
N VAL G 224 -32.69 21.79 30.52
CA VAL G 224 -33.03 23.14 30.05
C VAL G 224 -34.27 23.15 29.13
N SER G 225 -34.63 21.98 28.55
CA SER G 225 -35.79 21.86 27.66
C SER G 225 -37.11 21.84 28.44
N HIS G 226 -37.24 20.95 29.44
CA HIS G 226 -38.43 20.83 30.29
C HIS G 226 -38.13 21.15 31.78
N PRO G 227 -39.15 21.48 32.63
CA PRO G 227 -38.85 21.82 34.04
C PRO G 227 -37.89 20.89 34.78
N GLU G 228 -36.99 21.49 35.58
CA GLU G 228 -35.94 20.84 36.38
C GLU G 228 -36.47 19.83 37.42
N SER G 229 -37.73 20.00 37.87
CA SER G 229 -38.38 19.14 38.86
C SER G 229 -38.58 17.69 38.38
N PHE G 230 -38.77 17.50 37.06
CA PHE G 230 -38.97 16.18 36.45
C PHE G 230 -37.71 15.32 36.46
N THR G 231 -36.53 15.93 36.25
CA THR G 231 -35.24 15.24 36.24
C THR G 231 -34.33 15.67 37.41
N GLU G 232 -34.94 15.85 38.60
CA GLU G 232 -34.22 16.26 39.81
C GLU G 232 -33.38 15.11 40.35
N GLY G 233 -32.07 15.33 40.40
CA GLY G 233 -31.08 14.35 40.85
C GLY G 233 -30.48 13.55 39.71
N LEU G 234 -30.48 14.12 38.49
CA LEU G 234 -29.93 13.49 37.28
C LEU G 234 -29.05 14.45 36.47
N SER G 235 -28.07 13.88 35.75
CA SER G 235 -27.16 14.61 34.87
C SER G 235 -27.23 13.99 33.48
N PHE G 236 -27.54 14.81 32.46
CA PHE G 236 -27.69 14.37 31.07
C PHE G 236 -26.55 14.84 30.16
N ALA G 237 -25.76 15.84 30.61
CA ALA G 237 -24.62 16.48 29.94
C ALA G 237 -23.78 15.56 29.05
N LEU G 238 -23.45 16.05 27.84
CA LEU G 238 -22.66 15.34 26.84
C LEU G 238 -21.20 15.17 27.31
N ASP G 239 -20.79 13.91 27.50
CA ASP G 239 -19.45 13.56 27.95
C ASP G 239 -18.71 12.80 26.85
N GLU G 240 -17.73 13.48 26.21
CA GLU G 240 -16.92 12.93 25.12
C GLU G 240 -15.95 11.84 25.63
N ARG G 241 -15.46 12.00 26.87
CA ARG G 241 -14.56 11.07 27.53
C ARG G 241 -15.28 9.75 27.85
N ARG G 242 -16.53 9.83 28.37
CA ARG G 242 -17.37 8.68 28.71
C ARG G 242 -17.88 7.94 27.46
N LEU G 243 -18.15 8.69 26.36
CA LEU G 243 -18.61 8.12 25.09
C LEU G 243 -17.51 7.30 24.42
N GLN G 244 -16.27 7.84 24.38
CA GLN G 244 -15.10 7.18 23.81
C GLN G 244 -14.76 5.91 24.61
N GLU G 245 -14.88 5.98 25.95
CA GLU G 245 -14.63 4.86 26.86
C GLU G 245 -15.62 3.71 26.64
N ALA G 246 -16.91 4.05 26.39
CA ALA G 246 -17.98 3.08 26.14
C ALA G 246 -17.78 2.34 24.81
N VAL G 247 -17.29 3.04 23.78
CA VAL G 247 -17.00 2.49 22.44
C VAL G 247 -15.76 1.57 22.52
N ASP G 248 -14.69 2.04 23.20
CA ASP G 248 -13.43 1.31 23.39
C ASP G 248 -13.61 0.03 24.22
N LYS G 249 -14.48 0.08 25.26
CA LYS G 249 -14.78 -1.05 26.15
C LYS G 249 -15.56 -2.13 25.39
N ALA G 250 -16.46 -1.71 24.48
CA ALA G 250 -17.29 -2.59 23.65
C ALA G 250 -16.43 -3.41 22.69
N ARG G 251 -15.50 -2.76 21.98
CA ARG G 251 -14.58 -3.38 21.02
C ARG G 251 -13.57 -4.31 21.72
N ALA G 252 -13.22 -4.00 22.99
CA ALA G 252 -12.31 -4.79 23.81
C ALA G 252 -12.98 -6.09 24.27
N GLU G 253 -14.31 -6.07 24.49
CA GLU G 253 -15.08 -7.23 24.91
C GLU G 253 -15.26 -8.29 23.81
N GLY G 254 -15.21 -7.84 22.54
CA GLY G 254 -15.35 -8.72 21.38
C GLY G 254 -16.16 -8.20 20.23
N ALA G 255 -16.67 -6.96 20.32
CA ALA G 255 -17.48 -6.34 19.27
C ALA G 255 -16.65 -5.86 18.09
N ASN G 256 -17.09 -6.21 16.87
CA ASN G 256 -16.42 -5.85 15.62
C ASN G 256 -16.88 -4.47 15.12
N ALA G 257 -18.21 -4.25 15.08
CA ALA G 257 -18.82 -2.98 14.64
C ALA G 257 -19.60 -2.29 15.76
N VAL G 258 -19.55 -0.95 15.78
CA VAL G 258 -20.22 -0.12 16.79
C VAL G 258 -21.30 0.75 16.13
N VAL G 259 -22.56 0.59 16.60
CA VAL G 259 -23.72 1.34 16.12
C VAL G 259 -24.24 2.21 17.27
N LEU G 260 -24.36 3.53 17.04
CA LEU G 260 -24.81 4.49 18.04
C LEU G 260 -26.27 4.90 17.85
N LEU G 261 -27.15 4.42 18.75
CA LEU G 261 -28.57 4.76 18.80
C LEU G 261 -28.61 6.08 19.57
N SER G 262 -28.70 7.21 18.85
CA SER G 262 -28.64 8.54 19.45
C SER G 262 -29.88 9.41 19.27
N HIS G 263 -30.04 10.36 20.20
CA HIS G 263 -31.09 11.38 20.24
C HIS G 263 -30.46 12.75 20.56
N ASN G 264 -29.12 12.86 20.37
CA ASN G 264 -28.34 14.09 20.59
C ASN G 264 -28.66 15.15 19.51
N GLY G 265 -29.09 14.68 18.34
CA GLY G 265 -29.40 15.51 17.19
C GLY G 265 -28.41 15.25 16.08
N MET G 266 -28.92 15.11 14.83
CA MET G 266 -28.13 14.81 13.62
C MET G 266 -26.90 15.72 13.43
N GLN G 267 -27.03 17.02 13.75
CA GLN G 267 -25.94 17.99 13.63
C GLN G 267 -24.86 17.75 14.69
N LEU G 268 -25.28 17.52 15.95
CA LEU G 268 -24.38 17.23 17.08
C LEU G 268 -23.70 15.87 16.89
N ASP G 269 -24.42 14.88 16.31
CA ASP G 269 -23.93 13.54 16.02
C ASP G 269 -22.84 13.58 14.93
N ALA G 270 -22.99 14.51 13.96
CA ALA G 270 -22.03 14.73 12.87
C ALA G 270 -20.73 15.32 13.43
N ALA G 271 -20.84 16.18 14.46
CA ALA G 271 -19.70 16.80 15.15
C ALA G 271 -18.97 15.75 15.98
N LEU G 272 -19.72 14.78 16.55
CA LEU G 272 -19.18 13.68 17.35
C LEU G 272 -18.51 12.62 16.47
N ALA G 273 -18.93 12.51 15.18
CA ALA G 273 -18.38 11.57 14.20
C ALA G 273 -16.93 11.87 13.85
N GLU G 274 -16.55 13.16 13.89
CA GLU G 274 -15.18 13.64 13.60
C GLU G 274 -14.31 13.73 14.86
N ARG G 275 -14.94 13.65 16.05
CA ARG G 275 -14.25 13.77 17.35
C ARG G 275 -14.09 12.44 18.09
N ILE G 276 -15.03 11.48 17.92
CA ILE G 276 -15.00 10.18 18.58
C ILE G 276 -14.64 9.06 17.59
N ARG G 277 -13.69 8.20 17.99
CA ARG G 277 -13.19 7.07 17.19
C ARG G 277 -13.95 5.78 17.52
N GLY G 278 -14.06 4.89 16.54
CA GLY G 278 -14.70 3.58 16.71
C GLY G 278 -16.10 3.44 16.14
N ILE G 279 -16.92 4.51 16.21
CA ILE G 279 -18.30 4.50 15.72
C ILE G 279 -18.35 4.36 14.20
N ASP G 280 -19.05 3.33 13.71
CA ASP G 280 -19.20 3.02 12.29
C ASP G 280 -20.55 3.47 11.72
N LEU G 281 -21.60 3.52 12.58
CA LEU G 281 -22.96 3.93 12.20
C LEU G 281 -23.65 4.70 13.33
N ILE G 282 -24.34 5.81 12.99
CA ILE G 282 -25.11 6.63 13.94
C ILE G 282 -26.57 6.69 13.47
N LEU G 283 -27.50 6.23 14.33
CA LEU G 283 -28.93 6.26 14.06
C LEU G 283 -29.53 7.48 14.76
N SER G 284 -29.33 8.66 14.13
CA SER G 284 -29.75 9.97 14.62
C SER G 284 -31.25 10.19 14.71
N GLY G 285 -31.65 10.92 15.75
CA GLY G 285 -33.03 11.32 16.02
C GLY G 285 -33.09 12.76 16.46
N HIS G 286 -34.20 13.16 17.15
CA HIS G 286 -34.46 14.50 17.70
C HIS G 286 -34.70 15.59 16.64
N THR G 287 -33.87 15.61 15.57
CA THR G 287 -33.93 16.59 14.48
C THR G 287 -35.07 16.34 13.47
N HIS G 288 -35.77 15.18 13.59
CA HIS G 288 -36.92 14.75 12.76
C HIS G 288 -36.62 14.71 11.24
N ASP G 289 -35.33 14.58 10.86
CA ASP G 289 -34.87 14.53 9.47
C ASP G 289 -35.13 13.18 8.79
N LEU G 290 -34.94 13.11 7.45
CA LEU G 290 -35.10 11.90 6.64
C LEU G 290 -33.93 11.70 5.68
N THR G 291 -33.37 10.49 5.64
CA THR G 291 -32.23 10.17 4.76
C THR G 291 -32.39 8.86 3.96
N PRO G 292 -32.77 8.95 2.66
CA PRO G 292 -32.87 7.72 1.84
C PRO G 292 -31.49 7.10 1.57
N ARG G 293 -30.45 7.93 1.57
CA ARG G 293 -29.05 7.55 1.38
C ARG G 293 -28.26 7.93 2.65
N PRO G 294 -27.33 7.06 3.15
CA PRO G 294 -26.60 7.42 4.39
C PRO G 294 -25.58 8.54 4.20
N TRP G 295 -25.53 9.47 5.19
CA TRP G 295 -24.63 10.62 5.20
C TRP G 295 -23.26 10.22 5.75
N ARG G 296 -22.21 10.42 4.94
CA ARG G 296 -20.83 10.06 5.31
C ARG G 296 -20.07 11.25 5.90
N VAL G 297 -19.77 11.16 7.22
CA VAL G 297 -19.01 12.17 7.97
C VAL G 297 -17.78 11.47 8.57
N GLY G 298 -16.63 11.71 7.98
CA GLY G 298 -15.36 11.11 8.37
C GLY G 298 -15.31 9.63 8.04
N LYS G 299 -15.43 8.78 9.08
CA LYS G 299 -15.42 7.32 8.94
C LYS G 299 -16.70 6.70 9.55
N THR G 300 -17.82 7.46 9.52
CA THR G 300 -19.11 7.04 10.09
C THR G 300 -20.28 7.39 9.16
N TRP G 301 -21.25 6.46 9.02
CA TRP G 301 -22.48 6.63 8.24
C TRP G 301 -23.60 7.08 9.18
N ILE G 302 -24.37 8.11 8.79
CA ILE G 302 -25.45 8.65 9.62
C ILE G 302 -26.81 8.44 8.94
N VAL G 303 -27.73 7.75 9.64
CA VAL G 303 -29.09 7.45 9.18
C VAL G 303 -30.10 8.15 10.09
N ALA G 304 -30.97 8.99 9.52
CA ALA G 304 -32.00 9.74 10.24
C ALA G 304 -33.20 8.83 10.58
N GLY G 305 -33.90 9.16 11.67
CA GLY G 305 -35.03 8.37 12.16
C GLY G 305 -36.44 8.86 11.92
N SER G 306 -36.61 9.93 11.10
CA SER G 306 -37.90 10.53 10.73
C SER G 306 -38.74 11.00 11.94
N ALA G 307 -40.05 11.19 11.76
CA ALA G 307 -40.99 11.66 12.79
C ALA G 307 -42.37 11.04 12.64
N ALA G 308 -43.13 10.97 13.77
CA ALA G 308 -44.49 10.45 13.91
C ALA G 308 -44.69 9.00 13.37
N GLY G 309 -43.58 8.29 13.14
CA GLY G 309 -43.57 6.92 12.64
C GLY G 309 -44.04 6.79 11.21
N LYS G 310 -43.82 7.83 10.39
CA LYS G 310 -44.21 7.85 8.97
C LYS G 310 -43.30 6.98 8.11
N ALA G 311 -42.07 6.71 8.59
CA ALA G 311 -41.07 5.91 7.87
C ALA G 311 -40.29 4.96 8.79
N LEU G 312 -39.97 3.77 8.26
CA LEU G 312 -39.17 2.76 8.93
C LEU G 312 -37.89 2.57 8.10
N MET G 313 -36.75 2.90 8.71
CA MET G 313 -35.44 2.82 8.06
C MET G 313 -34.82 1.43 8.23
N ARG G 314 -34.77 0.66 7.13
CA ARG G 314 -34.17 -0.67 7.11
C ARG G 314 -32.70 -0.53 6.75
N VAL G 315 -31.81 -0.76 7.73
CA VAL G 315 -30.37 -0.65 7.55
C VAL G 315 -29.72 -2.04 7.56
N ASP G 316 -29.56 -2.63 6.35
CA ASP G 316 -28.93 -3.93 6.16
C ASP G 316 -27.42 -3.72 6.19
N LEU G 317 -26.74 -4.37 7.16
CA LEU G 317 -25.29 -4.22 7.35
C LEU G 317 -24.49 -5.45 7.01
N LYS G 318 -23.41 -5.24 6.23
CA LYS G 318 -22.44 -6.28 5.88
C LYS G 318 -21.25 -5.99 6.79
N LEU G 319 -20.97 -6.93 7.71
CA LEU G 319 -19.93 -6.76 8.72
C LEU G 319 -18.60 -7.44 8.41
N TRP G 320 -17.50 -6.82 8.90
CA TRP G 320 -16.14 -7.34 8.79
C TRP G 320 -15.45 -7.30 10.18
N LYS G 321 -14.18 -7.73 10.26
CA LYS G 321 -13.42 -7.79 11.51
C LYS G 321 -13.22 -6.43 12.23
N GLY G 322 -13.15 -5.34 11.46
CA GLY G 322 -12.94 -4.02 12.01
C GLY G 322 -14.03 -2.99 11.76
N GLY G 323 -15.29 -3.41 11.83
CA GLY G 323 -16.44 -2.54 11.65
C GLY G 323 -17.43 -2.97 10.58
N ILE G 324 -18.06 -1.99 9.91
CA ILE G 324 -19.03 -2.21 8.85
C ILE G 324 -18.36 -2.10 7.47
N ALA G 325 -18.45 -3.17 6.67
CA ALA G 325 -17.88 -3.25 5.32
C ALA G 325 -18.67 -2.40 4.33
N ASN G 326 -19.99 -2.66 4.22
CA ASN G 326 -20.92 -1.94 3.34
C ASN G 326 -22.33 -1.99 3.93
N LEU G 327 -23.21 -1.05 3.52
CA LEU G 327 -24.58 -0.97 4.02
C LEU G 327 -25.62 -0.58 2.97
N ARG G 328 -26.88 -1.01 3.19
CA ARG G 328 -28.02 -0.72 2.33
C ARG G 328 -29.09 -0.03 3.18
N VAL G 329 -29.38 1.25 2.87
CA VAL G 329 -30.37 2.05 3.59
C VAL G 329 -31.60 2.24 2.71
N ARG G 330 -32.75 1.74 3.19
CA ARG G 330 -34.03 1.83 2.47
C ARG G 330 -35.10 2.42 3.37
N VAL G 331 -35.62 3.60 3.00
CA VAL G 331 -36.67 4.29 3.74
C VAL G 331 -38.02 3.70 3.28
N LEU G 332 -38.64 2.90 4.17
CA LEU G 332 -39.91 2.23 3.90
C LEU G 332 -41.08 3.11 4.35
N PRO G 333 -41.96 3.54 3.42
CA PRO G 333 -43.08 4.41 3.82
C PRO G 333 -44.18 3.66 4.55
N VAL G 334 -44.49 4.12 5.78
CA VAL G 334 -45.53 3.52 6.62
C VAL G 334 -46.89 4.05 6.15
N LEU G 335 -47.48 3.39 5.14
CA LEU G 335 -48.77 3.77 4.56
C LEU G 335 -49.80 2.71 4.90
N ALA G 336 -50.77 3.06 5.77
CA ALA G 336 -51.85 2.18 6.24
C ALA G 336 -52.73 1.63 5.12
N GLU G 337 -52.91 2.42 4.04
CA GLU G 337 -53.72 2.06 2.87
C GLU G 337 -53.07 0.98 2.00
N HIS G 338 -51.74 0.78 2.11
CA HIS G 338 -51.00 -0.20 1.31
C HIS G 338 -50.28 -1.29 2.14
N LEU G 339 -50.45 -1.26 3.48
CA LEU G 339 -49.85 -2.24 4.39
C LEU G 339 -50.91 -3.17 5.01
N PRO G 340 -50.57 -4.43 5.38
CA PRO G 340 -51.58 -5.32 6.00
C PRO G 340 -52.07 -4.84 7.36
N LYS G 341 -53.16 -5.45 7.87
CA LYS G 341 -53.75 -5.09 9.15
C LYS G 341 -53.20 -5.91 10.31
N ALA G 342 -52.69 -5.21 11.35
CA ALA G 342 -52.19 -5.83 12.57
C ALA G 342 -53.33 -5.74 13.59
N GLU G 343 -54.28 -6.68 13.47
CA GLU G 343 -55.51 -6.79 14.25
C GLU G 343 -55.31 -6.79 15.77
N ASP G 344 -54.19 -7.33 16.27
CA ASP G 344 -53.87 -7.37 17.71
C ASP G 344 -53.65 -5.96 18.28
N VAL G 345 -52.89 -5.12 17.55
CA VAL G 345 -52.61 -3.72 17.94
C VAL G 345 -53.90 -2.90 17.82
N GLU G 346 -54.70 -3.15 16.76
CA GLU G 346 -55.98 -2.49 16.51
C GLU G 346 -57.01 -2.79 17.62
N ALA G 347 -57.01 -4.04 18.13
CA ALA G 347 -57.90 -4.47 19.22
C ALA G 347 -57.42 -3.88 20.55
N PHE G 348 -56.10 -3.67 20.69
CA PHE G 348 -55.45 -3.09 21.87
C PHE G 348 -55.80 -1.60 21.98
N LEU G 349 -55.67 -0.85 20.86
CA LEU G 349 -55.96 0.58 20.78
C LEU G 349 -57.44 0.89 20.97
N LYS G 350 -58.33 0.00 20.48
CA LYS G 350 -59.79 0.13 20.60
C LYS G 350 -60.21 -0.05 22.06
N ALA G 351 -59.61 -1.02 22.77
CA ALA G 351 -59.88 -1.30 24.18
C ALA G 351 -59.32 -0.22 25.11
N GLN G 352 -58.15 0.35 24.76
CA GLN G 352 -57.49 1.41 25.54
C GLN G 352 -58.21 2.75 25.47
N LEU G 353 -58.83 3.06 24.31
CA LEU G 353 -59.54 4.33 24.11
C LEU G 353 -61.05 4.16 23.86
N ALA G 354 -61.66 3.12 24.45
CA ALA G 354 -63.09 2.84 24.35
C ALA G 354 -63.95 3.93 25.07
N PRO G 355 -63.66 4.37 26.32
CA PRO G 355 -64.48 5.42 26.91
C PRO G 355 -64.11 6.84 26.45
N HIS G 356 -62.94 7.00 25.77
CA HIS G 356 -62.46 8.28 25.28
C HIS G 356 -62.64 8.45 23.75
N GLN G 357 -63.43 7.55 23.12
CA GLN G 357 -63.71 7.57 21.67
C GLN G 357 -64.55 8.79 21.28
N ASP G 358 -65.57 9.13 22.08
CA ASP G 358 -66.47 10.27 21.87
C ASP G 358 -65.81 11.62 22.18
N HIS G 359 -64.63 11.60 22.85
CA HIS G 359 -63.89 12.81 23.19
C HIS G 359 -62.82 13.11 22.13
N LEU G 360 -61.93 12.13 21.86
CA LEU G 360 -60.80 12.22 20.94
C LEU G 360 -61.13 12.33 19.44
N PHE G 361 -62.25 11.76 18.99
CA PHE G 361 -62.55 11.72 17.54
C PHE G 361 -63.76 12.57 17.10
N THR G 362 -64.45 13.26 18.03
CA THR G 362 -65.59 14.12 17.68
C THR G 362 -65.07 15.45 17.07
N PRO G 363 -65.52 15.84 15.86
CA PRO G 363 -65.02 17.09 15.25
C PRO G 363 -65.41 18.36 16.00
N LEU G 364 -64.44 19.27 16.15
CA LEU G 364 -64.62 20.56 16.83
C LEU G 364 -64.81 21.68 15.80
N ALA G 365 -63.98 21.68 14.73
CA ALA G 365 -64.01 22.64 13.63
C ALA G 365 -63.44 22.05 12.33
N VAL G 366 -63.96 22.49 11.18
CA VAL G 366 -63.51 22.05 9.86
C VAL G 366 -62.55 23.08 9.28
N SER G 367 -61.31 22.66 8.96
CA SER G 367 -60.28 23.53 8.38
C SER G 367 -60.43 23.60 6.86
N GLU G 368 -60.42 24.84 6.31
CA GLU G 368 -60.54 25.09 4.88
C GLU G 368 -59.19 25.14 4.15
N THR G 369 -58.10 25.37 4.91
CA THR G 369 -56.72 25.43 4.40
C THR G 369 -55.79 24.44 5.10
N LEU G 370 -54.59 24.21 4.54
CA LEU G 370 -53.59 23.30 5.09
C LEU G 370 -52.97 23.86 6.38
N LEU G 371 -52.92 23.03 7.43
CA LEU G 371 -52.35 23.40 8.73
C LEU G 371 -51.11 22.56 9.05
N TYR G 372 -49.91 23.13 8.80
CA TYR G 372 -48.63 22.45 9.06
C TYR G 372 -47.94 23.05 10.29
N LYS G 373 -47.12 22.23 10.98
CA LYS G 373 -46.39 22.62 12.19
C LYS G 373 -44.90 22.84 11.93
N ARG G 374 -44.26 21.93 11.18
CA ARG G 374 -42.82 21.97 10.88
C ARG G 374 -42.42 23.12 9.95
N ASP G 375 -41.42 23.91 10.40
CA ASP G 375 -40.78 25.06 9.75
C ASP G 375 -39.72 25.61 10.72
N THR G 376 -38.85 26.52 10.24
CA THR G 376 -37.80 27.15 11.05
C THR G 376 -38.29 28.46 11.70
N LEU G 377 -39.16 29.23 10.98
CA LEU G 377 -39.64 30.51 11.48
C LEU G 377 -41.18 30.66 11.58
N TYR G 378 -41.93 30.32 10.51
CA TYR G 378 -43.39 30.48 10.51
C TYR G 378 -44.16 29.29 9.94
N SER G 379 -45.24 28.88 10.64
CA SER G 379 -46.14 27.80 10.24
C SER G 379 -47.61 28.25 10.37
N THR G 380 -48.50 27.67 9.55
CA THR G 380 -49.93 28.00 9.54
C THR G 380 -50.67 27.61 10.83
N TRP G 381 -50.30 26.46 11.44
CA TRP G 381 -50.93 26.00 12.69
C TRP G 381 -50.67 26.97 13.85
N ASP G 382 -49.44 27.48 13.96
CA ASP G 382 -49.04 28.42 15.02
C ASP G 382 -49.72 29.78 14.87
N GLN G 383 -50.19 30.13 13.65
CA GLN G 383 -50.93 31.38 13.40
C GLN G 383 -52.36 31.21 13.94
N LEU G 384 -52.92 29.98 13.83
CA LEU G 384 -54.25 29.61 14.33
C LEU G 384 -54.26 29.67 15.86
N VAL G 385 -53.16 29.22 16.51
CA VAL G 385 -52.97 29.24 17.96
C VAL G 385 -52.94 30.70 18.43
N GLY G 386 -52.20 31.54 17.70
CA GLY G 386 -52.08 32.98 17.95
C GLY G 386 -53.41 33.71 17.79
N GLU G 387 -54.21 33.28 16.79
CA GLU G 387 -55.54 33.82 16.50
C GLU G 387 -56.54 33.39 17.57
N ALA G 388 -56.40 32.14 18.10
CA ALA G 388 -57.26 31.57 19.13
C ALA G 388 -57.08 32.29 20.48
N VAL G 389 -55.83 32.58 20.86
CA VAL G 389 -55.47 33.28 22.10
C VAL G 389 -55.96 34.74 22.04
N LYS G 390 -55.74 35.42 20.90
CA LYS G 390 -56.15 36.81 20.68
C LYS G 390 -57.67 37.01 20.60
N ALA G 391 -58.44 35.95 20.23
CA ALA G 391 -59.89 36.02 20.14
C ALA G 391 -60.54 35.97 21.53
N ILE G 392 -60.09 35.03 22.39
CA ILE G 392 -60.58 34.85 23.75
C ILE G 392 -60.01 35.96 24.65
N TYR G 393 -58.70 36.22 24.55
CA TYR G 393 -58.01 37.26 25.32
C TYR G 393 -57.57 38.40 24.36
N PRO G 394 -58.41 39.45 24.18
CA PRO G 394 -58.03 40.53 23.25
C PRO G 394 -56.95 41.48 23.78
N GLU G 395 -56.69 41.44 25.10
CA GLU G 395 -55.69 42.26 25.80
C GLU G 395 -54.26 41.89 25.40
N VAL G 396 -54.05 40.62 24.98
CA VAL G 396 -52.76 40.06 24.55
C VAL G 396 -52.28 40.73 23.25
N GLU G 397 -51.04 41.24 23.26
CA GLU G 397 -50.41 41.92 22.12
C GLU G 397 -49.53 40.97 21.31
N VAL G 398 -48.86 40.01 21.98
CA VAL G 398 -47.97 39.04 21.34
C VAL G 398 -48.21 37.60 21.86
N VAL G 399 -48.35 36.63 20.93
CA VAL G 399 -48.58 35.23 21.27
C VAL G 399 -47.36 34.37 20.88
N PHE G 400 -46.50 34.05 21.87
CA PHE G 400 -45.30 33.24 21.69
C PHE G 400 -45.67 31.75 21.66
N SER G 401 -45.39 31.09 20.53
CA SER G 401 -45.67 29.66 20.33
C SER G 401 -44.37 28.86 20.24
N PRO G 402 -44.26 27.70 20.95
CA PRO G 402 -43.01 26.92 20.86
C PRO G 402 -42.83 26.25 19.51
N ALA G 403 -41.62 26.37 18.93
CA ALA G 403 -41.29 25.81 17.63
C ALA G 403 -40.83 24.35 17.77
N VAL G 404 -41.72 23.49 18.31
CA VAL G 404 -41.46 22.06 18.50
C VAL G 404 -41.59 21.32 17.18
N ARG G 405 -40.67 20.38 16.93
CA ARG G 405 -40.60 19.58 15.71
C ARG G 405 -41.76 18.57 15.59
N TRP G 406 -42.34 18.14 16.72
CA TRP G 406 -43.44 17.18 16.76
C TRP G 406 -44.81 17.83 16.53
N GLY G 407 -45.70 17.08 15.88
CA GLY G 407 -47.05 17.52 15.57
C GLY G 407 -47.71 16.65 14.51
N THR G 408 -48.69 17.24 13.80
CA THR G 408 -49.44 16.60 12.71
C THR G 408 -49.75 17.64 11.61
N THR G 409 -50.55 17.25 10.59
CA THR G 409 -50.93 18.11 9.48
C THR G 409 -52.41 17.94 9.12
N ILE G 410 -53.16 19.05 9.11
CA ILE G 410 -54.59 19.07 8.78
C ILE G 410 -54.75 19.46 7.31
N LEU G 411 -55.37 18.58 6.51
CA LEU G 411 -55.62 18.79 5.08
C LEU G 411 -56.81 19.73 4.83
N PRO G 412 -56.94 20.38 3.63
CA PRO G 412 -58.12 21.23 3.39
C PRO G 412 -59.39 20.40 3.28
N GLY G 413 -60.35 20.67 4.16
CA GLY G 413 -61.61 19.95 4.25
C GLY G 413 -61.67 19.01 5.44
N GLN G 414 -60.50 18.63 5.97
CA GLN G 414 -60.36 17.74 7.14
C GLN G 414 -60.73 18.48 8.41
N ALA G 415 -61.44 17.79 9.32
CA ALA G 415 -61.89 18.35 10.60
C ALA G 415 -60.87 18.12 11.72
N ILE G 416 -60.67 19.15 12.56
CA ILE G 416 -59.74 19.12 13.70
C ILE G 416 -60.47 18.50 14.90
N THR G 417 -59.88 17.42 15.48
CA THR G 417 -60.43 16.72 16.62
C THR G 417 -59.55 16.93 17.87
N TRP G 418 -59.98 16.41 19.04
CA TRP G 418 -59.24 16.52 20.30
C TRP G 418 -57.89 15.81 20.24
N ASP G 419 -57.81 14.67 19.50
CA ASP G 419 -56.60 13.88 19.31
C ASP G 419 -55.54 14.69 18.53
N HIS G 420 -55.99 15.57 17.60
CA HIS G 420 -55.12 16.45 16.82
C HIS G 420 -54.55 17.54 17.73
N LEU G 421 -55.36 18.04 18.69
CA LEU G 421 -54.95 19.06 19.67
C LEU G 421 -53.90 18.50 20.62
N TYR G 422 -54.02 17.21 20.98
CA TYR G 422 -53.06 16.51 21.84
C TYR G 422 -51.81 16.12 21.03
N ALA G 423 -51.94 16.03 19.70
CA ALA G 423 -50.82 15.71 18.80
C ALA G 423 -50.01 16.98 18.54
N TYR G 424 -50.66 18.16 18.59
CA TYR G 424 -50.05 19.47 18.38
C TYR G 424 -49.52 20.09 19.68
N THR G 425 -50.31 20.03 20.77
CA THR G 425 -50.00 20.61 22.08
C THR G 425 -50.16 19.58 23.21
N GLY G 426 -49.45 18.46 23.11
CA GLY G 426 -49.50 17.38 24.09
C GLY G 426 -48.44 17.43 25.17
N PHE G 427 -48.18 18.63 25.72
CA PHE G 427 -47.19 18.83 26.78
C PHE G 427 -47.75 18.34 28.13
N THR G 428 -46.85 17.86 29.01
CA THR G 428 -47.20 17.44 30.37
C THR G 428 -47.46 18.70 31.21
N TYR G 429 -46.90 19.84 30.73
CA TYR G 429 -47.02 21.20 31.28
C TYR G 429 -47.69 22.07 30.17
N PRO G 430 -49.02 21.93 29.92
CA PRO G 430 -49.64 22.69 28.82
C PRO G 430 -50.22 24.06 29.22
N GLU G 431 -49.96 24.51 30.45
CA GLU G 431 -50.44 25.78 31.01
C GLU G 431 -50.04 27.00 30.18
N LEU G 432 -51.05 27.80 29.79
CA LEU G 432 -50.86 29.04 29.03
C LEU G 432 -50.71 30.17 30.04
N TYR G 433 -49.58 30.90 29.98
CA TYR G 433 -49.27 31.98 30.91
C TYR G 433 -49.40 33.36 30.26
N LEU G 434 -50.15 34.26 30.91
CA LEU G 434 -50.34 35.64 30.47
C LEU G 434 -49.47 36.51 31.37
N PHE G 435 -48.46 37.17 30.76
CA PHE G 435 -47.48 37.99 31.48
C PHE G 435 -46.95 39.15 30.66
N TYR G 436 -46.64 40.28 31.33
CA TYR G 436 -46.09 41.47 30.70
C TYR G 436 -44.58 41.36 30.49
N LEU G 437 -44.12 41.74 29.29
CA LEU G 437 -42.71 41.74 28.90
C LEU G 437 -42.33 43.10 28.31
N ARG G 438 -41.14 43.59 28.67
CA ARG G 438 -40.60 44.86 28.15
C ARG G 438 -40.14 44.65 26.70
N GLY G 439 -40.13 45.72 25.92
CA GLY G 439 -39.71 45.70 24.52
C GLY G 439 -38.29 45.20 24.31
N ALA G 440 -37.40 45.52 25.26
CA ALA G 440 -35.99 45.09 25.27
C ALA G 440 -35.87 43.59 25.51
N GLN G 441 -36.78 43.01 26.32
CA GLN G 441 -36.82 41.58 26.65
C GLN G 441 -37.21 40.74 25.43
N ILE G 442 -38.27 41.17 24.70
CA ILE G 442 -38.80 40.52 23.50
C ILE G 442 -37.71 40.41 22.41
N LYS G 443 -36.93 41.50 22.21
CA LYS G 443 -35.82 41.55 21.25
C LYS G 443 -34.68 40.64 21.69
N ALA G 444 -34.35 40.64 23.00
CA ALA G 444 -33.28 39.81 23.58
C ALA G 444 -33.59 38.32 23.52
N VAL G 445 -34.89 37.95 23.67
CA VAL G 445 -35.35 36.55 23.62
C VAL G 445 -35.25 36.02 22.18
N LEU G 446 -35.75 36.80 21.19
CA LEU G 446 -35.70 36.44 19.76
C LEU G 446 -34.26 36.28 19.27
N GLU G 447 -33.33 37.11 19.81
CA GLU G 447 -31.90 37.06 19.49
C GLU G 447 -31.23 35.85 20.15
N ASP G 448 -31.71 35.45 21.35
CA ASP G 448 -31.20 34.31 22.12
C ASP G 448 -31.48 32.98 21.42
N ILE G 449 -32.68 32.84 20.80
CA ILE G 449 -33.07 31.64 20.06
C ILE G 449 -32.32 31.59 18.72
N ALA G 450 -32.22 32.75 18.02
CA ALA G 450 -31.52 32.89 16.73
C ALA G 450 -30.03 32.55 16.83
N SER G 451 -29.38 32.89 17.97
CA SER G 451 -27.97 32.60 18.25
C SER G 451 -27.76 31.12 18.59
N ASN G 452 -28.85 30.40 18.93
CA ASN G 452 -28.86 28.97 19.28
C ASN G 452 -29.20 28.11 18.05
N VAL G 453 -30.14 28.58 17.20
CA VAL G 453 -30.59 27.88 16.00
C VAL G 453 -29.60 28.06 14.84
N PHE G 454 -29.22 29.32 14.53
CA PHE G 454 -28.29 29.64 13.43
C PHE G 454 -26.83 29.75 13.89
N THR G 455 -26.33 28.72 14.59
CA THR G 455 -24.94 28.67 15.05
C THR G 455 -24.09 27.98 13.99
N SER G 456 -22.92 28.58 13.67
CA SER G 456 -21.98 28.07 12.67
C SER G 456 -21.37 26.71 13.01
N ASP G 457 -21.11 26.47 14.32
CA ASP G 457 -20.52 25.22 14.81
C ASP G 457 -21.61 24.19 15.13
N PRO G 458 -21.50 22.92 14.65
CA PRO G 458 -22.54 21.92 14.95
C PRO G 458 -22.53 21.41 16.39
N PHE G 459 -21.41 21.60 17.12
CA PHE G 459 -21.26 21.17 18.51
C PHE G 459 -22.12 22.03 19.46
N TYR G 460 -22.33 23.31 19.10
CA TYR G 460 -23.12 24.26 19.88
C TYR G 460 -24.63 24.18 19.58
N GLN G 461 -25.02 23.37 18.56
CA GLN G 461 -26.41 23.18 18.16
C GLN G 461 -27.17 22.37 19.22
N GLN G 462 -28.13 23.03 19.90
CA GLN G 462 -28.96 22.43 20.94
C GLN G 462 -29.97 21.48 20.30
N GLY G 463 -30.82 22.02 19.42
CA GLY G 463 -31.85 21.27 18.71
C GLY G 463 -33.21 21.92 18.84
N GLY G 464 -33.71 22.43 17.72
CA GLY G 464 -35.00 23.10 17.64
C GLY G 464 -35.02 24.27 16.67
N ASP G 465 -36.20 24.88 16.50
CA ASP G 465 -36.41 26.01 15.59
C ASP G 465 -36.73 27.30 16.35
N VAL G 466 -36.79 28.45 15.64
CA VAL G 466 -37.07 29.76 16.22
C VAL G 466 -38.56 29.88 16.57
N SER G 467 -38.85 30.25 17.83
CA SER G 467 -40.19 30.42 18.39
C SER G 467 -41.02 31.42 17.57
N ARG G 468 -42.22 30.97 17.13
CA ARG G 468 -43.13 31.77 16.32
C ARG G 468 -44.00 32.64 17.19
N VAL G 469 -43.82 33.96 17.05
CA VAL G 469 -44.57 34.96 17.84
C VAL G 469 -45.57 35.71 16.93
N PHE G 470 -46.88 35.52 17.21
CA PHE G 470 -47.97 36.15 16.47
C PHE G 470 -48.28 37.50 17.09
N GLY G 471 -48.30 38.53 16.25
CA GLY G 471 -48.56 39.91 16.66
C GLY G 471 -47.51 40.88 16.20
N LEU G 472 -46.25 40.42 16.04
CA LEU G 472 -45.15 41.25 15.58
C LEU G 472 -44.52 40.79 14.26
N ARG G 473 -43.83 41.72 13.57
CA ARG G 473 -43.13 41.49 12.31
C ARG G 473 -41.65 41.88 12.49
N TYR G 474 -40.73 41.02 12.02
CA TYR G 474 -39.29 41.26 12.15
C TYR G 474 -38.47 40.75 10.96
N VAL G 475 -37.31 41.40 10.72
CA VAL G 475 -36.37 41.05 9.66
C VAL G 475 -35.23 40.23 10.29
N LEU G 476 -34.95 39.04 9.73
CA LEU G 476 -33.94 38.13 10.25
C LEU G 476 -32.76 37.93 9.29
N ASP G 477 -31.53 37.93 9.85
CA ASP G 477 -30.29 37.70 9.12
C ASP G 477 -29.51 36.59 9.86
N PRO G 478 -29.50 35.34 9.34
CA PRO G 478 -28.82 34.25 10.05
C PRO G 478 -27.29 34.32 10.09
N ASP G 479 -26.68 34.97 9.08
CA ASP G 479 -25.22 35.12 8.98
C ASP G 479 -24.66 36.25 9.84
N ALA G 480 -25.54 37.15 10.35
CA ALA G 480 -25.21 38.29 11.21
C ALA G 480 -24.68 37.83 12.59
N PRO G 481 -23.83 38.63 13.29
CA PRO G 481 -23.34 38.19 14.62
C PRO G 481 -24.42 38.26 15.71
N THR G 482 -24.10 37.71 16.91
CA THR G 482 -25.00 37.68 18.07
C THR G 482 -25.35 39.11 18.53
N GLY G 483 -26.64 39.39 18.57
CA GLY G 483 -27.17 40.71 18.94
C GLY G 483 -27.45 41.60 17.75
N GLU G 484 -27.33 41.05 16.52
CA GLU G 484 -27.53 41.75 15.25
C GLU G 484 -28.42 40.95 14.28
N ARG G 485 -28.71 39.68 14.61
CA ARG G 485 -29.54 38.75 13.80
C ARG G 485 -30.98 39.24 13.62
N VAL G 486 -31.63 39.65 14.73
CA VAL G 486 -33.01 40.15 14.74
C VAL G 486 -32.99 41.67 14.62
N ARG G 487 -33.64 42.20 13.56
CA ARG G 487 -33.71 43.64 13.26
C ARG G 487 -35.09 44.06 12.73
N GLU G 488 -35.40 45.38 12.78
CA GLU G 488 -36.65 46.01 12.32
C GLU G 488 -37.91 45.36 12.93
N VAL G 489 -37.93 45.23 14.27
CA VAL G 489 -39.04 44.63 15.03
C VAL G 489 -40.20 45.64 15.11
N GLU G 490 -41.41 45.20 14.73
CA GLU G 490 -42.64 46.01 14.73
C GLU G 490 -43.82 45.27 15.35
N VAL G 491 -44.31 45.73 16.53
CA VAL G 491 -45.43 45.12 17.24
C VAL G 491 -46.73 45.87 16.91
N GLY G 492 -47.66 45.18 16.25
CA GLY G 492 -48.96 45.70 15.86
C GLY G 492 -48.93 46.86 14.87
N GLY G 493 -48.06 46.76 13.88
CA GLY G 493 -47.89 47.77 12.84
C GLY G 493 -47.16 49.03 13.28
N ARG G 494 -46.55 49.00 14.49
CA ARG G 494 -45.79 50.11 15.07
C ARG G 494 -44.41 49.62 15.54
N PRO G 495 -43.31 50.40 15.34
CA PRO G 495 -41.98 49.93 15.78
C PRO G 495 -41.86 49.59 17.26
N LEU G 496 -40.98 48.62 17.57
CA LEU G 496 -40.74 48.12 18.93
C LEU G 496 -40.07 49.17 19.83
N ASP G 497 -40.75 49.49 20.95
CA ASP G 497 -40.27 50.44 21.96
C ASP G 497 -39.63 49.61 23.10
N PRO G 498 -38.31 49.74 23.34
CA PRO G 498 -37.66 48.91 24.38
C PRO G 498 -38.10 49.15 25.83
N ASN G 499 -38.79 50.27 26.10
CA ASN G 499 -39.27 50.63 27.44
C ASN G 499 -40.75 50.29 27.69
N ARG G 500 -41.55 50.13 26.61
CA ARG G 500 -42.98 49.82 26.69
C ARG G 500 -43.23 48.38 27.16
N ARG G 501 -44.25 48.20 28.03
CA ARG G 501 -44.66 46.91 28.56
C ARG G 501 -45.75 46.28 27.70
N TYR G 502 -45.42 45.18 27.02
CA TYR G 502 -46.31 44.44 26.12
C TYR G 502 -46.82 43.16 26.79
N LEU G 503 -48.13 42.89 26.70
CA LEU G 503 -48.71 41.67 27.28
C LEU G 503 -48.46 40.48 26.35
N ALA G 504 -47.71 39.49 26.85
CA ALA G 504 -47.33 38.28 26.12
C ALA G 504 -47.98 37.02 26.66
N ALA G 505 -48.26 36.06 25.76
CA ALA G 505 -48.86 34.77 26.07
C ALA G 505 -48.00 33.64 25.52
N ALA G 506 -47.47 32.77 26.41
CA ALA G 506 -46.60 31.66 26.03
C ALA G 506 -46.93 30.37 26.79
N TYR G 507 -46.75 29.22 26.11
CA TYR G 507 -47.00 27.89 26.67
C TYR G 507 -45.87 26.92 26.31
N GLY G 508 -45.61 25.97 27.21
CA GLY G 508 -44.59 24.94 27.03
C GLY G 508 -43.17 25.46 26.94
N GLY G 509 -42.86 26.46 27.76
CA GLY G 509 -41.54 27.09 27.81
C GLY G 509 -41.14 27.56 29.19
N ARG G 510 -40.29 28.60 29.24
CA ARG G 510 -39.77 29.21 30.48
C ARG G 510 -39.83 30.75 30.43
N LEU G 511 -40.54 31.30 29.43
CA LEU G 511 -40.70 32.75 29.21
C LEU G 511 -41.45 33.46 30.34
N GLN G 512 -42.33 32.74 31.06
CA GLN G 512 -43.13 33.25 32.18
C GLN G 512 -42.29 33.63 33.41
N ARG G 513 -41.08 33.05 33.55
CA ARG G 513 -40.14 33.29 34.65
C ARG G 513 -39.55 34.70 34.63
N VAL G 514 -39.26 35.25 33.43
CA VAL G 514 -38.68 36.59 33.26
C VAL G 514 -39.75 37.70 33.15
N GLY G 515 -41.00 37.29 32.87
CA GLY G 515 -42.13 38.21 32.73
C GLY G 515 -42.96 38.38 33.99
N GLU G 516 -43.64 39.54 34.11
CA GLU G 516 -44.50 39.89 35.24
C GLU G 516 -45.94 39.41 34.95
N ALA G 517 -46.38 38.37 35.67
CA ALA G 517 -47.70 37.73 35.53
C ALA G 517 -48.88 38.70 35.61
N LYS G 518 -49.89 38.50 34.73
CA LYS G 518 -51.12 39.29 34.66
C LYS G 518 -52.01 39.07 35.89
N PRO G 519 -52.47 40.15 36.57
CA PRO G 519 -53.32 39.94 37.76
C PRO G 519 -54.76 39.53 37.40
N GLY G 520 -55.29 38.56 38.14
CA GLY G 520 -56.63 38.03 37.94
C GLY G 520 -56.69 36.78 37.10
N TYR G 521 -55.70 36.60 36.20
CA TYR G 521 -55.62 35.45 35.30
C TYR G 521 -55.03 34.22 36.00
N GLU G 522 -55.61 33.04 35.71
CA GLU G 522 -55.17 31.74 36.22
C GLU G 522 -54.65 30.89 35.05
N PRO G 523 -53.43 30.30 35.14
CA PRO G 523 -52.92 29.50 34.01
C PRO G 523 -53.67 28.20 33.78
N ARG G 524 -54.29 28.06 32.59
CA ARG G 524 -55.06 26.90 32.17
C ARG G 524 -54.44 26.22 30.91
N PRO G 525 -54.67 24.90 30.65
CA PRO G 525 -54.07 24.27 29.46
C PRO G 525 -54.45 24.90 28.13
N ILE G 526 -53.49 24.92 27.19
CA ILE G 526 -53.62 25.50 25.85
C ILE G 526 -54.68 24.78 24.97
N TYR G 527 -54.80 23.43 25.07
CA TYR G 527 -55.78 22.67 24.31
C TYR G 527 -57.22 22.99 24.73
N GLU G 528 -57.41 23.44 25.99
CA GLU G 528 -58.72 23.86 26.52
C GLU G 528 -59.10 25.21 25.91
N VAL G 529 -58.09 26.09 25.69
CA VAL G 529 -58.25 27.42 25.09
C VAL G 529 -58.55 27.26 23.59
N LEU G 530 -57.78 26.38 22.91
CA LEU G 530 -57.92 26.09 21.48
C LEU G 530 -59.31 25.53 21.13
N ALA G 531 -59.80 24.54 21.93
CA ALA G 531 -61.10 23.91 21.74
C ALA G 531 -62.26 24.89 21.96
N GLU G 532 -62.09 25.87 22.87
CA GLU G 532 -63.08 26.91 23.18
C GLU G 532 -63.27 27.83 21.96
N TYR G 533 -62.18 28.10 21.22
CA TYR G 533 -62.18 28.92 20.02
C TYR G 533 -62.78 28.15 18.83
N LEU G 534 -62.29 26.91 18.57
CA LEU G 534 -62.71 26.05 17.46
C LEU G 534 -64.21 25.70 17.48
N ARG G 535 -64.78 25.44 18.68
CA ARG G 535 -66.20 25.11 18.85
C ARG G 535 -67.12 26.30 18.53
N SER G 536 -66.66 27.52 18.85
CA SER G 536 -67.42 28.76 18.64
C SER G 536 -67.40 29.26 17.19
N VAL G 537 -66.24 29.17 16.50
CA VAL G 537 -66.10 29.64 15.12
C VAL G 537 -66.74 28.66 14.10
N GLY G 538 -66.54 27.36 14.32
CA GLY G 538 -67.08 26.32 13.45
C GLY G 538 -66.17 25.97 12.27
N ARG G 539 -65.63 27.00 11.58
CA ARG G 539 -64.74 26.85 10.44
C ARG G 539 -63.55 27.81 10.53
N VAL G 540 -62.35 27.36 10.13
CA VAL G 540 -61.13 28.16 10.16
C VAL G 540 -60.51 28.32 8.77
N ARG G 541 -60.15 29.57 8.41
CA ARG G 541 -59.56 29.94 7.12
C ARG G 541 -58.21 30.64 7.33
N VAL G 542 -57.22 29.88 7.83
CA VAL G 542 -55.88 30.42 8.11
C VAL G 542 -55.00 30.37 6.84
N ARG G 543 -54.73 31.54 6.26
CA ARG G 543 -53.91 31.70 5.06
C ARG G 543 -52.42 31.94 5.41
N PRO G 544 -51.45 31.38 4.63
CA PRO G 544 -50.03 31.59 4.98
C PRO G 544 -49.54 33.02 4.76
N GLU G 545 -49.37 33.75 5.87
CA GLU G 545 -48.88 35.13 5.87
C GLU G 545 -47.62 35.21 6.76
N PRO G 546 -46.41 35.08 6.19
CA PRO G 546 -45.20 35.12 7.03
C PRO G 546 -44.87 36.51 7.58
N ASN G 547 -44.64 36.57 8.90
CA ASN G 547 -44.29 37.80 9.62
C ASN G 547 -42.77 37.95 9.77
N VAL G 548 -42.00 37.22 8.93
CA VAL G 548 -40.54 37.22 8.95
C VAL G 548 -39.94 37.38 7.53
N LYS G 549 -38.90 38.22 7.41
CA LYS G 549 -38.19 38.47 6.16
C LYS G 549 -36.74 38.04 6.33
N VAL G 550 -36.32 36.98 5.61
CA VAL G 550 -34.97 36.41 5.69
C VAL G 550 -34.02 37.10 4.71
N ILE G 551 -32.83 37.48 5.20
CA ILE G 551 -31.79 38.15 4.41
C ILE G 551 -30.83 37.10 3.80
N GLY G 552 -30.74 37.12 2.48
CA GLY G 552 -29.88 36.22 1.71
C GLY G 552 -30.45 34.84 1.45
N ARG G 553 -31.66 34.56 1.98
CA ARG G 553 -32.34 33.27 1.81
C ARG G 553 -33.73 33.46 1.20
N ASN G 554 -34.16 32.50 0.36
CA ASN G 554 -35.49 32.53 -0.27
C ASN G 554 -36.47 31.73 0.58
N TYR G 555 -37.43 32.44 1.24
CA TYR G 555 -38.43 31.81 2.09
C TYR G 555 -39.52 31.16 1.23
N ARG G 556 -39.58 29.82 1.26
CA ARG G 556 -40.53 29.03 0.48
C ARG G 556 -41.92 28.95 1.13
N LEU G 557 -42.97 28.85 0.30
CA LEU G 557 -44.35 28.77 0.76
C LEU G 557 -45.08 27.57 0.12
N PRO G 558 -45.74 26.69 0.92
CA PRO G 558 -46.43 25.55 0.34
C PRO G 558 -47.85 25.86 -0.14
N GLU G 559 -48.41 24.97 -0.99
CA GLU G 559 -49.77 25.09 -1.52
C GLU G 559 -50.75 24.66 -0.42
N VAL G 560 -51.64 25.58 -0.02
CA VAL G 560 -52.63 25.36 1.05
C VAL G 560 -54.01 24.91 0.51
N THR G 561 -54.17 24.86 -0.83
CA THR G 561 -55.43 24.47 -1.48
C THR G 561 -55.31 23.15 -2.23
N GLY G 562 -56.41 22.39 -2.26
CA GLY G 562 -56.51 21.10 -2.94
C GLY G 562 -57.34 20.08 -2.15
N GLU H 16 -21.71 33.49 23.28
CA GLU H 16 -20.70 34.34 23.89
C GLU H 16 -21.34 35.32 24.88
N GLY H 17 -20.74 35.41 26.07
CA GLY H 17 -21.19 36.28 27.14
C GLY H 17 -20.07 37.14 27.70
N GLU H 18 -19.51 38.02 26.85
CA GLU H 18 -18.42 38.92 27.20
C GLU H 18 -18.88 40.17 27.93
N ASP H 19 -18.14 40.56 29.00
CA ASP H 19 -18.41 41.74 29.82
C ASP H 19 -17.09 42.24 30.41
N LEU H 20 -16.48 43.25 29.76
CA LEU H 20 -15.21 43.86 30.15
C LEU H 20 -15.32 44.77 31.38
N GLU H 21 -16.53 45.29 31.66
CA GLU H 21 -16.80 46.19 32.79
C GLU H 21 -16.65 45.52 34.16
N HIS H 22 -17.23 44.32 34.33
CA HIS H 22 -17.18 43.54 35.57
C HIS H 22 -15.89 42.72 35.73
N LEU H 23 -15.22 42.39 34.61
CA LEU H 23 -13.98 41.62 34.59
C LEU H 23 -12.75 42.43 35.02
N GLU H 24 -12.60 43.67 34.49
CA GLU H 24 -11.48 44.57 34.77
C GLU H 24 -11.44 45.03 36.23
N GLN H 25 -12.60 45.31 36.83
CA GLN H 25 -12.72 45.77 38.22
C GLN H 25 -12.38 44.68 39.26
N ALA H 26 -12.58 43.40 38.90
CA ALA H 26 -12.32 42.25 39.76
C ALA H 26 -10.84 41.82 39.74
N LEU H 27 -10.18 41.91 38.58
CA LEU H 27 -8.77 41.55 38.41
C LEU H 27 -7.81 42.53 39.08
N LYS H 28 -8.22 43.81 39.22
CA LYS H 28 -7.42 44.87 39.84
C LYS H 28 -7.44 44.83 41.38
N GLU H 29 -8.61 44.50 41.97
CA GLU H 29 -8.79 44.42 43.43
C GLU H 29 -8.17 43.16 44.07
N VAL H 30 -8.03 42.07 43.28
CA VAL H 30 -7.48 40.80 43.76
C VAL H 30 -5.99 40.66 43.38
N PHE H 31 -5.66 40.80 42.08
CA PHE H 31 -4.29 40.67 41.57
C PHE H 31 -3.59 42.02 41.37
N GLY H 32 -4.19 42.89 40.55
CA GLY H 32 -3.66 44.20 40.24
C GLY H 32 -3.71 44.55 38.76
N LYS H 33 -3.23 43.61 37.92
CA LYS H 33 -3.19 43.75 36.46
C LYS H 33 -4.60 43.69 35.84
N GLY H 34 -4.80 44.45 34.77
CA GLY H 34 -6.06 44.53 34.06
C GLY H 34 -6.27 43.42 33.04
N PHE H 35 -6.74 43.80 31.84
CA PHE H 35 -7.00 42.85 30.73
C PHE H 35 -5.90 42.86 29.68
N LYS H 36 -5.31 44.05 29.41
CA LYS H 36 -4.24 44.25 28.42
C LYS H 36 -2.93 43.55 28.82
N ASP H 37 -2.66 43.45 30.13
CA ASP H 37 -1.46 42.81 30.68
C ASP H 37 -1.47 41.28 30.52
N LEU H 38 -2.67 40.67 30.38
CA LEU H 38 -2.85 39.23 30.22
C LEU H 38 -2.35 38.72 28.86
N THR H 39 -1.70 37.55 28.86
CA THR H 39 -1.13 36.92 27.66
C THR H 39 -1.80 35.56 27.38
N PRO H 40 -2.32 35.31 26.16
CA PRO H 40 -2.98 34.01 25.89
C PRO H 40 -2.00 32.83 25.80
N SER H 41 -2.41 31.66 26.33
CA SER H 41 -1.61 30.44 26.35
C SER H 41 -2.32 29.25 25.71
N ASP H 42 -1.55 28.39 25.00
CA ASP H 42 -2.05 27.20 24.33
C ASP H 42 -1.95 25.93 25.20
N ALA H 43 -1.02 25.91 26.18
CA ALA H 43 -0.79 24.77 27.08
C ALA H 43 -1.96 24.52 28.04
N VAL H 44 -2.48 25.59 28.67
CA VAL H 44 -3.60 25.51 29.62
C VAL H 44 -4.92 25.35 28.85
N LYS H 45 -5.64 24.24 29.09
CA LYS H 45 -6.91 23.92 28.45
C LYS H 45 -8.06 23.93 29.44
N LEU H 46 -9.17 24.59 29.09
CA LEU H 46 -10.37 24.69 29.92
C LEU H 46 -11.47 23.75 29.42
N ASN H 47 -11.98 22.88 30.32
CA ASN H 47 -13.03 21.92 30.02
C ASN H 47 -14.34 22.30 30.72
N MET H 48 -15.27 22.91 29.95
CA MET H 48 -16.58 23.36 30.41
C MET H 48 -17.65 23.08 29.34
N PRO H 49 -18.92 22.79 29.72
CA PRO H 49 -19.94 22.51 28.69
C PRO H 49 -20.35 23.74 27.89
N ALA H 50 -20.69 23.53 26.60
CA ALA H 50 -21.11 24.58 25.67
C ALA H 50 -22.44 25.21 26.11
N ILE H 51 -23.41 24.38 26.52
CA ILE H 51 -24.72 24.81 27.00
C ILE H 51 -24.95 24.22 28.40
N ALA H 52 -25.22 25.09 29.39
CA ALA H 52 -25.46 24.73 30.79
C ALA H 52 -26.78 23.95 30.95
N GLU H 53 -26.83 23.05 31.95
CA GLU H 53 -28.02 22.24 32.24
C GLU H 53 -28.87 22.82 33.38
N SER H 54 -28.22 23.33 34.45
CA SER H 54 -28.88 23.91 35.62
C SER H 54 -28.18 25.20 36.06
N GLY H 55 -28.93 26.06 36.74
CA GLY H 55 -28.44 27.34 37.27
C GLY H 55 -27.46 27.21 38.42
N ALA H 56 -27.46 26.05 39.09
CA ALA H 56 -26.59 25.75 40.23
C ALA H 56 -25.59 24.61 39.96
N ASN H 57 -25.95 23.68 39.05
CA ASN H 57 -25.10 22.53 38.70
C ASN H 57 -24.47 22.64 37.31
N VAL H 58 -23.19 23.09 37.26
CA VAL H 58 -22.40 23.24 36.03
C VAL H 58 -21.00 22.62 36.28
N PRO H 59 -20.64 21.49 35.62
CA PRO H 59 -19.32 20.90 35.88
C PRO H 59 -18.18 21.61 35.14
N ALA H 60 -17.31 22.28 35.91
CA ALA H 60 -16.16 23.03 35.40
C ALA H 60 -14.84 22.32 35.72
N GLU H 61 -13.96 22.20 34.70
CA GLU H 61 -12.66 21.53 34.82
C GLU H 61 -11.55 22.39 34.21
N VAL H 62 -10.40 22.48 34.90
CA VAL H 62 -9.22 23.24 34.46
C VAL H 62 -7.91 22.50 34.84
N GLU H 63 -7.01 22.35 33.85
CA GLU H 63 -5.72 21.67 34.02
C GLU H 63 -4.64 22.21 33.07
N HIS H 75 -7.12 29.93 38.76
CA HIS H 75 -8.16 30.88 39.15
C HIS H 75 -9.23 31.00 38.07
N LEU H 76 -10.50 30.88 38.45
CA LEU H 76 -11.65 30.95 37.53
C LEU H 76 -12.51 32.18 37.82
N PHE H 77 -12.88 32.91 36.74
CA PHE H 77 -13.70 34.13 36.85
C PHE H 77 -14.79 34.22 35.77
N ALA H 78 -15.93 34.86 36.13
CA ALA H 78 -17.08 35.07 35.25
C ALA H 78 -17.22 36.54 34.89
N ASP H 79 -17.73 36.83 33.67
CA ASP H 79 -17.89 38.20 33.16
C ASP H 79 -19.28 38.80 33.41
N LYS H 80 -20.34 38.24 32.79
CA LYS H 80 -21.72 38.72 32.88
C LYS H 80 -22.38 38.52 34.26
N ASN H 81 -21.88 37.58 35.07
CA ASN H 81 -22.38 37.27 36.41
C ASN H 81 -22.20 38.45 37.39
N PRO H 82 -23.13 38.65 38.37
CA PRO H 82 -22.96 39.77 39.32
C PRO H 82 -21.71 39.62 40.21
N THR H 83 -21.41 38.38 40.62
CA THR H 83 -20.23 38.05 41.42
C THR H 83 -19.14 37.47 40.48
N PRO H 84 -18.07 38.23 40.18
CA PRO H 84 -17.04 37.71 39.25
C PRO H 84 -16.12 36.65 39.84
N HIS H 85 -15.78 36.76 41.14
CA HIS H 85 -14.91 35.81 41.84
C HIS H 85 -15.64 34.48 42.07
N ILE H 86 -15.02 33.37 41.63
CA ILE H 86 -15.57 32.02 41.75
C ILE H 86 -14.72 31.19 42.73
N LEU H 87 -13.41 31.05 42.45
CA LEU H 87 -12.45 30.29 43.27
C LEU H 87 -11.02 30.80 43.12
N ALA H 88 -10.24 30.74 44.23
CA ALA H 88 -8.85 31.18 44.27
C ALA H 88 -7.91 30.00 44.50
N PRO H 96 -1.28 20.43 38.39
CA PRO H 96 -2.47 21.22 38.76
C PRO H 96 -3.74 20.75 38.05
N TYR H 97 -4.68 20.19 38.84
CA TYR H 97 -5.97 19.70 38.36
C TYR H 97 -7.08 20.01 39.35
N TYR H 98 -8.14 20.72 38.88
CA TYR H 98 -9.30 21.11 39.67
C TYR H 98 -10.54 21.29 38.78
N ALA H 99 -12.65 18.75 38.45
CA ALA H 99 -14.09 18.84 38.29
C ALA H 99 -14.76 19.44 39.52
N THR H 100 -15.61 20.47 39.32
CA THR H 100 -16.35 21.18 40.37
C THR H 100 -17.67 21.75 39.84
N ARG H 101 -18.70 21.81 40.71
CA ARG H 101 -20.02 22.35 40.36
C ARG H 101 -20.12 23.85 40.67
N VAL H 102 -20.35 24.66 39.63
CA VAL H 102 -20.43 26.12 39.73
C VAL H 102 -21.84 26.67 39.41
N ARG H 103 -22.15 27.87 39.91
CA ARG H 103 -23.43 28.55 39.73
C ARG H 103 -23.36 29.62 38.64
N LEU H 104 -24.40 29.68 37.77
CA LEU H 104 -24.51 30.65 36.68
C LEU H 104 -25.92 31.24 36.58
N ALA H 105 -26.02 32.55 36.29
CA ALA H 105 -27.29 33.27 36.17
C ALA H 105 -27.81 33.36 34.74
N GLU H 106 -26.94 33.77 33.79
CA GLU H 106 -27.27 33.92 32.36
C GLU H 106 -26.09 33.48 31.45
N THR H 107 -26.19 33.77 30.12
CA THR H 107 -25.16 33.45 29.14
C THR H 107 -23.88 34.23 29.48
N THR H 108 -22.92 33.52 30.10
CA THR H 108 -21.65 34.08 30.57
C THR H 108 -20.44 33.31 30.03
N ALA H 109 -19.44 34.06 29.53
CA ALA H 109 -18.18 33.51 29.02
C ALA H 109 -17.20 33.43 30.19
N ILE H 110 -16.69 32.22 30.49
CA ILE H 110 -15.77 31.99 31.60
C ILE H 110 -14.32 31.90 31.11
N ARG H 111 -13.45 32.77 31.69
CA ARG H 111 -12.02 32.85 31.37
C ARG H 111 -11.20 32.44 32.60
N ALA H 112 -10.25 31.50 32.42
CA ALA H 112 -9.38 31.00 33.48
C ALA H 112 -7.98 31.60 33.43
N VAL H 113 -7.42 31.92 34.61
CA VAL H 113 -6.08 32.50 34.75
C VAL H 113 -5.21 31.64 35.69
N VAL H 114 -4.00 31.27 35.23
CA VAL H 114 -3.06 30.44 35.98
C VAL H 114 -1.79 31.25 36.31
N GLU H 115 -1.44 31.30 37.61
CA GLU H 115 -0.25 32.01 38.10
C GLU H 115 0.95 31.07 38.18
N THR H 116 2.10 31.51 37.63
CA THR H 116 3.35 30.75 37.63
C THR H 116 4.51 31.58 38.23
N GLN H 117 5.66 30.92 38.49
CA GLN H 117 6.86 31.54 39.07
C GLN H 117 7.52 32.56 38.14
N ASP H 118 7.31 32.42 36.82
CA ASP H 118 7.85 33.30 35.78
C ASP H 118 7.28 34.72 35.84
N GLY H 119 5.99 34.83 36.15
CA GLY H 119 5.28 36.11 36.26
C GLY H 119 4.12 36.26 35.30
N LYS H 120 4.20 35.60 34.13
CA LYS H 120 3.17 35.63 33.08
C LYS H 120 1.89 34.89 33.49
N LEU H 121 0.72 35.47 33.14
CA LEU H 121 -0.59 34.89 33.45
C LEU H 121 -1.12 34.08 32.27
N LEU H 122 -1.18 32.75 32.42
CA LEU H 122 -1.64 31.81 31.38
C LEU H 122 -3.16 31.85 31.25
N LEU H 123 -3.67 32.00 30.01
CA LEU H 123 -5.10 32.09 29.71
C LEU H 123 -5.71 30.82 29.11
N ALA H 124 -7.03 30.65 29.33
CA ALA H 124 -7.87 29.55 28.84
C ALA H 124 -9.32 30.05 28.82
N SER H 125 -9.92 30.12 27.61
CA SER H 125 -11.29 30.63 27.45
C SER H 125 -12.26 29.64 26.82
N ALA H 126 -13.45 29.51 27.43
CA ALA H 126 -14.57 28.66 26.99
C ALA H 126 -15.87 29.24 27.55
N SER H 127 -16.81 29.60 26.64
CA SER H 127 -18.09 30.19 27.00
C SER H 127 -19.16 29.14 27.32
N THR H 128 -20.04 29.46 28.28
CA THR H 128 -21.15 28.60 28.71
C THR H 128 -22.47 29.33 28.44
N ARG H 129 -23.35 28.71 27.64
CA ARG H 129 -24.63 29.27 27.23
C ARG H 129 -25.79 28.81 28.13
N VAL H 130 -26.58 29.77 28.62
CA VAL H 130 -27.76 29.52 29.46
C VAL H 130 -28.99 29.94 28.65
N THR H 131 -29.66 28.97 28.02
CA THR H 131 -30.83 29.20 27.16
C THR H 131 -32.09 28.51 27.64
N VAL H 132 -33.25 29.03 27.21
CA VAL H 132 -34.58 28.51 27.54
C VAL H 132 -35.28 27.97 26.27
N GLY H 133 -36.01 26.88 26.42
CA GLY H 133 -36.73 26.26 25.31
C GLY H 133 -37.79 25.26 25.72
N GLY H 134 -38.10 24.34 24.81
CA GLY H 134 -39.10 23.30 25.00
C GLY H 134 -38.68 21.94 24.46
N CYS H 135 -39.34 20.88 24.95
CA CYS H 135 -39.07 19.49 24.55
C CYS H 135 -39.62 19.22 23.14
N GLY H 136 -38.71 19.02 22.19
CA GLY H 136 -39.04 18.76 20.79
C GLY H 136 -38.55 17.39 20.32
N PRO I 2 -24.44 18.02 61.23
CA PRO I 2 -23.96 19.35 60.81
C PRO I 2 -23.20 19.34 59.48
N PHE I 3 -22.55 18.21 59.15
CA PHE I 3 -21.77 18.04 57.92
C PHE I 3 -21.83 16.61 57.37
N ARG I 4 -21.86 16.48 56.03
CA ARG I 4 -21.89 15.19 55.34
C ARG I 4 -20.82 15.16 54.25
N THR I 5 -19.83 14.25 54.40
CA THR I 5 -18.71 14.11 53.47
C THR I 5 -18.51 12.66 53.02
N ILE I 6 -18.43 12.44 51.68
CA ILE I 6 -18.23 11.13 51.06
C ILE I 6 -17.07 11.25 50.05
N ALA I 7 -16.05 10.39 50.19
CA ALA I 7 -14.86 10.35 49.32
C ALA I 7 -14.77 9.04 48.53
N ARG I 8 -14.24 9.12 47.29
CA ARG I 8 -14.07 7.96 46.41
C ARG I 8 -12.59 7.64 46.13
N LEU I 9 -12.29 6.42 45.64
CA LEU I 9 -10.94 5.98 45.31
C LEU I 9 -10.57 6.33 43.87
N GLN I 23 -11.25 11.79 44.81
CA GLN I 23 -12.31 12.80 44.71
C GLN I 23 -13.17 12.83 45.96
N VAL I 24 -13.49 14.04 46.45
CA VAL I 24 -14.30 14.27 47.65
C VAL I 24 -15.57 15.08 47.28
N VAL I 25 -16.74 14.55 47.65
CA VAL I 25 -18.03 15.20 47.40
C VAL I 25 -18.82 15.42 48.70
N ALA I 26 -19.41 16.63 48.86
CA ALA I 26 -20.17 17.03 50.04
C ALA I 26 -21.56 16.37 50.05
N TYR I 47 -20.80 29.56 51.26
CA TYR I 47 -19.91 28.73 50.44
C TYR I 47 -18.64 28.32 51.18
N ILE I 48 -18.21 27.06 50.98
CA ILE I 48 -17.01 26.48 51.59
C ILE I 48 -15.75 27.07 50.96
N ASN I 49 -14.85 27.63 51.80
CA ASN I 49 -13.58 28.23 51.36
C ASN I 49 -12.44 27.21 51.43
N LEU I 50 -12.14 26.70 52.64
CA LEU I 50 -11.06 25.74 52.87
C LEU I 50 -11.45 24.34 52.40
N ALA I 61 -3.57 19.17 50.71
CA ALA I 61 -3.84 20.16 49.67
C ALA I 61 -4.60 21.37 50.21
N GLU I 62 -4.23 22.57 49.75
CA GLU I 62 -4.85 23.85 50.15
C GLU I 62 -5.70 24.41 49.02
N ALA I 63 -6.98 24.72 49.32
CA ALA I 63 -7.93 25.27 48.36
C ALA I 63 -8.67 26.49 48.92
N ARG I 64 -9.02 27.44 48.03
CA ARG I 64 -9.73 28.67 48.39
C ARG I 64 -10.89 28.95 47.44
N ASN I 72 -25.20 20.58 46.40
CA ASN I 72 -23.96 20.06 46.97
C ASN I 72 -22.80 20.14 45.98
N PRO I 73 -21.63 20.73 46.36
CA PRO I 73 -20.51 20.83 45.40
C PRO I 73 -19.59 19.62 45.36
N LEU I 74 -18.85 19.47 44.25
CA LEU I 74 -17.90 18.38 44.02
C LEU I 74 -16.46 18.93 44.03
N TYR I 75 -15.50 18.13 44.50
CA TYR I 75 -14.08 18.50 44.57
C TYR I 75 -13.19 17.37 44.05
N ALA I 76 -12.46 17.63 42.96
CA ALA I 76 -11.58 16.65 42.31
C ALA I 76 -10.12 17.11 42.26
N PHE I 77 -9.19 16.19 42.59
CA PHE I 77 -7.75 16.44 42.61
C PHE I 77 -6.98 15.22 42.08
N LYS I 78 -5.97 15.47 41.21
CA LYS I 78 -5.13 14.41 40.65
C LYS I 78 -3.91 14.15 41.54
N PHE I 79 -3.74 12.90 41.99
CA PHE I 79 -2.64 12.48 42.87
C PHE I 79 -1.67 11.56 42.16
N LYS I 80 -0.38 11.64 42.52
CA LYS I 80 0.69 10.82 41.96
C LYS I 80 1.02 9.67 42.91
N ALA I 81 1.06 8.44 42.39
CA ALA I 81 1.35 7.23 43.16
C ALA I 81 2.82 7.15 43.59
N GLU I 82 3.04 7.07 44.91
CA GLU I 82 4.38 7.00 45.53
C GLU I 82 4.40 5.93 46.62
N THR I 86 -3.48 7.84 55.38
CA THR I 86 -2.45 8.33 54.46
C THR I 86 -2.75 9.74 53.94
N PHE I 87 -4.00 9.98 53.50
CA PHE I 87 -4.45 11.28 52.98
C PHE I 87 -5.71 11.76 53.69
N THR I 88 -5.69 13.04 54.14
CA THR I 88 -6.81 13.67 54.85
C THR I 88 -7.30 14.94 54.15
N ILE I 89 -8.61 15.24 54.29
CA ILE I 89 -9.26 16.41 53.70
C ILE I 89 -9.96 17.28 54.75
N LYS I 90 -9.88 18.62 54.60
CA LYS I 90 -10.49 19.59 55.49
C LYS I 90 -11.31 20.62 54.72
N LEU I 91 -12.57 20.85 55.15
CA LEU I 91 -13.50 21.78 54.52
C LEU I 91 -14.14 22.71 55.56
N LYS I 92 -14.11 24.04 55.29
CA LYS I 92 -14.67 25.06 56.19
C LYS I 92 -15.49 26.11 55.44
N ASP I 93 -16.72 26.36 55.92
CA ASP I 93 -17.66 27.33 55.34
C ASP I 93 -17.39 28.75 55.89
N THR I 94 -18.10 29.77 55.36
CA THR I 94 -17.99 31.17 55.75
C THR I 94 -18.38 31.42 57.21
N ASP I 95 -19.46 30.76 57.68
CA ASP I 95 -19.95 30.88 59.05
C ASP I 95 -19.13 30.04 60.02
N THR I 98 -17.49 21.57 60.17
CA THR I 98 -16.23 21.28 59.50
C THR I 98 -16.26 19.85 58.93
N GLY I 99 -16.11 19.76 57.61
CA GLY I 99 -16.12 18.49 56.89
C GLY I 99 -14.75 17.81 56.86
N GLU I 100 -14.64 16.65 57.52
CA GLU I 100 -13.40 15.87 57.61
C GLU I 100 -13.68 14.37 57.47
N ALA I 101 -12.92 13.70 56.58
CA ALA I 101 -13.02 12.27 56.30
C ALA I 101 -11.67 11.69 55.87
N SER I 102 -11.39 10.44 56.31
CA SER I 102 -10.14 9.74 55.98
C SER I 102 -10.31 8.83 54.77
N VAL I 103 -9.39 8.95 53.79
CA VAL I 103 -9.40 8.17 52.55
C VAL I 103 -8.16 7.24 52.48
N LYS I 104 -8.38 5.98 52.07
CA LYS I 104 -7.33 4.96 51.96
C LYS I 104 -6.98 4.69 50.50
N LEU I 105 -5.66 4.53 50.21
CA LEU I 105 -5.13 4.28 48.87
C LEU I 105 -5.44 2.85 48.43
N ASP J 16 -37.43 21.03 -22.10
CA ASP J 16 -36.30 20.35 -22.73
C ASP J 16 -35.61 19.41 -21.73
N PRO J 17 -35.20 18.18 -22.14
CA PRO J 17 -34.54 17.27 -21.19
C PRO J 17 -33.01 17.42 -21.14
N ARG J 18 -32.50 18.62 -21.52
CA ARG J 18 -31.09 19.05 -21.58
C ARG J 18 -30.14 17.99 -22.22
N SER J 19 -30.68 17.14 -23.13
CA SER J 19 -29.94 16.10 -23.84
C SER J 19 -29.11 16.68 -25.00
N LEU J 20 -28.13 17.52 -24.65
CA LEU J 20 -27.22 18.19 -25.59
C LEU J 20 -25.94 17.37 -25.78
N TYR J 21 -25.53 16.63 -24.72
CA TYR J 21 -24.32 15.80 -24.71
C TYR J 21 -24.47 14.50 -25.50
N ASP J 22 -25.68 13.89 -25.46
CA ASP J 22 -25.99 12.66 -26.18
C ASP J 22 -26.08 12.96 -27.69
N LEU J 23 -24.98 12.72 -28.41
CA LEU J 23 -24.88 13.00 -29.84
C LEU J 23 -24.60 11.75 -30.70
N PRO J 24 -25.22 11.64 -31.91
CA PRO J 24 -24.98 10.47 -32.75
C PRO J 24 -23.58 10.46 -33.41
N PRO J 25 -23.08 9.32 -33.96
CA PRO J 25 -21.74 9.32 -34.57
C PRO J 25 -21.63 10.17 -35.83
N TYR J 26 -20.50 10.88 -35.98
CA TYR J 26 -20.22 11.74 -37.14
C TYR J 26 -18.73 11.89 -37.42
N GLY J 27 -18.38 11.83 -38.70
CA GLY J 27 -17.03 11.98 -39.22
C GLY J 27 -16.02 10.92 -38.80
N ASP J 28 -14.73 11.19 -39.09
CA ASP J 28 -13.60 10.33 -38.78
C ASP J 28 -12.87 10.83 -37.53
N ALA J 29 -12.68 12.17 -37.44
CA ALA J 29 -11.99 12.84 -36.34
C ALA J 29 -12.96 13.66 -35.48
N THR J 30 -12.57 13.94 -34.22
CA THR J 30 -13.33 14.74 -33.27
C THR J 30 -12.34 15.60 -32.47
N LEU J 31 -12.62 16.91 -32.37
CA LEU J 31 -11.76 17.83 -31.63
C LEU J 31 -12.51 18.43 -30.44
N LEU J 32 -12.16 17.99 -29.23
CA LEU J 32 -12.75 18.49 -27.98
C LEU J 32 -11.98 19.75 -27.61
N TYR J 33 -12.42 20.88 -28.19
CA TYR J 33 -11.76 22.18 -28.05
C TYR J 33 -12.43 23.11 -27.03
N PHE J 34 -11.57 23.75 -26.21
CA PHE J 34 -11.93 24.73 -25.18
C PHE J 34 -10.81 25.78 -25.13
N SER J 35 -11.17 27.06 -24.92
CA SER J 35 -10.21 28.16 -24.88
C SER J 35 -10.50 29.20 -23.81
N ASP J 36 -9.45 29.93 -23.39
CA ASP J 36 -9.46 31.02 -22.40
C ASP J 36 -10.14 30.63 -21.07
N LEU J 37 -9.69 29.52 -20.45
CA LEU J 37 -10.21 29.02 -19.17
C LEU J 37 -9.87 30.00 -18.04
N HIS J 38 -8.66 30.62 -18.12
CA HIS J 38 -8.12 31.59 -17.17
C HIS J 38 -8.07 31.06 -15.72
N GLY J 39 -7.75 29.77 -15.58
CA GLY J 39 -7.62 29.07 -14.31
C GLY J 39 -8.88 28.94 -13.47
N GLN J 40 -10.08 29.14 -14.07
CA GLN J 40 -11.34 29.04 -13.35
C GLN J 40 -11.60 27.57 -12.96
N ALA J 41 -11.17 27.23 -11.74
CA ALA J 41 -11.24 25.88 -11.17
C ALA J 41 -12.61 25.49 -10.61
N PHE J 42 -13.38 26.48 -10.10
CA PHE J 42 -14.67 26.24 -9.48
C PHE J 42 -15.86 26.75 -10.31
N PRO J 43 -17.04 26.08 -10.26
CA PRO J 43 -18.19 26.55 -11.05
C PRO J 43 -18.72 27.91 -10.59
N HIS J 44 -18.65 28.89 -11.51
CA HIS J 44 -19.06 30.27 -11.28
C HIS J 44 -20.04 30.74 -12.37
N TYR J 45 -20.20 32.07 -12.56
CA TYR J 45 -21.08 32.64 -13.56
C TYR J 45 -20.30 33.57 -14.48
N PHE J 46 -20.63 33.56 -15.78
CA PHE J 46 -19.97 34.40 -16.79
C PHE J 46 -20.97 34.86 -17.84
N MET J 47 -21.36 36.14 -17.78
CA MET J 47 -22.30 36.74 -18.72
C MET J 47 -21.57 37.28 -19.93
N GLU J 48 -22.16 37.06 -21.13
CA GLU J 48 -21.62 37.55 -22.40
C GLU J 48 -21.76 39.08 -22.46
N PRO J 49 -20.89 39.81 -23.20
CA PRO J 49 -21.01 41.28 -23.23
C PRO J 49 -22.35 41.78 -23.78
N PRO J 50 -22.99 42.79 -23.13
CA PRO J 50 -24.27 43.30 -23.65
C PRO J 50 -24.10 44.08 -24.95
N ASN J 51 -22.89 44.63 -25.18
CA ASN J 51 -22.56 45.41 -26.36
C ASN J 51 -21.20 45.04 -26.95
N LEU J 52 -21.15 44.85 -28.27
CA LEU J 52 -19.94 44.56 -29.03
C LEU J 52 -19.93 45.51 -30.24
N ILE J 53 -19.71 46.80 -29.96
CA ILE J 53 -19.68 47.89 -30.95
C ILE J 53 -18.52 47.69 -31.92
N ALA J 54 -18.85 47.67 -33.23
CA ALA J 54 -17.92 47.48 -34.33
C ALA J 54 -18.11 48.56 -35.39
N PRO J 55 -17.06 48.92 -36.18
CA PRO J 55 -17.28 49.92 -37.24
C PRO J 55 -18.21 49.38 -38.32
N LYS J 56 -18.89 50.30 -39.06
CA LYS J 56 -19.85 49.97 -40.14
C LYS J 56 -19.40 48.83 -41.10
N PRO J 57 -18.14 48.74 -41.62
CA PRO J 57 -17.80 47.61 -42.50
C PRO J 57 -17.70 46.24 -41.81
N LEU J 58 -17.67 46.20 -40.46
CA LEU J 58 -17.56 44.96 -39.69
C LEU J 58 -18.81 44.61 -38.85
N MET J 59 -19.93 45.31 -39.08
CA MET J 59 -21.18 45.09 -38.35
C MET J 59 -21.96 43.88 -38.86
N GLY J 60 -22.49 43.08 -37.94
CA GLY J 60 -23.31 41.90 -38.24
C GLY J 60 -22.59 40.58 -38.39
N ARG J 61 -21.24 40.59 -38.38
CA ARG J 61 -20.43 39.37 -38.54
C ARG J 61 -20.06 38.72 -37.17
N PRO J 62 -19.86 37.37 -37.10
CA PRO J 62 -19.51 36.74 -35.81
C PRO J 62 -18.32 37.38 -35.09
N GLY J 63 -18.50 37.62 -33.80
CA GLY J 63 -17.51 38.26 -32.93
C GLY J 63 -17.97 39.64 -32.49
N TYR J 64 -19.04 40.16 -33.12
CA TYR J 64 -19.62 41.47 -32.81
C TYR J 64 -21.15 41.42 -32.61
N LEU J 65 -21.73 40.20 -32.55
CA LEU J 65 -23.17 39.99 -32.36
C LEU J 65 -23.51 39.92 -30.86
N THR J 66 -24.57 40.64 -30.44
CA THR J 66 -24.99 40.73 -29.03
C THR J 66 -26.51 40.67 -28.84
N GLY J 67 -26.93 40.12 -27.70
CA GLY J 67 -28.33 40.02 -27.29
C GLY J 67 -29.23 39.14 -28.13
N GLU J 68 -30.32 39.72 -28.63
CA GLU J 68 -31.30 39.04 -29.47
C GLU J 68 -30.76 38.79 -30.88
N ALA J 69 -29.79 39.62 -31.33
CA ALA J 69 -29.15 39.54 -32.65
C ALA J 69 -28.32 38.26 -32.80
N ILE J 70 -27.60 37.83 -31.75
CA ILE J 70 -26.78 36.61 -31.76
C ILE J 70 -27.68 35.35 -31.72
N LEU J 71 -28.87 35.46 -31.09
CA LEU J 71 -29.84 34.37 -30.99
C LEU J 71 -30.54 34.12 -32.32
N ARG J 72 -30.85 35.19 -33.08
CA ARG J 72 -31.50 35.12 -34.38
C ARG J 72 -30.54 34.61 -35.47
N TYR J 73 -29.26 35.02 -35.40
CA TYR J 73 -28.19 34.67 -36.34
C TYR J 73 -27.93 33.16 -36.40
N TYR J 74 -27.86 32.48 -35.23
CA TYR J 74 -27.61 31.04 -35.15
C TYR J 74 -28.89 30.20 -34.97
N GLY J 75 -30.02 30.88 -34.79
CA GLY J 75 -31.32 30.24 -34.63
C GLY J 75 -31.50 29.53 -33.29
N VAL J 76 -31.08 30.21 -32.20
CA VAL J 76 -31.16 29.69 -30.83
C VAL J 76 -32.42 30.27 -30.17
N GLU J 77 -33.29 29.38 -29.65
CA GLU J 77 -34.54 29.76 -28.97
C GLU J 77 -34.28 30.38 -27.60
N ARG J 78 -35.12 31.35 -27.21
CA ARG J 78 -35.04 32.06 -25.93
C ARG J 78 -35.45 31.16 -24.77
N GLY J 79 -34.59 31.08 -23.75
CA GLY J 79 -34.80 30.27 -22.55
C GLY J 79 -34.17 28.89 -22.56
N THR J 80 -33.39 28.57 -23.61
CA THR J 80 -32.68 27.28 -23.77
C THR J 80 -31.31 27.31 -23.06
N PRO J 81 -30.65 26.15 -22.77
CA PRO J 81 -29.32 26.19 -22.11
C PRO J 81 -28.25 26.91 -22.93
N LEU J 82 -28.34 26.81 -24.27
CA LEU J 82 -27.42 27.46 -25.21
C LEU J 82 -27.62 28.98 -25.22
N ALA J 83 -28.88 29.45 -25.07
CA ALA J 83 -29.24 30.87 -25.03
C ALA J 83 -28.64 31.58 -23.82
N TYR J 84 -28.56 30.87 -22.67
CA TYR J 84 -27.99 31.34 -21.41
C TYR J 84 -26.47 31.55 -21.55
N LEU J 85 -25.81 30.71 -22.36
CA LEU J 85 -24.37 30.76 -22.63
C LEU J 85 -24.00 31.75 -23.73
N LEU J 86 -24.86 31.87 -24.77
CA LEU J 86 -24.63 32.73 -25.93
C LEU J 86 -25.02 34.20 -25.74
N SER J 87 -26.16 34.47 -25.07
CA SER J 87 -26.66 35.83 -24.87
C SER J 87 -26.78 36.27 -23.41
N TYR J 88 -26.81 37.60 -23.21
CA TYR J 88 -26.97 38.25 -21.90
C TYR J 88 -28.45 38.35 -21.51
N VAL J 89 -29.35 38.17 -22.50
CA VAL J 89 -30.81 38.24 -22.35
C VAL J 89 -31.30 37.17 -21.37
N ASP J 90 -31.99 37.61 -20.29
CA ASP J 90 -32.55 36.80 -19.19
C ASP J 90 -31.48 36.03 -18.40
N PHE J 91 -30.22 36.55 -18.36
CA PHE J 91 -29.09 35.92 -17.67
C PHE J 91 -29.37 35.60 -16.20
N VAL J 92 -29.88 36.58 -15.42
CA VAL J 92 -30.20 36.42 -13.99
C VAL J 92 -31.25 35.32 -13.79
N GLU J 93 -32.29 35.31 -14.65
CA GLU J 93 -33.38 34.34 -14.65
C GLU J 93 -32.89 32.92 -14.99
N LEU J 94 -31.99 32.80 -15.99
CA LEU J 94 -31.45 31.52 -16.45
C LEU J 94 -30.26 31.00 -15.62
N ALA J 95 -29.56 31.89 -14.88
CA ALA J 95 -28.41 31.53 -14.03
C ALA J 95 -28.83 30.71 -12.81
N ARG J 96 -30.05 30.98 -12.30
CA ARG J 96 -30.63 30.27 -11.16
C ARG J 96 -31.28 28.98 -11.65
N THR J 97 -31.73 28.98 -12.92
CA THR J 97 -32.39 27.85 -13.58
C THR J 97 -31.38 26.76 -13.96
N PHE J 98 -30.35 27.11 -14.77
CA PHE J 98 -29.33 26.15 -15.23
C PHE J 98 -28.13 25.99 -14.27
N GLY J 99 -28.05 26.85 -13.25
CA GLY J 99 -26.99 26.80 -12.26
C GLY J 99 -25.68 27.41 -12.70
N PRO J 100 -24.54 27.08 -12.05
CA PRO J 100 -23.25 27.68 -12.45
C PRO J 100 -22.56 26.97 -13.60
N ILE J 101 -21.79 27.74 -14.38
CA ILE J 101 -20.99 27.29 -15.52
C ILE J 101 -19.51 27.12 -15.16
N GLY J 102 -18.77 26.44 -16.03
CA GLY J 102 -17.33 26.22 -15.86
C GLY J 102 -16.98 25.21 -14.80
N GLY J 103 -15.82 25.42 -14.17
CA GLY J 103 -15.28 24.54 -13.13
C GLY J 103 -14.46 23.42 -13.73
N MET J 104 -13.24 23.21 -13.19
CA MET J 104 -12.30 22.17 -13.64
C MET J 104 -12.84 20.75 -13.52
N GLY J 105 -13.65 20.50 -12.48
CA GLY J 105 -14.27 19.21 -12.23
C GLY J 105 -15.35 18.87 -13.25
N ALA J 106 -16.23 19.84 -13.54
CA ALA J 106 -17.33 19.70 -14.50
C ALA J 106 -16.81 19.62 -15.95
N LEU J 107 -15.71 20.33 -16.26
CA LEU J 107 -15.08 20.34 -17.59
C LEU J 107 -14.39 19.01 -17.89
N THR J 108 -13.66 18.43 -16.91
CA THR J 108 -12.98 17.14 -17.04
C THR J 108 -13.99 16.02 -17.27
N ALA J 109 -15.11 16.05 -16.50
CA ALA J 109 -16.21 15.09 -16.58
C ALA J 109 -16.88 15.07 -17.96
N LEU J 110 -17.01 16.26 -18.60
CA LEU J 110 -17.60 16.40 -19.94
C LEU J 110 -16.64 15.90 -21.02
N ILE J 111 -15.34 16.28 -20.94
CA ILE J 111 -14.29 15.86 -21.88
C ILE J 111 -14.18 14.33 -21.89
N ARG J 112 -14.13 13.70 -20.68
CA ARG J 112 -14.04 12.25 -20.50
C ARG J 112 -15.26 11.52 -21.05
N ASP J 113 -16.47 12.06 -20.83
CA ASP J 113 -17.74 11.51 -21.30
C ASP J 113 -17.82 11.52 -22.83
N GLN J 114 -17.44 12.64 -23.46
CA GLN J 114 -17.46 12.81 -24.92
C GLN J 114 -16.36 11.99 -25.60
N LYS J 115 -15.18 11.84 -24.97
CA LYS J 115 -14.06 11.06 -25.48
C LYS J 115 -14.41 9.57 -25.46
N ALA J 116 -15.23 9.15 -24.47
CA ALA J 116 -15.71 7.78 -24.31
C ALA J 116 -16.71 7.42 -25.40
N ARG J 117 -17.54 8.40 -25.83
CA ARG J 117 -18.54 8.23 -26.89
C ARG J 117 -17.87 8.04 -28.25
N VAL J 118 -16.93 8.94 -28.61
CA VAL J 118 -16.17 8.94 -29.87
C VAL J 118 -15.36 7.64 -30.04
N GLU J 119 -14.67 7.19 -28.98
CA GLU J 119 -13.87 5.96 -29.01
C GLU J 119 -14.74 4.70 -29.12
N ALA J 120 -15.98 4.73 -28.56
CA ALA J 120 -16.93 3.63 -28.65
C ALA J 120 -17.47 3.51 -30.08
N GLU J 121 -17.58 4.65 -30.79
CA GLU J 121 -18.05 4.75 -32.17
C GLU J 121 -17.01 4.19 -33.14
N GLY J 122 -15.73 4.41 -32.83
CA GLY J 122 -14.60 3.94 -33.64
C GLY J 122 -13.77 5.05 -34.26
N GLY J 123 -13.90 6.26 -33.71
CA GLY J 123 -13.18 7.44 -34.20
C GLY J 123 -12.10 7.95 -33.27
N LYS J 124 -11.30 8.92 -33.78
CA LYS J 124 -10.20 9.56 -33.05
C LYS J 124 -10.70 10.85 -32.37
N ALA J 125 -10.35 11.02 -31.08
CA ALA J 125 -10.72 12.20 -30.29
C ALA J 125 -9.48 12.92 -29.77
N LEU J 126 -9.37 14.23 -30.05
CA LEU J 126 -8.24 15.06 -29.63
C LEU J 126 -8.67 16.21 -28.73
N VAL J 127 -8.06 16.30 -27.53
CA VAL J 127 -8.34 17.35 -26.55
C VAL J 127 -7.38 18.51 -26.83
N LEU J 128 -7.92 19.65 -27.28
CA LEU J 128 -7.11 20.82 -27.63
C LEU J 128 -7.47 22.05 -26.81
N ASP J 129 -6.45 22.68 -26.21
CA ASP J 129 -6.59 23.89 -25.39
C ASP J 129 -6.18 25.10 -26.24
N GLY J 130 -6.99 26.16 -26.20
CA GLY J 130 -6.75 27.36 -26.99
C GLY J 130 -6.11 28.53 -26.26
N GLY J 131 -5.15 28.25 -25.37
CA GLY J 131 -4.42 29.27 -24.63
C GLY J 131 -5.19 29.94 -23.50
N ASP J 132 -4.51 30.86 -22.77
CA ASP J 132 -5.02 31.63 -21.63
C ASP J 132 -5.67 30.73 -20.58
N THR J 133 -4.87 29.78 -20.05
CA THR J 133 -5.32 28.78 -19.09
C THR J 133 -4.60 28.89 -17.74
N TRP J 134 -3.24 28.90 -17.78
CA TRP J 134 -2.35 28.93 -16.60
C TRP J 134 -2.48 30.14 -15.66
N THR J 135 -2.99 31.29 -16.14
CA THR J 135 -3.06 32.51 -15.32
C THR J 135 -4.46 33.13 -15.14
N ASN J 136 -4.55 34.13 -14.21
CA ASN J 136 -5.69 34.99 -13.86
C ASN J 136 -6.78 34.30 -13.00
N SER J 137 -6.38 33.72 -11.85
CA SER J 137 -7.28 33.07 -10.88
C SER J 137 -6.61 32.85 -9.51
N GLY J 138 -7.41 32.47 -8.50
CA GLY J 138 -6.97 32.20 -7.14
C GLY J 138 -6.04 31.00 -7.04
N LEU J 139 -6.41 29.89 -7.73
CA LEU J 139 -5.66 28.64 -7.79
C LEU J 139 -4.31 28.87 -8.50
N SER J 140 -4.29 29.73 -9.53
CA SER J 140 -3.12 30.06 -10.33
C SER J 140 -2.06 30.85 -9.56
N LEU J 141 -2.44 32.00 -8.96
CA LEU J 141 -1.53 32.90 -8.23
C LEU J 141 -0.83 32.26 -7.02
N LEU J 142 -1.53 31.37 -6.30
CA LEU J 142 -1.00 30.69 -5.11
C LEU J 142 0.02 29.58 -5.44
N THR J 143 -0.06 29.00 -6.65
CA THR J 143 0.83 27.93 -7.10
C THR J 143 1.76 28.36 -8.26
N ARG J 144 1.64 29.63 -8.71
CA ARG J 144 2.37 30.24 -9.83
C ARG J 144 2.08 29.51 -11.16
N GLY J 145 0.82 29.12 -11.33
CA GLY J 145 0.30 28.44 -12.50
C GLY J 145 0.55 26.94 -12.57
N GLU J 146 1.16 26.35 -11.51
CA GLU J 146 1.49 24.92 -11.46
C GLU J 146 0.28 24.00 -11.38
N ALA J 147 -0.71 24.34 -10.54
CA ALA J 147 -1.94 23.54 -10.34
C ALA J 147 -2.79 23.42 -11.61
N VAL J 148 -2.73 24.42 -12.50
CA VAL J 148 -3.46 24.45 -13.77
C VAL J 148 -2.83 23.46 -14.76
N VAL J 149 -1.47 23.43 -14.82
CA VAL J 149 -0.66 22.54 -15.68
C VAL J 149 -0.92 21.08 -15.28
N ARG J 150 -0.97 20.82 -13.97
CA ARG J 150 -1.20 19.49 -13.40
C ARG J 150 -2.62 18.98 -13.64
N TRP J 151 -3.59 19.89 -13.77
CA TRP J 151 -4.99 19.57 -14.08
C TRP J 151 -5.10 19.11 -15.55
N GLN J 152 -4.32 19.74 -16.44
CA GLN J 152 -4.27 19.44 -17.88
C GLN J 152 -3.80 18.00 -18.14
N ASN J 153 -2.86 17.51 -17.29
CA ASN J 153 -2.31 16.16 -17.36
C ASN J 153 -3.35 15.12 -16.90
N LEU J 154 -4.23 15.52 -15.94
CA LEU J 154 -5.30 14.67 -15.41
C LEU J 154 -6.40 14.44 -16.44
N VAL J 155 -6.85 15.51 -17.11
CA VAL J 155 -7.89 15.46 -18.15
C VAL J 155 -7.32 14.83 -19.45
N GLY J 156 -6.07 15.15 -19.76
CA GLY J 156 -5.36 14.64 -20.93
C GLY J 156 -5.38 15.58 -22.13
N VAL J 157 -4.81 16.79 -21.96
CA VAL J 157 -4.73 17.80 -23.02
C VAL J 157 -3.61 17.40 -23.98
N ASP J 158 -3.93 17.27 -25.28
CA ASP J 158 -2.97 16.89 -26.32
C ASP J 158 -2.10 18.06 -26.77
N HIS J 159 -2.71 19.23 -27.05
CA HIS J 159 -1.99 20.44 -27.51
C HIS J 159 -2.55 21.74 -26.91
N MET J 160 -1.69 22.77 -26.80
CA MET J 160 -2.05 24.09 -26.28
C MET J 160 -1.20 25.24 -26.86
N VAL J 161 -1.76 26.47 -26.83
CA VAL J 161 -1.08 27.71 -27.28
C VAL J 161 -0.89 28.66 -26.08
N SER J 162 -0.35 29.88 -26.29
CA SER J 162 -0.09 30.80 -25.18
C SER J 162 -0.28 32.29 -25.50
N HIS J 163 -0.42 33.11 -24.44
CA HIS J 163 -0.56 34.57 -24.44
C HIS J 163 -0.31 35.10 -23.02
N CYS J 164 -1.26 34.87 -22.09
CA CYS J 164 -1.14 35.32 -20.70
C CYS J 164 -0.36 34.33 -19.83
N GLU J 165 0.07 33.19 -20.42
CA GLU J 165 0.88 32.17 -19.75
C GLU J 165 2.29 32.73 -19.50
N TRP J 166 2.76 33.60 -20.41
CA TRP J 166 4.06 34.25 -20.38
C TRP J 166 4.20 35.35 -19.31
N THR J 167 3.09 35.76 -18.66
CA THR J 167 3.08 36.78 -17.61
C THR J 167 3.78 36.31 -16.33
N LEU J 168 3.96 34.98 -16.18
CA LEU J 168 4.64 34.34 -15.04
C LEU J 168 6.15 34.53 -15.14
N GLY J 169 6.67 34.64 -16.36
CA GLY J 169 8.08 34.82 -16.64
C GLY J 169 8.64 33.69 -17.49
N ARG J 170 9.68 34.00 -18.30
CA ARG J 170 10.37 33.06 -19.21
C ARG J 170 10.85 31.78 -18.51
N GLU J 171 11.41 31.92 -17.30
CA GLU J 171 11.92 30.81 -16.49
C GLU J 171 10.80 29.90 -15.98
N ARG J 172 9.66 30.49 -15.60
CA ARG J 172 8.49 29.75 -15.08
C ARG J 172 7.78 28.96 -16.18
N VAL J 173 7.60 29.55 -17.38
CA VAL J 173 6.96 28.91 -18.54
C VAL J 173 7.74 27.65 -18.94
N GLU J 174 9.07 27.77 -19.08
CA GLU J 174 9.99 26.68 -19.43
C GLU J 174 9.96 25.56 -18.36
N GLU J 175 9.76 25.94 -17.08
CA GLU J 175 9.66 25.02 -15.95
C GLU J 175 8.32 24.27 -15.98
N LEU J 176 7.22 24.98 -16.30
CA LEU J 176 5.86 24.42 -16.38
C LEU J 176 5.65 23.53 -17.60
N LEU J 177 6.35 23.83 -18.73
CA LEU J 177 6.25 23.04 -19.96
C LEU J 177 6.85 21.63 -19.83
N GLY J 178 7.80 21.49 -18.91
CA GLY J 178 8.43 20.21 -18.59
C GLY J 178 7.49 19.29 -17.85
N LEU J 179 6.58 19.87 -17.05
CA LEU J 179 5.55 19.16 -16.28
C LEU J 179 4.34 18.84 -17.16
N PHE J 180 4.10 19.66 -18.20
CA PHE J 180 2.99 19.50 -19.15
C PHE J 180 3.21 18.27 -20.03
N ARG J 181 2.36 17.25 -19.87
CA ARG J 181 2.41 15.97 -20.60
C ARG J 181 2.13 16.11 -22.10
N GLY J 182 1.28 17.06 -22.46
CA GLY J 182 0.93 17.35 -23.85
C GLY J 182 2.04 18.04 -24.62
N GLU J 183 1.82 18.26 -25.92
CA GLU J 183 2.81 18.91 -26.78
C GLU J 183 2.40 20.36 -27.08
N PHE J 184 3.27 21.31 -26.70
CA PHE J 184 3.05 22.74 -26.93
C PHE J 184 3.43 23.07 -28.37
N LEU J 185 2.51 23.72 -29.11
CA LEU J 185 2.74 24.10 -30.50
C LEU J 185 2.64 25.61 -30.73
N SER J 186 3.66 26.17 -31.42
CA SER J 186 3.77 27.59 -31.77
C SER J 186 4.73 27.79 -32.94
N TYR J 187 4.30 28.56 -33.95
CA TYR J 187 5.10 28.86 -35.13
C TYR J 187 5.77 30.23 -35.01
N ASN J 188 5.06 31.19 -34.40
CA ASN J 188 5.48 32.59 -34.24
C ASN J 188 6.53 32.81 -33.14
N ILE J 189 6.53 31.98 -32.07
CA ILE J 189 7.50 32.12 -30.97
C ILE J 189 8.90 31.74 -31.46
N VAL J 190 9.69 32.77 -31.81
CA VAL J 190 11.06 32.67 -32.33
C VAL J 190 12.05 33.49 -31.48
N ASP J 191 13.36 33.21 -31.62
CA ASP J 191 14.46 33.88 -30.92
C ASP J 191 14.60 35.33 -31.40
N ASP J 192 15.06 36.22 -30.49
CA ASP J 192 15.20 37.65 -30.74
C ASP J 192 16.33 38.04 -31.69
N LEU J 193 17.54 37.48 -31.49
CA LEU J 193 18.70 37.81 -32.32
C LEU J 193 18.72 37.13 -33.71
N PHE J 194 18.26 35.86 -33.85
CA PHE J 194 18.27 35.17 -35.14
C PHE J 194 16.87 34.94 -35.75
N GLY J 195 16.01 34.25 -35.01
CA GLY J 195 14.64 33.94 -35.44
C GLY J 195 14.33 32.47 -35.61
N ASP J 196 14.94 31.62 -34.77
CA ASP J 196 14.75 30.16 -34.79
C ASP J 196 13.59 29.75 -33.88
N PRO J 197 12.64 28.90 -34.37
CA PRO J 197 11.51 28.50 -33.52
C PRO J 197 11.93 27.51 -32.43
N LEU J 198 11.61 27.84 -31.17
CA LEU J 198 11.94 27.01 -30.00
C LEU J 198 10.96 25.84 -29.84
N PHE J 199 9.71 26.03 -30.28
CA PHE J 199 8.64 25.03 -30.18
C PHE J 199 8.19 24.56 -31.58
N PRO J 200 7.73 23.30 -31.77
CA PRO J 200 7.31 22.85 -33.10
C PRO J 200 6.08 23.62 -33.62
N ALA J 201 6.07 23.93 -34.92
CA ALA J 201 5.00 24.67 -35.57
C ALA J 201 3.71 23.85 -35.71
N TYR J 202 3.85 22.52 -35.95
CA TYR J 202 2.71 21.62 -36.13
C TYR J 202 2.97 20.17 -35.68
N ARG J 203 1.90 19.34 -35.66
CA ARG J 203 1.94 17.92 -35.32
C ARG J 203 0.86 17.17 -36.13
N ILE J 204 1.28 16.12 -36.84
CA ILE J 204 0.40 15.30 -37.69
C ILE J 204 -0.07 14.05 -36.92
N HIS J 205 -1.40 13.87 -36.86
CA HIS J 205 -2.07 12.75 -36.21
C HIS J 205 -2.74 11.84 -37.23
N ARG J 206 -2.59 10.52 -37.06
CA ARG J 206 -3.18 9.52 -37.96
C ARG J 206 -4.65 9.25 -37.58
N VAL J 207 -5.57 9.67 -38.46
CA VAL J 207 -7.01 9.47 -38.28
C VAL J 207 -7.49 8.46 -39.33
N GLY J 208 -7.29 7.18 -39.02
CA GLY J 208 -7.63 6.06 -39.90
C GLY J 208 -6.82 6.09 -41.18
N PRO J 209 -7.46 6.23 -42.36
CA PRO J 209 -6.68 6.29 -43.61
C PRO J 209 -6.13 7.69 -43.92
N TYR J 210 -6.63 8.73 -43.21
CA TYR J 210 -6.24 10.14 -43.39
C TYR J 210 -5.29 10.63 -42.30
N ALA J 211 -4.65 11.79 -42.54
CA ALA J 211 -3.71 12.44 -41.62
C ALA J 211 -4.14 13.90 -41.37
N LEU J 212 -4.32 14.25 -40.08
CA LEU J 212 -4.74 15.58 -39.64
C LEU J 212 -3.60 16.33 -38.96
N ALA J 213 -3.30 17.55 -39.44
CA ALA J 213 -2.23 18.39 -38.89
C ALA J 213 -2.80 19.52 -38.02
N VAL J 214 -2.23 19.69 -36.82
CA VAL J 214 -2.64 20.73 -35.87
C VAL J 214 -1.52 21.77 -35.79
N VAL J 215 -1.75 22.98 -36.35
CA VAL J 215 -0.78 24.07 -36.39
C VAL J 215 -1.05 25.03 -35.22
N GLY J 216 -0.05 25.21 -34.38
CA GLY J 216 -0.11 26.08 -33.21
C GLY J 216 0.22 27.53 -33.52
N ALA J 217 -0.64 28.45 -33.07
CA ALA J 217 -0.46 29.89 -33.28
C ALA J 217 -0.72 30.67 -31.98
N SER J 218 0.32 31.36 -31.50
CA SER J 218 0.27 32.17 -30.28
C SER J 218 0.01 33.64 -30.61
N TYR J 219 -0.41 34.43 -29.61
CA TYR J 219 -0.71 35.87 -29.74
C TYR J 219 0.54 36.66 -30.19
N PRO J 220 0.44 37.48 -31.27
CA PRO J 220 1.62 38.18 -31.76
C PRO J 220 1.99 39.48 -31.03
N TYR J 221 1.01 40.11 -30.34
CA TYR J 221 1.22 41.37 -29.63
C TYR J 221 1.37 41.14 -28.11
N VAL J 222 2.14 40.10 -27.74
CA VAL J 222 2.42 39.66 -26.38
C VAL J 222 3.34 40.65 -25.63
N LYS J 223 4.37 41.19 -26.32
CA LYS J 223 5.34 42.13 -25.75
C LYS J 223 4.73 43.50 -25.38
N VAL J 224 3.71 43.96 -26.12
CA VAL J 224 3.03 45.24 -25.85
C VAL J 224 1.88 45.11 -24.84
N SER J 225 1.37 43.88 -24.63
CA SER J 225 0.27 43.62 -23.69
C SER J 225 0.75 43.61 -22.23
N HIS J 226 1.80 42.82 -21.92
CA HIS J 226 2.39 42.73 -20.58
C HIS J 226 3.87 43.20 -20.55
N PRO J 227 4.46 43.55 -19.37
CA PRO J 227 5.86 44.04 -19.36
C PRO J 227 6.88 43.22 -20.16
N GLU J 228 7.78 43.94 -20.87
CA GLU J 228 8.84 43.41 -21.74
C GLU J 228 9.85 42.48 -21.03
N SER J 229 10.01 42.64 -19.70
CA SER J 229 10.92 41.84 -18.87
C SER J 229 10.56 40.35 -18.82
N PHE J 230 9.25 40.02 -18.92
CA PHE J 230 8.74 38.65 -18.88
C PHE J 230 9.10 37.85 -20.13
N THR J 231 9.08 38.50 -21.32
CA THR J 231 9.40 37.86 -22.60
C THR J 231 10.68 38.44 -23.23
N GLU J 232 11.70 38.70 -22.38
CA GLU J 232 12.99 39.26 -22.81
C GLU J 232 13.80 38.20 -23.56
N GLY J 233 14.09 38.48 -24.82
CA GLY J 233 14.83 37.59 -25.72
C GLY J 233 13.93 36.72 -26.57
N LEU J 234 12.68 37.18 -26.81
CA LEU J 234 11.68 36.46 -27.61
C LEU J 234 10.99 37.38 -28.62
N SER J 235 10.53 36.81 -29.74
CA SER J 235 9.80 37.50 -30.80
C SER J 235 8.49 36.74 -31.04
N PHE J 236 7.35 37.45 -30.91
CA PHE J 236 6.01 36.87 -31.08
C PHE J 236 5.31 37.30 -32.37
N ALA J 237 5.82 38.37 -33.03
CA ALA J 237 5.32 39.00 -34.26
C ALA J 237 4.73 38.04 -35.30
N LEU J 238 3.56 38.43 -35.87
CA LEU J 238 2.82 37.66 -36.87
C LEU J 238 3.59 37.60 -38.19
N ASP J 239 4.00 36.39 -38.58
CA ASP J 239 4.75 36.14 -39.81
C ASP J 239 3.90 35.32 -40.79
N GLU J 240 3.41 35.97 -41.85
CA GLU J 240 2.58 35.36 -42.89
C GLU J 240 3.38 34.38 -43.75
N ARG J 241 4.68 34.67 -43.96
CA ARG J 241 5.60 33.84 -44.74
C ARG J 241 5.90 32.52 -43.99
N ARG J 242 6.13 32.61 -42.67
CA ARG J 242 6.41 31.46 -41.81
C ARG J 242 5.18 30.58 -41.59
N LEU J 243 3.97 31.21 -41.53
CA LEU J 243 2.70 30.49 -41.35
C LEU J 243 2.35 29.67 -42.59
N GLN J 244 2.52 30.26 -43.80
CA GLN J 244 2.27 29.60 -45.08
C GLN J 244 3.24 28.42 -45.28
N GLU J 245 4.52 28.61 -44.88
CA GLU J 245 5.58 27.60 -44.95
C GLU J 245 5.27 26.40 -44.06
N ALA J 246 4.73 26.64 -42.85
CA ALA J 246 4.35 25.61 -41.88
C ALA J 246 3.18 24.75 -42.37
N VAL J 247 2.21 25.38 -43.06
CA VAL J 247 1.02 24.72 -43.62
C VAL J 247 1.45 23.87 -44.84
N ASP J 248 2.28 24.45 -45.74
CA ASP J 248 2.80 23.78 -46.94
C ASP J 248 3.71 22.60 -46.62
N LYS J 249 4.54 22.71 -45.56
CA LYS J 249 5.44 21.65 -45.11
C LYS J 249 4.65 20.47 -44.53
N ALA J 250 3.53 20.76 -43.83
CA ALA J 250 2.65 19.77 -43.21
C ALA J 250 1.97 18.90 -44.27
N ARG J 251 1.41 19.53 -45.32
CA ARG J 251 0.73 18.85 -46.43
C ARG J 251 1.72 18.05 -47.29
N ALA J 252 2.99 18.49 -47.36
CA ALA J 252 4.06 17.81 -48.10
C ALA J 252 4.50 16.53 -47.39
N GLU J 253 4.43 16.52 -46.04
CA GLU J 253 4.81 15.37 -45.22
C GLU J 253 3.80 14.21 -45.30
N GLY J 254 2.53 14.54 -45.59
CA GLY J 254 1.47 13.54 -45.73
C GLY J 254 0.11 13.92 -45.16
N ALA J 255 -0.01 15.14 -44.62
CA ALA J 255 -1.27 15.62 -44.02
C ALA J 255 -2.30 16.02 -45.09
N ASN J 256 -3.54 15.54 -44.91
CA ASN J 256 -4.66 15.82 -45.82
C ASN J 256 -5.37 17.12 -45.44
N ALA J 257 -5.71 17.28 -44.16
CA ALA J 257 -6.40 18.46 -43.61
C ALA J 257 -5.54 19.22 -42.61
N VAL J 258 -5.63 20.56 -42.62
CA VAL J 258 -4.88 21.44 -41.72
C VAL J 258 -5.83 22.20 -40.79
N VAL J 259 -5.62 22.03 -39.47
CA VAL J 259 -6.40 22.68 -38.41
C VAL J 259 -5.48 23.63 -37.64
N LEU J 260 -5.86 24.92 -37.55
CA LEU J 260 -5.08 25.94 -36.87
C LEU J 260 -5.61 26.28 -35.46
N LEU J 261 -4.86 25.84 -34.43
CA LEU J 261 -5.15 26.11 -33.03
C LEU J 261 -4.53 27.50 -32.79
N SER J 262 -5.37 28.55 -32.82
CA SER J 262 -4.91 29.93 -32.73
C SER J 262 -5.43 30.72 -31.54
N HIS J 263 -4.64 31.75 -31.16
CA HIS J 263 -4.93 32.72 -30.10
C HIS J 263 -4.63 34.14 -30.62
N ASN J 264 -4.55 34.30 -31.96
CA ASN J 264 -4.31 35.57 -32.64
C ASN J 264 -5.52 36.51 -32.53
N GLY J 265 -6.70 35.92 -32.37
CA GLY J 265 -7.97 36.62 -32.29
C GLY J 265 -8.83 36.30 -33.49
N MET J 266 -10.13 36.02 -33.27
CA MET J 266 -11.11 35.65 -34.30
C MET J 266 -11.13 36.57 -35.52
N GLN J 267 -10.98 37.89 -35.30
CA GLN J 267 -10.98 38.90 -36.36
C GLN J 267 -9.70 38.82 -37.20
N LEU J 268 -8.53 38.68 -36.53
CA LEU J 268 -7.22 38.54 -37.18
C LEU J 268 -7.12 37.20 -37.92
N ASP J 269 -7.74 36.13 -37.35
CA ASP J 269 -7.78 34.79 -37.94
C ASP J 269 -8.62 34.78 -39.21
N ALA J 270 -9.69 35.62 -39.26
CA ALA J 270 -10.58 35.77 -40.42
C ALA J 270 -9.82 36.46 -41.56
N ALA J 271 -8.93 37.42 -41.21
CA ALA J 271 -8.09 38.15 -42.17
C ALA J 271 -7.02 37.22 -42.74
N LEU J 272 -6.53 36.27 -41.91
CA LEU J 272 -5.53 35.26 -42.29
C LEU J 272 -6.14 34.16 -43.16
N ALA J 273 -7.46 33.92 -43.02
CA ALA J 273 -8.20 32.91 -43.78
C ALA J 273 -8.29 33.24 -45.27
N GLU J 274 -8.30 34.55 -45.61
CA GLU J 274 -8.35 35.06 -46.98
C GLU J 274 -6.95 35.31 -47.57
N ARG J 275 -5.90 35.33 -46.71
CA ARG J 275 -4.52 35.58 -47.11
C ARG J 275 -3.62 34.34 -47.15
N ILE J 276 -3.89 33.33 -46.28
CA ILE J 276 -3.11 32.09 -46.20
C ILE J 276 -3.89 30.91 -46.80
N ARG J 277 -3.22 30.12 -47.66
CA ARG J 277 -3.78 28.95 -48.34
C ARG J 277 -3.48 27.66 -47.56
N GLY J 278 -4.36 26.68 -47.69
CA GLY J 278 -4.20 25.38 -47.05
C GLY J 278 -5.02 25.12 -45.80
N ILE J 279 -5.23 26.15 -44.96
CA ILE J 279 -5.98 26.03 -43.71
C ILE J 279 -7.47 25.75 -43.98
N ASP J 280 -7.98 24.63 -43.43
CA ASP J 280 -9.38 24.20 -43.59
C ASP J 280 -10.25 24.53 -42.37
N LEU J 281 -9.63 24.61 -41.18
CA LEU J 281 -10.32 24.93 -39.92
C LEU J 281 -9.44 25.77 -38.98
N ILE J 282 -10.03 26.80 -38.34
CA ILE J 282 -9.35 27.67 -37.37
C ILE J 282 -10.10 27.63 -36.05
N LEU J 283 -9.42 27.20 -34.98
CA LEU J 283 -9.99 27.13 -33.63
C LEU J 283 -9.55 28.40 -32.87
N SER J 284 -10.24 29.52 -33.17
CA SER J 284 -9.98 30.86 -32.63
C SER J 284 -10.23 31.01 -31.13
N GLY J 285 -9.37 31.81 -30.50
CA GLY J 285 -9.43 32.18 -29.09
C GLY J 285 -9.16 33.65 -28.90
N HIS J 286 -8.76 34.05 -27.67
CA HIS J 286 -8.41 35.43 -27.26
C HIS J 286 -9.61 36.40 -27.23
N THR J 287 -10.49 36.37 -28.24
CA THR J 287 -11.65 37.27 -28.38
C THR J 287 -12.83 36.88 -27.46
N HIS J 288 -12.77 35.68 -26.83
CA HIS J 288 -13.78 35.14 -25.89
C HIS J 288 -15.19 34.99 -26.50
N ASP J 289 -15.27 34.81 -27.84
CA ASP J 289 -16.52 34.67 -28.58
C ASP J 289 -17.09 33.24 -28.51
N LEU J 290 -18.35 33.06 -28.98
CA LEU J 290 -19.04 31.77 -29.01
C LEU J 290 -19.73 31.55 -30.36
N THR J 291 -19.53 30.35 -30.96
CA THR J 291 -20.11 30.01 -32.26
C THR J 291 -20.79 28.62 -32.30
N PRO J 292 -22.15 28.57 -32.19
CA PRO J 292 -22.84 27.27 -32.31
C PRO J 292 -22.75 26.68 -33.72
N ARG J 293 -22.63 27.56 -34.72
CA ARG J 293 -22.48 27.23 -36.15
C ARG J 293 -21.12 27.76 -36.64
N PRO J 294 -20.35 27.00 -37.46
CA PRO J 294 -19.05 27.50 -37.91
C PRO J 294 -19.12 28.64 -38.92
N TRP J 295 -18.25 29.65 -38.74
CA TRP J 295 -18.16 30.84 -39.59
C TRP J 295 -17.30 30.56 -40.82
N ARG J 296 -17.89 30.72 -42.02
CA ARG J 296 -17.21 30.47 -43.29
C ARG J 296 -16.59 31.74 -43.88
N VAL J 297 -15.25 31.78 -43.91
CA VAL J 297 -14.46 32.89 -44.47
C VAL J 297 -13.56 32.30 -45.56
N GLY J 298 -13.92 32.54 -46.80
CA GLY J 298 -13.21 32.04 -47.97
C GLY J 298 -13.37 30.54 -48.13
N LYS J 299 -12.31 29.79 -47.81
CA LYS J 299 -12.29 28.33 -47.89
C LYS J 299 -11.88 27.71 -46.52
N THR J 300 -12.23 28.41 -45.42
CA THR J 300 -11.90 27.99 -44.05
C THR J 300 -13.08 28.20 -43.09
N TRP J 301 -13.31 27.21 -42.19
CA TRP J 301 -14.36 27.26 -41.16
C TRP J 301 -13.71 27.75 -39.85
N ILE J 302 -14.36 28.70 -39.15
CA ILE J 302 -13.83 29.26 -37.91
C ILE J 302 -14.75 28.93 -36.72
N VAL J 303 -14.18 28.26 -35.69
CA VAL J 303 -14.89 27.86 -34.47
C VAL J 303 -14.27 28.60 -33.27
N ALA J 304 -15.10 29.34 -32.52
CA ALA J 304 -14.69 30.10 -31.34
C ALA J 304 -14.52 29.18 -30.13
N GLY J 305 -13.63 29.57 -29.21
CA GLY J 305 -13.30 28.79 -28.02
C GLY J 305 -13.88 29.18 -26.68
N SER J 306 -14.82 30.16 -26.66
CA SER J 306 -15.50 30.67 -25.46
C SER J 306 -14.54 31.21 -24.38
N ALA J 307 -15.02 31.32 -23.11
CA ALA J 307 -14.25 31.85 -21.98
C ALA J 307 -14.61 31.15 -20.66
N ALA J 308 -13.66 31.15 -19.71
CA ALA J 308 -13.76 30.58 -18.35
C ALA J 308 -14.18 29.09 -18.30
N GLY J 309 -14.10 28.42 -19.44
CA GLY J 309 -14.45 27.00 -19.60
C GLY J 309 -15.93 26.71 -19.45
N LYS J 310 -16.79 27.69 -19.80
CA LYS J 310 -18.24 27.56 -19.73
C LYS J 310 -18.81 26.64 -20.81
N ALA J 311 -18.06 26.48 -21.92
CA ALA J 311 -18.48 25.67 -23.07
C ALA J 311 -17.34 24.84 -23.67
N LEU J 312 -17.66 23.62 -24.11
CA LEU J 312 -16.73 22.71 -24.79
C LEU J 312 -17.25 22.52 -26.21
N MET J 313 -16.46 22.95 -27.20
CA MET J 313 -16.82 22.86 -28.61
C MET J 313 -16.39 21.54 -29.22
N ARG J 314 -17.37 20.67 -29.52
CA ARG J 314 -17.13 19.36 -30.14
C ARG J 314 -17.19 19.55 -31.65
N VAL J 315 -16.02 19.44 -32.32
CA VAL J 315 -15.93 19.61 -33.76
C VAL J 315 -15.64 18.26 -34.44
N ASP J 316 -16.73 17.57 -34.86
CA ASP J 316 -16.66 16.28 -35.55
C ASP J 316 -16.33 16.55 -37.01
N LEU J 317 -15.19 16.03 -37.49
CA LEU J 317 -14.72 16.27 -38.86
C LEU J 317 -14.76 15.05 -39.77
N LYS J 318 -15.33 15.22 -40.96
CA LYS J 318 -15.36 14.21 -42.02
C LYS J 318 -14.25 14.62 -42.97
N LEU J 319 -13.20 13.79 -43.08
CA LEU J 319 -12.01 14.11 -43.87
C LEU J 319 -11.96 13.46 -45.25
N TRP J 320 -11.33 14.17 -46.21
CA TRP J 320 -11.09 13.70 -47.57
C TRP J 320 -9.61 13.90 -47.96
N LYS J 321 -9.22 13.55 -49.20
CA LYS J 321 -7.83 13.63 -49.67
C LYS J 321 -7.24 15.05 -49.68
N GLY J 322 -8.07 16.06 -49.88
CA GLY J 322 -7.63 17.46 -49.94
C GLY J 322 -8.21 18.40 -48.90
N GLY J 323 -8.35 17.93 -47.67
CA GLY J 323 -8.86 18.73 -46.56
C GLY J 323 -10.05 18.15 -45.83
N ILE J 324 -10.94 19.05 -45.34
CA ILE J 324 -12.16 18.68 -44.61
C ILE J 324 -13.37 18.70 -45.55
N ALA J 325 -14.06 17.55 -45.66
CA ALA J 325 -15.25 17.37 -46.50
C ALA J 325 -16.46 18.10 -45.92
N ASN J 326 -16.82 17.77 -44.66
CA ASN J 326 -17.94 18.35 -43.92
C ASN J 326 -17.65 18.30 -42.42
N LEU J 327 -18.34 19.16 -41.62
CA LEU J 327 -18.12 19.22 -40.17
C LEU J 327 -19.41 19.47 -39.37
N ARG J 328 -19.42 19.00 -38.10
CA ARG J 328 -20.51 19.17 -37.15
C ARG J 328 -19.97 19.88 -35.91
N VAL J 329 -20.46 21.11 -35.66
CA VAL J 329 -20.05 21.92 -34.51
C VAL J 329 -21.17 21.97 -33.49
N ARG J 330 -20.89 21.46 -32.28
CA ARG J 330 -21.86 21.42 -31.19
C ARG J 330 -21.27 22.05 -29.93
N VAL J 331 -21.86 23.16 -29.46
CA VAL J 331 -21.43 23.86 -28.26
C VAL J 331 -22.08 23.17 -27.06
N LEU J 332 -21.27 22.41 -26.30
CA LEU J 332 -21.74 21.67 -25.13
C LEU J 332 -21.63 22.53 -23.87
N PRO J 333 -22.76 22.84 -23.19
CA PRO J 333 -22.69 23.70 -21.99
C PRO J 333 -22.10 22.96 -20.79
N VAL J 334 -21.04 23.53 -20.20
CA VAL J 334 -20.38 22.95 -19.02
C VAL J 334 -21.17 23.39 -17.78
N LEU J 335 -22.21 22.62 -17.45
CA LEU J 335 -23.08 22.88 -16.30
C LEU J 335 -22.85 21.80 -15.24
N ALA J 336 -22.24 22.19 -14.09
CA ALA J 336 -21.93 21.32 -12.96
C ALA J 336 -23.15 20.62 -12.35
N GLU J 337 -24.31 21.30 -12.39
CA GLU J 337 -25.58 20.79 -11.85
C GLU J 337 -26.18 19.66 -12.69
N HIS J 338 -25.77 19.54 -13.98
CA HIS J 338 -26.30 18.52 -14.90
C HIS J 338 -25.24 17.55 -15.44
N LEU J 339 -23.98 17.71 -15.01
CA LEU J 339 -22.86 16.85 -15.41
C LEU J 339 -22.38 15.94 -14.27
N PRO J 340 -21.81 14.74 -14.56
CA PRO J 340 -21.33 13.87 -13.46
C PRO J 340 -20.14 14.44 -12.69
N LYS J 341 -19.82 13.84 -11.54
CA LYS J 341 -18.72 14.30 -10.68
C LYS J 341 -17.40 13.61 -10.99
N ALA J 342 -16.36 14.42 -11.26
CA ALA J 342 -14.99 13.94 -11.52
C ALA J 342 -14.25 14.06 -10.18
N GLU J 343 -14.47 13.07 -9.30
CA GLU J 343 -13.94 12.99 -7.93
C GLU J 343 -12.43 13.13 -7.81
N ASP J 344 -11.65 12.70 -8.82
CA ASP J 344 -10.18 12.80 -8.83
C ASP J 344 -9.73 14.26 -8.89
N VAL J 345 -10.36 15.08 -9.76
CA VAL J 345 -10.07 16.51 -9.92
C VAL J 345 -10.53 17.26 -8.67
N GLU J 346 -11.71 16.88 -8.11
CA GLU J 346 -12.28 17.45 -6.90
C GLU J 346 -11.38 17.21 -5.68
N ALA J 347 -10.76 16.01 -5.59
CA ALA J 347 -9.83 15.65 -4.51
C ALA J 347 -8.50 16.39 -4.68
N PHE J 348 -8.11 16.66 -5.94
CA PHE J 348 -6.88 17.38 -6.31
C PHE J 348 -7.00 18.86 -5.91
N LEU J 349 -8.14 19.50 -6.25
CA LEU J 349 -8.42 20.91 -5.95
C LEU J 349 -8.58 21.16 -4.45
N LYS J 350 -9.15 20.19 -3.71
CA LYS J 350 -9.35 20.26 -2.26
C LYS J 350 -8.00 20.21 -1.53
N ALA J 351 -7.08 19.34 -2.01
CA ALA J 351 -5.74 19.17 -1.45
C ALA J 351 -4.83 20.36 -1.78
N GLN J 352 -4.98 20.96 -2.98
CA GLN J 352 -4.20 22.10 -3.43
C GLN J 352 -4.56 23.40 -2.71
N LEU J 353 -5.85 23.57 -2.34
CA LEU J 353 -6.32 24.79 -1.66
C LEU J 353 -6.85 24.52 -0.24
N ALA J 354 -6.30 23.51 0.45
CA ALA J 354 -6.67 23.16 1.83
C ALA J 354 -6.25 24.26 2.84
N PRO J 355 -5.01 24.83 2.83
CA PRO J 355 -4.71 25.91 3.78
C PRO J 355 -5.22 27.28 3.34
N HIS J 356 -5.65 27.43 2.07
CA HIS J 356 -6.18 28.69 1.52
C HIS J 356 -7.71 28.70 1.39
N GLN J 357 -8.40 27.72 2.02
CA GLN J 357 -9.86 27.60 1.98
C GLN J 357 -10.55 28.74 2.75
N ASP J 358 -10.00 29.10 3.94
CA ASP J 358 -10.52 30.18 4.79
C ASP J 358 -10.21 31.58 4.24
N HIS J 359 -9.32 31.67 3.24
CA HIS J 359 -8.95 32.94 2.61
C HIS J 359 -9.79 33.18 1.34
N LEU J 360 -9.77 32.22 0.40
CA LEU J 360 -10.45 32.28 -0.90
C LEU J 360 -11.99 32.24 -0.89
N PHE J 361 -12.61 31.57 0.10
CA PHE J 361 -14.06 31.40 0.10
C PHE J 361 -14.84 32.15 1.20
N THR J 362 -14.15 32.89 2.08
CA THR J 362 -14.81 33.67 3.14
C THR J 362 -15.41 34.95 2.54
N PRO J 363 -16.74 35.21 2.74
CA PRO J 363 -17.35 36.41 2.15
C PRO J 363 -16.84 37.73 2.73
N LEU J 364 -16.59 38.70 1.84
CA LEU J 364 -16.09 40.03 2.18
C LEU J 364 -17.25 41.03 2.18
N ALA J 365 -18.11 40.98 1.13
CA ALA J 365 -19.28 41.83 0.97
C ALA J 365 -20.36 41.15 0.11
N VAL J 366 -21.64 41.46 0.40
CA VAL J 366 -22.78 40.91 -0.33
C VAL J 366 -23.26 41.93 -1.37
N SER J 367 -23.28 41.52 -2.66
CA SER J 367 -23.71 42.38 -3.76
C SER J 367 -25.23 42.32 -3.94
N GLU J 368 -25.88 43.48 -4.05
CA GLU J 368 -27.33 43.60 -4.21
C GLU J 368 -27.75 43.63 -5.68
N THR J 369 -26.82 43.98 -6.59
CA THR J 369 -27.05 44.06 -8.04
C THR J 369 -26.07 43.18 -8.81
N LEU J 370 -26.33 42.95 -10.11
CA LEU J 370 -25.51 42.14 -11.00
C LEU J 370 -24.18 42.85 -11.33
N LEU J 371 -23.06 42.12 -11.18
CA LEU J 371 -21.72 42.63 -11.45
C LEU J 371 -21.06 41.88 -12.62
N TYR J 372 -21.12 42.47 -13.83
CA TYR J 372 -20.53 41.89 -15.04
C TYR J 372 -19.25 42.62 -15.44
N LYS J 373 -18.33 41.90 -16.11
CA LYS J 373 -17.05 42.45 -16.57
C LYS J 373 -17.01 42.70 -18.08
N ARG J 374 -17.51 41.74 -18.89
CA ARG J 374 -17.51 41.84 -20.35
C ARG J 374 -18.44 42.90 -20.91
N ASP J 375 -17.88 43.77 -21.78
CA ASP J 375 -18.50 44.89 -22.51
C ASP J 375 -17.39 45.58 -23.34
N THR J 376 -17.78 46.48 -24.27
CA THR J 376 -16.84 47.22 -25.11
C THR J 376 -16.45 48.55 -24.45
N LEU J 377 -17.38 49.20 -23.74
CA LEU J 377 -17.13 50.51 -23.12
C LEU J 377 -17.37 50.60 -21.61
N TYR J 378 -18.53 50.13 -21.10
CA TYR J 378 -18.84 50.22 -19.67
C TYR J 378 -19.44 48.95 -19.07
N SER J 379 -18.94 48.57 -17.88
CA SER J 379 -19.41 47.42 -17.10
C SER J 379 -19.63 47.81 -15.63
N THR J 380 -20.55 47.12 -14.93
CA THR J 380 -20.90 47.39 -13.53
C THR J 380 -19.75 47.09 -12.56
N TRP J 381 -18.96 46.02 -12.81
CA TRP J 381 -17.83 45.65 -11.95
C TRP J 381 -16.76 46.73 -11.93
N ASP J 382 -16.43 47.30 -13.11
CA ASP J 382 -15.43 48.35 -13.24
C ASP J 382 -15.84 49.68 -12.58
N GLN J 383 -17.16 49.89 -12.38
CA GLN J 383 -17.68 51.06 -11.67
C GLN J 383 -17.42 50.89 -10.17
N LEU J 384 -17.53 49.63 -9.67
CA LEU J 384 -17.29 49.25 -8.27
C LEU J 384 -15.80 49.46 -7.94
N VAL J 385 -14.90 49.12 -8.89
CA VAL J 385 -13.45 49.28 -8.76
C VAL J 385 -13.12 50.79 -8.66
N GLY J 386 -13.77 51.58 -9.52
CA GLY J 386 -13.65 53.04 -9.55
C GLY J 386 -14.15 53.68 -8.28
N GLU J 387 -15.25 53.13 -7.71
CA GLU J 387 -15.85 53.59 -6.46
C GLU J 387 -14.98 53.21 -5.26
N ALA J 388 -14.31 52.03 -5.33
CA ALA J 388 -13.43 51.52 -4.28
C ALA J 388 -12.16 52.37 -4.15
N VAL J 389 -11.55 52.76 -5.29
CA VAL J 389 -10.34 53.58 -5.36
C VAL J 389 -10.64 55.00 -4.87
N LYS J 390 -11.78 55.59 -5.31
CA LYS J 390 -12.22 56.93 -4.92
C LYS J 390 -12.64 57.05 -3.45
N ALA J 391 -13.04 55.93 -2.80
CA ALA J 391 -13.45 55.92 -1.40
C ALA J 391 -12.22 55.98 -0.48
N ILE J 392 -11.20 55.14 -0.75
CA ILE J 392 -9.95 55.07 0.01
C ILE J 392 -9.07 56.29 -0.33
N TYR J 393 -8.92 56.59 -1.63
CA TYR J 393 -8.14 57.72 -2.12
C TYR J 393 -9.09 58.78 -2.71
N PRO J 394 -9.54 59.79 -1.92
CA PRO J 394 -10.48 60.79 -2.46
C PRO J 394 -9.83 61.82 -3.38
N GLU J 395 -8.48 61.92 -3.35
CA GLU J 395 -7.68 62.84 -4.16
C GLU J 395 -7.73 62.49 -5.66
N VAL J 396 -7.99 61.21 -5.98
CA VAL J 396 -8.07 60.66 -7.35
C VAL J 396 -9.31 61.23 -8.07
N GLU J 397 -9.08 61.80 -9.27
CA GLU J 397 -10.13 62.39 -10.11
C GLU J 397 -10.65 61.41 -11.16
N VAL J 398 -9.76 60.54 -11.70
CA VAL J 398 -10.10 59.55 -12.73
C VAL J 398 -9.50 58.17 -12.42
N VAL J 399 -10.33 57.10 -12.49
CA VAL J 399 -9.91 55.73 -12.23
C VAL J 399 -9.95 54.89 -13.53
N PHE J 400 -8.78 54.71 -14.16
CA PHE J 400 -8.62 53.93 -15.39
C PHE J 400 -8.58 52.43 -15.07
N SER J 401 -9.57 51.68 -15.59
CA SER J 401 -9.67 50.23 -15.39
C SER J 401 -9.42 49.48 -16.70
N PRO J 402 -8.59 48.40 -16.70
CA PRO J 402 -8.33 47.67 -17.94
C PRO J 402 -9.55 46.89 -18.43
N ALA J 403 -9.85 47.02 -19.72
CA ALA J 403 -11.00 46.35 -20.35
C ALA J 403 -10.64 44.92 -20.79
N VAL J 404 -10.20 44.09 -19.84
CA VAL J 404 -9.83 42.70 -20.08
C VAL J 404 -11.07 41.83 -20.25
N ARG J 405 -11.03 40.92 -21.23
CA ARG J 405 -12.13 40.01 -21.55
C ARG J 405 -12.38 38.94 -20.49
N TRP J 406 -11.35 38.60 -19.68
CA TRP J 406 -11.45 37.59 -18.62
C TRP J 406 -12.02 38.15 -17.32
N GLY J 407 -12.75 37.31 -16.60
CA GLY J 407 -13.38 37.65 -15.33
C GLY J 407 -14.46 36.67 -14.92
N THR J 408 -15.42 37.15 -14.11
CA THR J 408 -16.56 36.37 -13.61
C THR J 408 -17.82 37.28 -13.51
N THR J 409 -18.92 36.76 -12.96
CA THR J 409 -20.18 37.51 -12.80
C THR J 409 -20.80 37.24 -11.44
N ILE J 410 -21.08 38.30 -10.68
CA ILE J 410 -21.70 38.23 -9.35
C ILE J 410 -23.20 38.48 -9.49
N LEU J 411 -24.02 37.50 -9.07
CA LEU J 411 -25.49 37.57 -9.13
C LEU J 411 -26.06 38.42 -7.99
N PRO J 412 -27.32 38.95 -8.10
CA PRO J 412 -27.88 39.73 -6.98
C PRO J 412 -28.17 38.83 -5.78
N GLY J 413 -27.54 39.14 -4.66
CA GLY J 413 -27.65 38.38 -3.41
C GLY J 413 -26.40 37.56 -3.12
N GLN J 414 -25.60 37.27 -4.17
CA GLN J 414 -24.36 36.51 -4.09
C GLN J 414 -23.26 37.35 -3.44
N ALA J 415 -22.45 36.72 -2.57
CA ALA J 415 -21.36 37.37 -1.85
C ALA J 415 -20.04 37.29 -2.62
N ILE J 416 -19.28 38.40 -2.62
CA ILE J 416 -17.97 38.52 -3.28
C ILE J 416 -16.90 37.98 -2.33
N THR J 417 -16.12 37.00 -2.81
CA THR J 417 -15.03 36.37 -2.05
C THR J 417 -13.66 36.74 -2.64
N TRP J 418 -12.55 36.31 -1.99
CA TRP J 418 -11.19 36.57 -2.44
C TRP J 418 -10.90 35.91 -3.80
N ASP J 419 -11.49 34.72 -4.05
CA ASP J 419 -11.36 33.98 -5.30
C ASP J 419 -11.96 34.75 -6.48
N HIS J 420 -13.06 35.51 -6.21
CA HIS J 420 -13.72 36.36 -7.20
C HIS J 420 -12.83 37.56 -7.55
N LEU J 421 -12.11 38.11 -6.54
CA LEU J 421 -11.18 39.23 -6.71
C LEU J 421 -9.98 38.80 -7.55
N TYR J 422 -9.52 37.55 -7.39
CA TYR J 422 -8.42 36.98 -8.17
C TYR J 422 -8.90 36.58 -9.57
N ALA J 423 -10.23 36.35 -9.72
CA ALA J 423 -10.84 36.01 -11.01
C ALA J 423 -11.05 37.28 -11.83
N TYR J 424 -11.25 38.42 -11.15
CA TYR J 424 -11.46 39.74 -11.76
C TYR J 424 -10.15 40.49 -12.00
N THR J 425 -9.25 40.49 -10.99
CA THR J 425 -7.97 41.21 -11.02
C THR J 425 -6.78 40.29 -10.64
N GLY J 426 -6.64 39.20 -11.38
CA GLY J 426 -5.57 38.22 -11.15
C GLY J 426 -4.32 38.41 -11.97
N PHE J 427 -3.84 39.66 -12.07
CA PHE J 427 -2.62 40.01 -12.80
C PHE J 427 -1.39 39.62 -12.00
N THR J 428 -0.29 39.26 -12.70
CA THR J 428 1.01 38.95 -12.07
C THR J 428 1.64 40.28 -11.61
N TYR J 429 1.19 41.38 -12.23
CA TYR J 429 1.54 42.78 -11.96
C TYR J 429 0.25 43.53 -11.52
N PRO J 430 -0.26 43.30 -10.28
CA PRO J 430 -1.53 43.93 -9.88
C PRO J 430 -1.41 45.30 -9.20
N GLU J 431 -0.19 45.87 -9.19
CA GLU J 431 0.12 47.16 -8.57
C GLU J 431 -0.72 48.32 -9.10
N LEU J 432 -1.40 49.04 -8.19
CA LEU J 432 -2.21 50.20 -8.51
C LEU J 432 -1.31 51.43 -8.41
N TYR J 433 -1.21 52.20 -9.52
CA TYR J 433 -0.35 53.37 -9.59
C TYR J 433 -1.14 54.68 -9.57
N LEU J 434 -0.76 55.60 -8.68
CA LEU J 434 -1.37 56.93 -8.56
C LEU J 434 -0.40 57.91 -9.21
N PHE J 435 -0.84 58.56 -10.30
CA PHE J 435 -0.01 59.47 -11.09
C PHE J 435 -0.83 60.58 -11.76
N TYR J 436 -0.23 61.77 -11.89
CA TYR J 436 -0.85 62.94 -12.53
C TYR J 436 -0.73 62.85 -14.05
N LEU J 437 -1.83 63.15 -14.74
CA LEU J 437 -1.91 63.17 -16.21
C LEU J 437 -2.54 64.48 -16.68
N ARG J 438 -2.00 65.06 -17.75
CA ARG J 438 -2.52 66.28 -18.36
C ARG J 438 -3.80 65.96 -19.13
N GLY J 439 -4.68 66.95 -19.27
CA GLY J 439 -5.95 66.81 -19.98
C GLY J 439 -5.80 66.36 -21.42
N ALA J 440 -4.72 66.80 -22.09
CA ALA J 440 -4.38 66.44 -23.48
C ALA J 440 -3.96 64.97 -23.58
N GLN J 441 -3.31 64.43 -22.52
CA GLN J 441 -2.86 63.03 -22.45
C GLN J 441 -4.04 62.07 -22.34
N ILE J 442 -5.02 62.39 -21.45
CA ILE J 442 -6.24 61.61 -21.20
C ILE J 442 -7.05 61.43 -22.50
N LYS J 443 -7.20 62.53 -23.28
CA LYS J 443 -7.91 62.55 -24.56
C LYS J 443 -7.14 61.72 -25.61
N ALA J 444 -5.80 61.86 -25.66
CA ALA J 444 -4.93 61.14 -26.59
C ALA J 444 -4.91 59.64 -26.33
N VAL J 445 -4.99 59.22 -25.04
CA VAL J 445 -5.01 57.82 -24.62
C VAL J 445 -6.33 57.16 -25.03
N LEU J 446 -7.48 57.82 -24.74
CA LEU J 446 -8.82 57.33 -25.10
C LEU J 446 -8.98 57.18 -26.61
N GLU J 447 -8.35 58.09 -27.39
CA GLU J 447 -8.36 58.08 -28.85
C GLU J 447 -7.46 56.96 -29.39
N ASP J 448 -6.35 56.66 -28.69
CA ASP J 448 -5.38 55.62 -29.04
C ASP J 448 -5.99 54.22 -28.95
N ILE J 449 -6.82 53.98 -27.91
CA ILE J 449 -7.51 52.69 -27.70
C ILE J 449 -8.66 52.55 -28.71
N ALA J 450 -9.43 53.64 -28.94
CA ALA J 450 -10.55 53.69 -29.88
C ALA J 450 -10.11 53.40 -31.32
N SER J 451 -8.91 53.89 -31.71
CA SER J 451 -8.32 53.68 -33.04
C SER J 451 -7.79 52.25 -33.19
N ASN J 452 -7.54 51.57 -32.05
CA ASN J 452 -7.03 50.20 -31.97
C ASN J 452 -8.16 49.17 -31.90
N VAL J 453 -9.29 49.52 -31.25
CA VAL J 453 -10.45 48.65 -31.08
C VAL J 453 -11.41 48.77 -32.29
N PHE J 454 -11.83 49.99 -32.64
CA PHE J 454 -12.74 50.25 -33.75
C PHE J 454 -12.04 50.47 -35.11
N THR J 455 -11.16 49.52 -35.49
CA THR J 455 -10.42 49.58 -36.75
C THR J 455 -11.14 48.74 -37.80
N SER J 456 -11.24 49.26 -39.04
CA SER J 456 -11.87 48.58 -40.17
C SER J 456 -11.07 47.35 -40.59
N ASP J 457 -9.72 47.46 -40.55
CA ASP J 457 -8.81 46.37 -40.88
C ASP J 457 -8.54 45.56 -39.60
N PRO J 458 -8.79 44.22 -39.61
CA PRO J 458 -8.58 43.43 -38.38
C PRO J 458 -7.12 43.24 -37.96
N PHE J 459 -6.17 43.55 -38.86
CA PHE J 459 -4.73 43.46 -38.61
C PHE J 459 -4.27 44.45 -37.54
N TYR J 460 -4.81 45.69 -37.58
CA TYR J 460 -4.49 46.78 -36.64
C TYR J 460 -5.30 46.74 -35.33
N GLN J 461 -5.66 45.52 -34.85
CA GLN J 461 -6.40 45.34 -33.60
C GLN J 461 -5.50 44.71 -32.53
N GLN J 462 -5.49 45.31 -31.32
CA GLN J 462 -4.65 44.88 -30.20
C GLN J 462 -5.39 44.91 -28.86
N GLY J 463 -5.09 43.94 -28.00
CA GLY J 463 -5.65 43.79 -26.66
C GLY J 463 -7.12 43.43 -26.60
N GLY J 464 -7.78 43.92 -25.56
CA GLY J 464 -9.19 43.68 -25.31
C GLY J 464 -10.09 44.73 -25.90
N ASP J 465 -10.86 45.42 -25.04
CA ASP J 465 -11.81 46.47 -25.43
C ASP J 465 -11.31 47.86 -25.03
N VAL J 466 -12.20 48.87 -25.02
CA VAL J 466 -11.88 50.26 -24.65
C VAL J 466 -11.87 50.39 -23.12
N SER J 467 -10.73 50.85 -22.56
CA SER J 467 -10.50 51.04 -21.13
C SER J 467 -11.57 51.91 -20.47
N ARG J 468 -12.20 51.38 -19.42
CA ARG J 468 -13.26 52.06 -18.67
C ARG J 468 -12.69 52.98 -17.62
N VAL J 469 -12.90 54.29 -17.79
CA VAL J 469 -12.40 55.31 -16.88
C VAL J 469 -13.56 55.93 -16.07
N PHE J 470 -13.54 55.71 -14.75
CA PHE J 470 -14.55 56.22 -13.81
C PHE J 470 -14.15 57.61 -13.35
N GLY J 471 -15.07 58.56 -13.49
CA GLY J 471 -14.86 59.95 -13.11
C GLY J 471 -15.19 60.93 -14.22
N LEU J 472 -15.04 60.50 -15.49
CA LEU J 472 -15.33 61.34 -16.65
C LEU J 472 -16.45 60.77 -17.55
N ARG J 473 -17.06 61.66 -18.34
CA ARG J 473 -18.12 61.35 -19.31
C ARG J 473 -17.68 61.82 -20.70
N TYR J 474 -17.85 60.95 -21.72
CA TYR J 474 -17.45 61.27 -23.10
C TYR J 474 -18.39 60.70 -24.16
N VAL J 475 -18.45 61.36 -25.33
CA VAL J 475 -19.26 60.96 -26.49
C VAL J 475 -18.31 60.24 -27.47
N LEU J 476 -18.69 59.03 -27.89
CA LEU J 476 -17.88 58.20 -28.79
C LEU J 476 -18.55 57.97 -30.14
N ASP J 477 -17.76 58.07 -31.23
CA ASP J 477 -18.19 57.84 -32.61
C ASP J 477 -17.21 56.83 -33.24
N PRO J 478 -17.59 55.54 -33.38
CA PRO J 478 -16.65 54.54 -33.92
C PRO J 478 -16.29 54.68 -35.40
N ASP J 479 -17.21 55.26 -36.21
CA ASP J 479 -17.03 55.47 -37.64
C ASP J 479 -16.17 56.68 -37.98
N ALA J 480 -15.95 57.59 -36.99
CA ALA J 480 -15.16 58.81 -37.11
C ALA J 480 -13.66 58.50 -37.35
N PRO J 481 -12.87 59.39 -38.01
CA PRO J 481 -11.44 59.09 -38.22
C PRO J 481 -10.60 59.21 -36.94
N THR J 482 -9.32 58.79 -37.00
CA THR J 482 -8.37 58.84 -35.88
C THR J 482 -8.13 60.28 -35.42
N GLY J 483 -8.40 60.53 -34.13
CA GLY J 483 -8.27 61.83 -33.51
C GLY J 483 -9.58 62.61 -33.48
N GLU J 484 -10.68 61.95 -33.87
CA GLU J 484 -12.03 62.52 -33.92
C GLU J 484 -13.09 61.61 -33.27
N ARG J 485 -12.71 60.36 -32.94
CA ARG J 485 -13.58 59.33 -32.33
C ARG J 485 -14.09 59.75 -30.95
N VAL J 486 -13.19 60.23 -30.07
CA VAL J 486 -13.51 60.66 -28.71
C VAL J 486 -13.79 62.17 -28.73
N ARG J 487 -15.00 62.57 -28.30
CA ARG J 487 -15.45 63.97 -28.26
C ARG J 487 -16.29 64.28 -27.02
N GLU J 488 -16.44 65.59 -26.69
CA GLU J 488 -17.21 66.12 -25.54
C GLU J 488 -16.81 65.48 -24.20
N VAL J 489 -15.50 65.47 -23.90
CA VAL J 489 -14.94 64.90 -22.67
C VAL J 489 -15.18 65.86 -21.50
N GLU J 490 -15.75 65.34 -20.39
CA GLU J 490 -16.03 66.14 -19.20
C GLU J 490 -15.65 65.38 -17.91
N VAL J 491 -14.66 65.91 -17.17
CA VAL J 491 -14.16 65.33 -15.94
C VAL J 491 -14.83 65.99 -14.73
N GLY J 492 -15.59 65.19 -13.97
CA GLY J 492 -16.31 65.61 -12.77
C GLY J 492 -17.37 66.68 -12.99
N GLY J 493 -18.15 66.52 -14.07
CA GLY J 493 -19.23 67.43 -14.45
C GLY J 493 -18.77 68.75 -15.03
N ARG J 494 -17.48 68.85 -15.37
CA ARG J 494 -16.86 70.05 -15.96
C ARG J 494 -16.06 69.67 -17.22
N PRO J 495 -16.10 70.47 -18.32
CA PRO J 495 -15.35 70.10 -19.54
C PRO J 495 -13.85 69.91 -19.35
N LEU J 496 -13.26 69.01 -20.15
CA LEU J 496 -11.83 68.66 -20.12
C LEU J 496 -10.93 69.82 -20.54
N ASP J 497 -10.02 70.21 -19.65
CA ASP J 497 -9.03 71.27 -19.88
C ASP J 497 -7.71 70.58 -20.27
N PRO J 498 -7.20 70.77 -21.51
CA PRO J 498 -5.98 70.07 -21.95
C PRO J 498 -4.68 70.43 -21.21
N ASN J 499 -4.67 71.54 -20.45
CA ASN J 499 -3.50 72.01 -19.70
C ASN J 499 -3.53 71.63 -18.20
N ARG J 500 -4.73 71.34 -17.66
CA ARG J 500 -4.94 70.98 -16.25
C ARG J 500 -4.38 69.58 -15.93
N ARG J 501 -3.73 69.45 -14.76
CA ARG J 501 -3.16 68.19 -14.27
C ARG J 501 -4.18 67.45 -13.39
N TYR J 502 -4.66 66.29 -13.89
CA TYR J 502 -5.64 65.45 -13.22
C TYR J 502 -4.97 64.20 -12.61
N LEU J 503 -5.30 63.88 -11.35
CA LEU J 503 -4.73 62.70 -10.69
C LEU J 503 -5.47 61.44 -11.16
N ALA J 504 -4.72 60.52 -11.81
CA ALA J 504 -5.24 59.28 -12.37
C ALA J 504 -4.72 58.05 -11.63
N ALA J 505 -5.56 56.99 -11.57
CA ALA J 505 -5.24 55.71 -10.95
C ALA J 505 -5.50 54.57 -11.94
N ALA J 506 -4.43 53.83 -12.29
CA ALA J 506 -4.51 52.72 -13.24
C ALA J 506 -3.72 51.50 -12.78
N TYR J 507 -4.22 50.29 -13.13
CA TYR J 507 -3.60 49.01 -12.80
C TYR J 507 -3.62 48.05 -13.99
N GLY J 508 -2.60 47.20 -14.10
CA GLY J 508 -2.46 46.21 -15.15
C GLY J 508 -2.30 46.79 -16.55
N GLY J 509 -1.54 47.88 -16.65
CA GLY J 509 -1.28 48.57 -17.91
C GLY J 509 0.10 49.18 -18.00
N ARG J 510 0.23 50.26 -18.79
CA ARG J 510 1.48 50.99 -19.03
C ARG J 510 1.27 52.51 -18.94
N LEU J 511 0.10 52.94 -18.44
CA LEU J 511 -0.29 54.35 -18.30
C LEU J 511 0.57 55.14 -17.32
N GLN J 512 1.17 54.44 -16.33
CA GLN J 512 2.04 55.01 -15.30
C GLN J 512 3.37 55.55 -15.85
N ARG J 513 3.81 55.04 -17.02
CA ARG J 513 5.06 55.42 -17.68
C ARG J 513 5.03 56.85 -18.23
N VAL J 514 3.87 57.29 -18.77
CA VAL J 514 3.69 58.63 -19.34
C VAL J 514 3.24 59.67 -18.28
N GLY J 515 2.76 59.20 -17.13
CA GLY J 515 2.29 60.04 -16.04
C GLY J 515 3.32 60.29 -14.96
N GLU J 516 3.18 61.43 -14.25
CA GLU J 516 4.06 61.84 -13.16
C GLU J 516 3.53 61.28 -11.83
N ALA J 517 4.24 60.28 -11.27
CA ALA J 517 3.90 59.58 -10.03
C ALA J 517 3.64 60.51 -8.83
N LYS J 518 2.60 60.18 -8.03
CA LYS J 518 2.18 60.91 -6.84
C LYS J 518 3.22 60.77 -5.71
N PRO J 519 3.69 61.89 -5.10
CA PRO J 519 4.67 61.76 -4.01
C PRO J 519 4.08 61.25 -2.70
N GLY J 520 4.79 60.33 -2.05
CA GLY J 520 4.38 59.72 -0.79
C GLY J 520 3.67 58.39 -0.94
N TYR J 521 3.01 58.18 -2.09
CA TYR J 521 2.26 56.95 -2.39
C TYR J 521 3.18 55.82 -2.85
N GLU J 522 2.91 54.59 -2.36
CA GLU J 522 3.62 53.37 -2.72
C GLU J 522 2.67 52.44 -3.48
N PRO J 523 3.07 51.91 -4.67
CA PRO J 523 2.16 51.04 -5.43
C PRO J 523 1.91 49.69 -4.78
N ARG J 524 0.63 49.42 -4.43
CA ARG J 524 0.18 48.18 -3.80
C ARG J 524 -0.85 47.43 -4.67
N PRO J 525 -1.01 46.08 -4.53
CA PRO J 525 -1.98 45.36 -5.38
C PRO J 525 -3.43 45.85 -5.28
N ILE J 526 -4.15 45.82 -6.42
CA ILE J 526 -5.54 46.28 -6.57
C ILE J 526 -6.53 45.43 -5.72
N TYR J 527 -6.32 44.10 -5.62
CA TYR J 527 -7.20 43.22 -4.84
C TYR J 527 -7.12 43.51 -3.33
N GLU J 528 -5.98 44.07 -2.87
CA GLU J 528 -5.76 44.47 -1.48
C GLU J 528 -6.58 45.75 -1.20
N VAL J 529 -6.66 46.65 -2.20
CA VAL J 529 -7.42 47.91 -2.15
C VAL J 529 -8.92 47.60 -2.18
N LEU J 530 -9.35 46.69 -3.09
CA LEU J 530 -10.74 46.27 -3.26
C LEU J 530 -11.30 45.61 -1.99
N ALA J 531 -10.53 44.69 -1.37
CA ALA J 531 -10.91 43.98 -0.15
C ALA J 531 -11.04 44.92 1.06
N GLU J 532 -10.21 45.99 1.10
CA GLU J 532 -10.23 47.01 2.15
C GLU J 532 -11.55 47.80 2.11
N TYR J 533 -12.06 48.05 0.89
CA TYR J 533 -13.33 48.76 0.66
C TYR J 533 -14.53 47.86 0.98
N LEU J 534 -14.55 46.62 0.41
CA LEU J 534 -15.63 45.64 0.58
C LEU J 534 -15.88 45.22 2.04
N ARG J 535 -14.81 45.05 2.84
CA ARG J 535 -14.91 44.68 4.25
C ARG J 535 -15.52 45.80 5.11
N SER J 536 -15.23 47.06 4.76
CA SER J 536 -15.73 48.24 5.49
C SER J 536 -17.18 48.60 5.17
N VAL J 537 -17.61 48.50 3.89
CA VAL J 537 -18.97 48.84 3.48
C VAL J 537 -19.98 47.75 3.86
N GLY J 538 -19.60 46.48 3.69
CA GLY J 538 -20.46 45.33 3.99
C GLY J 538 -21.38 44.92 2.86
N ARG J 539 -22.05 45.91 2.21
CA ARG J 539 -22.96 45.69 1.09
C ARG J 539 -22.72 46.71 -0.01
N VAL J 540 -22.82 46.27 -1.28
CA VAL J 540 -22.62 47.12 -2.46
C VAL J 540 -23.86 47.18 -3.35
N ARG J 541 -24.26 48.40 -3.75
CA ARG J 541 -25.43 48.67 -4.59
C ARG J 541 -25.01 49.45 -5.85
N VAL J 542 -24.25 48.79 -6.74
CA VAL J 542 -23.76 49.41 -7.97
C VAL J 542 -24.79 49.27 -9.10
N ARG J 543 -25.43 50.41 -9.46
CA ARG J 543 -26.44 50.48 -10.51
C ARG J 543 -25.82 50.82 -11.88
N PRO J 544 -26.32 50.24 -13.00
CA PRO J 544 -25.70 50.53 -14.30
C PRO J 544 -25.97 51.96 -14.81
N GLU J 545 -24.92 52.80 -14.73
CA GLU J 545 -24.95 54.19 -15.17
C GLU J 545 -23.84 54.41 -16.20
N PRO J 546 -24.12 54.27 -17.52
CA PRO J 546 -23.06 54.45 -18.52
C PRO J 546 -22.59 55.88 -18.71
N ASN J 547 -21.26 56.09 -18.65
CA ASN J 547 -20.61 57.39 -18.81
C ASN J 547 -20.17 57.61 -20.27
N VAL J 548 -20.75 56.84 -21.21
CA VAL J 548 -20.43 56.92 -22.63
C VAL J 548 -21.70 56.97 -23.50
N LYS J 549 -21.70 57.83 -24.53
CA LYS J 549 -22.78 58.00 -25.49
C LYS J 549 -22.27 57.65 -26.88
N VAL J 550 -22.79 56.55 -27.46
CA VAL J 550 -22.37 56.05 -28.77
C VAL J 550 -23.20 56.68 -29.90
N ILE J 551 -22.51 57.16 -30.95
CA ILE J 551 -23.12 57.80 -32.12
C ILE J 551 -23.42 56.76 -33.20
N GLY J 552 -24.70 56.66 -33.57
CA GLY J 552 -25.20 55.73 -34.58
C GLY J 552 -25.44 54.30 -34.11
N ARG J 553 -25.15 54.02 -32.83
CA ARG J 553 -25.32 52.69 -32.23
C ARG J 553 -26.22 52.76 -30.99
N ASN J 554 -27.03 51.72 -30.76
CA ASN J 554 -27.91 51.62 -29.60
C ASN J 554 -27.20 50.87 -28.48
N TYR J 555 -26.84 51.58 -27.40
CA TYR J 555 -26.15 50.98 -26.24
C TYR J 555 -27.15 50.22 -25.39
N ARG J 556 -26.99 48.89 -25.34
CA ARG J 556 -27.88 47.99 -24.60
C ARG J 556 -27.52 47.90 -23.11
N LEU J 557 -28.54 47.68 -22.26
CA LEU J 557 -28.37 47.58 -20.81
C LEU J 557 -29.02 46.30 -20.26
N PRO J 558 -28.28 45.48 -19.47
CA PRO J 558 -28.89 44.25 -18.94
C PRO J 558 -29.68 44.45 -17.65
N GLU J 559 -30.53 43.46 -17.30
CA GLU J 559 -31.33 43.47 -16.08
C GLU J 559 -30.43 43.10 -14.90
N VAL J 560 -30.31 44.02 -13.92
CA VAL J 560 -29.46 43.85 -12.74
C VAL J 560 -30.22 43.30 -11.51
N THR J 561 -31.55 43.12 -11.63
CA THR J 561 -32.40 42.62 -10.56
C THR J 561 -32.98 41.22 -10.86
N GLY J 562 -33.15 40.43 -9.81
CA GLY J 562 -33.71 39.07 -9.88
C GLY J 562 -33.00 38.10 -8.93
N GLU K 16 -2.52 54.66 -38.60
CA GLU K 16 -1.98 55.60 -39.57
C GLU K 16 -1.19 56.72 -38.88
N GLY K 17 0.02 56.96 -39.36
CA GLY K 17 0.92 57.99 -38.84
C GLY K 17 1.51 58.85 -39.93
N GLU K 18 0.63 59.58 -40.65
CA GLU K 18 1.01 60.47 -41.76
C GLU K 18 1.44 61.85 -41.27
N ASP K 19 2.60 62.32 -41.76
CA ASP K 19 3.15 63.65 -41.45
C ASP K 19 3.91 64.18 -42.67
N LEU K 20 3.21 64.97 -43.49
CA LEU K 20 3.73 65.55 -44.74
C LEU K 20 4.82 66.62 -44.52
N GLU K 21 4.80 67.30 -43.35
CA GLU K 21 5.75 68.36 -43.00
C GLU K 21 7.19 67.84 -42.78
N HIS K 22 7.35 66.76 -41.99
CA HIS K 22 8.65 66.17 -41.68
C HIS K 22 9.22 65.30 -42.81
N LEU K 23 8.34 64.66 -43.60
CA LEU K 23 8.74 63.79 -44.71
C LEU K 23 9.34 64.56 -45.89
N GLU K 24 8.75 65.72 -46.24
CA GLU K 24 9.20 66.59 -47.33
C GLU K 24 10.57 67.24 -47.06
N GLN K 25 10.90 67.45 -45.76
CA GLN K 25 12.16 68.05 -45.31
C GLN K 25 13.36 67.14 -45.60
N ALA K 26 13.17 65.81 -45.49
CA ALA K 26 14.21 64.81 -45.73
C ALA K 26 14.36 64.46 -47.21
N LEU K 27 13.24 64.48 -47.97
CA LEU K 27 13.20 64.18 -49.40
C LEU K 27 13.94 65.21 -50.25
N LYS K 28 13.98 66.48 -49.80
CA LYS K 28 14.65 67.59 -50.48
C LYS K 28 16.16 67.62 -50.25
N GLU K 29 16.61 67.36 -49.01
CA GLU K 29 18.03 67.37 -48.63
C GLU K 29 18.80 66.12 -49.14
N VAL K 30 18.09 65.00 -49.37
CA VAL K 30 18.70 63.75 -49.84
C VAL K 30 18.56 63.61 -51.37
N PHE K 31 17.32 63.70 -51.90
CA PHE K 31 17.03 63.56 -53.33
C PHE K 31 16.88 64.92 -54.03
N GLY K 32 15.88 65.69 -53.61
CA GLY K 32 15.54 66.99 -54.16
C GLY K 32 14.05 67.18 -54.39
N LYS K 33 13.40 66.14 -54.96
CA LYS K 33 11.97 66.12 -55.26
C LYS K 33 11.14 65.90 -53.99
N GLY K 34 9.98 66.56 -53.92
CA GLY K 34 9.06 66.47 -52.79
C GLY K 34 8.08 65.32 -52.85
N PHE K 35 7.01 65.39 -52.04
CA PHE K 35 5.96 64.37 -51.95
C PHE K 35 5.07 64.34 -53.19
N LYS K 36 4.73 65.52 -53.75
CA LYS K 36 3.88 65.67 -54.94
C LYS K 36 4.52 65.10 -56.21
N ASP K 37 5.87 65.17 -56.31
CA ASP K 37 6.63 64.67 -57.44
C ASP K 37 6.72 63.13 -57.49
N LEU K 38 6.54 62.47 -56.33
CA LEU K 38 6.58 61.01 -56.19
C LEU K 38 5.39 60.34 -56.91
N THR K 39 5.67 59.28 -57.67
CA THR K 39 4.68 58.53 -58.46
C THR K 39 4.18 57.27 -57.68
N PRO K 40 2.85 57.07 -57.53
CA PRO K 40 2.36 55.88 -56.81
C PRO K 40 2.57 54.57 -57.58
N SER K 41 2.90 53.48 -56.86
CA SER K 41 3.16 52.17 -57.46
C SER K 41 2.52 51.01 -56.69
N ASP K 42 2.27 49.89 -57.39
CA ASP K 42 1.67 48.68 -56.83
C ASP K 42 2.68 47.51 -56.84
N ALA K 43 3.69 47.57 -57.71
CA ALA K 43 4.74 46.56 -57.87
C ALA K 43 5.62 46.39 -56.63
N VAL K 44 6.02 47.51 -55.98
CA VAL K 44 6.86 47.48 -54.78
C VAL K 44 6.01 47.08 -53.57
N LYS K 45 6.39 45.96 -52.92
CA LYS K 45 5.69 45.43 -51.75
C LYS K 45 6.52 45.62 -50.48
N LEU K 46 5.91 46.23 -49.45
CA LEU K 46 6.55 46.48 -48.16
C LEU K 46 5.90 45.62 -47.07
N ASN K 47 6.65 44.64 -46.54
CA ASN K 47 6.19 43.73 -45.51
C ASN K 47 6.62 44.21 -44.11
N MET K 48 5.67 44.77 -43.36
CA MET K 48 5.87 45.30 -42.00
C MET K 48 4.67 44.94 -41.12
N PRO K 49 4.88 44.61 -39.81
CA PRO K 49 3.72 44.27 -38.95
C PRO K 49 2.84 45.48 -38.65
N ALA K 50 1.54 45.23 -38.43
CA ALA K 50 0.53 46.26 -38.14
C ALA K 50 0.82 46.99 -36.83
N ILE K 51 1.12 46.23 -35.75
CA ILE K 51 1.43 46.78 -34.43
C ILE K 51 2.82 46.24 -34.01
N ALA K 52 3.76 47.17 -33.72
CA ALA K 52 5.12 46.83 -33.31
C ALA K 52 5.15 46.29 -31.87
N GLU K 53 5.79 45.13 -31.68
CA GLU K 53 5.91 44.47 -30.37
C GLU K 53 6.85 45.22 -29.41
N SER K 54 7.90 45.87 -29.96
CA SER K 54 8.88 46.62 -29.18
C SER K 54 9.07 48.03 -29.76
N GLY K 55 9.43 48.97 -28.88
CA GLY K 55 9.68 50.36 -29.25
C GLY K 55 10.90 50.54 -30.12
N ALA K 56 11.95 49.73 -29.86
CA ALA K 56 13.20 49.75 -30.61
C ALA K 56 13.23 48.65 -31.68
N ASN K 57 12.98 47.38 -31.29
CA ASN K 57 12.98 46.23 -32.19
C ASN K 57 11.71 46.16 -33.05
N VAL K 58 11.82 46.60 -34.32
CA VAL K 58 10.71 46.61 -35.28
C VAL K 58 11.18 45.96 -36.60
N PRO K 59 10.54 44.86 -37.07
CA PRO K 59 10.98 44.24 -38.34
C PRO K 59 10.49 44.99 -39.58
N ALA K 60 11.36 45.13 -40.59
CA ALA K 60 11.05 45.82 -41.85
C ALA K 60 11.59 45.05 -43.06
N GLU K 61 10.68 44.58 -43.94
CA GLU K 61 11.02 43.81 -45.13
C GLU K 61 10.55 44.51 -46.40
N VAL K 62 11.39 44.50 -47.45
CA VAL K 62 11.09 45.13 -48.75
C VAL K 62 11.67 44.29 -49.91
N GLU K 63 10.82 43.98 -50.91
CA GLU K 63 11.17 43.20 -52.11
C GLU K 63 10.28 43.54 -53.31
N VAL K 64 10.86 43.52 -54.53
CA VAL K 64 10.16 43.83 -55.78
C VAL K 64 10.67 42.93 -56.93
N ALA K 65 9.74 42.45 -57.78
CA ALA K 65 10.05 41.57 -58.91
C ALA K 65 10.40 42.32 -60.21
N LEU K 66 11.71 42.52 -60.44
CA LEU K 66 12.31 43.19 -61.61
C LEU K 66 13.81 42.84 -61.73
N PRO K 67 14.46 42.93 -62.94
CA PRO K 67 15.89 42.58 -63.04
C PRO K 67 16.85 43.38 -62.15
N LYS K 68 17.97 42.73 -61.76
CA LYS K 68 19.02 43.27 -60.89
C LYS K 68 19.70 44.52 -61.45
N GLU K 69 19.85 44.60 -62.79
CA GLU K 69 20.48 45.72 -63.50
C GLU K 69 19.66 47.01 -63.40
N GLN K 70 18.31 46.89 -63.39
CA GLN K 70 17.36 48.01 -63.31
C GLN K 70 17.39 48.71 -61.94
N VAL K 71 17.75 47.98 -60.86
CA VAL K 71 17.80 48.52 -59.49
C VAL K 71 18.97 49.48 -59.34
N ARG K 72 18.71 50.67 -58.75
CA ARG K 72 19.71 51.70 -58.53
C ARG K 72 19.90 51.99 -57.03
N ALA K 73 18.80 52.33 -56.32
CA ALA K 73 18.81 52.63 -54.88
C ALA K 73 17.45 52.37 -54.21
N ILE K 74 17.47 51.83 -52.98
CA ILE K 74 16.29 51.53 -52.18
C ILE K 74 16.38 52.33 -50.87
N HIS K 75 15.35 53.16 -50.59
CA HIS K 75 15.30 54.00 -49.40
C HIS K 75 14.03 53.83 -48.58
N LEU K 76 14.15 53.99 -47.24
CA LEU K 76 13.04 53.91 -46.30
C LEU K 76 13.01 55.16 -45.42
N PHE K 77 11.81 55.72 -45.19
CA PHE K 77 11.64 56.94 -44.40
C PHE K 77 10.47 56.87 -43.42
N ALA K 78 10.65 57.51 -42.25
CA ALA K 78 9.65 57.60 -41.18
C ALA K 78 9.16 59.04 -41.04
N ASP K 79 7.82 59.22 -41.03
CA ASP K 79 7.18 60.54 -40.97
C ASP K 79 7.20 61.19 -39.58
N LYS K 80 6.62 60.51 -38.56
CA LYS K 80 6.52 61.01 -37.18
C LYS K 80 7.84 61.07 -36.40
N ASN K 81 8.85 60.28 -36.81
CA ASN K 81 10.17 60.23 -36.16
C ASN K 81 10.96 61.54 -36.31
N PRO K 82 11.79 61.94 -35.30
CA PRO K 82 12.58 63.19 -35.44
C PRO K 82 13.59 63.12 -36.58
N THR K 83 14.26 61.97 -36.74
CA THR K 83 15.21 61.72 -37.82
C THR K 83 14.53 60.80 -38.85
N PRO K 84 14.10 61.35 -40.02
CA PRO K 84 13.37 60.52 -41.00
C PRO K 84 14.20 59.47 -41.73
N HIS K 85 15.53 59.71 -41.89
CA HIS K 85 16.45 58.79 -42.56
C HIS K 85 16.60 57.48 -41.79
N ILE K 86 16.11 56.38 -42.39
CA ILE K 86 16.14 55.03 -41.79
C ILE K 86 17.32 54.22 -42.35
N LEU K 87 17.37 54.00 -43.68
CA LEU K 87 18.43 53.24 -44.37
C LEU K 87 18.51 53.53 -45.88
N ALA K 88 19.69 53.29 -46.47
CA ALA K 88 19.97 53.46 -47.89
C ALA K 88 20.70 52.22 -48.41
N PHE K 89 20.06 51.47 -49.34
CA PHE K 89 20.62 50.24 -49.89
C PHE K 89 20.73 50.28 -51.42
N MET K 90 21.97 50.19 -51.93
CA MET K 90 22.26 50.22 -53.37
C MET K 90 22.76 48.85 -53.89
N PRO K 91 21.88 48.00 -54.46
CA PRO K 91 22.35 46.70 -54.96
C PRO K 91 22.90 46.77 -56.39
N MET K 92 24.23 46.63 -56.52
CA MET K 92 24.92 46.67 -57.81
C MET K 92 24.79 45.36 -58.58
N LYS K 93 24.98 44.21 -57.89
CA LYS K 93 24.88 42.88 -58.47
C LYS K 93 23.89 41.97 -57.74
N ALA K 94 23.62 42.27 -56.44
CA ALA K 94 22.70 41.51 -55.60
C ALA K 94 21.22 41.78 -55.94
N GLU K 95 20.34 40.81 -55.61
CA GLU K 95 18.90 40.88 -55.83
C GLU K 95 18.24 41.91 -54.90
N PRO K 96 17.20 42.67 -55.35
CA PRO K 96 16.59 43.67 -54.46
C PRO K 96 15.80 43.08 -53.29
N TYR K 97 16.45 43.02 -52.11
CA TYR K 97 15.90 42.50 -50.86
C TYR K 97 16.69 43.02 -49.66
N TYR K 98 15.97 43.46 -48.60
CA TYR K 98 16.56 43.99 -47.36
C TYR K 98 15.63 43.78 -46.18
N ALA K 99 14.44 41.52 -44.02
CA ALA K 99 14.09 41.82 -42.63
C ALA K 99 15.22 42.57 -41.93
N THR K 100 14.87 43.70 -41.27
CA THR K 100 15.82 44.54 -40.52
C THR K 100 15.15 45.20 -39.30
N ARG K 101 15.91 45.34 -38.20
CA ARG K 101 15.43 45.94 -36.95
C ARG K 101 15.80 47.43 -36.86
N VAL K 102 14.78 48.30 -36.86
CA VAL K 102 14.94 49.76 -36.80
C VAL K 102 14.03 50.41 -35.74
N ARG K 103 14.56 51.43 -35.04
CA ARG K 103 13.86 52.16 -33.98
C ARG K 103 12.73 53.06 -34.47
N LEU K 104 11.66 53.20 -33.65
CA LEU K 104 10.49 54.04 -33.92
C LEU K 104 10.07 54.79 -32.65
N ALA K 105 9.73 56.09 -32.79
CA ALA K 105 9.32 56.94 -31.66
C ALA K 105 7.86 56.71 -31.23
N GLU K 106 6.91 56.76 -32.18
CA GLU K 106 5.47 56.58 -31.93
C GLU K 106 4.76 55.97 -33.15
N THR K 107 3.41 56.11 -33.24
CA THR K 107 2.58 55.61 -34.34
C THR K 107 3.03 56.31 -35.64
N THR K 108 3.90 55.62 -36.40
CA THR K 108 4.52 56.13 -37.62
C THR K 108 4.22 55.25 -38.83
N ALA K 109 3.94 55.89 -39.99
CA ALA K 109 3.69 55.23 -41.27
C ALA K 109 5.00 55.26 -42.05
N ILE K 110 5.62 54.08 -42.28
CA ILE K 110 6.89 53.96 -42.98
C ILE K 110 6.69 53.92 -44.50
N ARG K 111 7.38 54.85 -45.20
CA ARG K 111 7.33 54.99 -46.66
C ARG K 111 8.52 54.29 -47.32
N ALA K 112 8.27 53.60 -48.45
CA ALA K 112 9.31 52.89 -49.21
C ALA K 112 9.41 53.45 -50.63
N VAL K 113 10.62 53.91 -51.01
CA VAL K 113 10.90 54.49 -52.33
C VAL K 113 12.05 53.75 -53.04
N VAL K 114 11.83 53.41 -54.33
CA VAL K 114 12.80 52.69 -55.16
C VAL K 114 13.21 53.57 -56.35
N GLU K 115 14.54 53.75 -56.54
CA GLU K 115 15.13 54.53 -57.64
C GLU K 115 15.52 53.60 -58.80
N THR K 116 15.23 54.03 -60.03
CA THR K 116 15.53 53.27 -61.25
C THR K 116 16.26 54.14 -62.29
N GLN K 117 16.79 53.50 -63.36
CA GLN K 117 17.51 54.16 -64.46
C GLN K 117 16.61 55.05 -65.31
N ASP K 118 15.29 54.77 -65.34
CA ASP K 118 14.28 55.52 -66.10
C ASP K 118 14.09 56.94 -65.58
N GLY K 119 14.14 57.11 -64.26
CA GLY K 119 13.97 58.41 -63.60
C GLY K 119 12.80 58.48 -62.64
N LYS K 120 11.75 57.67 -62.89
CA LYS K 120 10.54 57.60 -62.08
C LYS K 120 10.79 57.00 -60.69
N LEU K 121 10.14 57.58 -59.66
CA LEU K 121 10.24 57.12 -58.28
C LEU K 121 9.00 56.32 -57.90
N LEU K 122 9.18 55.08 -57.44
CA LEU K 122 8.11 54.16 -57.05
C LEU K 122 7.69 54.37 -55.59
N LEU K 123 6.40 54.15 -55.28
CA LEU K 123 5.85 54.31 -53.93
C LEU K 123 5.27 53.02 -53.34
N ALA K 124 5.41 52.87 -52.00
CA ALA K 124 4.89 51.77 -51.20
C ALA K 124 4.72 52.25 -49.76
N SER K 125 3.46 52.38 -49.32
CA SER K 125 3.12 52.87 -47.98
C SER K 125 2.49 51.80 -47.08
N ALA K 126 3.01 51.70 -45.84
CA ALA K 126 2.54 50.77 -44.81
C ALA K 126 2.77 51.38 -43.42
N SER K 127 1.75 51.31 -42.55
CA SER K 127 1.81 51.86 -41.20
C SER K 127 2.15 50.84 -40.13
N THR K 128 2.96 51.25 -39.15
CA THR K 128 3.38 50.41 -38.01
C THR K 128 3.00 51.15 -36.73
N ARG K 129 1.93 50.67 -36.07
CA ARG K 129 1.37 51.23 -34.85
C ARG K 129 2.19 50.89 -33.60
N VAL K 130 2.40 51.89 -32.72
CA VAL K 130 3.11 51.74 -31.45
C VAL K 130 2.10 52.08 -30.36
N THR K 131 1.48 51.04 -29.78
CA THR K 131 0.44 51.17 -28.75
C THR K 131 0.74 50.44 -27.44
N VAL K 132 -0.07 50.74 -26.41
CA VAL K 132 -0.02 50.14 -25.07
C VAL K 132 -1.35 49.43 -24.76
N GLY K 133 -1.28 48.31 -24.04
CA GLY K 133 -2.46 47.52 -23.69
C GLY K 133 -2.31 46.61 -22.49
N GLY K 134 -3.18 45.61 -22.42
CA GLY K 134 -3.21 44.63 -21.34
C GLY K 134 -3.49 43.22 -21.81
N CYS K 135 -3.05 42.22 -21.02
CA CYS K 135 -3.23 40.80 -21.32
C CYS K 135 -4.69 40.37 -21.09
N GLY K 136 -5.38 40.06 -22.18
CA GLY K 136 -6.79 39.65 -22.15
C GLY K 136 -6.99 38.23 -22.68
N PRO L 2 36.17 44.74 -28.90
CA PRO L 2 35.54 45.97 -29.42
C PRO L 2 34.33 45.70 -30.33
N PHE L 3 34.30 44.54 -31.01
CA PHE L 3 33.23 44.15 -31.92
C PHE L 3 32.98 42.64 -31.95
N ARG L 4 31.71 42.23 -32.05
CA ARG L 4 31.32 40.82 -32.13
C ARG L 4 30.36 40.62 -33.31
N THR L 5 30.75 39.78 -34.29
CA THR L 5 29.95 39.52 -35.50
C THR L 5 29.64 38.03 -35.69
N ILE L 6 28.38 37.73 -36.06
CA ILE L 6 27.89 36.36 -36.31
C ILE L 6 27.24 36.31 -37.70
N ALA L 7 27.67 35.34 -38.54
CA ALA L 7 27.15 35.14 -39.91
C ALA L 7 26.73 33.69 -40.15
N ARG L 8 25.60 33.51 -40.86
CA ARG L 8 25.03 32.19 -41.19
C ARG L 8 24.21 32.24 -42.49
N LEU L 9 24.35 31.18 -43.32
CA LEU L 9 23.65 31.02 -44.59
C LEU L 9 22.21 30.49 -44.41
N ASN L 10 21.31 30.89 -45.33
CA ASN L 10 19.90 30.48 -45.31
C ASN L 10 19.42 30.06 -46.70
N LYS L 13 21.82 24.59 -46.83
CA LYS L 13 22.48 24.25 -48.09
C LYS L 13 21.77 24.94 -49.27
N PRO L 14 22.46 25.82 -50.04
CA PRO L 14 21.78 26.49 -51.15
C PRO L 14 21.71 25.65 -52.43
N LYS L 15 20.49 25.51 -52.99
CA LYS L 15 20.22 24.76 -54.22
C LYS L 15 20.60 25.58 -55.46
N ALA L 16 21.14 24.90 -56.49
CA ALA L 16 21.56 25.52 -57.75
C ALA L 16 20.38 26.08 -58.53
N GLY L 17 20.49 27.36 -58.91
CA GLY L 17 19.46 28.08 -59.64
C GLY L 17 18.60 28.97 -58.75
N GLU L 18 18.17 28.42 -57.59
CA GLU L 18 17.33 29.11 -56.60
C GLU L 18 18.10 30.21 -55.86
N GLU L 19 17.39 31.28 -55.48
CA GLU L 19 17.94 32.44 -54.75
C GLU L 19 18.19 32.14 -53.27
N PHE L 20 19.34 32.61 -52.75
CA PHE L 20 19.80 32.41 -51.37
C PHE L 20 19.64 33.66 -50.48
N ARG L 21 19.69 33.47 -49.15
CA ARG L 21 19.58 34.54 -48.15
C ARG L 21 20.83 34.62 -47.28
N LEU L 22 21.29 35.85 -46.99
CA LEU L 22 22.45 36.11 -46.15
C LEU L 22 22.00 36.80 -44.85
N GLN L 23 22.27 36.15 -43.71
CA GLN L 23 21.88 36.66 -42.39
C GLN L 23 23.09 37.19 -41.63
N VAL L 24 23.12 38.52 -41.40
CA VAL L 24 24.20 39.23 -40.71
C VAL L 24 23.66 39.85 -39.40
N VAL L 25 24.29 39.52 -38.26
CA VAL L 25 23.92 40.04 -36.94
C VAL L 25 25.19 40.39 -36.14
N ALA L 26 25.20 41.58 -35.51
CA ALA L 26 26.33 42.08 -34.72
C ALA L 26 25.91 42.60 -33.35
N GLN L 27 26.74 42.35 -32.32
CA GLN L 27 26.50 42.81 -30.94
C GLN L 27 27.04 44.23 -30.75
N HIS L 28 26.15 45.23 -30.91
CA HIS L 28 26.46 46.65 -30.77
C HIS L 28 25.25 47.41 -30.22
N PRO L 29 25.39 48.22 -29.14
CA PRO L 29 24.24 48.97 -28.63
C PRO L 29 23.99 50.26 -29.41
N ASN L 30 23.11 50.17 -30.43
CA ASN L 30 22.78 51.30 -31.30
C ASN L 30 21.85 52.29 -30.60
N GLU L 31 22.31 53.56 -30.49
CA GLU L 31 21.56 54.65 -29.85
C GLU L 31 21.35 55.84 -30.80
N PRO L 32 20.10 56.37 -30.92
CA PRO L 32 19.89 57.51 -31.82
C PRO L 32 20.34 58.86 -31.25
N GLY L 33 20.45 58.94 -29.92
CA GLY L 33 20.84 60.15 -29.20
C GLY L 33 19.69 60.88 -28.54
N THR L 34 18.50 60.81 -29.17
CA THR L 34 17.26 61.45 -28.71
C THR L 34 16.69 60.83 -27.42
N ARG L 35 16.92 59.52 -27.19
CA ARG L 35 16.44 58.82 -26.00
C ARG L 35 17.20 59.22 -24.73
N ARG L 36 16.47 59.40 -23.61
CA ARG L 36 17.04 59.80 -22.32
C ARG L 36 16.66 58.80 -21.22
N LYS L 41 19.08 61.30 -17.87
CA LYS L 41 20.20 61.93 -18.57
C LYS L 41 20.28 61.50 -20.04
N LEU L 42 20.79 62.39 -20.91
CA LEU L 42 20.95 62.16 -22.34
C LEU L 42 22.03 61.12 -22.64
N ILE L 43 21.74 60.19 -23.57
CA ILE L 43 22.66 59.13 -23.98
C ILE L 43 23.33 59.54 -25.31
N PRO L 44 24.69 59.52 -25.42
CA PRO L 44 25.33 59.94 -26.68
C PRO L 44 25.04 59.01 -27.86
N ALA L 45 24.84 59.60 -29.06
CA ALA L 45 24.52 58.88 -30.29
C ALA L 45 25.71 58.06 -30.82
N LYS L 46 25.50 56.72 -30.92
CA LYS L 46 26.46 55.74 -31.41
C LYS L 46 25.71 54.70 -32.23
N TYR L 47 25.83 54.78 -33.57
CA TYR L 47 25.15 53.87 -34.50
C TYR L 47 26.01 53.44 -35.69
N ILE L 48 25.71 52.27 -36.26
CA ILE L 48 26.43 51.72 -37.42
C ILE L 48 25.89 52.37 -38.71
N ASN L 49 26.77 53.04 -39.47
CA ASN L 49 26.44 53.71 -40.72
C ASN L 49 27.27 53.18 -41.88
N GLU L 52 27.47 46.90 -46.64
CA GLU L 52 28.62 46.64 -47.51
C GLU L 52 28.87 45.14 -47.66
N VAL L 53 29.05 44.68 -48.91
CA VAL L 53 29.32 43.28 -49.24
C VAL L 53 30.35 43.16 -50.36
N TYR L 54 31.34 42.26 -50.17
CA TYR L 54 32.41 42.01 -51.14
C TYR L 54 32.69 40.52 -51.29
N VAL L 60 29.33 43.84 -54.06
CA VAL L 60 28.11 43.47 -54.77
C VAL L 60 26.91 44.33 -54.33
N ALA L 61 26.81 44.66 -53.03
CA ALA L 61 25.74 45.47 -52.46
C ALA L 61 26.24 46.30 -51.27
N GLU L 62 25.94 47.61 -51.26
CA GLU L 62 26.33 48.54 -50.21
C GLU L 62 25.12 49.05 -49.44
N ALA L 63 25.19 49.01 -48.10
CA ALA L 63 24.10 49.47 -47.21
C ALA L 63 24.59 50.50 -46.19
N ARG L 64 23.83 51.60 -46.04
CA ARG L 64 24.14 52.69 -45.11
C ARG L 64 22.93 53.03 -44.21
N PRO L 65 22.86 52.47 -42.98
CA PRO L 65 21.72 52.79 -42.09
C PRO L 65 21.88 54.13 -41.40
N GLY L 66 20.75 54.74 -41.06
CA GLY L 66 20.68 56.04 -40.38
C GLY L 66 20.77 55.96 -38.87
N PRO L 67 20.34 57.01 -38.13
CA PRO L 67 20.42 56.98 -36.66
C PRO L 67 19.40 56.05 -35.99
N SER L 68 18.17 55.98 -36.53
CA SER L 68 17.10 55.12 -35.99
C SER L 68 17.35 53.64 -36.33
N THR L 69 18.18 52.98 -35.49
CA THR L 69 18.55 51.57 -35.63
C THR L 69 18.48 50.90 -34.25
N SER L 70 17.84 49.72 -34.17
CA SER L 70 17.66 48.95 -32.93
C SER L 70 18.96 48.34 -32.42
N ALA L 71 19.03 48.08 -31.10
CA ALA L 71 20.18 47.45 -30.43
C ALA L 71 20.28 45.98 -30.88
N ASN L 72 21.47 45.59 -31.39
CA ASN L 72 21.79 44.26 -31.96
C ASN L 72 20.86 44.00 -33.17
N PRO L 73 21.08 44.66 -34.33
CA PRO L 73 20.16 44.49 -35.46
C PRO L 73 20.48 43.34 -36.42
N LEU L 74 19.47 42.96 -37.23
CA LEU L 74 19.55 41.91 -38.25
C LEU L 74 19.67 42.55 -39.64
N TYR L 75 20.49 41.95 -40.51
CA TYR L 75 20.72 42.42 -41.88
C TYR L 75 20.47 41.28 -42.87
N ALA L 76 19.49 41.47 -43.78
CA ALA L 76 19.13 40.48 -44.78
C ALA L 76 19.55 40.90 -46.19
N PHE L 77 20.17 39.96 -46.94
CA PHE L 77 20.67 40.18 -48.30
C PHE L 77 20.35 38.99 -49.21
N LYS L 78 20.18 39.26 -50.52
CA LYS L 78 19.89 38.24 -51.53
C LYS L 78 20.84 38.36 -52.72
N THR L 86 32.86 31.94 -50.66
CA THR L 86 33.25 32.68 -49.47
C THR L 86 32.64 34.07 -49.44
N PHE L 87 32.13 34.49 -48.26
CA PHE L 87 31.50 35.80 -48.05
C PHE L 87 32.18 36.60 -46.95
N THR L 88 32.52 37.87 -47.26
CA THR L 88 33.16 38.81 -46.32
C THR L 88 32.34 40.09 -46.22
N ILE L 89 31.96 40.45 -44.98
CA ILE L 89 31.15 41.65 -44.69
C ILE L 89 31.89 42.63 -43.77
N LYS L 90 31.72 43.94 -44.04
CA LYS L 90 32.32 45.03 -43.28
C LYS L 90 31.27 46.06 -42.86
N LEU L 91 31.26 46.42 -41.56
CA LEU L 91 30.32 47.40 -41.00
C LEU L 91 31.07 48.49 -40.22
N LYS L 92 30.85 49.76 -40.59
CA LYS L 92 31.49 50.91 -39.96
C LYS L 92 30.48 51.78 -39.20
N ASP L 93 30.86 52.23 -37.99
CA ASP L 93 30.03 53.08 -37.12
C ASP L 93 30.62 54.50 -36.98
N THR L 94 30.02 55.32 -36.08
CA THR L 94 30.42 56.70 -35.82
C THR L 94 31.83 56.81 -35.22
N ASP L 95 32.18 55.90 -34.29
CA ASP L 95 33.48 55.86 -33.63
C ASP L 95 34.59 55.34 -34.55
N GLY L 96 34.38 54.15 -35.14
CA GLY L 96 35.33 53.53 -36.05
C GLY L 96 35.72 52.12 -35.67
N ASP L 97 34.74 51.23 -35.47
CA ASP L 97 34.96 49.82 -35.13
C ASP L 97 34.43 48.93 -36.25
N THR L 98 35.35 48.40 -37.08
CA THR L 98 35.03 47.54 -38.21
C THR L 98 34.63 46.13 -37.77
N GLY L 99 33.46 45.70 -38.24
CA GLY L 99 32.91 44.38 -37.93
C GLY L 99 33.07 43.42 -39.09
N GLU L 100 33.96 42.41 -38.92
CA GLU L 100 34.25 41.42 -39.96
C GLU L 100 33.87 40.00 -39.55
N ALA L 101 33.21 39.27 -40.48
CA ALA L 101 32.78 37.88 -40.29
C ALA L 101 32.89 37.12 -41.62
N SER L 102 33.50 35.92 -41.56
CA SER L 102 33.72 35.07 -42.74
C SER L 102 32.89 33.79 -42.68
N VAL L 103 32.27 33.42 -43.82
CA VAL L 103 31.44 32.22 -43.96
C VAL L 103 31.61 31.60 -45.37
N LYS L 104 31.77 30.26 -45.43
CA LYS L 104 31.95 29.52 -46.67
C LYS L 104 30.64 29.41 -47.44
#